data_6T34
#
_entry.id   6T34
#
_cell.length_a   1.00
_cell.length_b   1.00
_cell.length_c   1.00
_cell.angle_alpha   90.00
_cell.angle_beta   90.00
_cell.angle_gamma   90.00
#
_symmetry.space_group_name_H-M   'P 1'
#
loop_
_entity.id
_entity.type
_entity.pdbx_description
1 polymer 'Coat protein'
2 polymer "RNA (5'-R(P*UP*UP*UP*UP*U)-3')"
#
loop_
_entity_poly.entity_id
_entity_poly.type
_entity_poly.pdbx_seq_one_letter_code
_entity_poly.pdbx_strand_id
1 'polypeptide(L)'
;PRLKSLTSKMRVPRYEKRVALNLDHLILYTPEQTDLSNTRSTRKQFDTWFEGVMADYELTEDKMQIILNGLMVWCIENGT
SPNINGMWVMMDGDDQVEFPIKPLIDHAKPTFRQIMAHFSDVAEAYIEKRNQDRPYMPRYGLQRNLTDMSLARYAFDFYE
MTSRTPIRAREAHIQMKAAALRGANNNLFGLDGNVGTTVENTERHTT
;
A,B,C,D,E,F,G,H,I,J,K,L,M,N,O,P,Q,R,S
2 'polyribonucleotide' UUUUU a,b,c,d,e,f,g,h,i,j,k,l,m,n,o,p,q,r,s
#
loop_
_chem_comp.id
_chem_comp.type
_chem_comp.name
_chem_comp.formula
U RNA linking URIDINE-5'-MONOPHOSPHATE 'C9 H13 N2 O9 P'
#
# COMPACT_ATOMS: atom_id res chain seq x y z
N PRO A 1 7.73 60.38 12.69
CA PRO A 1 8.90 59.56 12.39
C PRO A 1 8.87 58.93 11.01
N ARG A 2 9.86 59.26 10.19
CA ARG A 2 9.97 58.73 8.83
C ARG A 2 11.44 58.70 8.44
N LEU A 3 11.71 58.14 7.28
CA LEU A 3 13.09 57.87 6.86
C LEU A 3 13.09 57.47 5.40
N LYS A 4 14.24 57.02 4.92
CA LYS A 4 14.47 56.64 3.52
C LYS A 4 14.99 55.22 3.45
N SER A 5 14.99 54.67 2.23
CA SER A 5 15.45 53.31 2.02
C SER A 5 16.96 53.20 2.14
N LEU A 6 17.68 53.96 1.32
CA LEU A 6 19.10 53.78 1.19
C LEU A 6 19.83 54.35 2.41
N THR A 7 21.06 53.89 2.60
CA THR A 7 21.81 54.13 3.81
C THR A 7 23.23 54.53 3.46
N SER A 8 24.04 54.73 4.50
CA SER A 8 25.44 55.10 4.35
C SER A 8 26.39 54.21 5.15
N LYS A 9 25.97 53.70 6.30
CA LYS A 9 26.79 52.76 7.06
C LYS A 9 26.89 51.40 6.40
N MET A 10 26.17 51.17 5.31
CA MET A 10 26.20 49.90 4.61
C MET A 10 27.62 49.54 4.20
N ARG A 11 27.86 48.25 4.10
CA ARG A 11 29.10 47.75 3.53
C ARG A 11 29.11 48.05 2.04
N VAL A 12 30.10 48.80 1.60
CA VAL A 12 30.16 49.33 0.24
C VAL A 12 31.62 49.36 -0.17
N PRO A 13 31.95 49.26 -1.46
CA PRO A 13 33.36 49.41 -1.85
C PRO A 13 33.85 50.82 -1.56
N ARG A 14 35.17 50.97 -1.60
CA ARG A 14 35.85 52.21 -1.22
C ARG A 14 37.16 52.31 -1.97
N TYR A 15 37.27 53.32 -2.83
CA TYR A 15 38.56 53.60 -3.47
C TYR A 15 39.61 53.91 -2.41
N GLU A 16 39.42 55.00 -1.69
CA GLU A 16 40.03 55.20 -0.40
C GLU A 16 38.89 55.31 0.60
N LYS A 17 39.26 55.54 1.85
CA LYS A 17 38.37 55.22 2.96
C LYS A 17 37.17 56.14 2.99
N ARG A 18 37.39 57.45 2.92
CA ARG A 18 36.28 58.40 3.10
C ARG A 18 35.31 58.32 1.94
N VAL A 19 35.77 57.84 0.78
CA VAL A 19 34.94 57.90 -0.40
C VAL A 19 33.84 56.86 -0.32
N ALA A 20 32.63 57.28 -0.66
CA ALA A 20 31.50 56.40 -0.92
C ALA A 20 31.10 56.56 -2.37
N LEU A 21 31.05 55.46 -3.10
CA LEU A 21 31.03 55.50 -4.55
C LEU A 21 29.65 55.51 -5.13
N ASN A 22 28.79 54.60 -4.72
CA ASN A 22 27.42 54.59 -5.20
C ASN A 22 26.72 55.77 -4.54
N LEU A 23 26.84 56.91 -5.19
CA LEU A 23 26.32 58.16 -4.66
C LEU A 23 24.82 58.04 -4.47
N ASP A 24 24.36 58.42 -3.29
CA ASP A 24 22.99 58.12 -2.87
C ASP A 24 22.06 59.28 -3.23
N HIS A 25 22.13 59.68 -4.50
CA HIS A 25 21.12 60.52 -5.13
C HIS A 25 20.37 59.77 -6.22
N LEU A 26 20.48 58.44 -6.24
CA LEU A 26 19.89 57.61 -7.29
C LEU A 26 18.49 57.16 -6.94
N ILE A 27 17.79 57.96 -6.13
CA ILE A 27 16.44 57.62 -5.73
C ILE A 27 15.54 57.52 -6.94
N LEU A 28 15.82 58.32 -7.97
CA LEU A 28 14.92 58.49 -9.10
C LEU A 28 15.62 57.97 -10.35
N TYR A 29 15.53 56.66 -10.55
CA TYR A 29 15.98 56.06 -11.79
C TYR A 29 15.31 54.70 -11.88
N THR A 30 14.19 54.63 -12.62
CA THR A 30 13.51 53.37 -12.89
C THR A 30 12.86 53.45 -14.25
N PRO A 31 13.65 53.48 -15.29
CA PRO A 31 13.07 53.38 -16.64
C PRO A 31 12.48 52.01 -16.87
N GLU A 32 11.87 51.83 -18.04
CA GLU A 32 11.31 50.53 -18.38
C GLU A 32 12.40 49.48 -18.43
N GLN A 33 12.05 48.28 -17.98
CA GLN A 33 13.03 47.21 -17.87
C GLN A 33 13.48 46.76 -19.24
N THR A 34 12.53 46.41 -20.10
CA THR A 34 12.88 45.92 -21.42
C THR A 34 13.57 47.00 -22.24
N ASP A 35 13.28 48.26 -21.96
CA ASP A 35 13.88 49.35 -22.70
C ASP A 35 15.39 49.39 -22.51
N LEU A 36 15.89 48.82 -21.42
CA LEU A 36 17.33 48.86 -21.14
C LEU A 36 18.07 47.66 -21.70
N SER A 37 17.37 46.58 -22.00
CA SER A 37 18.01 45.31 -22.32
C SER A 37 18.87 45.36 -23.56
N ASN A 38 19.49 44.23 -23.87
CA ASN A 38 20.09 44.01 -25.17
C ASN A 38 19.14 43.29 -26.13
N THR A 39 18.14 42.60 -25.60
CA THR A 39 17.23 41.85 -26.46
C THR A 39 16.38 42.76 -27.33
N ARG A 40 16.18 44.00 -26.92
CA ARG A 40 15.64 45.02 -27.80
C ARG A 40 16.79 45.91 -28.28
N SER A 41 16.69 46.33 -29.52
CA SER A 41 17.73 47.15 -30.11
C SER A 41 17.50 48.61 -29.76
N THR A 42 18.30 49.46 -30.39
CA THR A 42 18.41 50.86 -29.99
C THR A 42 17.57 51.75 -30.88
N ARG A 43 17.41 52.97 -30.39
CA ARG A 43 16.58 53.95 -31.06
C ARG A 43 17.22 54.43 -32.35
N LYS A 44 18.54 54.52 -32.37
CA LYS A 44 19.24 54.93 -33.57
C LYS A 44 19.01 53.94 -34.69
N GLN A 45 19.18 52.66 -34.41
CA GLN A 45 18.94 51.64 -35.41
C GLN A 45 17.52 51.72 -35.92
N PHE A 46 16.58 51.88 -34.99
CA PHE A 46 15.18 51.99 -35.31
C PHE A 46 14.93 53.16 -36.23
N ASP A 47 15.75 54.20 -36.11
CA ASP A 47 15.61 55.34 -37.00
C ASP A 47 16.18 55.02 -38.36
N THR A 48 17.37 54.43 -38.41
CA THR A 48 18.06 54.28 -39.68
C THR A 48 17.37 53.27 -40.56
N TRP A 49 16.70 52.29 -39.98
CA TRP A 49 15.86 51.40 -40.77
C TRP A 49 14.73 52.20 -41.40
N PHE A 50 14.02 52.95 -40.55
CA PHE A 50 12.89 53.77 -40.93
C PHE A 50 13.23 54.82 -41.97
N GLU A 51 14.52 55.16 -42.11
CA GLU A 51 14.99 56.12 -43.09
C GLU A 51 15.53 55.45 -44.32
N GLY A 52 16.21 54.32 -44.17
CA GLY A 52 16.71 53.62 -45.33
C GLY A 52 15.59 53.13 -46.22
N VAL A 53 14.49 52.70 -45.61
CA VAL A 53 13.31 52.42 -46.40
C VAL A 53 12.81 53.70 -47.06
N MET A 54 12.90 54.82 -46.35
CA MET A 54 12.39 56.08 -46.87
C MET A 54 13.15 56.48 -48.13
N ALA A 55 14.43 56.12 -48.19
CA ALA A 55 15.19 56.34 -49.40
C ALA A 55 14.74 55.40 -50.51
N ASP A 56 14.26 54.22 -50.14
CA ASP A 56 13.96 53.21 -51.14
C ASP A 56 12.66 53.51 -51.85
N TYR A 57 11.57 53.61 -51.11
CA TYR A 57 10.24 53.57 -51.70
C TYR A 57 9.67 54.95 -51.98
N GLU A 58 10.32 56.01 -51.49
CA GLU A 58 10.13 57.36 -52.00
C GLU A 58 8.68 57.83 -51.84
N LEU A 59 8.30 57.97 -50.57
CA LEU A 59 6.92 58.33 -50.19
C LEU A 59 6.75 59.79 -49.87
N THR A 60 7.70 60.38 -49.14
CA THR A 60 7.57 61.72 -48.58
C THR A 60 6.26 61.84 -47.80
N GLU A 61 5.94 60.78 -47.05
CA GLU A 61 4.66 60.69 -46.37
C GLU A 61 4.80 59.76 -45.19
N ASP A 62 3.89 59.93 -44.24
CA ASP A 62 3.68 58.96 -43.17
C ASP A 62 2.64 57.92 -43.56
N LYS A 63 2.52 57.62 -44.85
CA LYS A 63 1.78 56.45 -45.27
C LYS A 63 2.51 55.19 -44.89
N MET A 64 3.84 55.29 -44.75
CA MET A 64 4.65 54.20 -44.25
C MET A 64 4.15 53.71 -42.90
N GLN A 65 3.48 54.57 -42.14
CA GLN A 65 2.67 54.13 -41.01
C GLN A 65 1.80 52.94 -41.41
N ILE A 66 0.97 53.17 -42.42
CA ILE A 66 0.03 52.16 -42.86
C ILE A 66 0.77 50.98 -43.45
N ILE A 67 1.87 51.24 -44.13
CA ILE A 67 2.63 50.18 -44.76
C ILE A 67 3.13 49.21 -43.71
N LEU A 68 3.91 49.74 -42.77
CA LEU A 68 4.47 48.93 -41.70
C LEU A 68 3.38 48.23 -40.92
N ASN A 69 2.23 48.90 -40.75
CA ASN A 69 1.08 48.23 -40.17
C ASN A 69 0.71 47.01 -41.00
N GLY A 70 0.86 47.10 -42.31
CA GLY A 70 0.71 45.92 -43.13
C GLY A 70 1.77 44.88 -42.84
N LEU A 71 3.02 45.32 -42.70
CA LEU A 71 4.14 44.38 -42.57
C LEU A 71 4.02 43.57 -41.30
N MET A 72 3.36 44.13 -40.29
CA MET A 72 3.00 43.38 -39.10
C MET A 72 2.44 42.02 -39.43
N VAL A 73 1.55 41.95 -40.41
CA VAL A 73 0.69 40.80 -40.53
C VAL A 73 1.41 39.68 -41.24
N TRP A 74 1.99 39.95 -42.41
CA TRP A 74 2.77 38.92 -43.07
C TRP A 74 3.96 38.54 -42.22
N CYS A 75 4.47 39.47 -41.42
CA CYS A 75 5.49 39.11 -40.45
C CYS A 75 4.95 38.11 -39.44
N ILE A 76 3.66 38.24 -39.09
CA ILE A 76 3.08 37.35 -38.09
C ILE A 76 2.86 35.97 -38.67
N GLU A 77 2.01 35.88 -39.68
CA GLU A 77 1.46 34.60 -40.08
C GLU A 77 2.51 33.62 -40.58
N ASN A 78 3.73 34.07 -40.83
CA ASN A 78 4.79 33.22 -41.35
C ASN A 78 6.08 33.46 -40.58
N GLY A 79 7.06 32.62 -40.88
CA GLY A 79 8.32 32.62 -40.15
C GLY A 79 9.09 33.91 -40.20
N THR A 80 10.22 33.95 -39.50
CA THR A 80 11.07 35.14 -39.43
C THR A 80 12.52 34.67 -39.50
N SER A 81 13.17 34.93 -40.62
CA SER A 81 14.55 34.52 -40.82
C SER A 81 15.08 35.28 -42.03
N PRO A 82 16.39 35.43 -42.13
CA PRO A 82 16.93 35.96 -43.38
C PRO A 82 16.61 35.08 -44.56
N ASN A 83 16.45 33.79 -44.32
CA ASN A 83 16.21 32.81 -45.37
C ASN A 83 14.77 32.93 -45.82
N ILE A 84 14.50 33.99 -46.58
CA ILE A 84 13.18 34.24 -47.14
C ILE A 84 13.34 34.69 -48.57
N ASN A 85 12.38 34.30 -49.41
CA ASN A 85 12.31 34.79 -50.78
C ASN A 85 10.84 34.87 -51.16
N GLY A 86 10.59 35.29 -52.38
CA GLY A 86 9.24 35.43 -52.89
C GLY A 86 8.78 36.88 -52.85
N MET A 87 7.62 37.11 -52.25
CA MET A 87 7.10 38.45 -52.04
C MET A 87 6.26 38.39 -50.76
N TRP A 88 5.57 39.49 -50.46
CA TRP A 88 4.43 39.45 -49.57
C TRP A 88 3.38 40.39 -50.13
N VAL A 89 2.21 40.39 -49.49
CA VAL A 89 1.11 41.22 -49.94
C VAL A 89 0.11 41.37 -48.80
N MET A 90 -0.59 42.50 -48.81
CA MET A 90 -1.86 42.64 -48.10
C MET A 90 -2.93 43.05 -49.10
N MET A 91 -4.10 43.41 -48.60
CA MET A 91 -5.26 43.67 -49.46
C MET A 91 -5.87 45.03 -49.18
N ASP A 92 -6.75 45.42 -50.10
CA ASP A 92 -7.58 46.62 -49.97
C ASP A 92 -8.95 46.25 -50.53
N GLY A 93 -9.81 45.75 -49.65
CA GLY A 93 -11.10 45.27 -50.08
C GLY A 93 -10.98 43.85 -50.62
N ASP A 94 -10.91 43.72 -51.94
CA ASP A 94 -10.71 42.44 -52.62
C ASP A 94 -9.43 42.43 -53.45
N ASP A 95 -8.65 43.50 -53.43
CA ASP A 95 -7.45 43.60 -54.23
C ASP A 95 -6.27 43.06 -53.44
N GLN A 96 -5.18 42.79 -54.17
CA GLN A 96 -4.04 42.06 -53.63
C GLN A 96 -2.74 42.70 -54.08
N VAL A 97 -2.62 44.01 -53.85
CA VAL A 97 -1.48 44.75 -54.35
C VAL A 97 -0.22 44.29 -53.61
N GLU A 98 0.70 43.69 -54.35
CA GLU A 98 1.82 42.98 -53.77
C GLU A 98 2.92 43.95 -53.32
N PHE A 99 4.04 43.40 -52.85
CA PHE A 99 5.12 44.22 -52.35
C PHE A 99 6.39 43.38 -52.17
N PRO A 100 7.60 43.93 -52.37
CA PRO A 100 8.82 43.12 -52.23
C PRO A 100 9.32 42.98 -50.81
N ILE A 101 10.51 42.39 -50.67
CA ILE A 101 11.00 41.87 -49.40
C ILE A 101 12.33 42.50 -49.02
N LYS A 102 13.35 42.18 -49.81
CA LYS A 102 14.75 42.16 -49.38
C LYS A 102 15.27 43.40 -48.68
N PRO A 103 15.10 44.62 -49.19
CA PRO A 103 15.81 45.75 -48.60
C PRO A 103 15.32 46.10 -47.22
N LEU A 104 14.19 45.55 -46.80
CA LEU A 104 13.78 45.64 -45.40
C LEU A 104 14.56 44.71 -44.51
N ILE A 105 15.50 43.95 -45.07
CA ILE A 105 16.25 42.93 -44.36
C ILE A 105 17.74 43.18 -44.47
N ASP A 106 18.19 43.57 -45.66
CA ASP A 106 19.62 43.82 -45.84
C ASP A 106 20.07 45.14 -45.23
N HIS A 107 19.18 45.88 -44.59
CA HIS A 107 19.48 47.22 -44.10
C HIS A 107 19.10 47.37 -42.63
N ALA A 108 19.43 46.36 -41.83
CA ALA A 108 19.42 46.49 -40.38
C ALA A 108 20.62 45.74 -39.83
N LYS A 109 21.22 46.28 -38.77
CA LYS A 109 22.54 45.83 -38.37
C LYS A 109 22.44 44.56 -37.53
N PRO A 110 21.60 44.52 -36.51
CA PRO A 110 21.21 43.23 -35.96
C PRO A 110 20.06 42.67 -36.77
N THR A 111 19.48 41.56 -36.34
CA THR A 111 18.58 40.79 -37.18
C THR A 111 17.17 41.39 -37.21
N PHE A 112 16.25 40.61 -37.79
CA PHE A 112 14.89 41.05 -38.02
C PHE A 112 14.03 40.91 -36.77
N ARG A 113 14.24 39.84 -36.01
CA ARG A 113 13.54 39.71 -34.74
C ARG A 113 13.98 40.81 -33.79
N GLN A 114 15.26 41.15 -33.83
CA GLN A 114 15.81 42.13 -32.94
C GLN A 114 15.32 43.54 -33.23
N ILE A 115 14.59 43.74 -34.33
CA ILE A 115 13.92 45.00 -34.61
C ILE A 115 12.42 44.89 -34.39
N MET A 116 11.83 43.76 -34.75
CA MET A 116 10.39 43.63 -34.61
C MET A 116 9.96 43.34 -33.19
N ALA A 117 10.89 43.25 -32.25
CA ALA A 117 10.54 42.98 -30.87
C ALA A 117 9.66 44.06 -30.27
N HIS A 118 9.68 45.26 -30.84
CA HIS A 118 8.75 46.29 -30.43
C HIS A 118 7.32 45.80 -30.57
N PHE A 119 6.94 45.50 -31.80
CA PHE A 119 5.54 45.41 -32.16
C PHE A 119 4.97 44.14 -31.54
N SER A 120 4.58 44.29 -30.28
CA SER A 120 4.18 43.19 -29.44
C SER A 120 2.70 43.28 -29.06
N ASP A 121 2.33 44.39 -28.43
CA ASP A 121 1.02 44.51 -27.83
C ASP A 121 -0.04 44.91 -28.84
N VAL A 122 0.37 45.52 -29.94
CA VAL A 122 -0.59 45.96 -30.94
C VAL A 122 -1.25 44.74 -31.56
N ALA A 123 -0.44 43.84 -32.13
CA ALA A 123 -0.98 42.60 -32.63
C ALA A 123 -1.59 41.76 -31.53
N GLU A 124 -1.16 41.95 -30.29
CA GLU A 124 -1.78 41.24 -29.18
C GLU A 124 -3.25 41.60 -29.08
N ALA A 125 -3.54 42.88 -28.98
CA ALA A 125 -4.93 43.31 -28.93
C ALA A 125 -5.66 42.97 -30.21
N TYR A 126 -4.93 42.98 -31.33
CA TYR A 126 -5.52 42.58 -32.61
C TYR A 126 -6.13 41.20 -32.50
N ILE A 127 -5.31 40.24 -32.10
CA ILE A 127 -5.79 38.87 -32.04
C ILE A 127 -6.82 38.71 -30.95
N GLU A 128 -6.75 39.53 -29.91
CA GLU A 128 -7.78 39.46 -28.89
C GLU A 128 -9.13 39.79 -29.49
N LYS A 129 -9.20 40.87 -30.25
CA LYS A 129 -10.46 41.22 -30.90
C LYS A 129 -10.90 40.15 -31.87
N ARG A 130 -10.11 39.93 -32.92
CA ARG A 130 -10.59 39.11 -34.00
C ARG A 130 -10.65 37.64 -33.62
N ASN A 131 -10.11 37.26 -32.46
CA ASN A 131 -10.41 35.96 -31.88
C ASN A 131 -11.70 36.01 -31.10
N GLN A 132 -11.98 37.14 -30.44
CA GLN A 132 -13.23 37.24 -29.71
C GLN A 132 -14.42 37.15 -30.63
N ASP A 133 -14.26 37.60 -31.87
CA ASP A 133 -15.34 37.44 -32.84
C ASP A 133 -15.49 35.98 -33.23
N ARG A 134 -14.37 35.32 -33.53
CA ARG A 134 -14.37 34.07 -34.27
C ARG A 134 -13.20 33.22 -33.84
N PRO A 135 -13.25 31.92 -34.11
CA PRO A 135 -12.19 31.05 -33.60
C PRO A 135 -10.96 31.07 -34.51
N TYR A 136 -10.24 32.18 -34.47
CA TYR A 136 -8.97 32.26 -35.16
C TYR A 136 -7.90 31.59 -34.31
N MET A 137 -6.97 30.93 -34.99
CA MET A 137 -5.72 30.55 -34.41
C MET A 137 -4.70 30.85 -35.50
N PRO A 138 -3.49 31.26 -35.15
CA PRO A 138 -2.48 31.46 -36.17
C PRO A 138 -1.89 30.18 -36.72
N ARG A 139 -0.86 30.37 -37.54
CA ARG A 139 -0.20 29.26 -38.20
C ARG A 139 0.70 28.50 -37.25
N TYR A 140 1.50 29.26 -36.49
CA TYR A 140 2.71 28.71 -35.90
C TYR A 140 2.44 27.58 -34.93
N GLY A 141 1.26 27.52 -34.36
CA GLY A 141 0.89 26.42 -33.49
C GLY A 141 0.29 25.27 -34.25
N LEU A 142 -0.41 25.59 -35.33
CA LEU A 142 -1.07 24.56 -36.11
C LEU A 142 -0.06 23.64 -36.77
N GLN A 143 1.16 24.12 -36.99
CA GLN A 143 2.23 23.22 -37.37
C GLN A 143 2.76 22.47 -36.16
N ARG A 144 2.68 23.07 -34.99
CA ARG A 144 3.22 22.51 -33.76
C ARG A 144 2.16 21.93 -32.85
N ASN A 145 0.90 21.95 -33.28
CA ASN A 145 -0.17 21.26 -32.57
C ASN A 145 -0.39 21.81 -31.18
N LEU A 146 -0.77 23.07 -31.09
CA LEU A 146 -1.42 23.54 -29.88
C LEU A 146 -2.74 22.83 -29.68
N THR A 147 -3.30 23.02 -28.49
CA THR A 147 -4.54 22.37 -28.09
C THR A 147 -5.62 23.37 -27.72
N ASP A 148 -5.27 24.37 -26.92
CA ASP A 148 -6.25 25.30 -26.38
C ASP A 148 -6.51 26.43 -27.36
N MET A 149 -7.78 26.65 -27.67
CA MET A 149 -8.14 27.81 -28.46
C MET A 149 -7.87 29.10 -27.71
N SER A 150 -7.85 29.07 -26.37
CA SER A 150 -7.62 30.28 -25.61
C SER A 150 -6.21 30.78 -25.79
N LEU A 151 -5.25 29.87 -25.94
CA LEU A 151 -3.84 30.21 -25.84
C LEU A 151 -3.26 30.64 -27.17
N ALA A 152 -4.09 31.20 -28.05
CA ALA A 152 -3.59 31.87 -29.25
C ALA A 152 -2.73 33.09 -28.92
N ARG A 153 -2.78 33.57 -27.68
CA ARG A 153 -2.17 34.84 -27.32
C ARG A 153 -0.69 34.87 -27.61
N TYR A 154 -0.03 33.72 -27.60
CA TYR A 154 1.42 33.67 -27.64
C TYR A 154 1.89 32.56 -28.55
N ALA A 155 1.15 32.31 -29.62
CA ALA A 155 1.63 31.42 -30.67
C ALA A 155 2.35 32.19 -31.75
N PHE A 156 3.24 33.07 -31.33
CA PHE A 156 4.02 33.88 -32.24
C PHE A 156 5.34 33.18 -32.56
N ASP A 157 6.03 33.74 -33.54
CA ASP A 157 7.41 33.39 -33.75
C ASP A 157 8.32 34.16 -32.81
N PHE A 158 7.81 35.23 -32.21
CA PHE A 158 8.67 36.17 -31.50
C PHE A 158 7.88 36.92 -30.45
N TYR A 159 8.58 37.31 -29.41
CA TYR A 159 8.01 37.91 -28.22
C TYR A 159 9.16 38.26 -27.28
N GLU A 160 8.90 39.17 -26.35
CA GLU A 160 9.82 39.48 -25.26
C GLU A 160 9.10 39.29 -23.94
N MET A 161 9.59 38.37 -23.13
CA MET A 161 9.02 38.12 -21.83
C MET A 161 9.21 39.34 -20.92
N THR A 162 8.22 39.57 -20.07
CA THR A 162 8.20 40.74 -19.21
C THR A 162 7.64 40.33 -17.85
N SER A 163 7.83 41.23 -16.89
CA SER A 163 7.37 41.00 -15.53
C SER A 163 5.97 41.57 -15.30
N ARG A 164 5.06 41.24 -16.21
CA ARG A 164 3.65 41.53 -16.02
C ARG A 164 2.78 40.40 -16.53
N THR A 165 3.33 39.21 -16.62
CA THR A 165 2.81 38.16 -17.47
C THR A 165 2.52 36.91 -16.67
N PRO A 166 1.68 36.02 -17.18
CA PRO A 166 1.22 34.88 -16.39
C PRO A 166 2.28 33.80 -16.28
N ILE A 167 1.91 32.72 -15.60
CA ILE A 167 2.80 31.62 -15.31
C ILE A 167 2.65 30.51 -16.33
N ARG A 168 1.39 30.19 -16.63
CA ARG A 168 1.09 28.97 -17.38
C ARG A 168 1.68 29.04 -18.77
N ALA A 169 1.32 30.06 -19.52
CA ALA A 169 1.65 30.12 -20.94
C ALA A 169 3.14 30.13 -21.18
N ARG A 170 3.92 30.58 -20.20
CA ARG A 170 5.37 30.59 -20.34
C ARG A 170 5.88 29.20 -20.67
N GLU A 171 5.30 28.18 -20.03
CA GLU A 171 5.73 26.81 -20.22
C GLU A 171 5.62 26.42 -21.68
N ALA A 172 4.44 26.64 -22.27
CA ALA A 172 4.25 26.29 -23.66
C ALA A 172 5.15 27.13 -24.54
N HIS A 173 5.38 28.38 -24.16
CA HIS A 173 6.20 29.24 -25.01
C HIS A 173 7.60 28.69 -25.13
N ILE A 174 8.17 28.29 -24.02
CA ILE A 174 9.57 27.91 -24.01
C ILE A 174 9.75 26.49 -24.50
N GLN A 175 8.87 25.59 -24.06
CA GLN A 175 8.97 24.21 -24.52
C GLN A 175 8.78 24.16 -26.01
N MET A 176 7.70 24.79 -26.50
CA MET A 176 7.45 24.76 -27.92
C MET A 176 8.49 25.57 -28.67
N LYS A 177 9.17 26.49 -27.99
CA LYS A 177 10.29 27.15 -28.61
C LYS A 177 11.39 26.14 -28.90
N ALA A 178 11.98 25.60 -27.85
CA ALA A 178 13.22 24.87 -28.05
C ALA A 178 12.97 23.58 -28.79
N ALA A 179 11.87 22.91 -28.48
CA ALA A 179 11.60 21.64 -29.14
C ALA A 179 11.26 21.85 -30.59
N ALA A 180 10.74 23.03 -30.93
CA ALA A 180 10.54 23.34 -32.33
C ALA A 180 11.86 23.51 -33.06
N LEU A 181 12.94 23.73 -32.32
CA LEU A 181 14.27 23.63 -32.89
C LEU A 181 14.74 22.19 -32.78
N ARG A 182 15.59 21.80 -33.72
CA ARG A 182 16.32 20.55 -33.65
C ARG A 182 17.27 20.48 -34.82
N GLY A 183 18.39 19.82 -34.60
CA GLY A 183 19.26 19.41 -35.70
C GLY A 183 20.16 20.50 -36.22
N ALA A 184 19.59 21.66 -36.52
CA ALA A 184 20.39 22.76 -37.03
C ALA A 184 21.42 23.17 -36.00
N ASN A 185 22.66 23.33 -36.44
CA ASN A 185 23.81 23.49 -35.59
C ASN A 185 24.40 24.88 -35.71
N ASN A 186 25.18 25.24 -34.69
CA ASN A 186 25.99 26.45 -34.76
C ASN A 186 26.91 26.42 -35.96
N ASN A 187 27.63 25.31 -36.14
CA ASN A 187 28.30 24.89 -37.38
C ASN A 187 28.92 26.04 -38.17
N LEU A 188 29.88 26.68 -37.50
CA LEU A 188 30.34 28.03 -37.85
C LEU A 188 30.65 28.20 -39.33
N PHE A 189 31.66 27.49 -39.80
CA PHE A 189 32.33 27.86 -41.04
C PHE A 189 31.80 27.08 -42.22
N GLY A 190 31.95 27.68 -43.40
CA GLY A 190 31.64 27.03 -44.64
C GLY A 190 32.90 26.44 -45.18
N LEU A 191 33.48 27.07 -46.21
CA LEU A 191 34.76 26.66 -46.74
C LEU A 191 35.50 27.87 -47.28
N ASP A 192 36.80 27.71 -47.47
CA ASP A 192 37.67 28.82 -47.75
C ASP A 192 37.83 29.03 -49.26
N GLY A 193 38.31 30.20 -49.63
CA GLY A 193 38.42 30.59 -51.02
C GLY A 193 39.69 30.15 -51.69
N ASN A 194 40.81 30.26 -50.98
CA ASN A 194 42.09 29.92 -51.57
C ASN A 194 42.11 28.43 -51.80
N VAL A 195 41.77 28.04 -53.01
CA VAL A 195 41.65 26.62 -53.38
C VAL A 195 42.52 26.42 -54.62
N GLY A 196 43.80 26.18 -54.40
CA GLY A 196 44.70 25.72 -55.42
C GLY A 196 45.07 24.30 -55.13
N THR A 197 44.48 23.38 -55.88
CA THR A 197 44.81 21.98 -55.72
C THR A 197 46.26 21.67 -56.03
N THR A 198 46.98 22.58 -56.68
CA THR A 198 48.40 22.41 -56.97
C THR A 198 49.13 23.72 -56.75
N VAL A 199 50.45 23.64 -56.88
CA VAL A 199 51.34 24.78 -56.79
C VAL A 199 51.76 25.16 -58.20
N GLU A 200 52.02 26.45 -58.40
CA GLU A 200 52.58 26.90 -59.66
C GLU A 200 53.88 26.17 -59.97
N ASN A 201 54.14 25.96 -61.26
CA ASN A 201 55.30 25.18 -61.66
C ASN A 201 56.56 26.03 -61.72
N THR A 202 56.47 27.21 -62.32
CA THR A 202 57.59 28.16 -62.36
C THR A 202 58.76 27.59 -63.15
N GLU A 203 58.50 27.25 -64.40
CA GLU A 203 59.48 26.59 -65.26
C GLU A 203 59.34 27.18 -66.66
N ARG A 204 59.88 26.47 -67.64
CA ARG A 204 59.79 26.87 -69.03
C ARG A 204 59.68 25.63 -69.91
N HIS A 205 58.90 25.76 -70.97
CA HIS A 205 58.89 24.80 -72.07
C HIS A 205 59.76 25.31 -73.19
N THR A 206 60.58 24.41 -73.71
CA THR A 206 61.38 24.68 -74.89
C THR A 206 61.44 23.40 -75.70
N THR A 207 61.84 23.53 -76.96
CA THR A 207 61.95 22.39 -77.87
C THR A 207 63.10 21.48 -77.45
N PRO C 1 34.15 35.73 40.26
CA PRO C 1 34.79 34.70 39.44
C PRO C 1 34.54 34.89 37.95
N ARG C 2 35.63 35.04 37.18
CA ARG C 2 35.56 35.21 35.74
C ARG C 2 36.84 34.70 35.13
N LEU C 3 36.88 34.68 33.81
CA LEU C 3 37.98 34.03 33.09
C LEU C 3 37.88 34.41 31.61
N LYS C 4 38.70 33.75 30.80
CA LYS C 4 38.81 34.00 29.36
C LYS C 4 38.58 32.71 28.59
N SER C 5 38.40 32.86 27.28
CA SER C 5 38.13 31.72 26.42
C SER C 5 39.39 30.88 26.23
N LEU C 6 40.44 31.50 25.70
CA LEU C 6 41.60 30.77 25.26
C LEU C 6 42.42 30.31 26.45
N THR C 7 43.26 29.30 26.21
CA THR C 7 43.95 28.57 27.26
C THR C 7 45.40 28.38 26.87
N SER C 8 46.14 27.68 27.75
CA SER C 8 47.55 27.39 27.54
C SER C 8 47.89 25.92 27.67
N LYS C 9 47.19 25.19 28.56
CA LYS C 9 47.39 23.75 28.69
C LYS C 9 46.87 22.97 27.49
N MET C 10 46.20 23.63 26.56
CA MET C 10 45.66 22.98 25.38
C MET C 10 46.74 22.24 24.62
N ARG C 11 46.32 21.18 23.94
CA ARG C 11 47.19 20.50 22.99
C ARG C 11 47.44 21.41 21.80
N VAL C 12 48.72 21.73 21.56
CA VAL C 12 49.10 22.73 20.58
C VAL C 12 50.42 22.26 19.97
N PRO C 13 50.75 22.63 18.73
CA PRO C 13 52.07 22.28 18.21
C PRO C 13 53.17 22.97 18.99
N ARG C 14 54.40 22.50 18.80
CA ARG C 14 55.56 22.95 19.55
C ARG C 14 56.81 22.78 18.71
N TYR C 15 57.46 23.89 18.36
CA TYR C 15 58.76 23.79 17.69
C TYR C 15 59.74 23.05 18.57
N GLU C 16 60.06 23.64 19.71
CA GLU C 16 60.60 22.92 20.84
C GLU C 16 59.61 23.07 21.97
N LYS C 17 59.96 22.49 23.11
CA LYS C 17 58.94 22.15 24.11
C LYS C 17 58.35 23.40 24.74
N ARG C 18 59.19 24.32 25.21
CA ARG C 18 58.68 25.45 25.96
C ARG C 18 57.86 26.38 25.07
N VAL C 19 58.12 26.34 23.77
CA VAL C 19 57.50 27.32 22.89
C VAL C 19 56.03 27.00 22.69
N ALA C 20 55.20 28.03 22.79
CA ALA C 20 53.81 28.00 22.37
C ALA C 20 53.64 28.98 21.23
N LEU C 21 53.11 28.49 20.11
CA LEU C 21 53.22 29.20 18.84
C LEU C 21 52.04 30.12 18.58
N ASN C 22 50.82 29.63 18.70
CA ASN C 22 49.66 30.49 18.51
C ASN C 22 49.58 31.39 19.73
N LEU C 23 50.30 32.50 19.62
CA LEU C 23 50.42 33.44 20.72
C LEU C 23 49.04 33.96 21.10
N ASP C 24 48.74 33.92 22.38
CA ASP C 24 47.38 34.14 22.86
C ASP C 24 47.15 35.60 23.21
N HIS C 25 47.49 36.46 22.23
CA HIS C 25 47.07 37.86 22.22
C HIS C 25 46.13 38.13 21.06
N LEU C 26 45.58 37.08 20.45
CA LEU C 26 44.73 37.21 19.27
C LEU C 26 43.28 37.36 19.63
N ILE C 27 43.00 37.91 20.81
CA ILE C 27 41.63 38.10 21.25
C ILE C 27 40.88 38.99 20.29
N LEU C 28 41.58 39.93 19.66
CA LEU C 28 40.96 41.01 18.90
C LEU C 28 41.39 40.86 17.46
N TYR C 29 40.70 40.00 16.74
CA TYR C 29 40.87 39.91 15.29
C TYR C 29 39.63 39.22 14.73
N THR C 30 38.68 40.02 14.25
CA THR C 30 37.49 39.51 13.59
C THR C 30 37.06 40.50 12.52
N PRO C 31 37.82 40.64 11.48
CA PRO C 31 37.37 41.44 10.35
C PRO C 31 36.20 40.79 9.65
N GLU C 32 35.66 41.46 8.64
CA GLU C 32 34.56 40.90 7.88
C GLU C 32 34.99 39.62 7.19
N GLN C 33 34.07 38.67 7.14
CA GLN C 33 34.40 37.36 6.60
C GLN C 33 34.67 37.43 5.11
N THR C 34 33.73 37.99 4.36
CA THR C 34 33.88 38.08 2.92
C THR C 34 35.07 38.95 2.55
N ASP C 35 35.41 39.92 3.39
CA ASP C 35 36.52 40.80 3.10
C ASP C 35 37.84 40.05 3.03
N LEU C 36 37.93 38.89 3.66
CA LEU C 36 39.15 38.12 3.67
C LEU C 36 39.26 37.13 2.54
N SER C 37 38.15 36.78 1.91
CA SER C 37 38.10 35.65 0.98
C SER C 37 38.96 35.87 -0.25
N ASN C 38 38.97 34.87 -1.12
CA ASN C 38 39.47 35.02 -2.46
C ASN C 38 38.37 35.35 -3.46
N THR C 39 37.12 35.05 -3.12
CA THR C 39 36.02 35.30 -4.05
C THR C 39 35.79 36.77 -4.28
N ARG C 40 36.18 37.63 -3.35
CA ARG C 40 36.29 39.06 -3.58
C ARG C 40 37.74 39.41 -3.82
N SER C 41 37.95 40.36 -4.73
CA SER C 41 39.29 40.76 -5.07
C SER C 41 39.78 41.82 -4.10
N THR C 42 40.93 42.38 -4.42
CA THR C 42 41.67 43.21 -3.49
C THR C 42 41.45 44.69 -3.75
N ARG C 43 41.87 45.46 -2.76
CA ARG C 43 41.67 46.90 -2.78
C ARG C 43 42.55 47.56 -3.83
N LYS C 44 43.74 47.02 -4.04
CA LYS C 44 44.64 47.56 -5.04
C LYS C 44 44.03 47.44 -6.43
N GLN C 45 43.53 46.26 -6.76
CA GLN C 45 42.90 46.05 -8.04
C GLN C 45 41.74 47.00 -8.21
N PHE C 46 40.93 47.12 -7.15
CA PHE C 46 39.79 48.01 -7.15
C PHE C 46 40.21 49.44 -7.42
N ASP C 47 41.42 49.79 -7.00
CA ASP C 47 41.92 51.13 -7.27
C ASP C 47 42.34 51.26 -8.72
N THR C 48 43.09 50.28 -9.22
CA THR C 48 43.70 50.44 -10.52
C THR C 48 42.67 50.39 -11.64
N TRP C 49 41.57 49.68 -11.42
CA TRP C 49 40.47 49.76 -12.36
C TRP C 49 39.90 51.18 -12.37
N PHE C 50 39.60 51.67 -11.18
CA PHE C 50 39.05 53.00 -10.96
C PHE C 50 39.93 54.11 -11.49
N GLU C 51 41.21 53.84 -11.68
CA GLU C 51 42.16 54.80 -12.21
C GLU C 51 42.40 54.63 -13.70
N GLY C 52 42.42 53.38 -14.17
CA GLY C 52 42.60 53.14 -15.58
C GLY C 52 41.45 53.70 -16.38
N VAL C 53 40.23 53.60 -15.83
CA VAL C 53 39.12 54.30 -16.45
C VAL C 53 39.35 55.80 -16.41
N MET C 54 39.93 56.29 -15.31
CA MET C 54 40.15 57.71 -15.13
C MET C 54 41.07 58.25 -16.21
N ALA C 55 42.03 57.42 -16.64
CA ALA C 55 42.88 57.79 -17.75
C ALA C 55 42.10 57.79 -19.06
N ASP C 56 41.08 56.94 -19.16
CA ASP C 56 40.39 56.77 -20.42
C ASP C 56 39.46 57.94 -20.71
N TYR C 57 38.51 58.17 -19.82
CA TYR C 57 37.37 59.03 -20.13
C TYR C 57 37.57 60.47 -19.68
N GLU C 58 38.62 60.75 -18.91
CA GLU C 58 39.14 62.10 -18.73
C GLU C 58 38.10 63.04 -18.13
N LEU C 59 37.75 62.74 -16.88
CA LEU C 59 36.71 63.47 -16.16
C LEU C 59 37.26 64.52 -15.22
N THR C 60 38.31 64.18 -14.48
CA THR C 60 38.81 65.01 -13.38
C THR C 60 37.67 65.34 -12.42
N GLU C 61 36.84 64.33 -12.15
CA GLU C 61 35.64 64.56 -11.37
C GLU C 61 35.22 63.24 -10.74
N ASP C 62 34.44 63.35 -9.67
CA ASP C 62 33.72 62.22 -9.11
C ASP C 62 32.34 62.09 -9.72
N LYS C 63 32.17 62.51 -10.97
CA LYS C 63 30.98 62.17 -11.73
C LYS C 63 30.98 60.69 -12.06
N MET C 64 32.17 60.09 -12.12
CA MET C 64 32.32 58.65 -12.28
C MET C 64 31.54 57.89 -11.22
N GLN C 65 31.32 58.51 -10.05
CA GLN C 65 30.33 58.02 -9.10
C GLN C 65 29.03 57.71 -9.82
N ILE C 66 28.48 58.73 -10.48
CA ILE C 66 27.20 58.60 -11.15
C ILE C 66 27.31 57.63 -12.29
N ILE C 67 28.44 57.64 -12.97
CA ILE C 67 28.61 56.78 -14.12
C ILE C 67 28.52 55.32 -13.70
N LEU C 68 29.39 54.93 -12.76
CA LEU C 68 29.42 53.57 -12.27
C LEU C 68 28.06 53.18 -11.69
N ASN C 69 27.38 54.14 -11.06
CA ASN C 69 26.01 53.90 -10.64
C ASN C 69 25.15 53.53 -11.83
N GLY C 70 25.42 54.13 -12.98
CA GLY C 70 24.76 53.68 -14.19
C GLY C 70 25.16 52.26 -14.57
N LEU C 71 26.45 51.96 -14.47
CA LEU C 71 26.96 50.67 -14.95
C LEU C 71 26.37 49.53 -14.16
N MET C 72 25.99 49.80 -12.91
CA MET C 72 25.24 48.84 -12.12
C MET C 72 24.11 48.22 -12.91
N VAL C 73 23.38 49.03 -13.64
CA VAL C 73 22.07 48.62 -14.10
C VAL C 73 22.19 47.75 -15.33
N TRP C 74 22.91 48.23 -16.35
CA TRP C 74 23.15 47.39 -17.52
C TRP C 74 23.92 46.16 -17.13
N CYS C 75 24.77 46.27 -16.10
CA CYS C 75 25.41 45.08 -15.58
C CYS C 75 24.39 44.11 -15.02
N ILE C 76 23.31 44.63 -14.44
CA ILE C 76 22.31 43.77 -13.84
C ILE C 76 21.47 43.08 -14.90
N GLU C 77 20.76 43.88 -15.68
CA GLU C 77 19.69 43.34 -16.51
C GLU C 77 20.15 42.34 -17.56
N ASN C 78 21.45 42.23 -17.78
CA ASN C 78 21.99 41.35 -18.79
C ASN C 78 23.17 40.58 -18.24
N GLY C 79 23.65 39.63 -19.03
CA GLY C 79 24.68 38.71 -18.61
C GLY C 79 26.00 39.36 -18.24
N THR C 80 26.95 38.54 -17.78
CA THR C 80 28.27 39.01 -17.37
C THR C 80 29.30 38.02 -17.88
N SER C 81 30.07 38.44 -18.87
CA SER C 81 31.09 37.59 -19.47
C SER C 81 32.00 38.46 -20.29
N PRO C 82 33.23 38.02 -20.55
CA PRO C 82 34.04 38.76 -21.52
C PRO C 82 33.41 38.78 -22.88
N ASN C 83 32.62 37.75 -23.20
CA ASN C 83 32.00 37.61 -24.51
C ASN C 83 30.83 38.58 -24.61
N ILE C 84 31.17 39.85 -24.78
CA ILE C 84 30.18 40.91 -24.93
C ILE C 84 30.63 41.84 -26.04
N ASN C 85 29.68 42.36 -26.79
CA ASN C 85 29.94 43.40 -27.77
C ASN C 85 28.72 44.31 -27.82
N GLY C 86 28.79 45.32 -28.67
CA GLY C 86 27.72 46.28 -28.83
C GLY C 86 28.03 47.57 -28.09
N MET C 87 27.09 48.00 -27.27
CA MET C 87 27.27 49.16 -26.40
C MET C 87 26.44 48.92 -25.15
N TRP C 88 26.36 49.93 -24.30
CA TRP C 88 25.29 50.02 -23.33
C TRP C 88 24.86 51.47 -23.22
N VAL C 89 23.81 51.71 -22.47
CA VAL C 89 23.28 53.06 -22.32
C VAL C 89 22.41 53.12 -21.08
N MET C 90 22.35 54.30 -20.47
CA MET C 90 21.28 54.67 -19.56
C MET C 90 20.61 55.93 -20.07
N MET C 91 19.72 56.52 -19.29
CA MET C 91 18.91 57.63 -19.73
C MET C 91 19.02 58.82 -18.78
N ASP C 92 18.50 59.95 -19.28
CA ASP C 92 18.36 61.18 -18.51
C ASP C 92 17.02 61.78 -18.92
N GLY C 93 15.97 61.40 -18.20
CA GLY C 93 14.64 61.83 -18.59
C GLY C 93 14.09 60.94 -19.69
N ASP C 94 14.18 61.42 -20.92
CA ASP C 94 13.77 60.67 -22.11
C ASP C 94 14.93 60.46 -23.08
N ASP C 95 16.13 60.90 -22.73
CA ASP C 95 17.28 60.79 -23.60
C ASP C 95 18.00 59.48 -23.35
N GLN C 96 18.86 59.09 -24.29
CA GLN C 96 19.46 57.77 -24.33
C GLN C 96 20.94 57.88 -24.68
N VAL C 97 21.66 58.70 -23.93
CA VAL C 97 23.05 58.95 -24.24
C VAL C 97 23.86 57.70 -24.00
N GLU C 98 24.43 57.15 -25.08
CA GLU C 98 25.02 55.82 -25.07
C GLU C 98 26.41 55.86 -24.45
N PHE C 99 27.08 54.70 -24.46
CA PHE C 99 28.40 54.59 -23.85
C PHE C 99 29.08 53.29 -24.26
N PRO C 100 30.42 53.24 -24.43
CA PRO C 100 31.07 52.00 -24.86
C PRO C 100 31.35 51.01 -23.74
N ILE C 101 32.08 49.94 -24.08
CA ILE C 101 32.17 48.74 -23.27
C ILE C 101 33.61 48.43 -22.88
N LYS C 102 34.39 48.08 -23.91
CA LYS C 102 35.56 47.23 -23.78
C LYS C 102 36.58 47.60 -22.71
N PRO C 103 37.06 48.84 -22.62
CA PRO C 103 38.18 49.10 -21.72
C PRO C 103 37.84 48.95 -20.26
N LEU C 104 36.56 48.86 -19.92
CA LEU C 104 36.15 48.47 -18.58
C LEU C 104 36.32 46.99 -18.33
N ILE C 105 36.80 46.24 -19.32
CA ILE C 105 36.91 44.79 -19.25
C ILE C 105 38.34 44.36 -19.50
N ASP C 106 38.99 44.99 -20.47
CA ASP C 106 40.37 44.61 -20.77
C ASP C 106 41.37 45.11 -19.74
N HIS C 107 40.91 45.79 -18.69
CA HIS C 107 41.79 46.45 -17.74
C HIS C 107 41.44 46.06 -16.31
N ALA C 108 41.18 44.78 -16.09
CA ALA C 108 41.14 44.21 -14.75
C ALA C 108 41.78 42.83 -14.78
N LYS C 109 42.49 42.49 -13.73
CA LYS C 109 43.40 41.35 -13.79
C LYS C 109 42.64 40.04 -13.58
N PRO C 110 41.80 39.94 -12.55
CA PRO C 110 40.80 38.88 -12.55
C PRO C 110 39.58 39.36 -13.31
N THR C 111 38.51 38.58 -13.30
CA THR C 111 37.40 38.80 -14.22
C THR C 111 36.48 39.91 -13.75
N PHE C 112 35.34 40.02 -14.44
CA PHE C 112 34.37 41.09 -14.22
C PHE C 112 33.47 40.80 -13.02
N ARG C 113 33.09 39.55 -12.85
CA ARG C 113 32.33 39.19 -11.66
C ARG C 113 33.18 39.38 -10.43
N GLN C 114 34.46 39.06 -10.54
CA GLN C 114 35.36 39.14 -9.41
C GLN C 114 35.64 40.58 -8.97
N ILE C 115 35.18 41.57 -9.74
CA ILE C 115 35.22 42.97 -9.34
C ILE C 115 33.86 43.47 -8.92
N MET C 116 32.82 43.05 -9.63
CA MET C 116 31.48 43.56 -9.31
C MET C 116 30.87 42.88 -8.10
N ALA C 117 31.58 41.94 -7.47
CA ALA C 117 31.04 41.27 -6.30
C ALA C 117 30.78 42.22 -5.16
N HIS C 118 31.42 43.39 -5.14
CA HIS C 118 31.08 44.41 -4.18
C HIS C 118 29.61 44.77 -4.26
N PHE C 119 29.21 45.27 -5.42
CA PHE C 119 27.97 46.02 -5.54
C PHE C 119 26.82 45.04 -5.43
N SER C 120 26.47 44.74 -4.19
CA SER C 120 25.52 43.71 -3.84
C SER C 120 24.26 44.29 -3.21
N ASP C 121 24.43 45.01 -2.12
CA ASP C 121 23.31 45.43 -1.31
C ASP C 121 22.65 46.68 -1.84
N VAL C 122 23.38 47.47 -2.62
CA VAL C 122 22.83 48.69 -3.16
C VAL C 122 21.70 48.37 -4.12
N ALA C 123 22.00 47.57 -5.13
CA ALA C 123 20.96 47.10 -6.04
C ALA C 123 19.94 46.25 -5.31
N GLU C 124 20.33 45.62 -4.21
CA GLU C 124 19.37 44.86 -3.43
C GLU C 124 18.25 45.76 -2.93
N ALA C 125 18.63 46.83 -2.23
CA ALA C 125 17.62 47.77 -1.76
C ALA C 125 16.90 48.44 -2.92
N TYR C 126 17.62 48.62 -4.04
CA TYR C 126 17.01 49.18 -5.23
C TYR C 126 15.79 48.37 -5.63
N ILE C 127 16.01 47.08 -5.83
CA ILE C 127 14.92 46.23 -6.29
C ILE C 127 13.87 46.08 -5.22
N GLU C 128 14.26 46.18 -3.95
CA GLU C 128 13.26 46.15 -2.89
C GLU C 128 12.28 47.29 -3.05
N LYS C 129 12.80 48.50 -3.25
CA LYS C 129 11.92 49.64 -3.45
C LYS C 129 11.08 49.47 -4.70
N ARG C 130 11.74 49.43 -5.85
CA ARG C 130 10.98 49.52 -7.09
C ARG C 130 10.19 48.26 -7.37
N ASN C 131 10.40 47.19 -6.60
CA ASN C 131 9.47 46.08 -6.60
C ASN C 131 8.31 46.36 -5.66
N GLN C 132 8.58 47.04 -4.55
CA GLN C 132 7.50 47.35 -3.63
C GLN C 132 6.47 48.25 -4.29
N ASP C 133 6.91 49.10 -5.21
CA ASP C 133 5.96 49.92 -5.95
C ASP C 133 5.14 49.06 -6.91
N ARG C 134 5.81 48.19 -7.65
CA ARG C 134 5.25 47.58 -8.85
C ARG C 134 5.84 46.19 -9.04
N PRO C 135 5.18 45.35 -9.82
CA PRO C 135 5.64 43.97 -9.94
C PRO C 135 6.77 43.83 -10.94
N TYR C 136 7.94 44.33 -10.55
CA TYR C 136 9.13 44.12 -11.34
C TYR C 136 9.67 42.73 -11.07
N MET C 137 10.21 42.11 -12.12
CA MET C 137 11.08 40.98 -11.99
C MET C 137 12.19 41.23 -13.00
N PRO C 138 13.41 40.82 -12.72
CA PRO C 138 14.46 40.98 -13.72
C PRO C 138 14.39 39.99 -14.85
N ARG C 139 15.42 40.03 -15.68
CA ARG C 139 15.50 39.19 -16.86
C ARG C 139 15.86 37.76 -16.48
N TYR C 140 16.86 37.61 -15.64
CA TYR C 140 17.62 36.38 -15.56
C TYR C 140 16.77 35.19 -15.14
N GLY C 141 15.66 35.43 -14.45
CA GLY C 141 14.75 34.37 -14.09
C GLY C 141 13.72 34.13 -15.17
N LEU C 142 13.34 35.19 -15.87
CA LEU C 142 12.31 35.07 -16.89
C LEU C 142 12.79 34.21 -18.04
N GLN C 143 14.10 34.10 -18.23
CA GLN C 143 14.62 33.11 -19.14
C GLN C 143 14.62 31.74 -18.49
N ARG C 144 14.77 31.69 -17.18
CA ARG C 144 14.90 30.45 -16.42
C ARG C 144 13.61 30.08 -15.69
N ASN C 145 12.56 30.87 -15.83
CA ASN C 145 11.25 30.53 -15.32
C ASN C 145 11.22 30.39 -13.81
N LEU C 146 11.50 31.49 -13.12
CA LEU C 146 11.10 31.59 -11.74
C LEU C 146 9.58 31.57 -11.64
N THR C 147 9.10 31.43 -10.42
CA THR C 147 7.68 31.32 -10.13
C THR C 147 7.20 32.40 -9.17
N ASP C 148 7.94 32.65 -8.10
CA ASP C 148 7.49 33.54 -7.05
C ASP C 148 7.90 34.96 -7.38
N MET C 149 6.93 35.87 -7.35
CA MET C 149 7.23 37.28 -7.48
C MET C 149 8.05 37.79 -6.30
N SER C 150 7.95 37.14 -5.15
CA SER C 150 8.69 37.60 -3.98
C SER C 150 10.19 37.41 -4.18
N LEU C 151 10.57 36.35 -4.85
CA LEU C 151 11.96 35.91 -4.87
C LEU C 151 12.77 36.58 -5.96
N ALA C 152 12.38 37.79 -6.37
CA ALA C 152 13.22 38.62 -7.21
C ALA C 152 14.54 38.99 -6.55
N ARG C 153 14.65 38.81 -5.23
CA ARG C 153 15.77 39.33 -4.47
C ARG C 153 17.10 38.80 -4.97
N TYR C 154 17.11 37.61 -5.57
CA TYR C 154 18.35 36.93 -5.88
C TYR C 154 18.28 36.29 -7.25
N ALA C 155 17.59 36.94 -8.18
CA ALA C 155 17.64 36.51 -9.57
C ALA C 155 18.71 37.28 -10.32
N PHE C 156 19.89 37.34 -9.72
CA PHE C 156 21.04 38.01 -10.32
C PHE C 156 21.86 37.02 -11.12
N ASP C 157 22.79 37.57 -11.87
CA ASP C 157 23.84 36.77 -12.45
C ASP C 157 24.96 36.50 -11.45
N PHE C 158 24.99 37.27 -10.35
CA PHE C 158 26.14 37.26 -9.48
C PHE C 158 25.75 37.72 -8.09
N TYR C 159 26.49 37.20 -7.11
CA TYR C 159 26.20 37.38 -5.71
C TYR C 159 27.30 36.68 -4.92
N GLU C 160 27.45 37.06 -3.66
CA GLU C 160 28.33 36.37 -2.72
C GLU C 160 27.52 35.95 -1.51
N MET C 161 27.46 34.65 -1.27
CA MET C 161 26.75 34.13 -0.12
C MET C 161 27.44 34.55 1.16
N THR C 162 26.64 34.79 2.18
CA THR C 162 27.12 35.29 3.46
C THR C 162 26.36 34.62 4.59
N SER C 163 26.89 34.77 5.79
CA SER C 163 26.29 34.17 6.99
C SER C 163 25.34 35.15 7.66
N ARG C 164 24.44 35.74 6.87
CA ARG C 164 23.34 36.52 7.42
C ARG C 164 22.07 36.30 6.62
N THR C 165 21.97 35.18 5.93
CA THR C 165 21.06 35.02 4.82
C THR C 165 20.14 33.83 5.04
N PRO C 166 19.01 33.78 4.34
CA PRO C 166 18.01 32.77 4.64
C PRO C 166 18.40 31.40 4.08
N ILE C 167 17.50 30.46 4.28
CA ILE C 167 17.72 29.07 3.91
C ILE C 167 17.10 28.77 2.56
N ARG C 168 15.88 29.24 2.37
CA ARG C 168 15.08 28.80 1.24
C ARG C 168 15.71 29.22 -0.08
N ALA C 169 15.95 30.52 -0.24
CA ALA C 169 16.37 31.06 -1.52
C ALA C 169 17.69 30.50 -1.99
N ARG C 170 18.51 30.01 -1.07
CA ARG C 170 19.79 29.41 -1.43
C ARG C 170 19.58 28.28 -2.41
N GLU C 171 18.54 27.48 -2.18
CA GLU C 171 18.26 26.33 -3.03
C GLU C 171 18.06 26.76 -4.46
N ALA C 172 17.18 27.73 -4.68
CA ALA C 172 16.93 28.20 -6.03
C ALA C 172 18.19 28.83 -6.61
N HIS C 173 18.97 29.50 -5.77
CA HIS C 173 20.16 30.16 -6.29
C HIS C 173 21.12 29.15 -6.88
N ILE C 174 21.36 28.06 -6.16
CA ILE C 174 22.39 27.13 -6.57
C ILE C 174 21.88 26.20 -7.64
N GLN C 175 20.65 25.71 -7.48
CA GLN C 175 20.09 24.85 -8.51
C GLN C 175 20.00 25.59 -9.82
N MET C 176 19.41 26.77 -9.80
CA MET C 176 19.27 27.52 -11.02
C MET C 176 20.62 28.01 -11.51
N LYS C 177 21.61 28.06 -10.63
CA LYS C 177 22.96 28.34 -11.09
C LYS C 177 23.45 27.21 -11.97
N ALA C 178 23.61 26.03 -11.38
CA ALA C 178 24.35 24.99 -12.08
C ALA C 178 23.55 24.48 -13.25
N ALA C 179 22.24 24.33 -13.08
CA ALA C 179 21.44 23.80 -14.16
C ALA C 179 21.33 24.79 -15.29
N ALA C 180 21.48 26.08 -15.00
CA ALA C 180 21.56 27.05 -16.07
C ALA C 180 22.84 26.90 -16.87
N LEU C 181 23.84 26.23 -16.30
CA LEU C 181 24.98 25.81 -17.08
C LEU C 181 24.69 24.44 -17.69
N ARG C 182 25.29 24.18 -18.85
CA ARG C 182 25.31 22.87 -19.45
C ARG C 182 26.20 22.92 -20.68
N GLY C 183 26.83 21.79 -20.97
CA GLY C 183 27.45 21.58 -22.26
C GLY C 183 28.80 22.23 -22.41
N ALA C 184 28.90 23.52 -22.08
CA ALA C 184 30.17 24.22 -22.19
C ALA C 184 31.19 23.58 -21.27
N ASN C 185 32.38 23.34 -21.83
CA ASN C 185 33.40 22.52 -21.19
C ASN C 185 34.60 23.37 -20.79
N ASN C 186 35.39 22.82 -19.88
CA ASN C 186 36.69 23.39 -19.55
C ASN C 186 37.55 23.50 -20.79
N ASN C 187 37.64 22.41 -21.55
CA ASN C 187 38.10 22.34 -22.95
C ASN C 187 39.26 23.29 -23.26
N LEU C 188 40.37 23.04 -22.55
CA LEU C 188 41.45 24.00 -22.36
C LEU C 188 41.90 24.67 -23.65
N PHE C 189 42.47 23.88 -24.55
CA PHE C 189 43.31 24.42 -25.60
C PHE C 189 42.56 24.62 -26.89
N GLY C 190 43.06 25.54 -27.70
CA GLY C 190 42.55 25.77 -29.03
C GLY C 190 43.41 24.99 -29.99
N LEU C 191 44.28 25.67 -30.72
CA LEU C 191 45.23 25.01 -31.59
C LEU C 191 46.50 25.84 -31.67
N ASP C 192 47.56 25.21 -32.14
CA ASP C 192 48.89 25.78 -32.06
C ASP C 192 49.22 26.55 -33.33
N GLY C 193 50.25 27.39 -33.24
CA GLY C 193 50.62 28.28 -34.31
C GLY C 193 51.56 27.66 -35.32
N ASN C 194 52.53 26.91 -34.83
CA ASN C 194 53.53 26.33 -35.72
C ASN C 194 52.83 25.29 -36.58
N VAL C 195 52.43 25.70 -37.76
CA VAL C 195 51.67 24.86 -38.68
C VAL C 195 52.40 24.88 -40.01
N GLY C 196 53.38 24.01 -40.14
CA GLY C 196 54.02 23.72 -41.40
C GLY C 196 53.62 22.33 -41.82
N THR C 197 52.71 22.24 -42.78
CA THR C 197 52.29 20.95 -43.30
C THR C 197 53.43 20.19 -43.97
N THR C 198 54.55 20.85 -44.26
CA THR C 198 55.71 20.20 -44.84
C THR C 198 56.98 20.76 -44.21
N VAL C 199 58.09 20.16 -44.58
CA VAL C 199 59.42 20.56 -44.17
C VAL C 199 60.06 21.31 -45.32
N GLU C 200 60.94 22.25 -44.99
CA GLU C 200 61.74 22.92 -46.01
C GLU C 200 62.53 21.90 -46.81
N ASN C 201 62.74 22.22 -48.09
CA ASN C 201 63.39 21.28 -48.99
C ASN C 201 64.91 21.37 -48.89
N THR C 202 65.44 22.58 -48.90
CA THR C 202 66.88 22.80 -48.73
C THR C 202 67.68 22.19 -49.87
N GLU C 203 67.37 22.63 -51.09
CA GLU C 203 67.95 22.07 -52.30
C GLU C 203 68.23 23.22 -53.26
N ARG C 204 68.41 22.89 -54.53
CA ARG C 204 68.62 23.87 -55.57
C ARG C 204 67.99 23.39 -56.86
N HIS C 205 67.44 24.34 -57.61
CA HIS C 205 67.03 24.13 -58.99
C HIS C 205 68.12 24.62 -59.92
N THR C 206 68.42 23.79 -60.91
CA THR C 206 69.33 24.18 -61.98
C THR C 206 68.81 23.55 -63.26
N THR C 207 69.32 24.04 -64.39
CA THR C 207 68.91 23.55 -65.70
C THR C 207 69.44 22.13 -65.92
N PRO E 1 43.23 -7.83 49.45
CA PRO E 1 43.34 -8.54 48.18
C PRO E 1 43.32 -7.60 46.98
N ARG E 2 44.39 -7.62 46.18
CA ARG E 2 44.50 -6.80 44.99
C ARG E 2 45.42 -7.51 43.99
N LEU E 3 45.55 -6.93 42.82
CA LEU E 3 46.22 -7.60 41.71
C LEU E 3 46.42 -6.59 40.57
N LYS E 4 46.87 -7.09 39.43
CA LYS E 4 47.18 -6.29 38.26
C LYS E 4 46.40 -6.80 37.06
N SER E 5 46.40 -6.00 35.99
CA SER E 5 45.68 -6.37 34.79
C SER E 5 46.38 -7.49 34.03
N LEU E 6 47.62 -7.25 33.64
CA LEU E 6 48.30 -8.14 32.74
C LEU E 6 48.72 -9.43 33.45
N THR E 7 48.97 -10.46 32.66
CA THR E 7 49.15 -11.81 33.16
C THR E 7 50.33 -12.45 32.48
N SER E 8 50.58 -13.72 32.83
CA SER E 8 51.68 -14.50 32.28
C SER E 8 51.24 -15.84 31.71
N LYS E 9 50.22 -16.47 32.29
CA LYS E 9 49.69 -17.71 31.75
C LYS E 9 48.93 -17.51 30.45
N MET E 10 48.75 -16.28 30.02
CA MET E 10 48.02 -15.98 28.79
C MET E 10 48.66 -16.69 27.61
N ARG E 11 47.83 -16.98 26.62
CA ARG E 11 48.31 -17.46 25.34
C ARG E 11 49.05 -16.35 24.63
N VAL E 12 50.33 -16.58 24.34
CA VAL E 12 51.23 -15.56 23.83
C VAL E 12 52.19 -16.24 22.86
N PRO E 13 52.74 -15.55 21.88
CA PRO E 13 53.75 -16.17 21.03
C PRO E 13 55.00 -16.51 21.82
N ARG E 14 55.84 -17.35 21.23
CA ARG E 14 57.02 -17.88 21.91
C ARG E 14 58.08 -18.21 20.85
N TYR E 15 59.22 -17.51 20.91
CA TYR E 15 60.35 -17.87 20.06
C TYR E 15 60.77 -19.29 20.35
N GLU E 16 61.27 -19.52 21.56
CA GLU E 16 61.31 -20.83 22.15
C GLU E 16 60.43 -20.79 23.39
N LYS E 17 60.37 -21.90 24.09
CA LYS E 17 59.27 -22.15 25.00
C LYS E 17 59.31 -21.23 26.21
N ARG E 18 60.46 -21.14 26.87
CA ARG E 18 60.52 -20.38 28.12
C ARG E 18 60.34 -18.89 27.87
N VAL E 19 60.61 -18.44 26.66
CA VAL E 19 60.62 -17.01 26.40
C VAL E 19 59.19 -16.48 26.35
N ALA E 20 58.98 -15.36 27.02
CA ALA E 20 57.78 -14.55 26.88
C ALA E 20 58.18 -13.20 26.31
N LEU E 21 57.56 -12.81 25.22
CA LEU E 21 58.08 -11.74 24.38
C LEU E 21 57.54 -10.38 24.74
N ASN E 22 56.23 -10.25 24.85
CA ASN E 22 55.63 -8.98 25.25
C ASN E 22 55.94 -8.81 26.73
N LEU E 23 57.10 -8.25 26.99
CA LEU E 23 57.59 -8.09 28.35
C LEU E 23 56.63 -7.24 29.14
N ASP E 24 56.25 -7.72 30.32
CA ASP E 24 55.15 -7.16 31.07
C ASP E 24 55.65 -6.09 32.05
N HIS E 25 56.42 -5.16 31.51
CA HIS E 25 56.73 -3.90 32.16
C HIS E 25 56.13 -2.72 31.41
N LEU E 26 55.17 -2.97 30.52
CA LEU E 26 54.58 -1.95 29.68
C LEU E 26 53.36 -1.33 30.31
N ILE E 27 53.30 -1.32 31.64
CA ILE E 27 52.19 -0.75 32.34
C ILE E 27 52.03 0.71 32.02
N LEU E 28 53.15 1.39 31.75
CA LEU E 28 53.18 2.84 31.64
C LEU E 28 53.58 3.20 30.23
N TYR E 29 52.60 3.19 29.34
CA TYR E 29 52.81 3.71 28.00
C TYR E 29 51.43 4.02 27.41
N THR E 30 51.02 5.29 27.50
CA THR E 30 49.78 5.76 26.89
C THR E 30 49.97 7.20 26.46
N PRO E 31 50.78 7.42 25.45
CA PRO E 31 50.84 8.76 24.88
C PRO E 31 49.56 9.13 24.18
N GLU E 32 49.48 10.36 23.67
CA GLU E 32 48.30 10.79 22.94
C GLU E 32 48.11 9.94 21.71
N GLN E 33 46.84 9.66 21.41
CA GLN E 33 46.53 8.76 20.31
C GLN E 33 46.89 9.38 18.98
N THR E 34 46.40 10.58 18.73
CA THR E 34 46.68 11.24 17.45
C THR E 34 48.16 11.52 17.29
N ASP E 35 48.86 11.72 18.40
CA ASP E 35 50.28 12.00 18.33
C ASP E 35 51.07 10.86 17.72
N LEU E 36 50.54 9.65 17.76
CA LEU E 36 51.24 8.48 17.23
C LEU E 36 50.92 8.21 15.77
N SER E 37 49.82 8.74 15.26
CA SER E 37 49.29 8.34 13.96
C SER E 37 50.23 8.68 12.81
N ASN E 38 49.82 8.31 11.61
CA ASN E 38 50.41 8.82 10.40
C ASN E 38 49.68 10.03 9.86
N THR E 39 48.42 10.23 10.24
CA THR E 39 47.65 11.35 9.71
C THR E 39 48.18 12.69 10.18
N ARG E 40 48.89 12.72 11.32
CA ARG E 40 49.69 13.86 11.70
C ARG E 40 51.14 13.57 11.39
N SER E 41 51.85 14.61 10.96
CA SER E 41 53.23 14.46 10.60
C SER E 41 54.12 14.59 11.83
N THR E 42 55.41 14.63 11.59
CA THR E 42 56.40 14.48 12.64
C THR E 42 56.94 15.83 13.09
N ARG E 43 57.62 15.76 14.23
CA ARG E 43 58.14 16.95 14.85
C ARG E 43 59.30 17.54 14.06
N LYS E 44 60.09 16.67 13.45
CA LYS E 44 61.21 17.13 12.63
C LYS E 44 60.70 17.95 11.47
N GLN E 45 59.72 17.43 10.75
CA GLN E 45 59.14 18.17 9.63
C GLN E 45 58.62 19.51 10.09
N PHE E 46 57.91 19.48 11.22
CA PHE E 46 57.35 20.68 11.80
C PHE E 46 58.42 21.70 12.11
N ASP E 47 59.62 21.21 12.42
CA ASP E 47 60.73 22.12 12.67
C ASP E 47 61.26 22.68 11.37
N THR E 48 61.47 21.83 10.38
CA THR E 48 62.17 22.27 9.18
C THR E 48 61.32 23.21 8.37
N TRP E 49 60.00 23.08 8.44
CA TRP E 49 59.14 24.09 7.84
C TRP E 49 59.35 25.43 8.52
N PHE E 50 59.25 25.39 9.86
CA PHE E 50 59.40 26.55 10.72
C PHE E 50 60.74 27.23 10.57
N GLU E 51 61.74 26.52 10.06
CA GLU E 51 63.06 27.07 9.84
C GLU E 51 63.29 27.50 8.41
N GLY E 52 62.73 26.76 7.46
CA GLY E 52 62.86 27.16 6.06
C GLY E 52 62.19 28.47 5.80
N VAL E 53 61.05 28.71 6.44
CA VAL E 53 60.47 30.04 6.39
C VAL E 53 61.40 31.05 7.04
N MET E 54 62.06 30.64 8.12
CA MET E 54 62.94 31.55 8.86
C MET E 54 64.08 32.01 7.98
N ALA E 55 64.53 31.15 7.07
CA ALA E 55 65.53 31.54 6.10
C ALA E 55 64.94 32.50 5.08
N ASP E 56 63.65 32.38 4.80
CA ASP E 56 63.05 33.15 3.72
C ASP E 56 62.83 34.60 4.14
N TYR E 57 62.05 34.81 5.19
CA TYR E 57 61.51 36.12 5.49
C TYR E 57 62.35 36.92 6.46
N GLU E 58 63.34 36.29 7.09
CA GLU E 58 64.45 36.99 7.74
C GLU E 58 63.95 37.91 8.85
N LEU E 59 63.42 37.27 9.89
CA LEU E 59 62.83 37.97 11.02
C LEU E 59 63.76 38.08 12.22
N THR E 60 64.45 37.00 12.55
CA THR E 60 65.21 36.89 13.79
C THR E 60 64.33 37.21 14.98
N GLU E 61 63.09 36.72 14.93
CA GLU E 61 62.10 37.09 15.92
C GLU E 61 61.04 36.00 15.98
N ASP E 62 60.35 35.94 17.12
CA ASP E 62 59.13 35.17 17.25
C ASP E 62 57.90 35.98 16.90
N LYS E 63 58.06 36.95 15.99
CA LYS E 63 56.90 37.58 15.38
C LYS E 63 56.20 36.62 14.45
N MET E 64 56.95 35.64 13.93
CA MET E 64 56.39 34.57 13.14
C MET E 64 55.27 33.85 13.88
N GLN E 65 55.30 33.88 15.22
CA GLN E 65 54.14 33.53 16.03
C GLN E 65 52.90 34.24 15.49
N ILE E 66 52.97 35.56 15.44
CA ILE E 66 51.83 36.36 15.02
C ILE E 66 51.54 36.11 13.57
N ILE E 67 52.57 35.90 12.77
CA ILE E 67 52.38 35.69 11.34
C ILE E 67 51.55 34.44 11.11
N LEU E 68 52.05 33.32 11.62
CA LEU E 68 51.38 32.04 11.47
C LEU E 68 49.98 32.10 12.04
N ASN E 69 49.81 32.85 13.14
CA ASN E 69 48.47 33.11 13.65
C ASN E 69 47.62 33.76 12.57
N GLY E 70 48.22 34.63 11.77
CA GLY E 70 47.52 35.15 10.61
C GLY E 70 47.19 34.07 9.61
N LEU E 71 48.17 33.19 9.34
CA LEU E 71 48.01 32.21 8.27
C LEU E 71 46.88 31.24 8.58
N MET E 72 46.61 31.05 9.86
CA MET E 72 45.43 30.30 10.29
C MET E 72 44.20 30.72 9.52
N VAL E 73 44.01 32.02 9.34
CA VAL E 73 42.70 32.51 8.98
C VAL E 73 42.46 32.37 7.49
N TRP E 74 43.39 32.87 6.68
CA TRP E 74 43.26 32.66 5.24
C TRP E 74 43.32 31.19 4.91
N CYS E 75 44.04 30.41 5.72
CA CYS E 75 43.99 28.96 5.57
C CYS E 75 42.57 28.45 5.82
N ILE E 76 41.86 29.08 6.74
CA ILE E 76 40.52 28.60 7.09
C ILE E 76 39.54 28.95 5.99
N GLU E 77 39.35 30.24 5.75
CA GLU E 77 38.20 30.72 4.99
C GLU E 77 38.21 30.24 3.55
N ASN E 78 39.29 29.65 3.07
CA ASN E 78 39.40 29.20 1.70
C ASN E 78 40.01 27.81 1.66
N GLY E 79 40.02 27.23 0.47
CA GLY E 79 40.44 25.86 0.26
C GLY E 79 41.88 25.57 0.65
N THR E 80 42.28 24.31 0.53
CA THR E 80 43.63 23.87 0.87
C THR E 80 44.07 22.87 -0.19
N SER E 81 45.01 23.29 -1.02
CA SER E 81 45.51 22.45 -2.09
C SER E 81 46.80 23.07 -2.60
N PRO E 82 47.67 22.30 -3.22
CA PRO E 82 48.80 22.92 -3.91
C PRO E 82 48.35 23.86 -5.01
N ASN E 83 47.19 23.59 -5.59
CA ASN E 83 46.67 24.36 -6.71
C ASN E 83 46.14 25.68 -6.18
N ILE E 84 47.06 26.58 -5.83
CA ILE E 84 46.73 27.90 -5.34
C ILE E 84 47.65 28.91 -5.99
N ASN E 85 47.12 30.09 -6.27
CA ASN E 85 47.92 31.21 -6.74
C ASN E 85 47.31 32.49 -6.18
N GLY E 86 47.93 33.61 -6.51
CA GLY E 86 47.47 34.91 -6.05
C GLY E 86 48.32 35.40 -4.89
N MET E 87 47.65 35.79 -3.81
CA MET E 87 48.33 36.18 -2.57
C MET E 87 47.40 35.81 -1.43
N TRP E 88 47.76 36.22 -0.22
CA TRP E 88 46.80 36.34 0.86
C TRP E 88 47.14 37.58 1.64
N VAL E 89 46.28 37.91 2.61
CA VAL E 89 46.47 39.10 3.41
C VAL E 89 45.66 38.98 4.69
N MET E 90 46.15 39.63 5.74
CA MET E 90 45.32 39.98 6.89
C MET E 90 45.39 41.48 7.10
N MET E 91 44.86 41.97 8.20
CA MET E 91 44.73 43.40 8.43
C MET E 91 45.34 43.81 9.76
N ASP E 92 45.47 45.14 9.90
CA ASP E 92 45.90 45.78 11.14
C ASP E 92 45.06 47.04 11.27
N GLY E 93 43.92 46.91 11.91
CA GLY E 93 42.99 48.03 11.99
C GLY E 93 42.15 48.11 10.74
N ASP E 94 42.54 49.01 9.83
CA ASP E 94 41.91 49.17 8.53
C ASP E 94 42.87 48.92 7.37
N ASP E 95 44.11 48.54 7.67
CA ASP E 95 45.12 48.33 6.66
C ASP E 95 45.08 46.88 6.18
N GLN E 96 45.71 46.64 5.04
CA GLN E 96 45.59 45.36 4.33
C GLN E 96 46.94 44.92 3.80
N VAL E 97 47.93 44.87 4.69
CA VAL E 97 49.29 44.57 4.29
C VAL E 97 49.37 43.13 3.81
N GLU E 98 49.65 42.95 2.53
CA GLU E 98 49.52 41.67 1.87
C GLU E 98 50.71 40.75 2.19
N PHE E 99 50.74 39.58 1.57
CA PHE E 99 51.78 38.60 1.83
C PHE E 99 51.76 37.49 0.78
N PRO E 100 52.92 36.92 0.39
CA PRO E 100 52.91 35.88 -0.64
C PRO E 100 52.60 34.48 -0.13
N ILE E 101 52.73 33.49 -1.02
CA ILE E 101 52.17 32.17 -0.84
C ILE E 101 53.24 31.09 -0.88
N LYS E 102 53.82 30.93 -2.06
CA LYS E 102 54.41 29.68 -2.54
C LYS E 102 55.40 29.00 -1.59
N PRO E 103 56.42 29.67 -1.07
CA PRO E 103 57.48 28.95 -0.35
C PRO E 103 57.00 28.32 0.94
N LEU E 104 55.82 28.70 1.42
CA LEU E 104 55.19 27.96 2.51
C LEU E 104 54.59 26.65 2.07
N ILE E 105 54.70 26.32 0.78
CA ILE E 105 54.10 25.13 0.19
C ILE E 105 55.15 24.27 -0.46
N ASP E 106 56.09 24.88 -1.16
CA ASP E 106 57.11 24.10 -1.82
C ASP E 106 58.15 23.54 -0.87
N HIS E 107 58.02 23.78 0.44
CA HIS E 107 59.05 23.44 1.41
C HIS E 107 58.46 22.65 2.57
N ALA E 108 57.59 21.69 2.26
CA ALA E 108 57.19 20.67 3.20
C ALA E 108 57.06 19.35 2.47
N LYS E 109 57.44 18.26 3.13
CA LYS E 109 57.68 17.01 2.43
C LYS E 109 56.37 16.28 2.18
N PRO E 110 55.53 16.11 3.18
CA PRO E 110 54.13 15.77 2.91
C PRO E 110 53.36 17.05 2.65
N THR E 111 52.05 16.95 2.52
CA THR E 111 51.26 18.05 1.98
C THR E 111 50.96 19.11 3.03
N PHE E 112 50.07 20.02 2.67
CA PHE E 112 49.73 21.18 3.49
C PHE E 112 48.73 20.82 4.59
N ARG E 113 47.77 19.98 4.27
CA ARG E 113 46.86 19.50 5.29
C ARG E 113 47.61 18.68 6.32
N GLN E 114 48.57 17.91 5.87
CA GLN E 114 49.33 17.03 6.74
C GLN E 114 50.24 17.80 7.70
N ILE E 115 50.38 19.11 7.53
CA ILE E 115 51.07 19.97 8.48
C ILE E 115 50.09 20.79 9.30
N MET E 116 49.03 21.28 8.68
CA MET E 116 48.09 22.13 9.40
C MET E 116 47.16 21.34 10.29
N ALA E 117 47.27 20.02 10.32
CA ALA E 117 46.38 19.21 11.16
C ALA E 117 46.54 19.53 12.63
N HIS E 118 47.67 20.11 13.03
CA HIS E 118 47.81 20.59 14.40
C HIS E 118 46.72 21.58 14.72
N PHE E 119 46.69 22.68 13.99
CA PHE E 119 45.99 23.88 14.43
C PHE E 119 44.50 23.61 14.28
N SER E 120 43.97 22.99 15.32
CA SER E 120 42.60 22.49 15.35
C SER E 120 41.76 23.21 16.37
N ASP E 121 42.17 23.16 17.62
CA ASP E 121 41.35 23.63 18.71
C ASP E 121 41.43 25.14 18.89
N VAL E 122 42.50 25.76 18.41
CA VAL E 122 42.66 27.19 18.57
C VAL E 122 41.57 27.91 17.78
N ALA E 123 41.52 27.63 16.47
CA ALA E 123 40.45 28.17 15.65
C ALA E 123 39.09 27.66 16.11
N GLU E 124 39.05 26.50 16.75
CA GLU E 124 37.78 26.00 17.27
C GLU E 124 37.23 26.97 18.30
N ALA E 125 38.02 27.29 19.31
CA ALA E 125 37.58 28.25 20.31
C ALA E 125 37.35 29.62 19.69
N TYR E 126 38.14 29.95 18.67
CA TYR E 126 37.97 31.20 17.94
C TYR E 126 36.54 31.33 17.46
N ILE E 127 36.10 30.33 16.69
CA ILE E 127 34.78 30.42 16.10
C ILE E 127 33.72 30.28 17.17
N GLU E 128 34.03 29.60 18.27
CA GLU E 128 33.07 29.54 19.36
C GLU E 128 32.79 30.95 19.89
N LYS E 129 33.84 31.71 20.14
CA LYS E 129 33.64 33.08 20.61
C LYS E 129 32.91 33.91 19.57
N ARG E 130 33.54 34.11 18.42
CA ARG E 130 33.02 35.09 17.49
C ARG E 130 31.73 34.63 16.84
N ASN E 131 31.35 33.37 17.02
CA ASN E 131 29.98 32.96 16.71
C ASN E 131 29.05 33.27 17.87
N GLN E 132 29.54 33.15 19.09
CA GLN E 132 28.69 33.46 20.23
C GLN E 132 28.28 34.92 20.21
N ASP E 133 29.15 35.79 19.68
CA ASP E 133 28.76 37.18 19.54
C ASP E 133 27.71 37.35 18.46
N ARG E 134 27.91 36.72 17.32
CA ARG E 134 27.21 37.07 16.10
C ARG E 134 27.04 35.84 15.22
N PRO E 135 26.12 35.87 14.28
CA PRO E 135 25.85 34.66 13.51
C PRO E 135 26.84 34.49 12.36
N TYR E 136 28.07 34.15 12.71
CA TYR E 136 29.05 33.80 11.71
C TYR E 136 28.83 32.38 11.26
N MET E 137 29.07 32.14 9.98
CA MET E 137 29.26 30.82 9.46
C MET E 137 30.41 30.96 8.48
N PRO E 138 31.26 29.96 8.34
CA PRO E 138 32.32 30.06 7.33
C PRO E 138 31.85 29.85 5.92
N ARG E 139 32.83 29.80 5.03
CA ARG E 139 32.56 29.66 3.60
C ARG E 139 32.15 28.24 3.26
N TYR E 140 32.90 27.28 3.77
CA TYR E 140 32.95 25.95 3.17
C TYR E 140 31.60 25.26 3.18
N GLY E 141 30.70 25.63 4.08
CA GLY E 141 29.36 25.07 4.10
C GLY E 141 28.43 25.86 3.23
N LEU E 142 28.66 27.17 3.14
CA LEU E 142 27.78 28.02 2.35
C LEU E 142 27.85 27.68 0.88
N GLN E 143 28.95 27.08 0.44
CA GLN E 143 28.98 26.50 -0.89
C GLN E 143 28.28 25.17 -0.91
N ARG E 144 28.29 24.46 0.22
CA ARG E 144 27.74 23.12 0.32
C ARG E 144 26.40 23.09 1.05
N ASN E 145 25.88 24.23 1.44
CA ASN E 145 24.53 24.34 1.96
C ASN E 145 24.34 23.56 3.25
N LEU E 146 25.08 23.95 4.29
CA LEU E 146 24.67 23.58 5.63
C LEU E 146 23.34 24.22 5.96
N THR E 147 22.78 23.77 7.07
CA THR E 147 21.46 24.21 7.53
C THR E 147 21.52 24.81 8.91
N ASP E 148 22.20 24.16 9.85
CA ASP E 148 22.18 24.56 11.24
C ASP E 148 23.24 25.61 11.49
N MET E 149 22.84 26.73 12.07
CA MET E 149 23.80 27.71 12.52
C MET E 149 24.68 27.19 13.63
N SER E 150 24.20 26.21 14.39
CA SER E 150 24.99 25.67 15.50
C SER E 150 26.21 24.94 14.99
N LEU E 151 26.08 24.26 13.86
CA LEU E 151 27.08 23.30 13.42
C LEU E 151 28.18 23.93 12.60
N ALA E 152 28.46 25.21 12.84
CA ALA E 152 29.65 25.85 12.30
C ALA E 152 30.94 25.21 12.81
N ARG E 153 30.85 24.42 13.88
CA ARG E 153 32.04 23.95 14.59
C ARG E 153 32.96 23.16 13.68
N TYR E 154 32.43 22.53 12.65
CA TYR E 154 33.21 21.58 11.86
C TYR E 154 32.92 21.76 10.39
N ALA E 155 32.70 22.99 9.96
CA ALA E 155 32.63 23.30 8.53
C ALA E 155 33.99 23.72 8.01
N PHE E 156 35.00 22.94 8.36
CA PHE E 156 36.36 23.20 7.92
C PHE E 156 36.64 22.44 6.66
N ASP E 157 37.78 22.77 6.06
CA ASP E 157 38.34 21.95 5.02
C ASP E 157 39.10 20.78 5.60
N PHE E 158 39.44 20.84 6.89
CA PHE E 158 40.37 19.89 7.47
C PHE E 158 40.17 19.78 8.97
N TYR E 159 40.50 18.60 9.47
CA TYR E 159 40.23 18.22 10.85
C TYR E 159 40.79 16.82 11.04
N GLU E 160 41.03 16.46 12.30
CA GLU E 160 41.40 15.10 12.68
C GLU E 160 40.41 14.60 13.72
N MET E 161 39.69 13.53 13.37
CA MET E 161 38.75 12.94 14.29
C MET E 161 39.47 12.35 15.49
N THR E 162 38.82 12.43 16.65
CA THR E 162 39.40 11.99 17.90
C THR E 162 38.33 11.32 18.74
N SER E 163 38.78 10.63 19.77
CA SER E 163 37.89 9.92 20.69
C SER E 163 37.49 10.78 21.87
N ARG E 164 37.04 12.00 21.58
CA ARG E 164 36.44 12.86 22.58
C ARG E 164 35.28 13.63 22.00
N THR E 165 34.69 13.15 20.93
CA THR E 165 33.89 13.97 20.04
C THR E 165 32.50 13.39 19.87
N PRO E 166 31.55 14.19 19.44
CA PRO E 166 30.15 13.75 19.43
C PRO E 166 29.87 12.79 18.28
N ILE E 167 28.61 12.38 18.21
CA ILE E 167 28.14 11.41 17.24
C ILE E 167 27.56 12.09 16.02
N ARG E 168 26.73 13.09 16.27
CA ARG E 168 25.90 13.65 15.22
C ARG E 168 26.74 14.28 14.13
N ALA E 169 27.60 15.23 14.50
CA ALA E 169 28.31 16.05 13.52
C ALA E 169 29.22 15.21 12.63
N ARG E 170 29.64 14.05 13.10
CA ARG E 170 30.47 13.17 12.30
C ARG E 170 29.80 12.85 10.98
N GLU E 171 28.50 12.63 11.02
CA GLU E 171 27.75 12.27 9.82
C GLU E 171 27.88 13.35 8.77
N ALA E 172 27.60 14.59 9.15
CA ALA E 172 27.71 15.69 8.21
C ALA E 172 29.15 15.85 7.74
N HIS E 173 30.10 15.61 8.64
CA HIS E 173 31.50 15.79 8.26
C HIS E 173 31.88 14.86 7.14
N ILE E 174 31.50 13.60 7.26
CA ILE E 174 31.98 12.61 6.32
C ILE E 174 31.14 12.62 5.06
N GLN E 175 29.83 12.75 5.20
CA GLN E 175 28.99 12.82 4.02
C GLN E 175 29.36 14.03 3.18
N MET E 176 29.42 15.19 3.82
CA MET E 176 29.76 16.40 3.09
C MET E 176 31.19 16.36 2.63
N LYS E 177 32.02 15.53 3.26
CA LYS E 177 33.37 15.33 2.74
C LYS E 177 33.30 14.66 1.39
N ALA E 178 32.83 13.41 1.37
CA ALA E 178 33.01 12.62 0.18
C ALA E 178 32.14 13.13 -0.95
N ALA E 179 30.93 13.55 -0.62
CA ALA E 179 30.04 14.00 -1.67
C ALA E 179 30.51 15.32 -2.24
N ALA E 180 31.25 16.10 -1.45
CA ALA E 180 31.86 17.30 -1.98
C ALA E 180 32.95 16.96 -2.97
N LEU E 181 33.46 15.73 -2.95
CA LEU E 181 34.30 15.23 -4.01
C LEU E 181 33.42 14.62 -5.08
N ARG E 182 33.89 14.67 -6.32
CA ARG E 182 33.31 13.94 -7.42
C ARG E 182 34.18 14.15 -8.65
N GLY E 183 34.21 13.13 -9.50
CA GLY E 183 34.74 13.28 -10.84
C GLY E 183 36.25 13.22 -10.93
N ALA E 184 36.93 13.99 -10.09
CA ALA E 184 38.39 13.99 -10.12
C ALA E 184 38.90 12.62 -9.76
N ASN E 185 39.85 12.13 -10.55
CA ASN E 185 40.29 10.75 -10.52
C ASN E 185 41.73 10.65 -10.01
N ASN E 186 42.09 9.45 -9.57
CA ASN E 186 43.47 9.14 -9.25
C ASN E 186 44.37 9.39 -10.46
N ASN E 187 43.96 8.87 -11.62
CA ASN E 187 44.42 9.25 -12.97
C ASN E 187 45.91 9.58 -13.02
N LEU E 188 46.70 8.55 -12.71
CA LEU E 188 48.10 8.70 -12.31
C LEU E 188 48.91 9.58 -13.24
N PHE E 189 49.08 9.15 -14.47
CA PHE E 189 50.15 9.64 -15.32
C PHE E 189 49.67 10.74 -16.25
N GLY E 190 50.62 11.58 -16.65
CA GLY E 190 50.37 12.60 -17.64
C GLY E 190 50.80 12.05 -18.98
N LEU E 191 51.94 12.50 -19.48
CA LEU E 191 52.51 11.96 -20.70
C LEU E 191 54.03 12.05 -20.63
N ASP E 192 54.67 11.29 -21.50
CA ASP E 192 56.10 11.06 -21.42
C ASP E 192 56.85 12.08 -22.27
N GLY E 193 58.15 12.21 -22.00
CA GLY E 193 58.98 13.21 -22.64
C GLY E 193 59.56 12.76 -23.96
N ASN E 194 60.01 11.52 -24.02
CA ASN E 194 60.65 11.04 -25.23
C ASN E 194 59.60 10.96 -26.31
N VAL E 195 59.53 12.01 -27.12
CA VAL E 195 58.52 12.14 -28.15
C VAL E 195 59.26 12.43 -29.46
N GLY E 196 59.69 11.37 -30.11
CA GLY E 196 60.18 11.44 -31.47
C GLY E 196 59.19 10.75 -32.37
N THR E 197 58.43 11.56 -33.09
CA THR E 197 57.46 11.01 -34.04
C THR E 197 58.13 10.21 -35.15
N THR E 198 59.45 10.34 -35.34
CA THR E 198 60.18 9.57 -36.32
C THR E 198 61.51 9.12 -35.74
N VAL E 199 62.20 8.32 -36.52
CA VAL E 199 63.54 7.83 -36.22
C VAL E 199 64.54 8.62 -37.02
N GLU E 200 65.74 8.78 -36.48
CA GLU E 200 66.83 9.38 -37.23
C GLU E 200 67.08 8.62 -38.52
N ASN E 201 67.50 9.35 -39.54
CA ASN E 201 67.67 8.75 -40.87
C ASN E 201 69.02 8.08 -41.00
N THR E 202 70.09 8.75 -40.58
CA THR E 202 71.43 8.18 -40.57
C THR E 202 71.90 7.88 -41.99
N GLU E 203 71.93 8.90 -42.82
CA GLU E 203 72.25 8.77 -44.24
C GLU E 203 73.11 9.96 -44.64
N ARG E 204 73.21 10.20 -45.94
CA ARG E 204 73.93 11.34 -46.47
C ARG E 204 73.23 11.86 -47.71
N HIS E 205 73.27 13.18 -47.88
CA HIS E 205 72.90 13.84 -49.12
C HIS E 205 74.15 14.13 -49.91
N THR E 206 74.09 13.82 -51.20
CA THR E 206 75.13 14.19 -52.14
C THR E 206 74.46 14.53 -53.46
N THR E 207 75.21 15.19 -54.33
CA THR E 207 74.71 15.61 -55.63
C THR E 207 74.50 14.40 -56.53
N PRO G 1 29.24 -49.32 37.22
CA PRO G 1 29.08 -49.30 35.77
C PRO G 1 29.60 -48.03 35.11
N ARG G 2 30.57 -48.19 34.21
CA ARG G 2 31.16 -47.05 33.49
C ARG G 2 31.67 -47.57 32.16
N LEU G 3 32.14 -46.64 31.34
CA LEU G 3 32.49 -46.95 29.95
C LEU G 3 33.22 -45.76 29.36
N LYS G 4 33.44 -45.81 28.04
CA LYS G 4 34.19 -44.81 27.29
C LYS G 4 33.34 -44.28 26.15
N SER G 5 33.80 -43.19 25.55
CA SER G 5 33.08 -42.57 24.44
C SER G 5 33.19 -43.40 23.18
N LEU G 6 34.42 -43.62 22.72
CA LEU G 6 34.64 -44.20 21.41
C LEU G 6 34.32 -45.69 21.42
N THR G 7 34.09 -46.22 20.23
CA THR G 7 33.54 -47.56 20.06
C THR G 7 34.32 -48.28 18.98
N SER G 8 33.88 -49.51 18.69
CA SER G 8 34.50 -50.36 17.67
C SER G 8 33.51 -50.91 16.67
N LYS G 9 32.27 -51.19 17.09
CA LYS G 9 31.24 -51.64 16.17
C LYS G 9 30.76 -50.54 15.23
N MET G 10 31.23 -49.31 15.41
CA MET G 10 30.83 -48.19 14.58
C MET G 10 31.12 -48.48 13.12
N ARG G 11 30.32 -47.87 12.27
CA ARG G 11 30.59 -47.87 10.84
C ARG G 11 31.84 -47.04 10.57
N VAL G 12 32.85 -47.67 9.99
CA VAL G 12 34.17 -47.08 9.82
C VAL G 12 34.73 -47.58 8.51
N PRO G 13 35.61 -46.85 7.83
CA PRO G 13 36.24 -47.42 6.64
C PRO G 13 37.11 -48.61 6.98
N ARG G 14 37.48 -49.37 5.94
CA ARG G 14 38.20 -50.63 6.11
C ARG G 14 39.03 -50.87 4.85
N TYR G 15 40.36 -50.90 5.01
CA TYR G 15 41.22 -51.31 3.91
C TYR G 15 40.88 -52.72 3.48
N GLU G 16 41.11 -53.67 4.36
CA GLU G 16 40.47 -54.96 4.32
C GLU G 16 39.65 -55.08 5.58
N LYS G 17 39.00 -56.23 5.73
CA LYS G 17 37.86 -56.33 6.61
C LYS G 17 38.26 -56.19 8.08
N ARG G 18 39.27 -56.96 8.51
CA ARG G 18 39.61 -56.99 9.93
C ARG G 18 40.18 -55.66 10.38
N VAL G 19 40.73 -54.89 9.45
CA VAL G 19 41.45 -53.69 9.85
C VAL G 19 40.47 -52.61 10.27
N ALA G 20 40.79 -51.96 11.38
CA ALA G 20 40.14 -50.74 11.82
C ALA G 20 41.19 -49.64 11.83
N LEU G 21 40.92 -48.55 11.13
CA LEU G 21 41.95 -47.60 10.76
C LEU G 21 42.12 -46.47 11.76
N ASN G 22 41.03 -45.82 12.15
CA ASN G 22 41.12 -44.77 13.16
C ASN G 22 41.35 -45.46 14.48
N LEU G 23 42.64 -45.70 14.76
CA LEU G 23 43.04 -46.42 15.94
C LEU G 23 42.56 -45.70 17.19
N ASP G 24 41.92 -46.44 18.07
CA ASP G 24 41.18 -45.84 19.18
C ASP G 24 42.07 -45.71 20.42
N HIS G 25 43.23 -45.11 20.20
CA HIS G 25 44.08 -44.60 21.28
C HIS G 25 44.18 -43.08 21.22
N LEU G 26 43.29 -42.43 20.49
CA LEU G 26 43.33 -40.99 20.29
C LEU G 26 42.53 -40.25 21.33
N ILE G 27 42.39 -40.83 22.51
CA ILE G 27 41.64 -40.20 23.58
C ILE G 27 42.26 -38.86 23.95
N LEU G 28 43.57 -38.74 23.82
CA LEU G 28 44.31 -37.61 24.34
C LEU G 28 44.94 -36.87 23.18
N TYR G 29 44.14 -36.01 22.55
CA TYR G 29 44.67 -35.10 21.55
C TYR G 29 43.66 -33.96 21.40
N THR G 30 43.92 -32.85 22.09
CA THR G 30 43.11 -31.65 21.97
C THR G 30 43.99 -30.44 22.18
N PRO G 31 44.88 -30.18 21.26
CA PRO G 31 45.64 -28.93 21.32
C PRO G 31 44.74 -27.73 21.08
N GLU G 32 45.31 -26.53 21.17
CA GLU G 32 44.55 -25.33 20.91
C GLU G 32 44.04 -25.31 19.48
N GLN G 33 42.82 -24.80 19.32
CA GLN G 33 42.19 -24.84 18.01
C GLN G 33 42.90 -23.93 17.04
N THR G 34 43.07 -22.67 17.42
CA THR G 34 43.72 -21.71 16.53
C THR G 34 45.15 -22.10 16.25
N ASP G 35 45.79 -22.80 17.19
CA ASP G 35 47.17 -23.20 17.01
C ASP G 35 47.34 -24.15 15.84
N LEU G 36 46.29 -24.84 15.44
CA LEU G 36 46.36 -25.80 14.35
C LEU G 36 46.05 -25.19 13.00
N SER G 37 45.38 -24.05 12.97
CA SER G 37 44.82 -23.51 11.73
C SER G 37 45.87 -23.16 10.70
N ASN G 38 45.41 -22.69 9.54
CA ASN G 38 46.27 -22.03 8.59
C ASN G 38 46.26 -20.52 8.76
N THR G 39 45.23 -19.97 9.40
CA THR G 39 45.14 -18.52 9.55
C THR G 39 46.23 -17.97 10.46
N ARG G 40 46.78 -18.78 11.34
CA ARG G 40 48.01 -18.47 12.04
C ARG G 40 49.15 -19.21 11.39
N SER G 41 50.31 -18.55 11.34
CA SER G 41 51.46 -19.15 10.70
C SER G 41 52.20 -20.02 11.71
N THR G 42 53.37 -20.47 11.29
CA THR G 42 54.09 -21.52 11.98
C THR G 42 55.19 -20.97 12.87
N ARG G 43 55.67 -21.84 13.73
CA ARG G 43 56.66 -21.47 14.72
C ARG G 43 58.01 -21.21 14.05
N LYS G 44 58.32 -21.95 13.00
CA LYS G 44 59.56 -21.73 12.28
C LYS G 44 59.61 -20.33 11.69
N GLN G 45 58.55 -19.94 11.00
CA GLN G 45 58.48 -18.61 10.43
C GLN G 45 58.65 -17.56 11.51
N PHE G 46 57.94 -17.77 12.61
CA PHE G 46 57.99 -16.88 13.75
C PHE G 46 59.41 -16.74 14.27
N ASP G 47 60.19 -17.80 14.13
CA ASP G 47 61.58 -17.75 14.56
C ASP G 47 62.41 -16.96 13.55
N THR G 48 62.24 -17.25 12.26
CA THR G 48 63.15 -16.69 11.28
C THR G 48 62.93 -15.20 11.11
N TRP G 49 61.71 -14.73 11.35
CA TRP G 49 61.49 -13.29 11.39
C TRP G 49 62.27 -12.69 12.55
N PHE G 50 62.08 -13.28 13.72
CA PHE G 50 62.72 -12.86 14.96
C PHE G 50 64.24 -12.90 14.90
N GLU G 51 64.79 -13.66 13.97
CA GLU G 51 66.23 -13.77 13.78
C GLU G 51 66.73 -12.88 12.65
N GLY G 52 65.95 -12.74 11.59
CA GLY G 52 66.35 -11.87 10.51
C GLY G 52 66.42 -10.43 10.96
N VAL G 53 65.50 -10.03 11.83
CA VAL G 53 65.65 -8.72 12.46
C VAL G 53 66.91 -8.69 13.30
N MET G 54 67.22 -9.80 13.98
CA MET G 54 68.36 -9.86 14.86
C MET G 54 69.64 -9.62 14.09
N ALA G 55 69.67 -10.08 12.84
CA ALA G 55 70.81 -9.78 11.97
C ALA G 55 70.83 -8.31 11.58
N ASP G 56 69.66 -7.69 11.51
CA ASP G 56 69.59 -6.33 10.99
C ASP G 56 70.07 -5.32 12.02
N TYR G 57 69.43 -5.29 13.17
CA TYR G 57 69.58 -4.18 14.09
C TYR G 57 70.63 -4.41 15.17
N GLU G 58 71.15 -5.63 15.28
CA GLU G 58 72.41 -5.91 15.95
C GLU G 58 72.36 -5.50 17.43
N LEU G 59 71.52 -6.21 18.16
CA LEU G 59 71.26 -5.93 19.57
C LEU G 59 72.03 -6.82 20.52
N THR G 60 72.09 -8.12 20.22
CA THR G 60 72.63 -9.12 21.14
C THR G 60 71.92 -9.02 22.49
N GLU G 61 70.62 -8.79 22.45
CA GLU G 61 69.86 -8.51 23.66
C GLU G 61 68.42 -8.88 23.42
N ASP G 62 67.70 -9.13 24.51
CA ASP G 62 66.25 -9.21 24.51
C ASP G 62 65.60 -7.87 24.76
N LYS G 63 66.27 -6.79 24.36
CA LYS G 63 65.62 -5.49 24.29
C LYS G 63 64.60 -5.48 23.17
N MET G 64 64.81 -6.32 22.16
CA MET G 64 63.84 -6.51 21.10
C MET G 64 62.47 -6.88 21.64
N GLN G 65 62.43 -7.49 22.83
CA GLN G 65 61.20 -7.58 23.60
C GLN G 65 60.49 -6.23 23.64
N ILE G 66 61.20 -5.24 24.15
CA ILE G 66 60.64 -3.92 24.32
C ILE G 66 60.35 -3.30 22.97
N ILE G 67 61.21 -3.57 22.00
CA ILE G 67 61.03 -2.98 20.68
C ILE G 67 59.71 -3.45 20.08
N LEU G 68 59.57 -4.76 19.96
CA LEU G 68 58.37 -5.35 19.39
C LEU G 68 57.14 -4.92 20.17
N ASN G 69 57.29 -4.77 21.48
CA ASN G 69 56.22 -4.19 22.27
C ASN G 69 55.87 -2.81 21.77
N GLY G 70 56.87 -2.06 21.32
CA GLY G 70 56.59 -0.81 20.65
C GLY G 70 55.85 -1.03 19.34
N LEU G 71 56.28 -2.01 18.55
CA LEU G 71 55.74 -2.19 17.21
C LEU G 71 54.27 -2.55 17.26
N MET G 72 53.84 -3.16 18.36
CA MET G 72 52.43 -3.38 18.62
C MET G 72 51.61 -2.14 18.33
N VAL G 73 52.09 -1.00 18.77
CA VAL G 73 51.21 0.16 18.89
C VAL G 73 51.04 0.85 17.55
N TRP G 74 52.15 1.17 16.88
CA TRP G 74 52.04 1.73 15.55
C TRP G 74 51.39 0.74 14.61
N CYS G 75 51.57 -0.56 14.87
CA CYS G 75 50.83 -1.55 14.12
C CYS G 75 49.34 -1.40 14.36
N ILE G 76 48.96 -1.04 15.57
CA ILE G 76 47.55 -0.93 15.91
C ILE G 76 46.92 0.30 15.26
N GLU G 77 47.42 1.47 15.64
CA GLU G 77 46.71 2.71 15.36
C GLU G 77 46.56 3.00 13.88
N ASN G 78 47.26 2.28 13.01
CA ASN G 78 47.22 2.52 11.58
C ASN G 78 47.09 1.20 10.85
N GLY G 79 46.88 1.31 9.54
CA GLY G 79 46.60 0.17 8.69
C GLY G 79 47.68 -0.89 8.66
N THR G 80 47.42 -1.98 7.94
CA THR G 80 48.35 -3.09 7.83
C THR G 80 48.33 -3.57 6.37
N SER G 81 49.40 -3.30 5.67
CA SER G 81 49.51 -3.67 4.27
C SER G 81 50.96 -3.56 3.86
N PRO G 82 51.38 -4.27 2.82
CA PRO G 82 52.71 -4.01 2.28
C PRO G 82 52.86 -2.58 1.79
N ASN G 83 51.76 -1.98 1.37
CA ASN G 83 51.76 -0.64 0.80
C ASN G 83 51.90 0.37 1.94
N ILE G 84 53.11 0.45 2.47
CA ILE G 84 53.44 1.39 3.52
C ILE G 84 54.79 2.03 3.22
N ASN G 85 54.92 3.30 3.59
CA ASN G 85 56.20 3.99 3.51
C ASN G 85 56.25 4.98 4.67
N GLY G 86 57.36 5.71 4.75
CA GLY G 86 57.56 6.69 5.79
C GLY G 86 58.46 6.14 6.89
N MET G 87 58.00 6.24 8.13
CA MET G 87 58.69 5.66 9.27
C MET G 87 57.62 5.28 10.28
N TRP G 88 58.06 4.87 11.47
CA TRP G 88 57.20 4.90 12.65
C TRP G 88 58.05 5.33 13.82
N VAL G 89 57.40 5.54 14.96
CA VAL G 89 58.10 5.98 16.15
C VAL G 89 57.25 5.67 17.37
N MET G 90 57.91 5.45 18.50
CA MET G 90 57.29 5.58 19.81
C MET G 90 58.07 6.59 20.62
N MET G 91 57.77 6.69 21.92
CA MET G 91 58.33 7.74 22.75
C MET G 91 58.98 7.15 24.00
N ASP G 92 59.74 8.03 24.67
CA ASP G 92 60.33 7.75 25.98
C ASP G 92 60.22 9.04 26.79
N GLY G 93 59.11 9.18 27.49
CA GLY G 93 58.84 10.41 28.20
C GLY G 93 58.24 11.43 27.27
N ASP G 94 59.08 12.35 26.79
CA ASP G 94 58.69 13.37 25.82
C ASP G 94 59.49 13.26 24.52
N ASP G 95 60.36 12.27 24.40
CA ASP G 95 61.21 12.11 23.23
C ASP G 95 60.50 11.25 22.20
N GLN G 96 61.00 11.29 20.97
CA GLN G 96 60.32 10.71 19.82
C GLN G 96 61.32 10.00 18.93
N VAL G 97 62.09 9.09 19.52
CA VAL G 97 63.16 8.42 18.80
C VAL G 97 62.55 7.51 17.74
N GLU G 98 62.81 7.83 16.48
CA GLU G 98 62.11 7.23 15.36
C GLU G 98 62.67 5.84 15.05
N PHE G 99 62.16 5.22 13.99
CA PHE G 99 62.58 3.88 13.61
C PHE G 99 62.10 3.53 12.21
N PRO G 100 62.85 2.73 11.43
CA PRO G 100 62.39 2.42 10.06
C PRO G 100 61.41 1.27 9.96
N ILE G 101 61.10 0.87 8.73
CA ILE G 101 59.95 0.04 8.42
C ILE G 101 60.37 -1.25 7.72
N LYS G 102 60.87 -1.09 6.50
CA LYS G 102 60.81 -2.10 5.44
C LYS G 102 61.27 -3.50 5.82
N PRO G 103 62.46 -3.71 6.40
CA PRO G 103 62.97 -5.07 6.54
C PRO G 103 62.16 -5.92 7.49
N LEU G 104 61.28 -5.32 8.28
CA LEU G 104 60.30 -6.07 9.03
C LEU G 104 59.17 -6.59 8.18
N ILE G 105 59.20 -6.31 6.88
CA ILE G 105 58.13 -6.66 5.96
C ILE G 105 58.65 -7.50 4.82
N ASP G 106 59.83 -7.15 4.30
CA ASP G 106 60.38 -7.91 3.19
C ASP G 106 60.96 -9.25 3.63
N HIS G 107 60.87 -9.61 4.91
CA HIS G 107 61.53 -10.78 5.45
C HIS G 107 60.55 -11.65 6.24
N ALA G 108 59.35 -11.83 5.70
CA ALA G 108 58.42 -12.85 6.16
C ALA G 108 57.73 -13.46 4.96
N LYS G 109 57.49 -14.77 5.02
CA LYS G 109 57.12 -15.50 3.81
C LYS G 109 55.65 -15.33 3.50
N PRO G 110 54.77 -15.54 4.46
CA PRO G 110 53.41 -15.02 4.31
C PRO G 110 53.38 -13.58 4.77
N THR G 111 52.19 -12.98 4.83
CA THR G 111 52.07 -11.54 4.97
C THR G 111 52.27 -11.09 6.42
N PHE G 112 51.96 -9.82 6.65
CA PHE G 112 52.18 -9.16 7.92
C PHE G 112 51.06 -9.47 8.91
N ARG G 113 49.83 -9.52 8.43
CA ARG G 113 48.73 -9.94 9.29
C ARG G 113 48.92 -11.37 9.73
N GLN G 114 49.41 -12.20 8.82
CA GLN G 114 49.58 -13.61 9.09
C GLN G 114 50.68 -13.89 10.10
N ILE G 115 51.45 -12.88 10.50
CA ILE G 115 52.41 -12.99 11.59
C ILE G 115 51.90 -12.30 12.84
N MET G 116 51.26 -11.14 12.68
CA MET G 116 50.82 -10.41 13.85
C MET G 116 49.55 -10.96 14.46
N ALA G 117 49.00 -12.04 13.90
CA ALA G 117 47.79 -12.63 14.45
C ALA G 117 47.97 -13.14 15.86
N HIS G 118 49.21 -13.40 16.26
CA HIS G 118 49.47 -13.73 17.65
C HIS G 118 48.99 -12.63 18.56
N PHE G 119 49.55 -11.43 18.40
CA PHE G 119 49.50 -10.41 19.42
C PHE G 119 48.08 -9.86 19.43
N SER G 120 47.23 -10.56 20.18
CA SER G 120 45.81 -10.34 20.22
C SER G 120 45.35 -9.86 21.58
N ASP G 121 45.62 -10.66 22.61
CA ASP G 121 45.05 -10.42 23.92
C ASP G 121 45.84 -9.41 24.71
N VAL G 122 47.10 -9.21 24.37
CA VAL G 122 47.93 -8.26 25.10
C VAL G 122 47.40 -6.86 24.89
N ALA G 123 47.30 -6.45 23.62
CA ALA G 123 46.68 -5.17 23.32
C ALA G 123 45.23 -5.14 23.73
N GLU G 124 44.58 -6.30 23.81
CA GLU G 124 43.20 -6.32 24.28
C GLU G 124 43.12 -5.81 25.70
N ALA G 125 43.89 -6.40 26.59
CA ALA G 125 43.91 -5.93 27.97
C ALA G 125 44.44 -4.50 28.05
N TYR G 126 45.35 -4.14 27.15
CA TYR G 126 45.85 -2.77 27.09
C TYR G 126 44.70 -1.79 26.96
N ILE G 127 43.90 -1.99 25.92
CA ILE G 127 42.82 -1.06 25.66
C ILE G 127 41.77 -1.15 26.74
N GLU G 128 41.62 -2.32 27.36
CA GLU G 128 40.69 -2.42 28.47
C GLU G 128 41.09 -1.48 29.59
N LYS G 129 42.36 -1.49 29.96
CA LYS G 129 42.82 -0.58 31.00
C LYS G 129 42.67 0.86 30.57
N ARG G 130 43.39 1.25 29.52
CA ARG G 130 43.48 2.66 29.23
C ARG G 130 42.17 3.22 28.66
N ASN G 131 41.21 2.35 28.34
CA ASN G 131 39.85 2.80 28.13
C ASN G 131 39.11 2.95 29.44
N GLN G 132 39.40 2.07 30.40
CA GLN G 132 38.73 2.18 31.69
C GLN G 132 39.09 3.47 32.38
N ASP G 133 40.29 3.98 32.13
CA ASP G 133 40.66 5.28 32.67
C ASP G 133 39.89 6.39 31.97
N ARG G 134 39.84 6.34 30.66
CA ARG G 134 39.48 7.50 29.85
C ARG G 134 38.80 7.04 28.56
N PRO G 135 38.07 7.92 27.91
CA PRO G 135 37.30 7.49 26.74
C PRO G 135 38.16 7.43 25.47
N TYR G 136 39.04 6.44 25.45
CA TYR G 136 39.79 6.17 24.23
C TYR G 136 38.93 5.40 23.25
N MET G 137 39.11 5.71 21.98
CA MET G 137 38.67 4.86 20.91
C MET G 137 39.81 4.88 19.90
N PRO G 138 40.07 3.80 19.20
CA PRO G 138 41.10 3.85 18.18
C PRO G 138 40.69 4.57 16.91
N ARG G 139 41.58 4.47 15.93
CA ARG G 139 41.37 5.15 14.66
C ARG G 139 40.35 4.42 13.81
N TYR G 140 40.49 3.11 13.72
CA TYR G 140 39.93 2.36 12.62
C TYR G 140 38.42 2.45 12.55
N GLY G 141 37.76 2.72 13.67
CA GLY G 141 36.32 2.91 13.68
C GLY G 141 35.94 4.35 13.40
N LEU G 142 36.80 5.27 13.85
CA LEU G 142 36.50 6.68 13.67
C LEU G 142 36.49 7.07 12.20
N GLN G 143 37.18 6.32 11.37
CA GLN G 143 37.02 6.48 9.94
C GLN G 143 35.75 5.79 9.46
N ARG G 144 35.35 4.73 10.14
CA ARG G 144 34.20 3.92 9.77
C ARG G 144 32.97 4.18 10.62
N ASN G 145 33.06 5.12 11.56
CA ASN G 145 31.90 5.58 12.30
C ASN G 145 31.27 4.48 13.14
N LEU G 146 32.02 3.96 14.09
CA LEU G 146 31.41 3.24 15.18
C LEU G 146 30.53 4.19 15.99
N THR G 147 29.74 3.60 16.88
CA THR G 147 28.78 4.33 17.70
C THR G 147 29.04 4.13 19.18
N ASP G 148 29.24 2.89 19.60
CA ASP G 148 29.33 2.56 21.02
C ASP G 148 30.75 2.75 21.50
N MET G 149 30.91 3.51 22.57
CA MET G 149 32.20 3.61 23.23
C MET G 149 32.63 2.30 23.84
N SER G 150 31.67 1.42 24.17
CA SER G 150 32.03 0.15 24.78
C SER G 150 32.76 -0.74 23.80
N LEU G 151 32.40 -0.68 22.53
CA LEU G 151 32.83 -1.67 21.55
C LEU G 151 34.15 -1.31 20.91
N ALA G 152 35.00 -0.58 21.62
CA ALA G 152 36.39 -0.40 21.21
C ALA G 152 37.17 -1.71 21.17
N ARG G 153 36.63 -2.76 21.79
CA ARG G 153 37.38 -3.99 22.00
C ARG G 153 37.86 -4.60 20.71
N TYR G 154 37.17 -4.35 19.61
CA TYR G 154 37.43 -5.07 18.37
C TYR G 154 37.36 -4.13 17.18
N ALA G 155 37.80 -2.90 17.39
CA ALA G 155 37.98 -1.97 16.26
C ALA G 155 39.41 -2.04 15.74
N PHE G 156 39.89 -3.26 15.55
CA PHE G 156 41.23 -3.49 15.05
C PHE G 156 41.20 -3.61 13.53
N ASP G 157 42.39 -3.62 12.96
CA ASP G 157 42.54 -4.02 11.58
C ASP G 157 42.59 -5.53 11.46
N PHE G 158 42.83 -6.23 12.57
CA PHE G 158 43.14 -7.64 12.50
C PHE G 158 42.80 -8.32 13.82
N TYR G 159 42.48 -9.60 13.71
CA TYR G 159 41.97 -10.41 14.81
C TYR G 159 41.76 -11.81 14.28
N GLU G 160 41.70 -12.78 15.19
CA GLU G 160 41.33 -14.15 14.88
C GLU G 160 40.15 -14.55 15.75
N MET G 161 39.04 -14.87 15.12
CA MET G 161 37.86 -15.31 15.83
C MET G 161 38.12 -16.63 16.52
N THR G 162 37.51 -16.81 17.69
CA THR G 162 37.72 -17.99 18.51
C THR G 162 36.40 -18.39 19.14
N SER G 163 36.40 -19.60 19.69
CA SER G 163 35.21 -20.14 20.34
C SER G 163 35.21 -19.85 21.83
N ARG G 164 35.44 -18.59 22.17
CA ARG G 164 35.26 -18.12 23.54
C ARG G 164 34.66 -16.73 23.57
N THR G 165 33.99 -16.33 22.51
CA THR G 165 33.76 -14.94 22.20
C THR G 165 32.27 -14.65 22.05
N PRO G 166 31.86 -13.40 22.17
CA PRO G 166 30.43 -13.09 22.22
C PRO G 166 29.79 -13.16 20.84
N ILE G 167 28.51 -12.85 20.82
CA ILE G 167 27.69 -12.93 19.62
C ILE G 167 27.59 -11.59 18.94
N ARG G 168 27.36 -10.55 19.74
CA ARG G 168 26.97 -9.26 19.19
C ARG G 168 28.09 -8.67 18.35
N ALA G 169 29.27 -8.52 18.94
CA ALA G 169 30.35 -7.79 18.30
C ALA G 169 30.79 -8.41 17.00
N ARG G 170 30.56 -9.72 16.84
CA ARG G 170 30.91 -10.40 15.61
C ARG G 170 30.26 -9.72 14.41
N GLU G 171 29.01 -9.31 14.58
CA GLU G 171 28.27 -8.68 13.50
C GLU G 171 28.98 -7.44 13.00
N ALA G 172 29.32 -6.55 13.93
CA ALA G 172 30.02 -5.33 13.53
C ALA G 172 31.38 -5.66 12.95
N HIS G 173 32.03 -6.70 13.48
CA HIS G 173 33.36 -7.01 12.98
C HIS G 173 33.31 -7.39 11.52
N ILE G 174 32.36 -8.23 11.15
CA ILE G 174 32.35 -8.77 9.81
C ILE G 174 31.72 -7.79 8.83
N GLN G 175 30.63 -7.15 9.24
CA GLN G 175 30.01 -6.16 8.38
C GLN G 175 30.98 -5.04 8.10
N MET G 176 31.56 -4.49 9.15
CA MET G 176 32.49 -3.38 8.97
C MET G 176 33.75 -3.86 8.30
N LYS G 177 34.03 -5.16 8.36
CA LYS G 177 35.14 -5.69 7.57
C LYS G 177 34.83 -5.55 6.09
N ALA G 178 33.82 -6.28 5.63
CA ALA G 178 33.67 -6.41 4.20
C ALA G 178 33.24 -5.11 3.56
N ALA G 179 32.37 -4.38 4.24
CA ALA G 179 31.88 -3.14 3.67
C ALA G 179 32.98 -2.09 3.66
N ALA G 180 33.95 -2.22 4.56
CA ALA G 180 35.10 -1.33 4.50
C ALA G 180 35.95 -1.64 3.29
N LEU G 181 35.79 -2.82 2.69
CA LEU G 181 36.35 -3.09 1.39
C LEU G 181 35.37 -2.67 0.33
N ARG G 182 35.89 -2.27 -0.83
CA ARG G 182 35.09 -2.05 -2.02
C ARG G 182 36.03 -1.74 -3.17
N GLY G 183 35.62 -2.13 -4.36
CA GLY G 183 36.24 -1.64 -5.57
C GLY G 183 37.53 -2.34 -5.94
N ALA G 184 38.45 -2.46 -5.00
CA ALA G 184 39.72 -3.11 -5.25
C ALA G 184 39.46 -4.57 -5.63
N ASN G 185 40.12 -5.00 -6.70
CA ASN G 185 39.83 -6.27 -7.35
C ASN G 185 41.00 -7.23 -7.18
N ASN G 186 40.68 -8.52 -7.37
CA ASN G 186 41.72 -9.54 -7.48
C ASN G 186 42.70 -9.20 -8.58
N ASN G 187 42.17 -8.88 -9.77
CA ASN G 187 42.85 -8.18 -10.87
C ASN G 187 44.31 -8.59 -11.05
N LEU G 188 44.47 -9.89 -11.34
CA LEU G 188 45.73 -10.60 -11.18
C LEU G 188 46.93 -9.87 -11.76
N PHE G 189 46.96 -9.72 -13.07
CA PHE G 189 48.18 -9.45 -13.78
C PHE G 189 48.37 -7.97 -14.05
N GLY G 190 49.63 -7.58 -14.20
CA GLY G 190 49.98 -6.25 -14.60
C GLY G 190 50.17 -6.24 -16.09
N LEU G 191 51.43 -6.20 -16.54
CA LEU G 191 51.73 -6.30 -17.96
C LEU G 191 53.08 -6.97 -18.12
N ASP G 192 53.34 -7.45 -19.33
CA ASP G 192 54.47 -8.31 -19.60
C ASP G 192 55.68 -7.49 -20.04
N GLY G 193 56.84 -8.12 -19.97
CA GLY G 193 58.10 -7.45 -20.24
C GLY G 193 58.48 -7.45 -21.70
N ASN G 194 58.27 -8.58 -22.38
CA ASN G 194 58.67 -8.68 -23.78
C ASN G 194 57.79 -7.75 -24.57
N VAL G 195 58.30 -6.56 -24.83
CA VAL G 195 57.55 -5.51 -25.51
C VAL G 195 58.43 -5.04 -26.67
N GLY G 196 58.33 -5.73 -27.79
CA GLY G 196 58.89 -5.30 -29.03
C GLY G 196 57.75 -4.94 -29.96
N THR G 197 57.53 -3.64 -30.12
CA THR G 197 56.49 -3.17 -31.03
C THR G 197 56.75 -3.58 -32.48
N THR G 198 57.97 -4.01 -32.80
CA THR G 198 58.30 -4.48 -34.14
C THR G 198 59.19 -5.70 -34.05
N VAL G 199 59.46 -6.26 -35.22
CA VAL G 199 60.36 -7.39 -35.38
C VAL G 199 61.67 -6.87 -35.93
N GLU G 200 62.76 -7.56 -35.58
CA GLU G 200 64.06 -7.26 -36.18
C GLU G 200 63.98 -7.36 -37.69
N ASN G 201 64.78 -6.53 -38.36
CA ASN G 201 64.72 -6.46 -39.81
C ASN G 201 65.58 -7.54 -40.46
N THR G 202 66.80 -7.71 -39.98
CA THR G 202 67.70 -8.77 -40.46
C THR G 202 68.05 -8.56 -41.92
N GLU G 203 68.64 -7.41 -42.22
CA GLU G 203 68.94 -7.01 -43.59
C GLU G 203 70.31 -6.32 -43.58
N ARG G 204 70.58 -5.58 -44.64
CA ARG G 204 71.81 -4.81 -44.75
C ARG G 204 71.55 -3.53 -45.50
N HIS G 205 72.24 -2.46 -45.08
CA HIS G 205 72.31 -1.22 -45.84
C HIS G 205 73.61 -1.21 -46.63
N THR G 206 73.48 -0.83 -47.89
CA THR G 206 74.63 -0.60 -48.75
C THR G 206 74.31 0.59 -49.63
N THR G 207 75.35 1.14 -50.26
CA THR G 207 75.20 2.28 -51.14
C THR G 207 74.48 1.88 -52.43
N PRO I 1 -2.36 -68.69 10.92
CA PRO I 1 -2.39 -67.93 9.66
C PRO I 1 -1.27 -66.91 9.55
N ARG I 2 -0.44 -67.06 8.52
CA ARG I 2 0.66 -66.15 8.26
C ARG I 2 0.96 -66.16 6.77
N LEU I 3 1.87 -65.29 6.36
CA LEU I 3 2.11 -65.04 4.95
C LEU I 3 3.38 -64.20 4.80
N LYS I 4 3.63 -63.76 3.57
CA LYS I 4 4.82 -62.99 3.22
C LYS I 4 4.42 -61.67 2.57
N SER I 5 5.40 -60.78 2.44
CA SER I 5 5.14 -59.47 1.85
C SER I 5 4.92 -59.56 0.35
N LEU I 6 5.92 -60.09 -0.36
CA LEU I 6 5.90 -60.03 -1.81
C LEU I 6 4.91 -61.02 -2.38
N THR I 7 4.52 -60.77 -3.63
CA THR I 7 3.41 -61.45 -4.26
C THR I 7 3.80 -61.87 -5.67
N SER I 8 2.84 -62.46 -6.38
CA SER I 8 3.03 -62.93 -7.75
C SER I 8 1.97 -62.42 -8.71
N LYS I 9 0.73 -62.25 -8.24
CA LYS I 9 -0.33 -61.69 -9.07
C LYS I 9 -0.14 -60.21 -9.34
N MET I 10 0.85 -59.57 -8.73
CA MET I 10 1.11 -58.16 -8.92
C MET I 10 1.32 -57.84 -10.39
N ARG I 11 0.97 -56.61 -10.74
CA ARG I 11 1.32 -56.08 -12.05
C ARG I 11 2.82 -55.90 -12.15
N VAL I 12 3.43 -56.58 -13.11
CA VAL I 12 4.89 -56.66 -13.22
C VAL I 12 5.21 -56.71 -14.71
N PRO I 13 6.38 -56.25 -15.15
CA PRO I 13 6.73 -56.42 -16.56
C PRO I 13 6.89 -57.88 -16.92
N ARG I 14 6.91 -58.15 -18.22
CA ARG I 14 6.90 -59.51 -18.75
C ARG I 14 7.60 -59.51 -20.11
N TYR I 15 8.73 -60.21 -20.21
CA TYR I 15 9.36 -60.41 -21.51
C TYR I 15 8.40 -61.12 -22.44
N GLU I 16 8.08 -62.36 -22.11
CA GLU I 16 6.89 -63.01 -22.60
C GLU I 16 6.03 -63.31 -21.39
N LYS I 17 4.90 -63.96 -21.64
CA LYS I 17 3.80 -63.91 -20.69
C LYS I 17 4.11 -64.67 -19.41
N ARG I 18 4.58 -65.92 -19.54
CA ARG I 18 4.76 -66.74 -18.35
C ARG I 18 5.88 -66.21 -17.48
N VAL I 19 6.81 -65.45 -18.06
CA VAL I 19 7.99 -65.05 -17.33
C VAL I 19 7.63 -63.97 -16.31
N ALA I 20 8.14 -64.14 -15.10
CA ALA I 20 8.16 -63.12 -14.07
C ALA I 20 9.61 -62.78 -13.77
N LEU I 21 9.95 -61.50 -13.87
CA LEU I 21 11.34 -61.09 -13.96
C LEU I 21 11.96 -60.77 -12.62
N ASN I 22 11.31 -59.95 -11.81
CA ASN I 22 11.83 -59.65 -10.49
C ASN I 22 11.60 -60.89 -9.65
N LEU I 23 12.58 -61.79 -9.73
CA LEU I 23 12.50 -63.07 -9.07
C LEU I 23 12.35 -62.88 -7.57
N ASP I 24 11.39 -63.55 -6.99
CA ASP I 24 10.96 -63.26 -5.62
C ASP I 24 11.70 -64.15 -4.62
N HIS I 25 13.03 -64.13 -4.76
CA HIS I 25 13.94 -64.62 -3.73
C HIS I 25 14.78 -63.50 -3.14
N LEU I 26 14.36 -62.26 -3.35
CA LEU I 26 15.11 -61.08 -2.92
C LEU I 26 14.71 -60.63 -1.54
N ILE I 27 14.22 -61.56 -0.72
CA ILE I 27 13.81 -61.23 0.62
C ILE I 27 14.97 -60.67 1.43
N LEU I 28 16.18 -61.12 1.13
CA LEU I 28 17.35 -60.84 1.95
C LEU I 28 18.33 -60.03 1.13
N TYR I 29 18.10 -58.73 1.09
CA TYR I 29 19.07 -57.82 0.50
C TYR I 29 18.76 -56.42 1.04
N THR I 30 19.47 -56.02 2.08
CA THR I 30 19.37 -54.67 2.64
C THR I 30 20.72 -54.27 3.20
N PRO I 31 21.67 -54.05 2.33
CA PRO I 31 22.95 -53.48 2.79
C PRO I 31 22.77 -52.05 3.25
N GLU I 32 23.83 -51.45 3.75
CA GLU I 32 23.78 -50.06 4.17
C GLU I 32 23.44 -49.15 3.00
N GLN I 33 22.65 -48.13 3.30
CA GLN I 33 22.16 -47.26 2.23
C GLN I 33 23.29 -46.45 1.64
N THR I 34 24.03 -45.75 2.48
CA THR I 34 25.12 -44.92 2.00
C THR I 34 26.20 -45.75 1.34
N ASP I 35 26.35 -47.00 1.77
CA ASP I 35 27.36 -47.86 1.19
C ASP I 35 27.13 -48.12 -0.29
N LEU I 36 25.90 -47.98 -0.76
CA LEU I 36 25.57 -48.23 -2.14
C LEU I 36 25.68 -47.01 -3.03
N SER I 37 25.67 -45.82 -2.45
CA SER I 37 25.52 -44.58 -3.21
C SER I 37 26.68 -44.33 -4.16
N ASN I 38 26.59 -43.23 -4.90
CA ASN I 38 27.72 -42.68 -5.60
C ASN I 38 28.43 -41.61 -4.80
N THR I 39 27.77 -41.01 -3.82
CA THR I 39 28.39 -39.95 -3.04
C THR I 39 29.55 -40.45 -2.19
N ARG I 40 29.56 -41.72 -1.86
CA ARG I 40 30.75 -42.37 -1.31
C ARG I 40 31.42 -43.17 -2.40
N SER I 41 32.74 -43.17 -2.38
CA SER I 41 33.51 -43.86 -3.39
C SER I 41 33.65 -45.33 -3.00
N THR I 42 34.48 -46.02 -3.77
CA THR I 42 34.54 -47.47 -3.74
C THR I 42 35.71 -47.95 -2.91
N ARG I 43 35.64 -49.25 -2.60
CA ARG I 43 36.62 -49.88 -1.75
C ARG I 43 37.97 -49.99 -2.44
N LYS I 44 37.95 -50.20 -3.75
CA LYS I 44 39.19 -50.29 -4.51
C LYS I 44 39.94 -48.99 -4.44
N GLN I 45 39.26 -47.88 -4.69
CA GLN I 45 39.89 -46.57 -4.62
C GLN I 45 40.47 -46.36 -3.24
N PHE I 46 39.68 -46.69 -2.23
CA PHE I 46 40.08 -46.55 -0.85
C PHE I 46 41.34 -47.34 -0.57
N ASP I 47 41.52 -48.46 -1.28
CA ASP I 47 42.73 -49.25 -1.12
C ASP I 47 43.91 -48.57 -1.82
N THR I 48 43.70 -48.12 -3.05
CA THR I 48 44.82 -47.66 -3.84
C THR I 48 45.38 -46.35 -3.32
N TRP I 49 44.54 -45.54 -2.69
CA TRP I 49 45.05 -44.37 -1.99
C TRP I 49 45.94 -44.81 -0.84
N PHE I 50 45.41 -45.70 -0.02
CA PHE I 50 46.08 -46.25 1.15
C PHE I 50 47.38 -46.94 0.81
N GLU I 51 47.55 -47.36 -0.45
CA GLU I 51 48.77 -48.01 -0.91
C GLU I 51 49.71 -47.05 -1.61
N GLY I 52 49.17 -46.10 -2.35
CA GLY I 52 50.02 -45.12 -3.00
C GLY I 52 50.76 -44.28 -2.00
N VAL I 53 50.10 -43.95 -0.89
CA VAL I 53 50.82 -43.31 0.20
C VAL I 53 51.87 -44.26 0.75
N MET I 54 51.55 -45.55 0.82
CA MET I 54 52.46 -46.53 1.37
C MET I 54 53.75 -46.59 0.57
N ALA I 55 53.64 -46.37 -0.74
CA ALA I 55 54.82 -46.28 -1.57
C ALA I 55 55.59 -44.99 -1.29
N ASP I 56 54.88 -43.94 -0.88
CA ASP I 56 55.52 -42.65 -0.75
C ASP I 56 56.36 -42.58 0.52
N TYR I 57 55.73 -42.79 1.67
CA TYR I 57 56.34 -42.43 2.94
C TYR I 57 57.08 -43.59 3.60
N GLU I 58 56.92 -44.81 3.08
CA GLU I 58 57.84 -45.91 3.34
C GLU I 58 57.90 -46.25 4.84
N LEU I 59 56.76 -46.74 5.33
CA LEU I 59 56.58 -47.05 6.73
C LEU I 59 56.75 -48.52 7.06
N THR I 60 56.19 -49.40 6.22
CA THR I 60 56.10 -50.83 6.51
C THR I 60 55.46 -51.04 7.87
N GLU I 61 54.42 -50.25 8.16
CA GLU I 61 53.82 -50.25 9.48
C GLU I 61 52.39 -49.75 9.35
N ASP I 62 51.59 -50.11 10.35
CA ASP I 62 50.28 -49.51 10.56
C ASP I 62 50.36 -48.30 11.47
N LYS I 63 51.50 -47.61 11.48
CA LYS I 63 51.56 -46.29 12.08
C LYS I 63 50.77 -45.29 11.27
N MET I 64 50.61 -45.56 9.97
CA MET I 64 49.74 -44.77 9.11
C MET I 64 48.33 -44.67 9.67
N GLN I 65 47.92 -45.65 10.48
CA GLN I 65 46.74 -45.52 11.33
C GLN I 65 46.79 -44.18 12.06
N ILE I 66 47.86 -44.00 12.83
CA ILE I 66 48.00 -42.80 13.64
C ILE I 66 48.14 -41.58 12.77
N ILE I 67 48.82 -41.74 11.64
CA ILE I 67 49.05 -40.60 10.76
C ILE I 67 47.72 -40.08 10.26
N LEU I 68 46.96 -40.95 9.61
CA LEU I 68 45.66 -40.58 9.05
C LEU I 68 44.75 -40.05 10.15
N ASN I 69 44.86 -40.61 11.35
CA ASN I 69 44.15 -40.04 12.48
C ASN I 69 44.56 -38.60 12.69
N GLY I 70 45.83 -38.28 12.44
CA GLY I 70 46.24 -36.89 12.44
C GLY I 70 45.58 -36.12 11.32
N LEU I 71 45.55 -36.70 10.12
CA LEU I 71 45.06 -35.98 8.95
C LEU I 71 43.61 -35.58 9.09
N MET I 72 42.86 -36.36 9.88
CA MET I 72 41.51 -35.99 10.26
C MET I 72 41.42 -34.53 10.68
N VAL I 73 42.37 -34.10 11.47
CA VAL I 73 42.16 -32.87 12.23
C VAL I 73 42.44 -31.66 11.37
N TRP I 74 43.60 -31.62 10.73
CA TRP I 74 43.87 -30.52 9.81
C TRP I 74 42.88 -30.54 8.66
N CYS I 75 42.40 -31.73 8.30
CA CYS I 75 41.32 -31.79 7.33
C CYS I 75 40.07 -31.11 7.86
N ILE I 76 39.83 -31.20 9.17
CA ILE I 76 38.63 -30.63 9.76
C ILE I 76 38.75 -29.12 9.81
N GLU I 77 39.71 -28.63 10.57
CA GLU I 77 39.72 -27.23 10.99
C GLU I 77 39.84 -26.26 9.83
N ASN I 78 40.15 -26.74 8.63
CA ASN I 78 40.32 -25.88 7.47
C ASN I 78 39.62 -26.47 6.27
N GLY I 79 39.58 -25.69 5.20
CA GLY I 79 38.84 -26.04 4.01
C GLY I 79 39.27 -27.33 3.33
N THR I 80 38.56 -27.70 2.27
CA THR I 80 38.83 -28.93 1.53
C THR I 80 38.68 -28.61 0.05
N SER I 81 39.79 -28.57 -0.66
CA SER I 81 39.79 -28.26 -2.08
C SER I 81 41.14 -28.67 -2.64
N PRO I 82 41.23 -28.92 -3.94
CA PRO I 82 42.56 -29.08 -4.53
C PRO I 82 43.41 -27.84 -4.37
N ASN I 83 42.77 -26.68 -4.30
CA ASN I 83 43.47 -25.40 -4.23
C ASN I 83 44.01 -25.23 -2.81
N ILE I 84 45.08 -25.97 -2.51
CA ILE I 84 45.74 -25.90 -1.22
C ILE I 84 47.24 -25.89 -1.45
N ASN I 85 47.96 -25.16 -0.61
CA ASN I 85 49.40 -25.19 -0.59
C ASN I 85 49.86 -24.99 0.84
N GLY I 86 51.16 -24.99 1.04
CA GLY I 86 51.76 -24.82 2.36
C GLY I 86 52.20 -26.15 2.94
N MET I 87 51.76 -26.44 4.15
CA MET I 87 52.01 -27.72 4.80
C MET I 87 50.83 -27.99 5.71
N TRP I 88 50.92 -29.04 6.51
CA TRP I 88 50.11 -29.16 7.71
C TRP I 88 50.99 -29.77 8.79
N VAL I 89 50.44 -29.84 10.00
CA VAL I 89 51.18 -30.37 11.13
C VAL I 89 50.21 -30.78 12.22
N MET I 90 50.60 -31.76 13.02
CA MET I 90 50.03 -31.99 14.32
C MET I 90 51.15 -31.96 15.35
N MET I 91 50.85 -32.34 16.60
CA MET I 91 51.79 -32.19 17.69
C MET I 91 51.99 -33.50 18.43
N ASP I 92 53.02 -33.49 19.27
CA ASP I 92 53.32 -34.58 20.19
C ASP I 92 53.79 -33.92 21.49
N GLY I 93 52.85 -33.63 22.37
CA GLY I 93 53.17 -32.89 23.58
C GLY I 93 53.21 -31.42 23.30
N ASP I 94 54.42 -30.88 23.13
CA ASP I 94 54.64 -29.49 22.77
C ASP I 94 55.38 -29.34 21.44
N ASP I 95 55.66 -30.44 20.76
CA ASP I 95 56.39 -30.42 19.51
C ASP I 95 55.43 -30.27 18.34
N GLN I 96 55.97 -29.89 17.19
CA GLN I 96 55.18 -29.49 16.04
C GLN I 96 55.75 -30.09 14.76
N VAL I 97 55.94 -31.41 14.77
CA VAL I 97 56.59 -32.08 13.65
C VAL I 97 55.69 -31.99 12.43
N GLU I 98 56.16 -31.29 11.40
CA GLU I 98 55.33 -30.92 10.27
C GLU I 98 55.17 -32.08 9.30
N PHE I 99 54.49 -31.82 8.17
CA PHE I 99 54.23 -32.87 7.20
C PHE I 99 53.72 -32.26 5.89
N PRO I 100 54.05 -32.85 4.71
CA PRO I 100 53.59 -32.24 3.46
C PRO I 100 52.17 -32.62 3.05
N ILE I 101 51.80 -32.22 1.82
CA ILE I 101 50.42 -32.18 1.39
C ILE I 101 50.19 -33.03 0.15
N LYS I 102 50.79 -32.58 -0.94
CA LYS I 102 50.32 -32.83 -2.30
C LYS I 102 50.01 -34.28 -2.67
N PRO I 103 50.90 -35.25 -2.44
CA PRO I 103 50.67 -36.58 -3.00
C PRO I 103 49.49 -37.29 -2.38
N LEU I 104 48.96 -36.79 -1.27
CA LEU I 104 47.69 -37.26 -0.75
C LEU I 104 46.51 -36.74 -1.54
N ILE I 105 46.75 -35.94 -2.57
CA ILE I 105 45.73 -35.28 -3.35
C ILE I 105 45.85 -35.65 -4.81
N ASP I 106 47.07 -35.68 -5.32
CA ASP I 106 47.26 -36.01 -6.73
C ASP I 106 47.08 -37.49 -7.03
N HIS I 107 46.74 -38.30 -6.04
CA HIS I 107 46.70 -39.74 -6.18
C HIS I 107 45.37 -40.31 -5.69
N ALA I 108 44.28 -39.65 -6.03
CA ALA I 108 42.94 -40.21 -5.90
C ALA I 108 42.12 -39.80 -7.11
N LYS I 109 41.27 -40.71 -7.58
CA LYS I 109 40.68 -40.54 -8.90
C LYS I 109 39.50 -39.59 -8.84
N PRO I 110 38.56 -39.78 -7.93
CA PRO I 110 37.64 -38.69 -7.60
C PRO I 110 38.29 -37.79 -6.58
N THR I 111 37.55 -36.82 -6.05
CA THR I 111 38.14 -35.74 -5.29
C THR I 111 38.43 -36.15 -3.85
N PHE I 112 38.77 -35.15 -3.04
CA PHE I 112 39.19 -35.34 -1.66
C PHE I 112 38.00 -35.52 -0.73
N ARG I 113 36.93 -34.77 -0.96
CA ARG I 113 35.73 -34.97 -0.19
C ARG I 113 35.15 -36.35 -0.46
N GLN I 114 35.23 -36.77 -1.71
CA GLN I 114 34.68 -38.04 -2.11
C GLN I 114 35.43 -39.23 -1.52
N ILE I 115 36.56 -39.01 -0.86
CA ILE I 115 37.28 -40.04 -0.11
C ILE I 115 37.09 -39.85 1.38
N MET I 116 37.11 -38.61 1.85
CA MET I 116 36.99 -38.38 3.27
C MET I 116 35.58 -38.50 3.80
N ALA I 117 34.61 -38.81 2.93
CA ALA I 117 33.23 -38.94 3.37
C ALA I 117 33.05 -40.07 4.37
N HIS I 118 33.98 -41.03 4.40
CA HIS I 118 33.95 -42.04 5.45
C HIS I 118 34.00 -41.39 6.82
N PHE I 119 35.09 -40.67 7.08
CA PHE I 119 35.47 -40.34 8.43
C PHE I 119 34.50 -39.28 8.94
N SER I 120 33.37 -39.76 9.44
CA SER I 120 32.24 -38.95 9.81
C SER I 120 31.99 -39.00 11.31
N ASP I 121 31.76 -40.20 11.82
CA ASP I 121 31.28 -40.36 13.18
C ASP I 121 32.42 -40.32 14.19
N VAL I 122 33.64 -40.61 13.74
CA VAL I 122 34.77 -40.60 14.65
C VAL I 122 35.00 -39.19 15.17
N ALA I 123 35.21 -38.26 14.25
CA ALA I 123 35.32 -36.86 14.64
C ALA I 123 34.04 -36.35 15.27
N GLU I 124 32.91 -36.97 14.95
CA GLU I 124 31.66 -36.58 15.58
C GLU I 124 31.74 -36.79 17.09
N ALA I 125 32.07 -38.01 17.50
CA ALA I 125 32.22 -38.29 18.92
C ALA I 125 33.37 -37.49 19.50
N TYR I 126 34.40 -37.22 18.71
CA TYR I 126 35.51 -36.39 19.14
C TYR I 126 34.99 -35.06 19.66
N ILE I 127 34.26 -34.36 18.79
CA ILE I 127 33.81 -33.03 19.16
C ILE I 127 32.77 -33.12 20.25
N GLU I 128 32.04 -34.22 20.33
CA GLU I 128 31.09 -34.38 21.42
C GLU I 128 31.82 -34.35 22.75
N LYS I 129 32.91 -35.13 22.85
CA LYS I 129 33.67 -35.13 24.08
C LYS I 129 34.28 -33.76 24.35
N ARG I 130 35.16 -33.32 23.47
CA ARG I 130 35.95 -32.15 23.80
C ARG I 130 35.12 -30.88 23.77
N ASN I 131 33.89 -30.94 23.28
CA ASN I 131 32.93 -29.87 23.52
C ASN I 131 32.27 -30.02 24.88
N GLN I 132 32.03 -31.26 25.30
CA GLN I 132 31.41 -31.47 26.60
C GLN I 132 32.32 -30.97 27.69
N ASP I 133 33.62 -31.03 27.49
CA ASP I 133 34.54 -30.46 28.47
C ASP I 133 34.46 -28.93 28.47
N ARG I 134 34.48 -28.33 27.29
CA ARG I 134 34.79 -26.93 27.13
C ARG I 134 34.06 -26.37 25.91
N PRO I 135 33.90 -25.07 25.84
CA PRO I 135 33.09 -24.50 24.75
C PRO I 135 33.90 -24.37 23.46
N TYR I 136 34.18 -25.50 22.84
CA TYR I 136 34.80 -25.49 21.53
C TYR I 136 33.74 -25.23 20.49
N MET I 137 34.13 -24.50 19.45
CA MET I 137 33.40 -24.44 18.22
C MET I 137 34.48 -24.49 17.14
N PRO I 138 34.22 -25.11 16.01
CA PRO I 138 35.21 -25.08 14.95
C PRO I 138 35.29 -23.77 14.21
N ARG I 139 36.08 -23.79 13.15
CA ARG I 139 36.32 -22.60 12.35
C ARG I 139 35.13 -22.29 11.46
N TYR I 140 34.62 -23.31 10.78
CA TYR I 140 33.84 -23.11 9.58
C TYR I 140 32.57 -22.31 9.82
N GLY I 141 32.05 -22.32 11.04
CA GLY I 141 30.90 -21.51 11.38
C GLY I 141 31.29 -20.12 11.83
N LEU I 142 32.46 -20.01 12.46
CA LEU I 142 32.89 -18.73 12.97
C LEU I 142 33.17 -17.76 11.85
N GLN I 143 33.46 -18.27 10.66
CA GLN I 143 33.50 -17.42 9.49
C GLN I 143 32.09 -17.12 8.99
N ARG I 144 31.18 -18.06 9.21
CA ARG I 144 29.81 -17.98 8.72
C ARG I 144 28.81 -17.60 9.80
N ASN I 145 29.28 -17.36 11.02
CA ASN I 145 28.45 -16.81 12.07
C ASN I 145 27.31 -17.74 12.45
N LEU I 146 27.64 -18.93 12.94
CA LEU I 146 26.68 -19.69 13.71
C LEU I 146 26.32 -18.94 14.99
N THR I 147 25.29 -19.42 15.66
CA THR I 147 24.76 -18.80 16.86
C THR I 147 24.78 -19.76 18.04
N ASP I 148 24.33 -20.99 17.84
CA ASP I 148 24.15 -21.93 18.94
C ASP I 148 25.45 -22.66 19.20
N MET I 149 25.88 -22.64 20.46
CA MET I 149 27.00 -23.47 20.86
C MET I 149 26.69 -24.95 20.75
N SER I 150 25.42 -25.32 20.83
CA SER I 150 25.07 -26.74 20.76
C SER I 150 25.34 -27.30 19.38
N LEU I 151 25.14 -26.49 18.35
CA LEU I 151 25.08 -26.99 16.99
C LEU I 151 26.46 -27.04 16.34
N ALA I 152 27.51 -27.20 17.14
CA ALA I 152 28.83 -27.52 16.61
C ALA I 152 28.86 -28.85 15.88
N ARG I 153 27.85 -29.69 16.06
CA ARG I 153 27.88 -31.06 15.60
C ARG I 153 28.10 -31.16 14.10
N TYR I 154 27.68 -30.15 13.35
CA TYR I 154 27.64 -30.24 11.90
C TYR I 154 28.13 -28.96 11.27
N ALA I 155 29.10 -28.30 11.90
CA ALA I 155 29.78 -27.17 11.28
C ALA I 155 31.03 -27.64 10.54
N PHE I 156 30.87 -28.71 9.76
CA PHE I 156 31.95 -29.26 8.98
C PHE I 156 31.96 -28.65 7.60
N ASP I 157 33.03 -28.93 6.88
CA ASP I 157 33.06 -28.68 5.45
C ASP I 157 32.38 -29.79 4.69
N PHE I 158 32.17 -30.94 5.33
CA PHE I 158 31.76 -32.12 4.61
C PHE I 158 31.04 -33.09 5.54
N TYR I 159 30.15 -33.86 4.95
CA TYR I 159 29.23 -34.73 5.66
C TYR I 159 28.40 -35.47 4.61
N GLU I 160 27.82 -36.60 5.02
CA GLU I 160 26.85 -37.32 4.22
C GLU I 160 25.57 -37.48 5.02
N MET I 161 24.48 -36.92 4.51
CA MET I 161 23.20 -37.03 5.16
C MET I 161 22.72 -38.48 5.14
N THR I 162 22.04 -38.86 6.22
CA THR I 162 21.58 -40.24 6.40
C THR I 162 20.20 -40.22 7.02
N SER I 163 19.57 -41.39 6.98
CA SER I 163 18.22 -41.55 7.52
C SER I 163 18.26 -42.01 8.97
N ARG I 164 19.06 -41.32 9.78
CA ARG I 164 19.03 -41.51 11.22
C ARG I 164 19.20 -40.19 11.95
N THR I 165 18.88 -39.09 11.31
CA THR I 165 19.38 -37.78 11.67
C THR I 165 18.24 -36.81 11.92
N PRO I 166 18.48 -35.74 12.64
CA PRO I 166 17.38 -34.86 13.06
C PRO I 166 16.89 -33.98 11.92
N ILE I 167 15.92 -33.15 12.26
CA ILE I 167 15.25 -32.28 11.30
C ILE I 167 15.87 -30.90 11.29
N ARG I 168 16.11 -30.37 12.49
CA ARG I 168 16.45 -28.97 12.63
C ARG I 168 17.76 -28.65 11.94
N ALA I 169 18.81 -29.35 12.33
CA ALA I 169 20.17 -28.99 11.89
C ALA I 169 20.34 -29.09 10.39
N ARG I 170 19.50 -29.89 9.73
CA ARG I 170 19.56 -30.01 8.28
C ARG I 170 19.41 -28.63 7.63
N GLU I 171 18.51 -27.82 8.17
CA GLU I 171 18.25 -26.51 7.62
C GLU I 171 19.51 -25.67 7.59
N ALA I 172 20.18 -25.58 8.73
CA ALA I 172 21.40 -24.79 8.80
C ALA I 172 22.46 -25.40 7.89
N HIS I 173 22.49 -26.73 7.80
CA HIS I 173 23.52 -27.36 7.00
C HIS I 173 23.40 -26.94 5.55
N ILE I 174 22.18 -26.97 5.02
CA ILE I 174 22.01 -26.76 3.60
C ILE I 174 22.00 -25.28 3.28
N GLN I 175 21.33 -24.49 4.10
CA GLN I 175 21.33 -23.05 3.87
C GLN I 175 22.75 -22.51 3.93
N MET I 176 23.45 -22.84 5.01
CA MET I 176 24.81 -22.35 5.16
C MET I 176 25.72 -22.99 4.13
N LYS I 177 25.32 -24.13 3.58
CA LYS I 177 26.08 -24.68 2.47
C LYS I 177 25.99 -23.76 1.27
N ALA I 178 24.78 -23.62 0.73
CA ALA I 178 24.68 -23.01 -0.58
C ALA I 178 24.99 -21.53 -0.50
N ALA I 179 24.55 -20.88 0.57
CA ALA I 179 24.77 -19.45 0.68
C ALA I 179 26.23 -19.16 0.92
N ALA I 180 26.94 -20.11 1.52
CA ALA I 180 28.38 -19.95 1.63
C ALA I 180 29.06 -20.01 0.28
N LEU I 181 28.39 -20.57 -0.73
CA LEU I 181 28.83 -20.43 -2.10
C LEU I 181 28.24 -19.16 -2.67
N ARG I 182 28.98 -18.57 -3.61
CA ARG I 182 28.48 -17.49 -4.44
C ARG I 182 29.52 -17.15 -5.49
N GLY I 183 29.05 -16.72 -6.64
CA GLY I 183 29.91 -16.07 -7.62
C GLY I 183 30.71 -17.03 -8.47
N ALA I 184 31.40 -17.97 -7.82
CA ALA I 184 32.19 -18.94 -8.57
C ALA I 184 31.29 -19.76 -9.48
N ASN I 185 31.72 -19.89 -10.72
CA ASN I 185 30.89 -20.42 -11.80
C ASN I 185 31.42 -21.77 -12.27
N ASN I 186 30.54 -22.51 -12.94
CA ASN I 186 30.95 -23.72 -13.65
C ASN I 186 32.04 -23.41 -14.66
N ASN I 187 31.82 -22.37 -15.48
CA ASN I 187 32.83 -21.64 -16.27
C ASN I 187 33.91 -22.56 -16.86
N LEU I 188 33.44 -23.48 -17.70
CA LEU I 188 34.17 -24.68 -18.08
C LEU I 188 35.62 -24.42 -18.49
N PHE I 189 35.80 -23.70 -19.59
CA PHE I 189 37.05 -23.73 -20.32
C PHE I 189 37.95 -22.57 -19.94
N GLY I 190 39.24 -22.79 -20.13
CA GLY I 190 40.23 -21.75 -19.97
C GLY I 190 40.50 -21.15 -21.32
N LEU I 191 41.63 -21.50 -21.91
CA LEU I 191 41.95 -21.07 -23.26
C LEU I 191 42.81 -22.12 -23.93
N ASP I 192 42.89 -22.04 -25.26
CA ASP I 192 43.47 -23.10 -26.06
C ASP I 192 44.95 -22.83 -26.31
N GLY I 193 45.65 -23.88 -26.72
CA GLY I 193 47.08 -23.82 -26.90
C GLY I 193 47.51 -23.33 -28.25
N ASN I 194 46.83 -23.76 -29.30
CA ASN I 194 47.23 -23.40 -30.65
C ASN I 194 46.96 -21.92 -30.80
N VAL I 195 48.01 -21.13 -30.60
CA VAL I 195 47.91 -19.68 -30.63
C VAL I 195 48.99 -19.18 -31.59
N GLY I 196 48.64 -19.15 -32.87
CA GLY I 196 49.42 -18.50 -33.88
C GLY I 196 48.68 -17.28 -34.34
N THR I 197 49.12 -16.12 -33.89
CA THR I 197 48.51 -14.88 -34.32
C THR I 197 48.63 -14.64 -35.81
N THR I 198 49.50 -15.37 -36.51
CA THR I 198 49.66 -15.26 -37.95
C THR I 198 49.83 -16.64 -38.55
N VAL I 199 49.87 -16.66 -39.87
CA VAL I 199 50.11 -17.86 -40.66
C VAL I 199 51.54 -17.82 -41.15
N GLU I 200 52.13 -19.01 -41.33
CA GLU I 200 53.45 -19.10 -41.94
C GLU I 200 53.43 -18.44 -43.31
N ASN I 201 54.58 -17.87 -43.69
CA ASN I 201 54.66 -17.12 -44.94
C ASN I 201 54.92 -18.04 -46.12
N THR I 202 55.87 -18.96 -45.98
CA THR I 202 56.17 -19.96 -47.01
C THR I 202 56.68 -19.29 -48.29
N GLU I 203 57.77 -18.54 -48.16
CA GLU I 203 58.32 -17.76 -49.25
C GLU I 203 59.84 -17.86 -49.18
N ARG I 204 60.51 -16.94 -49.85
CA ARG I 204 61.97 -16.88 -49.83
C ARG I 204 62.42 -15.42 -49.89
N HIS I 205 63.51 -15.14 -49.18
CA HIS I 205 64.23 -13.89 -49.32
C HIS I 205 65.41 -14.10 -50.24
N THR I 206 65.58 -13.18 -51.17
CA THR I 206 66.76 -13.14 -52.03
C THR I 206 67.11 -11.69 -52.25
N THR I 207 68.33 -11.46 -52.75
CA THR I 207 68.81 -10.11 -53.01
C THR I 207 68.08 -9.50 -54.20
N PRO K 1 -37.53 -56.71 -15.26
CA PRO K 1 -37.11 -55.54 -16.04
C PRO K 1 -35.63 -55.23 -15.89
N ARG K 2 -34.90 -55.25 -17.01
CA ARG K 2 -33.48 -54.96 -17.04
C ARG K 2 -33.13 -54.41 -18.41
N LEU K 3 -31.87 -53.98 -18.56
CA LEU K 3 -31.46 -53.26 -19.75
C LEU K 3 -29.94 -53.14 -19.73
N LYS K 4 -29.40 -52.35 -20.67
CA LYS K 4 -27.98 -52.15 -20.87
C LYS K 4 -27.64 -50.67 -20.80
N SER K 5 -26.34 -50.39 -20.70
CA SER K 5 -25.89 -49.00 -20.60
C SER K 5 -26.02 -48.28 -21.94
N LEU K 6 -25.36 -48.82 -22.97
CA LEU K 6 -25.24 -48.10 -24.22
C LEU K 6 -26.56 -48.12 -24.99
N THR K 7 -26.68 -47.18 -25.91
CA THR K 7 -27.94 -46.90 -26.58
C THR K 7 -27.71 -46.74 -28.07
N SER K 8 -28.78 -46.42 -28.78
CA SER K 8 -28.75 -46.23 -30.23
C SER K 8 -29.37 -44.91 -30.68
N LYS K 9 -30.40 -44.43 -29.97
CA LYS K 9 -30.99 -43.14 -30.29
C LYS K 9 -30.08 -41.97 -29.92
N MET K 10 -28.95 -42.24 -29.29
CA MET K 10 -28.02 -41.19 -28.88
C MET K 10 -27.59 -40.37 -30.08
N ARG K 11 -27.25 -39.12 -29.80
CA ARG K 11 -26.62 -38.28 -30.79
C ARG K 11 -25.21 -38.79 -31.06
N VAL K 12 -24.95 -39.14 -32.32
CA VAL K 12 -23.72 -39.82 -32.69
C VAL K 12 -23.35 -39.32 -34.09
N PRO K 13 -22.08 -39.32 -34.48
CA PRO K 13 -21.76 -38.95 -35.86
C PRO K 13 -22.32 -39.97 -36.84
N ARG K 14 -22.34 -39.58 -38.11
CA ARG K 14 -22.97 -40.37 -39.16
C ARG K 14 -22.28 -40.06 -40.49
N TYR K 15 -21.63 -41.07 -41.08
CA TYR K 15 -21.10 -40.92 -42.42
C TYR K 15 -22.21 -40.59 -43.39
N GLU K 16 -23.12 -41.53 -43.57
CA GLU K 16 -24.44 -41.25 -44.09
C GLU K 16 -25.42 -41.64 -42.99
N LYS K 17 -26.70 -41.50 -43.31
CA LYS K 17 -27.70 -41.38 -42.25
C LYS K 17 -27.88 -42.70 -41.50
N ARG K 18 -28.08 -43.79 -42.23
CA ARG K 18 -28.40 -45.06 -41.57
C ARG K 18 -27.22 -45.56 -40.76
N VAL K 19 -26.01 -45.15 -41.10
CA VAL K 19 -24.83 -45.73 -40.48
C VAL K 19 -24.69 -45.22 -39.06
N ALA K 20 -24.40 -46.14 -38.15
CA ALA K 20 -23.97 -45.83 -36.80
C ALA K 20 -22.55 -46.38 -36.64
N LEU K 21 -21.63 -45.53 -36.24
CA LEU K 21 -20.21 -45.82 -36.37
C LEU K 21 -19.60 -46.48 -35.16
N ASN K 22 -19.82 -45.93 -33.98
CA ASN K 22 -19.33 -46.55 -32.76
C ASN K 22 -20.17 -47.78 -32.52
N LEU K 23 -19.76 -48.87 -33.15
CA LEU K 23 -20.51 -50.12 -33.10
C LEU K 23 -20.63 -50.59 -31.67
N ASP K 24 -21.85 -50.92 -31.27
CA ASP K 24 -22.17 -51.12 -29.87
C ASP K 24 -22.02 -52.60 -29.50
N HIS K 25 -20.85 -53.14 -29.83
CA HIS K 25 -20.37 -54.41 -29.30
C HIS K 25 -19.13 -54.21 -28.44
N LEU K 26 -18.87 -52.97 -28.01
CA LEU K 26 -17.67 -52.64 -27.25
C LEU K 26 -17.90 -52.74 -25.77
N ILE K 27 -18.82 -53.60 -25.36
CA ILE K 27 -19.12 -53.77 -23.95
C ILE K 27 -17.89 -54.25 -23.20
N LEU K 28 -17.04 -55.02 -23.87
CA LEU K 28 -15.94 -55.73 -23.22
C LEU K 28 -14.64 -55.19 -23.77
N TYR K 29 -14.20 -54.07 -23.21
CA TYR K 29 -12.87 -53.56 -23.50
C TYR K 29 -12.50 -52.61 -22.37
N THR K 30 -11.75 -53.11 -21.39
CA THR K 30 -11.22 -52.30 -20.30
C THR K 30 -9.88 -52.87 -19.87
N PRO K 31 -8.88 -52.75 -20.71
CA PRO K 31 -7.53 -53.10 -20.27
C PRO K 31 -7.02 -52.15 -19.21
N GLU K 32 -5.83 -52.42 -18.70
CA GLU K 32 -5.23 -51.53 -17.71
C GLU K 32 -5.01 -50.15 -18.31
N GLN K 33 -5.22 -49.14 -17.47
CA GLN K 33 -5.15 -47.77 -17.94
C GLN K 33 -3.72 -47.41 -18.32
N THR K 34 -2.79 -47.61 -17.40
CA THR K 34 -1.41 -47.25 -17.66
C THR K 34 -0.83 -48.08 -18.79
N ASP K 35 -1.34 -49.29 -18.98
CA ASP K 35 -0.84 -50.15 -20.03
C ASP K 35 -1.07 -49.56 -21.42
N LEU K 36 -2.03 -48.66 -21.55
CA LEU K 36 -2.36 -48.07 -22.83
C LEU K 36 -1.60 -46.79 -23.10
N SER K 37 -1.06 -46.14 -22.08
CA SER K 37 -0.54 -44.79 -22.19
C SER K 37 0.65 -44.70 -23.13
N ASN K 38 1.16 -43.48 -23.29
CA ASN K 38 2.47 -43.25 -23.88
C ASN K 38 3.55 -43.15 -22.82
N THR K 39 3.20 -42.83 -21.58
CA THR K 39 4.21 -42.67 -20.54
C THR K 39 4.91 -43.97 -20.21
N ARG K 40 4.28 -45.10 -20.46
CA ARG K 40 4.96 -46.39 -20.46
C ARG K 40 5.22 -46.81 -21.89
N SER K 41 6.37 -47.43 -22.10
CA SER K 41 6.77 -47.85 -23.42
C SER K 41 6.16 -49.20 -23.75
N THR K 42 6.58 -49.75 -24.87
CA THR K 42 5.93 -50.90 -25.47
C THR K 42 6.65 -52.19 -25.14
N ARG K 43 5.95 -53.27 -25.42
CA ARG K 43 6.43 -54.60 -25.11
C ARG K 43 7.60 -54.99 -26.00
N LYS K 44 7.57 -54.54 -27.24
CA LYS K 44 8.65 -54.82 -28.17
C LYS K 44 9.94 -54.22 -27.67
N GLN K 45 9.91 -52.95 -27.31
CA GLN K 45 11.09 -52.28 -26.78
C GLN K 45 11.60 -53.02 -25.57
N PHE K 46 10.68 -53.37 -24.68
CA PHE K 46 11.01 -54.09 -23.47
C PHE K 46 11.70 -55.40 -23.79
N ASP K 47 11.35 -56.00 -24.93
CA ASP K 47 12.01 -57.23 -25.34
C ASP K 47 13.41 -56.93 -25.86
N THR K 48 13.53 -55.93 -26.73
CA THR K 48 14.80 -55.74 -27.42
C THR K 48 15.88 -55.24 -26.48
N TRP K 49 15.50 -54.52 -25.44
CA TRP K 49 16.47 -54.20 -24.40
C TRP K 49 16.95 -55.48 -23.73
N PHE K 50 16.00 -56.29 -23.30
CA PHE K 50 16.23 -57.55 -22.61
C PHE K 50 17.05 -58.52 -23.44
N GLU K 51 17.09 -58.33 -24.76
CA GLU K 51 17.86 -59.18 -25.66
C GLU K 51 19.20 -58.57 -26.02
N GLY K 52 19.24 -57.25 -26.18
CA GLY K 52 20.50 -56.60 -26.48
C GLY K 52 21.48 -56.76 -25.36
N VAL K 53 20.99 -56.72 -24.12
CA VAL K 53 21.86 -57.07 -23.01
C VAL K 53 22.28 -58.53 -23.10
N MET K 54 21.36 -59.39 -23.55
CA MET K 54 21.64 -60.81 -23.64
C MET K 54 22.78 -61.07 -24.60
N ALA K 55 22.89 -60.25 -25.64
CA ALA K 55 24.01 -60.35 -26.55
C ALA K 55 25.28 -59.86 -25.88
N ASP K 56 25.16 -58.92 -24.94
CA ASP K 56 26.34 -58.29 -24.36
C ASP K 56 27.02 -59.21 -23.36
N TYR K 57 26.30 -59.61 -22.33
CA TYR K 57 26.92 -60.21 -21.16
C TYR K 57 26.94 -61.72 -21.21
N GLU K 58 26.24 -62.34 -22.15
CA GLU K 58 26.48 -63.73 -22.56
C GLU K 58 26.27 -64.70 -21.39
N LEU K 59 25.01 -64.76 -20.98
CA LEU K 59 24.61 -65.56 -19.83
C LEU K 59 24.01 -66.91 -20.21
N THR K 60 23.16 -66.94 -21.23
CA THR K 60 22.36 -68.11 -21.58
C THR K 60 21.60 -68.60 -20.35
N GLU K 61 21.07 -67.66 -19.58
CA GLU K 61 20.46 -67.98 -18.30
C GLU K 61 19.47 -66.89 -17.94
N ASP K 62 18.52 -67.25 -17.09
CA ASP K 62 17.67 -66.28 -16.41
C ASP K 62 18.26 -65.83 -15.10
N LYS K 63 19.59 -65.82 -14.99
CA LYS K 63 20.24 -65.14 -13.90
C LYS K 63 20.10 -63.63 -14.05
N MET K 64 19.91 -63.17 -15.29
CA MET K 64 19.61 -61.78 -15.56
C MET K 64 18.38 -61.31 -14.77
N GLN K 65 17.49 -62.24 -14.41
CA GLN K 65 16.48 -61.97 -13.40
C GLN K 65 17.12 -61.33 -12.19
N ILE K 66 18.10 -62.02 -11.61
CA ILE K 66 18.74 -61.57 -10.39
C ILE K 66 19.52 -60.30 -10.66
N ILE K 67 20.12 -60.21 -11.85
CA ILE K 67 20.92 -59.05 -12.18
C ILE K 67 20.06 -57.81 -12.16
N LEU K 68 19.01 -57.83 -12.99
CA LEU K 68 18.10 -56.69 -13.09
C LEU K 68 17.50 -56.36 -11.73
N ASN K 69 17.23 -57.39 -10.94
CA ASN K 69 16.83 -57.16 -9.56
C ASN K 69 17.88 -56.35 -8.83
N GLY K 70 19.14 -56.59 -9.13
CA GLY K 70 20.18 -55.71 -8.61
C GLY K 70 20.06 -54.31 -9.15
N LEU K 71 19.82 -54.18 -10.46
CA LEU K 71 19.84 -52.87 -11.10
C LEU K 71 18.75 -51.96 -10.55
N MET K 72 17.67 -52.57 -10.06
CA MET K 72 16.65 -51.84 -9.33
C MET K 72 17.25 -50.89 -8.31
N VAL K 73 18.24 -51.36 -7.58
CA VAL K 73 18.60 -50.69 -6.35
C VAL K 73 19.49 -49.50 -6.64
N TRP K 74 20.58 -49.71 -7.39
CA TRP K 74 21.41 -48.58 -7.78
C TRP K 74 20.61 -47.61 -8.63
N CYS K 75 19.64 -48.12 -9.37
CA CYS K 75 18.73 -47.24 -10.07
C CYS K 75 17.95 -46.37 -9.09
N ILE K 76 17.61 -46.94 -7.94
CA ILE K 76 16.80 -46.21 -6.96
C ILE K 76 17.63 -45.14 -6.27
N GLU K 77 18.66 -45.57 -5.56
CA GLU K 77 19.33 -44.72 -4.60
C GLU K 77 19.98 -43.49 -5.22
N ASN K 78 20.10 -43.45 -6.55
CA ASN K 78 20.74 -42.34 -7.22
C ASN K 78 19.91 -41.92 -8.42
N GLY K 79 20.35 -40.82 -9.03
CA GLY K 79 19.61 -40.19 -10.11
C GLY K 79 19.40 -41.06 -11.33
N THR K 80 18.66 -40.52 -12.31
CA THR K 80 18.37 -41.24 -13.55
C THR K 80 18.48 -40.24 -14.69
N SER K 81 19.52 -40.40 -15.50
CA SER K 81 19.77 -39.52 -16.62
C SER K 81 20.78 -40.19 -17.53
N PRO K 82 20.82 -39.82 -18.80
CA PRO K 82 21.94 -40.29 -19.62
C PRO K 82 23.28 -39.81 -19.09
N ASN K 83 23.28 -38.67 -18.42
CA ASN K 83 24.51 -38.06 -17.92
C ASN K 83 24.97 -38.83 -16.68
N ILE K 84 25.51 -40.02 -16.92
CA ILE K 84 26.04 -40.86 -15.87
C ILE K 84 27.36 -41.44 -16.33
N ASN K 85 28.29 -41.60 -15.39
CA ASN K 85 29.53 -42.31 -15.64
C ASN K 85 29.92 -43.03 -14.36
N GLY K 86 31.04 -43.72 -14.41
CA GLY K 86 31.55 -44.46 -13.28
C GLY K 86 31.25 -45.95 -13.43
N MET K 87 30.65 -46.52 -12.39
CA MET K 87 30.19 -47.90 -12.41
C MET K 87 28.97 -47.97 -11.51
N TRP K 88 28.49 -49.19 -11.28
CA TRP K 88 27.64 -49.46 -10.13
C TRP K 88 28.03 -50.82 -9.59
N VAL K 89 27.44 -51.18 -8.45
CA VAL K 89 27.75 -52.44 -7.81
C VAL K 89 26.63 -52.80 -6.85
N MET K 90 26.44 -54.10 -6.65
CA MET K 90 25.74 -54.62 -5.48
C MET K 90 26.66 -55.58 -4.75
N MET K 91 26.14 -56.29 -3.76
CA MET K 91 26.95 -57.12 -2.89
C MET K 91 26.43 -58.55 -2.84
N ASP K 92 27.27 -59.41 -2.27
CA ASP K 92 26.94 -60.80 -1.97
C ASP K 92 27.59 -61.10 -0.62
N GLY K 93 26.85 -60.85 0.46
CA GLY K 93 27.40 -61.01 1.78
C GLY K 93 28.18 -59.77 2.17
N ASP K 94 29.51 -59.85 2.03
CA ASP K 94 30.41 -58.72 2.27
C ASP K 94 31.20 -58.34 1.04
N ASP K 95 30.95 -58.99 -0.09
CA ASP K 95 31.70 -58.74 -1.31
C ASP K 95 31.00 -57.64 -2.11
N GLN K 96 31.74 -57.08 -3.07
CA GLN K 96 31.32 -55.88 -3.79
C GLN K 96 31.62 -56.02 -5.27
N VAL K 97 31.14 -57.10 -5.86
CA VAL K 97 31.46 -57.40 -7.24
C VAL K 97 30.79 -56.36 -8.14
N GLU K 98 31.61 -55.56 -8.82
CA GLU K 98 31.15 -54.38 -9.52
C GLU K 98 30.50 -54.74 -10.86
N PHE K 99 30.12 -53.72 -11.62
CA PHE K 99 29.44 -53.94 -12.89
C PHE K 99 29.39 -52.64 -13.70
N PRO K 100 29.47 -52.70 -15.05
CA PRO K 100 29.45 -51.45 -15.83
C PRO K 100 28.07 -50.89 -16.11
N ILE K 101 28.02 -49.86 -16.95
CA ILE K 101 26.85 -48.98 -17.07
C ILE K 101 26.34 -48.95 -18.51
N LYS K 102 27.15 -48.39 -19.38
CA LYS K 102 26.71 -47.73 -20.62
C LYS K 102 25.76 -48.53 -21.50
N PRO K 103 26.05 -49.78 -21.88
CA PRO K 103 25.24 -50.42 -22.91
C PRO K 103 23.82 -50.70 -22.46
N LEU K 104 23.53 -50.58 -21.17
CA LEU K 104 22.16 -50.60 -20.70
C LEU K 104 21.44 -49.29 -20.97
N ILE K 105 22.11 -48.33 -21.57
CA ILE K 105 21.59 -46.99 -21.80
C ILE K 105 21.61 -46.64 -23.28
N ASP K 106 22.70 -47.00 -23.96
CA ASP K 106 22.81 -46.69 -25.38
C ASP K 106 21.94 -47.60 -26.25
N HIS K 107 21.18 -48.52 -25.66
CA HIS K 107 20.45 -49.53 -26.40
C HIS K 107 18.98 -49.57 -25.98
N ALA K 108 18.38 -48.40 -25.81
CA ALA K 108 16.93 -48.28 -25.71
C ALA K 108 16.50 -47.03 -26.46
N LYS K 109 15.35 -47.10 -27.12
CA LYS K 109 15.01 -46.10 -28.11
C LYS K 109 14.44 -44.86 -27.44
N PRO K 110 13.47 -44.99 -26.56
CA PRO K 110 13.17 -43.89 -25.64
C PRO K 110 14.11 -43.98 -24.45
N THR K 111 13.90 -43.15 -23.45
CA THR K 111 14.89 -42.94 -22.41
C THR K 111 14.86 -44.05 -21.36
N PHE K 112 15.58 -43.82 -20.26
CA PHE K 112 15.76 -44.79 -19.20
C PHE K 112 14.58 -44.81 -18.25
N ARG K 113 14.03 -43.64 -17.95
CA ARG K 113 12.82 -43.59 -17.14
C ARG K 113 11.68 -44.24 -17.87
N GLN K 114 11.63 -44.05 -19.17
CA GLN K 114 10.55 -44.57 -19.98
C GLN K 114 10.57 -46.09 -20.10
N ILE K 115 11.63 -46.74 -19.62
CA ILE K 115 11.69 -48.19 -19.52
C ILE K 115 11.53 -48.65 -18.09
N MET K 116 12.11 -47.93 -17.14
CA MET K 116 12.03 -48.36 -15.75
C MET K 116 10.70 -48.04 -15.11
N ALA K 117 9.77 -47.43 -15.85
CA ALA K 117 8.47 -47.10 -15.27
C ALA K 117 7.70 -48.33 -14.84
N HIS K 118 8.04 -49.49 -15.39
CA HIS K 118 7.45 -50.73 -14.89
C HIS K 118 7.72 -50.89 -13.40
N PHE K 119 9.00 -50.97 -13.05
CA PHE K 119 9.40 -51.51 -11.77
C PHE K 119 9.04 -50.50 -10.71
N SER K 120 7.79 -50.57 -10.28
CA SER K 120 7.18 -49.61 -9.39
C SER K 120 6.83 -50.21 -8.05
N ASP K 121 6.01 -51.26 -8.08
CA ASP K 121 5.42 -51.79 -6.86
C ASP K 121 6.36 -52.74 -6.15
N VAL K 122 7.32 -53.31 -6.87
CA VAL K 122 8.24 -54.26 -6.26
C VAL K 122 9.09 -53.53 -5.23
N ALA K 123 9.80 -52.49 -5.68
CA ALA K 123 10.54 -51.66 -4.75
C ALA K 123 9.63 -50.97 -3.75
N GLU K 124 8.37 -50.77 -4.10
CA GLU K 124 7.43 -50.19 -3.16
C GLU K 124 7.30 -51.08 -1.93
N ALA K 125 6.96 -52.34 -2.16
CA ALA K 125 6.86 -53.28 -1.05
C ALA K 125 8.21 -53.48 -0.37
N TYR K 126 9.29 -53.38 -1.15
CA TYR K 126 10.63 -53.47 -0.59
C TYR K 126 10.80 -52.45 0.52
N ILE K 127 10.57 -51.19 0.19
CA ILE K 127 10.79 -50.13 1.16
C ILE K 127 9.78 -50.22 2.27
N GLU K 128 8.59 -50.75 1.99
CA GLU K 128 7.62 -50.95 3.05
C GLU K 128 8.18 -51.88 4.11
N LYS K 129 8.73 -53.01 3.69
CA LYS K 129 9.32 -53.94 4.64
C LYS K 129 10.49 -53.30 5.36
N ARG K 130 11.54 -52.98 4.61
CA ARG K 130 12.78 -52.60 5.28
C ARG K 130 12.67 -51.24 5.95
N ASN K 131 11.60 -50.48 5.70
CA ASN K 131 11.28 -49.34 6.54
C ASN K 131 10.54 -49.78 7.78
N GLN K 132 9.69 -50.80 7.66
CA GLN K 132 8.97 -51.27 8.83
C GLN K 132 9.92 -51.80 9.87
N ASP K 133 11.05 -52.37 9.43
CA ASP K 133 12.06 -52.80 10.40
C ASP K 133 12.73 -51.62 11.05
N ARG K 134 13.12 -50.63 10.26
CA ARG K 134 14.08 -49.63 10.67
C ARG K 134 13.80 -48.31 9.97
N PRO K 135 14.31 -47.21 10.51
CA PRO K 135 13.96 -45.91 9.91
C PRO K 135 14.81 -45.58 8.70
N TYR K 136 14.55 -46.30 7.61
CA TYR K 136 15.17 -45.96 6.35
C TYR K 136 14.44 -44.80 5.71
N MET K 137 15.22 -43.94 5.05
CA MET K 137 14.70 -43.00 4.10
C MET K 137 15.68 -43.04 2.94
N PRO K 138 15.23 -42.87 1.73
CA PRO K 138 16.18 -42.81 0.62
C PRO K 138 16.93 -41.52 0.52
N ARG K 139 17.69 -41.41 -0.57
CA ARG K 139 18.53 -40.25 -0.80
C ARG K 139 17.71 -39.06 -1.24
N TYR K 140 16.82 -39.28 -2.21
CA TYR K 140 16.31 -38.22 -3.04
C TYR K 140 15.58 -37.14 -2.26
N GLY K 141 15.06 -37.47 -1.09
CA GLY K 141 14.42 -36.48 -0.25
C GLY K 141 15.40 -35.81 0.68
N LEU K 142 16.42 -36.56 1.09
CA LEU K 142 17.39 -36.02 2.02
C LEU K 142 18.19 -34.89 1.39
N GLN K 143 18.28 -34.87 0.06
CA GLN K 143 18.81 -33.70 -0.61
C GLN K 143 17.75 -32.60 -0.68
N ARG K 144 16.49 -32.99 -0.73
CA ARG K 144 15.38 -32.07 -0.89
C ARG K 144 14.62 -31.82 0.40
N ASN K 145 15.05 -32.42 1.50
CA ASN K 145 14.53 -32.11 2.82
C ASN K 145 13.05 -32.46 2.95
N LEU K 146 12.74 -33.74 2.81
CA LEU K 146 11.48 -34.21 3.34
C LEU K 146 11.45 -34.07 4.85
N THR K 147 10.26 -34.27 5.41
CA THR K 147 10.02 -34.11 6.84
C THR K 147 9.49 -35.39 7.46
N ASP K 148 8.51 -36.02 6.83
CA ASP K 148 7.82 -37.15 7.44
C ASP K 148 8.58 -38.44 7.12
N MET K 149 8.88 -39.20 8.17
CA MET K 149 9.43 -40.53 7.97
C MET K 149 8.44 -41.46 7.29
N SER K 150 7.14 -41.19 7.42
CA SER K 150 6.15 -42.06 6.81
C SER K 150 6.21 -41.99 5.30
N LEU K 151 6.49 -40.80 4.76
CA LEU K 151 6.30 -40.53 3.35
C LEU K 151 7.51 -40.90 2.52
N ALA K 152 8.29 -41.88 2.98
CA ALA K 152 9.33 -42.48 2.15
C ALA K 152 8.74 -43.18 0.92
N ARG K 153 7.44 -43.44 0.90
CA ARG K 153 6.84 -44.27 -0.12
C ARG K 153 7.08 -43.75 -1.52
N TYR K 154 7.27 -42.45 -1.68
CA TYR K 154 7.29 -41.83 -2.99
C TYR K 154 8.38 -40.79 -3.08
N ALA K 155 9.50 -41.04 -2.41
CA ALA K 155 10.69 -40.21 -2.59
C ALA K 155 11.58 -40.81 -3.67
N PHE K 156 10.98 -41.18 -4.78
CA PHE K 156 11.70 -41.74 -5.90
C PHE K 156 12.12 -40.64 -6.86
N ASP K 157 12.96 -41.03 -7.80
CA ASP K 157 13.20 -40.19 -8.96
C ASP K 157 12.11 -40.37 -10.01
N PHE K 158 11.32 -41.44 -9.90
CA PHE K 158 10.44 -41.81 -10.97
C PHE K 158 9.28 -42.64 -10.44
N TYR K 159 8.16 -42.54 -11.14
CA TYR K 159 6.90 -43.11 -10.73
C TYR K 159 5.89 -42.80 -11.83
N GLU K 160 4.81 -43.57 -11.86
CA GLU K 160 3.65 -43.30 -12.72
C GLU K 160 2.41 -43.21 -11.85
N MET K 161 1.78 -42.04 -11.87
CA MET K 161 0.56 -41.84 -11.12
C MET K 161 -0.56 -42.71 -11.67
N THR K 162 -1.42 -43.18 -10.77
CA THR K 162 -2.49 -44.09 -11.12
C THR K 162 -3.73 -43.73 -10.34
N SER K 163 -4.85 -44.30 -10.76
CA SER K 163 -6.14 -44.06 -10.11
C SER K 163 -6.43 -45.09 -9.04
N ARG K 164 -5.46 -45.30 -8.16
CA ARG K 164 -5.66 -46.11 -6.96
C ARG K 164 -4.93 -45.51 -5.77
N THR K 165 -4.63 -44.23 -5.82
CA THR K 165 -3.59 -43.64 -5.02
C THR K 165 -4.12 -42.49 -4.19
N PRO K 166 -3.42 -42.11 -3.13
CA PRO K 166 -3.98 -41.15 -2.19
C PRO K 166 -3.90 -39.72 -2.73
N ILE K 167 -4.36 -38.79 -1.90
CA ILE K 167 -4.46 -37.39 -2.25
C ILE K 167 -3.23 -36.63 -1.78
N ARG K 168 -2.85 -36.88 -0.54
CA ARG K 168 -1.88 -36.04 0.14
C ARG K 168 -0.54 -36.08 -0.56
N ALA K 169 0.01 -37.28 -0.70
CA ALA K 169 1.39 -37.44 -1.16
C ALA K 169 1.59 -36.90 -2.56
N ARG K 170 0.52 -36.82 -3.35
CA ARG K 170 0.61 -36.26 -4.69
C ARG K 170 1.19 -34.86 -4.66
N GLU K 171 0.77 -34.07 -3.66
CA GLU K 171 1.22 -32.70 -3.55
C GLU K 171 2.73 -32.64 -3.43
N ALA K 172 3.28 -33.40 -2.50
CA ALA K 172 4.72 -33.39 -2.31
C ALA K 172 5.40 -33.93 -3.55
N HIS K 173 4.79 -34.91 -4.22
CA HIS K 173 5.44 -35.50 -5.37
C HIS K 173 5.63 -34.45 -6.47
N ILE K 174 4.60 -33.68 -6.73
CA ILE K 174 4.64 -32.77 -7.86
C ILE K 174 5.38 -31.51 -7.51
N GLN K 175 5.14 -30.97 -6.32
CA GLN K 175 5.85 -29.77 -5.91
C GLN K 175 7.33 -30.05 -5.86
N MET K 176 7.72 -31.12 -5.18
CA MET K 176 9.12 -31.44 -5.07
C MET K 176 9.68 -31.88 -6.40
N LYS K 177 8.81 -32.30 -7.33
CA LYS K 177 9.27 -32.56 -8.67
C LYS K 177 9.72 -31.27 -9.31
N ALA K 178 8.79 -30.36 -9.54
CA ALA K 178 9.09 -29.24 -10.41
C ALA K 178 10.07 -28.30 -9.74
N ALA K 179 9.92 -28.10 -8.44
CA ALA K 179 10.81 -27.16 -7.77
C ALA K 179 12.20 -27.73 -7.68
N ALA K 180 12.33 -29.05 -7.69
CA ALA K 180 13.65 -29.65 -7.76
C ALA K 180 14.30 -29.39 -9.12
N LEU K 181 13.51 -29.03 -10.12
CA LEU K 181 14.05 -28.51 -11.35
C LEU K 181 14.20 -27.01 -11.23
N ARG K 182 15.20 -26.46 -11.93
CA ARG K 182 15.34 -25.03 -12.10
C ARG K 182 16.48 -24.78 -13.07
N GLY K 183 16.37 -23.69 -13.82
CA GLY K 183 17.50 -23.16 -14.55
C GLY K 183 17.78 -23.86 -15.86
N ALA K 184 17.88 -25.19 -15.82
CA ALA K 184 18.15 -25.95 -17.02
C ALA K 184 17.02 -25.74 -18.03
N ASN K 185 17.41 -25.46 -19.27
CA ASN K 185 16.51 -24.99 -20.30
C ASN K 185 16.34 -26.03 -21.40
N ASN K 186 15.27 -25.88 -22.15
CA ASN K 186 15.07 -26.66 -23.37
C ASN K 186 16.24 -26.46 -24.31
N ASN K 187 16.61 -25.20 -24.56
CA ASN K 187 17.90 -24.75 -25.13
C ASN K 187 18.43 -25.68 -26.22
N LEU K 188 17.63 -25.77 -27.28
CA LEU K 188 17.71 -26.85 -28.27
C LEU K 188 19.12 -27.12 -28.76
N PHE K 189 19.70 -26.16 -29.45
CA PHE K 189 20.82 -26.43 -30.33
C PHE K 189 22.15 -26.13 -29.66
N GLY K 190 23.18 -26.81 -30.14
CA GLY K 190 24.54 -26.55 -29.72
C GLY K 190 25.16 -25.60 -30.71
N LEU K 191 26.02 -26.11 -31.58
CA LEU K 191 26.59 -25.30 -32.65
C LEU K 191 26.87 -26.19 -33.85
N ASP K 192 27.07 -25.57 -34.99
CA ASP K 192 27.11 -26.26 -36.26
C ASP K 192 28.54 -26.63 -36.62
N GLY K 193 28.68 -27.56 -37.56
CA GLY K 193 29.97 -28.09 -37.94
C GLY K 193 30.68 -27.30 -39.00
N ASN K 194 29.93 -26.83 -39.99
CA ASN K 194 30.54 -26.11 -41.10
C ASN K 194 31.05 -24.79 -40.56
N VAL K 195 32.33 -24.78 -40.21
CA VAL K 195 32.96 -23.62 -39.60
C VAL K 195 34.19 -23.30 -40.43
N GLY K 196 33.99 -22.52 -41.48
CA GLY K 196 35.07 -21.92 -42.23
C GLY K 196 35.04 -20.44 -41.98
N THR K 197 35.97 -19.97 -41.16
CA THR K 197 36.07 -18.55 -40.89
C THR K 197 36.40 -17.74 -42.14
N THR K 198 36.85 -18.38 -43.22
CA THR K 198 37.13 -17.71 -44.47
C THR K 198 36.64 -18.56 -45.63
N VAL K 199 36.76 -17.98 -46.81
CA VAL K 199 36.44 -18.63 -48.08
C VAL K 199 37.74 -19.05 -48.75
N GLU K 200 37.69 -20.12 -49.51
CA GLU K 200 38.82 -20.53 -50.32
C GLU K 200 39.23 -19.40 -51.26
N ASN K 201 40.52 -19.32 -51.54
CA ASN K 201 41.05 -18.21 -52.33
C ASN K 201 40.91 -18.48 -53.82
N THR K 202 41.28 -19.69 -54.26
CA THR K 202 41.12 -20.10 -55.65
C THR K 202 41.97 -19.24 -56.59
N GLU K 203 43.27 -19.25 -56.33
CA GLU K 203 44.22 -18.40 -57.05
C GLU K 203 45.48 -19.22 -57.30
N ARG K 204 46.57 -18.52 -57.62
CA ARG K 204 47.86 -19.16 -57.81
C ARG K 204 48.96 -18.23 -57.32
N HIS K 205 49.99 -18.84 -56.76
CA HIS K 205 51.25 -18.16 -56.48
C HIS K 205 52.23 -18.45 -57.59
N THR K 206 52.91 -17.39 -58.04
CA THR K 206 53.99 -17.51 -58.98
C THR K 206 55.04 -16.46 -58.62
N THR K 207 56.23 -16.63 -59.17
CA THR K 207 57.33 -15.72 -58.90
C THR K 207 57.06 -14.36 -59.56
N PRO M 1 -60.50 -19.35 -27.17
CA PRO M 1 -59.51 -18.30 -27.43
C PRO M 1 -58.07 -18.81 -27.43
N ARG M 2 -57.39 -18.64 -28.56
CA ARG M 2 -56.00 -19.06 -28.69
C ARG M 2 -55.33 -18.18 -29.73
N LEU M 3 -54.03 -18.38 -29.90
CA LEU M 3 -53.23 -17.46 -30.72
C LEU M 3 -51.85 -18.09 -30.91
N LYS M 4 -50.94 -17.30 -31.49
CA LYS M 4 -49.59 -17.72 -31.83
C LYS M 4 -48.58 -16.78 -31.19
N SER M 5 -47.32 -17.21 -31.20
CA SER M 5 -46.25 -16.41 -30.60
C SER M 5 -45.92 -15.20 -31.45
N LEU M 6 -45.55 -15.42 -32.69
CA LEU M 6 -45.00 -14.36 -33.52
C LEU M 6 -46.11 -13.42 -33.97
N THR M 7 -45.69 -12.23 -34.37
CA THR M 7 -46.61 -11.12 -34.62
C THR M 7 -46.22 -10.42 -35.92
N SER M 8 -46.96 -9.36 -36.23
CA SER M 8 -46.73 -8.57 -37.43
C SER M 8 -46.61 -7.08 -37.15
N LYS M 9 -47.31 -6.56 -36.14
CA LYS M 9 -47.17 -5.16 -35.75
C LYS M 9 -45.84 -4.86 -35.08
N MET M 10 -45.02 -5.88 -34.83
CA MET M 10 -43.74 -5.70 -34.18
C MET M 10 -42.87 -4.73 -34.96
N ARG M 11 -41.99 -4.05 -34.24
CA ARG M 11 -40.96 -3.25 -34.86
C ARG M 11 -39.97 -4.16 -35.56
N VAL M 12 -39.83 -3.98 -36.87
CA VAL M 12 -39.06 -4.88 -37.72
C VAL M 12 -38.41 -4.04 -38.80
N PRO M 13 -37.27 -4.44 -39.37
CA PRO M 13 -36.71 -3.67 -40.49
C PRO M 13 -37.64 -3.75 -41.69
N ARG M 14 -37.38 -2.85 -42.65
CA ARG M 14 -38.24 -2.67 -43.81
C ARG M 14 -37.40 -2.15 -44.97
N TYR M 15 -37.28 -2.95 -46.03
CA TYR M 15 -36.65 -2.45 -47.25
C TYR M 15 -37.39 -1.24 -47.78
N GLU M 16 -38.63 -1.46 -48.19
CA GLU M 16 -39.61 -0.40 -48.30
C GLU M 16 -40.73 -0.75 -47.33
N LYS M 17 -41.75 0.10 -47.31
CA LYS M 17 -42.64 0.16 -46.15
C LYS M 17 -43.48 -1.10 -46.03
N ARG M 18 -44.14 -1.51 -47.12
CA ARG M 18 -45.08 -2.61 -47.02
C ARG M 18 -44.36 -3.93 -46.73
N VAL M 19 -43.08 -4.01 -47.06
CA VAL M 19 -42.38 -5.28 -46.96
C VAL M 19 -42.10 -5.61 -45.51
N ALA M 20 -42.38 -6.85 -45.15
CA ALA M 20 -41.93 -7.45 -43.90
C ALA M 20 -40.99 -8.59 -44.25
N LEU M 21 -39.79 -8.55 -43.67
CA LEU M 21 -38.69 -9.36 -44.17
C LEU M 21 -38.56 -10.71 -43.49
N ASN M 22 -38.57 -10.73 -42.16
CA ASN M 22 -38.51 -11.99 -41.44
C ASN M 22 -39.88 -12.64 -41.62
N LEU M 23 -40.00 -13.38 -42.71
CA LEU M 23 -41.26 -13.99 -43.07
C LEU M 23 -41.70 -14.95 -41.99
N ASP M 24 -42.95 -14.82 -41.56
CA ASP M 24 -43.42 -15.48 -40.36
C ASP M 24 -44.05 -16.85 -40.69
N HIS M 25 -43.26 -17.64 -41.43
CA HIS M 25 -43.50 -19.06 -41.59
C HIS M 25 -42.38 -19.87 -40.95
N LEU M 26 -41.58 -19.26 -40.08
CA LEU M 26 -40.43 -19.90 -39.48
C LEU M 26 -40.77 -20.56 -38.17
N ILE M 27 -42.02 -20.97 -38.01
CA ILE M 27 -42.46 -21.62 -36.79
C ILE M 27 -41.68 -22.89 -36.55
N LEU M 28 -41.26 -23.56 -37.61
CA LEU M 28 -40.71 -24.90 -37.54
C LEU M 28 -39.26 -24.84 -38.01
N TYR M 29 -38.38 -24.46 -37.11
CA TYR M 29 -36.95 -24.54 -37.38
C TYR M 29 -36.24 -24.51 -36.03
N THR M 30 -35.90 -25.69 -35.52
CA THR M 30 -35.11 -25.81 -34.28
C THR M 30 -34.25 -27.06 -34.39
N PRO M 31 -33.28 -27.05 -35.24
CA PRO M 31 -32.30 -28.15 -35.25
C PRO M 31 -31.47 -28.14 -33.99
N GLU M 32 -30.59 -29.14 -33.85
CA GLU M 32 -29.71 -29.19 -32.71
C GLU M 32 -28.80 -27.98 -32.68
N GLN M 33 -28.55 -27.50 -31.46
CA GLN M 33 -27.79 -26.27 -31.30
C GLN M 33 -26.34 -26.48 -31.73
N THR M 34 -25.69 -27.49 -31.15
CA THR M 34 -24.30 -27.74 -31.46
C THR M 34 -24.12 -28.12 -32.92
N ASP M 35 -25.14 -28.71 -33.53
CA ASP M 35 -25.05 -29.11 -34.93
C ASP M 35 -24.87 -27.91 -35.85
N LEU M 36 -25.26 -26.72 -35.42
CA LEU M 36 -25.17 -25.54 -36.25
C LEU M 36 -23.86 -24.79 -36.07
N SER M 37 -23.16 -25.02 -34.96
CA SER M 37 -22.03 -24.19 -34.58
C SER M 37 -20.88 -24.23 -35.57
N ASN M 38 -19.84 -23.47 -35.27
CA ASN M 38 -18.56 -23.63 -35.93
C ASN M 38 -17.62 -24.54 -35.13
N THR M 39 -17.86 -24.72 -33.84
CA THR M 39 -16.98 -25.53 -33.02
C THR M 39 -17.02 -27.00 -33.40
N ARG M 40 -18.11 -27.45 -34.01
CA ARG M 40 -18.15 -28.74 -34.68
C ARG M 40 -18.02 -28.51 -36.17
N SER M 41 -17.31 -29.43 -36.82
CA SER M 41 -17.08 -29.31 -38.24
C SER M 41 -18.25 -29.91 -39.01
N THR M 42 -18.08 -30.01 -40.32
CA THR M 42 -19.16 -30.30 -41.23
C THR M 42 -19.18 -31.76 -41.63
N ARG M 43 -20.31 -32.13 -42.22
CA ARG M 43 -20.55 -33.51 -42.59
C ARG M 43 -19.67 -33.92 -43.75
N LYS M 44 -19.40 -32.99 -44.66
CA LYS M 44 -18.53 -33.29 -45.79
C LYS M 44 -17.14 -33.66 -45.31
N GLN M 45 -16.58 -32.84 -44.43
CA GLN M 45 -15.26 -33.12 -43.89
C GLN M 45 -15.25 -34.48 -43.22
N PHE M 46 -16.29 -34.73 -42.42
CA PHE M 46 -16.44 -35.98 -41.72
C PHE M 46 -16.46 -37.15 -42.68
N ASP M 47 -16.96 -36.92 -43.89
CA ASP M 47 -16.97 -37.97 -44.90
C ASP M 47 -15.57 -38.15 -45.48
N THR M 48 -14.92 -37.05 -45.84
CA THR M 48 -13.67 -37.17 -46.58
C THR M 48 -12.56 -37.72 -45.73
N TRP M 49 -12.61 -37.48 -44.42
CA TRP M 49 -11.67 -38.16 -43.54
C TRP M 49 -11.91 -39.66 -43.57
N PHE M 50 -13.18 -40.03 -43.37
CA PHE M 50 -13.64 -41.41 -43.36
C PHE M 50 -13.34 -42.14 -44.65
N GLU M 51 -13.13 -41.42 -45.74
CA GLU M 51 -12.82 -42.00 -47.03
C GLU M 51 -11.33 -41.99 -47.33
N GLY M 52 -10.64 -40.93 -46.90
CA GLY M 52 -9.20 -40.89 -47.11
C GLY M 52 -8.50 -41.98 -46.35
N VAL M 53 -8.98 -42.28 -45.15
CA VAL M 53 -8.49 -43.46 -44.47
C VAL M 53 -8.82 -44.71 -45.26
N MET M 54 -10.01 -44.73 -45.87
CA MET M 54 -10.46 -45.91 -46.61
C MET M 54 -9.52 -46.20 -47.77
N ALA M 55 -8.97 -45.14 -48.36
CA ALA M 55 -7.96 -45.32 -49.40
C ALA M 55 -6.66 -45.84 -48.81
N ASP M 56 -6.38 -45.51 -47.56
CA ASP M 56 -5.09 -45.84 -46.98
C ASP M 56 -5.01 -47.31 -46.61
N TYR M 57 -5.91 -47.75 -45.74
CA TYR M 57 -5.74 -49.03 -45.07
C TYR M 57 -6.46 -50.17 -45.76
N GLU M 58 -7.30 -49.88 -46.75
CA GLU M 58 -7.73 -50.86 -47.75
C GLU M 58 -8.48 -52.02 -47.09
N LEU M 59 -9.64 -51.69 -46.54
CA LEU M 59 -10.46 -52.64 -45.80
C LEU M 59 -11.61 -53.22 -46.62
N THR M 60 -12.29 -52.36 -47.38
CA THR M 60 -13.53 -52.73 -48.06
C THR M 60 -14.52 -53.32 -47.05
N GLU M 61 -14.57 -52.71 -45.86
CA GLU M 61 -15.35 -53.26 -44.77
C GLU M 61 -15.70 -52.14 -43.82
N ASP M 62 -16.76 -52.37 -43.05
CA ASP M 62 -17.08 -51.56 -41.89
C ASP M 62 -16.42 -52.08 -40.63
N LYS M 63 -15.27 -52.74 -40.76
CA LYS M 63 -14.44 -53.03 -39.61
C LYS M 63 -13.83 -51.75 -39.07
N MET M 64 -13.69 -50.75 -39.93
CA MET M 64 -13.25 -49.42 -39.51
C MET M 64 -14.13 -48.87 -38.41
N GLN M 65 -15.39 -49.32 -38.34
CA GLN M 65 -16.21 -49.12 -37.15
C GLN M 65 -15.42 -49.49 -35.90
N ILE M 66 -14.95 -50.74 -35.86
CA ILE M 66 -14.25 -51.24 -34.71
C ILE M 66 -12.93 -50.51 -34.54
N ILE M 67 -12.30 -50.18 -35.65
CA ILE M 67 -11.00 -49.52 -35.58
C ILE M 67 -11.14 -48.18 -34.88
N LEU M 68 -12.00 -47.33 -35.44
CA LEU M 68 -12.23 -46.01 -34.88
C LEU M 68 -12.69 -46.10 -33.44
N ASN M 69 -13.48 -47.13 -33.12
CA ASN M 69 -13.82 -47.40 -31.73
C ASN M 69 -12.56 -47.60 -30.92
N GLY M 70 -11.55 -48.22 -31.51
CA GLY M 70 -10.26 -48.29 -30.85
C GLY M 70 -9.64 -46.92 -30.70
N LEU M 71 -9.69 -46.10 -31.76
CA LEU M 71 -9.00 -44.82 -31.77
C LEU M 71 -9.54 -43.89 -30.70
N MET M 72 -10.81 -44.09 -30.35
CA MET M 72 -11.39 -43.38 -29.20
C MET M 72 -10.47 -43.41 -28.00
N VAL M 73 -9.88 -44.56 -27.73
CA VAL M 73 -9.33 -44.78 -26.41
C VAL M 73 -7.94 -44.17 -26.30
N TRP M 74 -7.07 -44.47 -27.25
CA TRP M 74 -5.76 -43.82 -27.25
C TRP M 74 -5.92 -42.33 -27.45
N CYS M 75 -6.97 -41.92 -28.17
CA CYS M 75 -7.27 -40.50 -28.24
C CYS M 75 -7.61 -39.94 -26.86
N ILE M 76 -8.26 -40.75 -26.03
CA ILE M 76 -8.67 -40.28 -24.71
C ILE M 76 -7.47 -40.17 -23.79
N GLU M 77 -6.83 -41.30 -23.51
CA GLU M 77 -5.91 -41.39 -22.40
C GLU M 77 -4.69 -40.48 -22.54
N ASN M 78 -4.47 -39.89 -23.71
CA ASN M 78 -3.34 -39.04 -23.96
C ASN M 78 -3.76 -37.78 -24.68
N GLY M 79 -2.81 -36.86 -24.83
CA GLY M 79 -3.07 -35.56 -25.38
C GLY M 79 -3.60 -35.55 -26.80
N THR M 80 -3.90 -34.36 -27.31
CA THR M 80 -4.43 -34.19 -28.66
C THR M 80 -3.77 -32.96 -29.27
N SER M 81 -2.89 -33.19 -30.24
CA SER M 81 -2.16 -32.12 -30.89
C SER M 81 -1.55 -32.68 -32.15
N PRO M 82 -1.24 -31.84 -33.12
CA PRO M 82 -0.44 -32.33 -34.25
C PRO M 82 0.91 -32.83 -33.81
N ASN M 83 1.43 -32.28 -32.72
CA ASN M 83 2.76 -32.60 -32.23
C ASN M 83 2.70 -33.96 -31.54
N ILE M 84 2.61 -35.01 -32.36
CA ILE M 84 2.59 -36.37 -31.88
C ILE M 84 3.49 -37.22 -32.77
N ASN M 85 4.14 -38.21 -32.17
CA ASN M 85 4.90 -39.19 -32.90
C ASN M 85 4.81 -40.50 -32.15
N GLY M 86 5.46 -41.53 -32.70
CA GLY M 86 5.44 -42.85 -32.10
C GLY M 86 4.47 -43.77 -32.81
N MET M 87 3.60 -44.40 -32.05
CA MET M 87 2.53 -45.22 -32.58
C MET M 87 1.37 -45.13 -31.60
N TRP M 88 0.34 -45.94 -31.84
CA TRP M 88 -0.61 -46.28 -30.80
C TRP M 88 -0.97 -47.75 -30.96
N VAL M 89 -1.74 -48.27 -30.01
CA VAL M 89 -2.13 -49.67 -30.05
C VAL M 89 -3.35 -49.86 -29.14
N MET M 90 -4.16 -50.85 -29.50
CA MET M 90 -5.10 -51.46 -28.56
C MET M 90 -4.81 -52.95 -28.50
N MET M 91 -5.69 -53.70 -27.83
CA MET M 91 -5.44 -55.11 -27.57
C MET M 91 -6.60 -55.98 -28.04
N ASP M 92 -6.32 -57.27 -28.06
CA ASP M 92 -7.31 -58.32 -28.33
C ASP M 92 -6.98 -59.47 -27.38
N GLY M 93 -7.58 -59.43 -26.21
CA GLY M 93 -7.26 -60.41 -25.18
C GLY M 93 -6.00 -60.01 -24.44
N ASP M 94 -4.88 -60.62 -24.83
CA ASP M 94 -3.57 -60.29 -24.29
C ASP M 94 -2.60 -59.80 -25.36
N ASP M 95 -3.06 -59.67 -26.59
CA ASP M 95 -2.21 -59.25 -27.69
C ASP M 95 -2.22 -57.73 -27.81
N GLN M 96 -1.24 -57.21 -28.54
CA GLN M 96 -0.97 -55.77 -28.58
C GLN M 96 -0.68 -55.33 -30.00
N VAL M 97 -1.58 -55.66 -30.91
CA VAL M 97 -1.36 -55.39 -32.32
C VAL M 97 -1.37 -53.88 -32.55
N GLU M 98 -0.22 -53.34 -32.96
CA GLU M 98 0.00 -51.91 -32.97
C GLU M 98 -0.65 -51.28 -34.20
N PHE M 99 -0.43 -49.98 -34.38
CA PHE M 99 -1.03 -49.24 -35.48
C PHE M 99 -0.40 -47.86 -35.63
N PRO M 100 -0.27 -47.32 -36.86
CA PRO M 100 0.38 -46.01 -37.01
C PRO M 100 -0.53 -44.81 -36.77
N ILE M 101 0.00 -43.62 -37.06
CA ILE M 101 -0.58 -42.36 -36.60
C ILE M 101 -0.93 -41.45 -37.76
N LYS M 102 0.11 -40.99 -38.44
CA LYS M 102 0.14 -39.72 -39.17
C LYS M 102 -1.02 -39.47 -40.14
N PRO M 103 -1.35 -40.38 -41.05
CA PRO M 103 -2.31 -40.02 -42.10
C PRO M 103 -3.71 -39.79 -41.58
N LEU M 104 -3.99 -40.16 -40.34
CA LEU M 104 -5.22 -39.76 -39.68
C LEU M 104 -5.19 -38.31 -39.24
N ILE M 105 -4.09 -37.60 -39.47
CA ILE M 105 -3.88 -36.25 -39.01
C ILE M 105 -3.59 -35.32 -40.17
N ASP M 106 -2.76 -35.78 -41.12
CA ASP M 106 -2.43 -34.93 -42.25
C ASP M 106 -3.57 -34.83 -43.27
N HIS M 107 -4.72 -35.44 -43.01
CA HIS M 107 -5.79 -35.53 -43.98
C HIS M 107 -7.12 -35.09 -43.38
N ALA M 108 -7.09 -33.99 -42.61
CA ALA M 108 -8.29 -33.28 -42.22
C ALA M 108 -8.01 -31.79 -42.27
N LYS M 109 -9.00 -31.01 -42.68
CA LYS M 109 -8.74 -29.63 -43.08
C LYS M 109 -8.68 -28.73 -41.85
N PRO M 110 -9.64 -28.80 -40.95
CA PRO M 110 -9.42 -28.25 -39.61
C PRO M 110 -8.73 -29.30 -38.76
N THR M 111 -8.58 -29.02 -37.48
CA THR M 111 -7.69 -29.81 -36.64
C THR M 111 -8.34 -31.11 -36.18
N PHE M 112 -7.67 -31.78 -35.25
CA PHE M 112 -8.06 -33.09 -34.75
C PHE M 112 -9.15 -33.00 -33.70
N ARG M 113 -9.09 -31.99 -32.84
CA ARG M 113 -10.16 -31.77 -31.90
C ARG M 113 -11.43 -31.41 -32.63
N GLN M 114 -11.28 -30.62 -33.69
CA GLN M 114 -12.43 -30.14 -34.44
C GLN M 114 -13.13 -31.26 -35.21
N ILE M 115 -12.56 -32.46 -35.25
CA ILE M 115 -13.23 -33.63 -35.80
C ILE M 115 -13.70 -34.57 -34.69
N MET M 116 -12.90 -34.72 -33.65
CA MET M 116 -13.28 -35.66 -32.60
C MET M 116 -14.32 -35.10 -31.66
N ALA M 117 -14.77 -33.87 -31.88
CA ALA M 117 -15.79 -33.28 -31.00
C ALA M 117 -17.09 -34.05 -31.02
N HIS M 118 -17.33 -34.84 -32.06
CA HIS M 118 -18.47 -35.74 -32.05
C HIS M 118 -18.41 -36.67 -30.86
N PHE M 119 -17.37 -37.48 -30.80
CA PHE M 119 -17.37 -38.67 -29.97
C PHE M 119 -17.26 -38.22 -28.53
N SER M 120 -18.42 -37.90 -27.96
CA SER M 120 -18.54 -37.29 -26.66
C SER M 120 -19.24 -38.20 -25.67
N ASP M 121 -20.45 -38.61 -26.00
CA ASP M 121 -21.30 -39.30 -25.05
C ASP M 121 -21.00 -40.78 -25.00
N VAL M 122 -20.40 -41.33 -26.05
CA VAL M 122 -20.09 -42.75 -26.07
C VAL M 122 -19.06 -43.06 -25.00
N ALA M 123 -17.92 -42.39 -25.07
CA ALA M 123 -16.92 -42.54 -24.02
C ALA M 123 -17.44 -42.05 -22.68
N GLU M 124 -18.42 -41.15 -22.68
CA GLU M 124 -19.02 -40.72 -21.44
C GLU M 124 -19.66 -41.89 -20.71
N ALA M 125 -20.55 -42.59 -21.40
CA ALA M 125 -21.17 -43.77 -20.80
C ALA M 125 -20.14 -44.85 -20.53
N TYR M 126 -19.10 -44.91 -21.35
CA TYR M 126 -18.02 -45.86 -21.12
C TYR M 126 -17.44 -45.68 -19.74
N ILE M 127 -17.01 -44.46 -19.44
CA ILE M 127 -16.37 -44.21 -18.17
C ILE M 127 -17.37 -44.32 -17.05
N GLU M 128 -18.64 -44.05 -17.32
CA GLU M 128 -19.65 -44.24 -16.30
C GLU M 128 -19.69 -45.69 -15.85
N LYS M 129 -19.73 -46.61 -16.82
CA LYS M 129 -19.74 -48.02 -16.47
C LYS M 129 -18.46 -48.41 -15.76
N ARG M 130 -17.34 -48.30 -16.47
CA ARG M 130 -16.12 -48.88 -15.93
C ARG M 130 -15.58 -48.12 -14.73
N ASN M 131 -16.13 -46.94 -14.44
CA ASN M 131 -15.91 -46.31 -13.15
C ASN M 131 -16.86 -46.87 -12.10
N GLN M 132 -18.09 -47.19 -12.51
CA GLN M 132 -19.02 -47.76 -11.55
C GLN M 132 -18.52 -49.09 -11.02
N ASP M 133 -17.79 -49.83 -11.85
CA ASP M 133 -17.20 -51.07 -11.36
C ASP M 133 -16.07 -50.78 -10.38
N ARG M 134 -15.20 -49.84 -10.73
CA ARG M 134 -13.89 -49.72 -10.09
C ARG M 134 -13.46 -48.27 -10.10
N PRO M 135 -12.51 -47.91 -9.25
CA PRO M 135 -12.14 -46.50 -9.15
C PRO M 135 -11.16 -46.09 -10.23
N TYR M 136 -11.66 -45.99 -11.45
CA TYR M 136 -10.87 -45.46 -12.54
C TYR M 136 -10.89 -43.94 -12.47
N MET M 137 -9.76 -43.34 -12.82
CA MET M 137 -9.68 -41.95 -13.16
C MET M 137 -8.76 -41.91 -14.37
N PRO M 138 -8.99 -41.01 -15.30
CA PRO M 138 -8.07 -40.89 -16.42
C PRO M 138 -6.77 -40.22 -16.08
N ARG M 139 -5.98 -39.98 -17.13
CA ARG M 139 -4.67 -39.38 -16.98
C ARG M 139 -4.77 -37.89 -16.71
N TYR M 140 -5.60 -37.22 -17.50
CA TYR M 140 -5.46 -35.79 -17.70
C TYR M 140 -5.62 -34.98 -16.42
N GLY M 141 -6.32 -35.53 -15.44
CA GLY M 141 -6.45 -34.87 -14.15
C GLY M 141 -5.33 -35.24 -13.21
N LEU M 142 -4.83 -36.48 -13.35
CA LEU M 142 -3.79 -36.94 -12.46
C LEU M 142 -2.50 -36.17 -12.67
N GLN M 143 -2.33 -35.59 -13.85
CA GLN M 143 -1.25 -34.63 -14.03
C GLN M 143 -1.62 -33.29 -13.44
N ARG M 144 -2.91 -32.97 -13.43
CA ARG M 144 -3.42 -31.68 -12.98
C ARG M 144 -4.04 -31.73 -11.61
N ASN M 145 -4.02 -32.90 -10.96
CA ASN M 145 -4.43 -33.02 -9.56
C ASN M 145 -5.88 -32.66 -9.35
N LEU M 146 -6.77 -33.43 -9.96
CA LEU M 146 -8.14 -33.46 -9.49
C LEU M 146 -8.20 -34.03 -8.09
N THR M 147 -9.37 -33.89 -7.48
CA THR M 147 -9.60 -34.31 -6.10
C THR M 147 -10.72 -35.33 -6.00
N ASP M 148 -11.84 -35.06 -6.66
CA ASP M 148 -13.04 -35.88 -6.50
C ASP M 148 -12.98 -37.05 -7.46
N MET M 149 -13.17 -38.25 -6.91
CA MET M 149 -13.31 -39.42 -7.76
C MET M 149 -14.59 -39.36 -8.59
N SER M 150 -15.60 -38.62 -8.13
CA SER M 150 -16.85 -38.54 -8.88
C SER M 150 -16.65 -37.82 -10.19
N LEU M 151 -15.79 -36.81 -10.20
CA LEU M 151 -15.73 -35.87 -11.31
C LEU M 151 -14.80 -36.32 -12.41
N ALA M 152 -14.63 -37.63 -12.56
CA ALA M 152 -13.97 -38.19 -13.74
C ALA M 152 -14.73 -37.88 -15.03
N ARG M 153 -15.99 -37.46 -14.93
CA ARG M 153 -16.86 -37.35 -16.09
C ARG M 153 -16.30 -36.42 -17.15
N TYR M 154 -15.49 -35.44 -16.75
CA TYR M 154 -15.08 -34.38 -17.66
C TYR M 154 -13.62 -34.06 -17.48
N ALA M 155 -12.81 -35.08 -17.18
CA ALA M 155 -11.36 -34.91 -17.20
C ALA M 155 -10.79 -35.28 -18.55
N PHE M 156 -11.43 -34.77 -19.60
CA PHE M 156 -10.98 -35.01 -20.96
C PHE M 156 -10.04 -33.93 -21.41
N ASP M 157 -9.43 -34.17 -22.55
CA ASP M 157 -8.73 -33.13 -23.25
C ASP M 157 -9.69 -32.27 -24.07
N PHE M 158 -10.91 -32.78 -24.29
CA PHE M 158 -11.79 -32.16 -25.26
C PHE M 158 -13.23 -32.49 -24.94
N TYR M 159 -14.10 -31.57 -25.33
CA TYR M 159 -15.52 -31.61 -24.99
C TYR M 159 -16.17 -30.41 -25.65
N GLU M 160 -17.49 -30.48 -25.83
CA GLU M 160 -18.30 -29.36 -26.27
C GLU M 160 -19.40 -29.10 -25.24
N MET M 161 -19.37 -27.92 -24.65
CA MET M 161 -20.39 -27.54 -23.69
C MET M 161 -21.75 -27.43 -24.36
N THR M 162 -22.78 -27.81 -23.63
CA THR M 162 -24.13 -27.84 -24.14
C THR M 162 -25.09 -27.36 -23.06
N SER M 163 -26.32 -27.08 -23.49
CA SER M 163 -27.36 -26.60 -22.60
C SER M 163 -28.20 -27.74 -22.04
N ARG M 164 -27.51 -28.76 -21.52
CA ARG M 164 -28.17 -29.82 -20.77
C ARG M 164 -27.31 -30.26 -19.59
N THR M 165 -26.43 -29.41 -19.13
CA THR M 165 -25.28 -29.81 -18.35
C THR M 165 -25.24 -29.07 -17.02
N PRO M 166 -24.53 -29.60 -16.04
CA PRO M 166 -24.60 -29.03 -14.69
C PRO M 166 -23.80 -27.74 -14.57
N ILE M 167 -23.80 -27.20 -13.36
CA ILE M 167 -23.18 -25.94 -13.05
C ILE M 167 -21.78 -26.14 -12.51
N ARG M 168 -21.65 -27.08 -11.59
CA ARG M 168 -20.45 -27.20 -10.79
C ARG M 168 -19.24 -27.54 -11.67
N ALA M 169 -19.34 -28.64 -12.41
CA ALA M 169 -18.19 -29.17 -13.12
C ALA M 169 -17.66 -28.21 -14.16
N ARG M 170 -18.49 -27.30 -14.64
CA ARG M 170 -18.05 -26.30 -15.60
C ARG M 170 -16.86 -25.52 -15.06
N GLU M 171 -16.92 -25.19 -13.78
CA GLU M 171 -15.86 -24.40 -13.15
C GLU M 171 -14.52 -25.10 -13.28
N ALA M 172 -14.49 -26.37 -12.88
CA ALA M 172 -13.24 -27.12 -12.97
C ALA M 172 -12.82 -27.27 -14.41
N HIS M 173 -13.78 -27.41 -15.32
CA HIS M 173 -13.43 -27.63 -16.71
C HIS M 173 -12.68 -26.43 -17.26
N ILE M 174 -13.18 -25.24 -16.98
CA ILE M 174 -12.63 -24.06 -17.60
C ILE M 174 -11.38 -23.59 -16.87
N GLN M 175 -11.42 -23.62 -15.54
CA GLN M 175 -10.24 -23.23 -14.79
C GLN M 175 -9.09 -24.15 -15.12
N MET M 176 -9.33 -25.46 -15.04
CA MET M 176 -8.27 -26.40 -15.33
C MET M 176 -7.91 -26.37 -16.79
N LYS M 177 -8.81 -25.88 -17.64
CA LYS M 177 -8.44 -25.66 -19.03
C LYS M 177 -7.37 -24.59 -19.11
N ALA M 178 -7.74 -23.37 -18.76
CA ALA M 178 -6.86 -22.26 -19.10
C ALA M 178 -5.59 -22.30 -18.28
N ALA M 179 -5.71 -22.67 -17.01
CA ALA M 179 -4.53 -22.68 -16.17
C ALA M 179 -3.59 -23.80 -16.57
N ALA M 180 -4.13 -24.86 -17.18
CA ALA M 180 -3.27 -25.88 -17.73
C ALA M 180 -2.49 -25.37 -18.92
N LEU M 181 -2.93 -24.27 -19.52
CA LEU M 181 -2.12 -23.55 -20.48
C LEU M 181 -1.26 -22.55 -19.74
N ARG M 182 -0.10 -22.27 -20.30
CA ARG M 182 0.75 -21.16 -19.87
C ARG M 182 1.94 -21.06 -20.81
N GLY M 183 2.41 -19.84 -20.98
CA GLY M 183 3.70 -19.62 -21.60
C GLY M 183 3.70 -19.69 -23.11
N ALA M 184 3.12 -20.75 -23.66
CA ALA M 184 3.08 -20.89 -25.11
C ALA M 184 2.27 -19.75 -25.71
N ASN M 185 2.82 -19.16 -26.75
CA ASN M 185 2.34 -17.90 -27.31
C ASN M 185 1.77 -18.12 -28.70
N ASN M 186 0.95 -17.15 -29.12
CA ASN M 186 0.49 -17.10 -30.50
C ASN M 186 1.66 -17.05 -31.45
N ASN M 187 2.62 -16.16 -31.19
CA ASN M 187 4.00 -16.15 -31.72
C ASN M 187 4.08 -16.58 -33.18
N LEU M 188 3.42 -15.80 -34.02
CA LEU M 188 3.02 -16.20 -35.37
C LEU M 188 4.15 -16.83 -36.17
N PHE M 189 5.17 -16.05 -36.47
CA PHE M 189 6.07 -16.37 -37.56
C PHE M 189 7.33 -17.07 -37.06
N GLY M 190 7.93 -17.83 -37.96
CA GLY M 190 9.21 -18.46 -37.71
C GLY M 190 10.28 -17.57 -38.29
N LEU M 191 10.84 -17.95 -39.43
CA LEU M 191 11.80 -17.13 -40.13
C LEU M 191 11.69 -17.38 -41.61
N ASP M 192 12.24 -16.45 -42.39
CA ASP M 192 12.03 -16.43 -43.82
C ASP M 192 13.12 -17.20 -44.55
N GLY M 193 12.85 -17.53 -45.81
CA GLY M 193 13.73 -18.36 -46.60
C GLY M 193 14.81 -17.59 -47.31
N ASN M 194 14.46 -16.44 -47.86
CA ASN M 194 15.42 -15.67 -48.64
C ASN M 194 16.47 -15.15 -47.68
N VAL M 195 17.56 -15.89 -47.59
CA VAL M 195 18.63 -15.58 -46.64
C VAL M 195 19.93 -15.53 -47.46
N GLY M 196 20.20 -14.36 -48.02
CA GLY M 196 21.47 -14.06 -48.62
C GLY M 196 22.16 -13.03 -47.75
N THR M 197 23.13 -13.48 -46.99
CA THR M 197 23.90 -12.58 -46.15
C THR M 197 24.67 -11.54 -46.96
N THR M 198 24.82 -11.74 -48.27
CA THR M 198 25.48 -10.77 -49.13
C THR M 198 24.72 -10.66 -50.45
N VAL M 199 25.18 -9.74 -51.27
CA VAL M 199 24.67 -9.51 -52.60
C VAL M 199 25.64 -10.11 -53.60
N GLU M 200 25.12 -10.55 -54.73
CA GLU M 200 25.97 -11.00 -55.83
C GLU M 200 26.94 -9.91 -56.23
N ASN M 201 28.12 -10.31 -56.67
CA ASN M 201 29.17 -9.36 -56.99
C ASN M 201 29.02 -8.81 -58.40
N THR M 202 28.79 -9.69 -59.38
CA THR M 202 28.54 -9.29 -60.75
C THR M 202 29.76 -8.61 -61.35
N GLU M 203 30.88 -9.33 -61.36
CA GLU M 203 32.16 -8.79 -61.80
C GLU M 203 32.88 -9.88 -62.59
N ARG M 204 34.18 -9.70 -62.76
CA ARG M 204 35.01 -10.68 -63.43
C ARG M 204 36.39 -10.72 -62.79
N HIS M 205 36.96 -11.91 -62.73
CA HIS M 205 38.36 -12.12 -62.41
C HIS M 205 39.15 -12.28 -63.69
N THR M 206 40.27 -11.58 -63.74
CA THR M 206 41.23 -11.74 -64.82
C THR M 206 42.61 -11.59 -64.23
N THR M 207 43.62 -12.02 -64.99
CA THR M 207 45.01 -11.95 -64.55
C THR M 207 45.49 -10.51 -64.51
N PRO O 1 -61.44 25.08 -17.62
CA PRO O 1 -60.05 25.53 -17.57
C PRO O 1 -59.05 24.48 -18.04
N ARG O 2 -58.29 24.81 -19.09
CA ARG O 2 -57.28 23.92 -19.62
C ARG O 2 -56.20 24.76 -20.28
N LEU O 3 -55.15 24.08 -20.74
CA LEU O 3 -53.95 24.78 -21.21
C LEU O 3 -53.04 23.76 -21.90
N LYS O 4 -51.82 24.20 -22.22
CA LYS O 4 -50.83 23.42 -22.93
C LYS O 4 -49.54 23.36 -22.14
N SER O 5 -48.64 22.46 -22.55
CA SER O 5 -47.37 22.30 -21.86
C SER O 5 -46.45 23.47 -22.14
N LEU O 6 -46.14 23.70 -23.41
CA LEU O 6 -45.09 24.63 -23.78
C LEU O 6 -45.57 26.06 -23.58
N THR O 7 -44.59 26.96 -23.49
CA THR O 7 -44.84 28.33 -23.07
C THR O 7 -44.06 29.28 -23.99
N SER O 8 -44.17 30.57 -23.67
CA SER O 8 -43.50 31.63 -24.44
C SER O 8 -42.69 32.57 -23.57
N LYS O 9 -43.11 32.82 -22.33
CA LYS O 9 -42.33 33.64 -21.41
C LYS O 9 -41.08 32.94 -20.92
N MET O 10 -40.88 31.67 -21.27
CA MET O 10 -39.72 30.92 -20.84
C MET O 10 -38.44 31.61 -21.27
N ARG O 11 -37.39 31.38 -20.48
CA ARG O 11 -36.05 31.80 -20.87
C ARG O 11 -35.59 30.98 -22.06
N VAL O 12 -35.29 31.65 -23.16
CA VAL O 12 -35.02 31.00 -24.43
C VAL O 12 -33.95 31.84 -25.14
N PRO O 13 -33.12 31.27 -26.01
CA PRO O 13 -32.20 32.11 -26.77
C PRO O 13 -32.94 33.04 -27.70
N ARG O 14 -32.22 34.04 -28.21
CA ARG O 14 -32.80 35.10 -29.02
C ARG O 14 -31.74 35.64 -29.96
N TYR O 15 -31.96 35.48 -31.27
CA TYR O 15 -31.08 36.12 -32.25
C TYR O 15 -31.10 37.62 -32.05
N GLU O 16 -32.25 38.23 -32.30
CA GLU O 16 -32.59 39.52 -31.77
C GLU O 16 -33.79 39.33 -30.87
N LYS O 17 -34.27 40.43 -30.32
CA LYS O 17 -35.09 40.36 -29.11
C LYS O 17 -36.45 39.74 -29.40
N ARG O 18 -37.15 40.24 -30.42
CA ARG O 18 -38.51 39.78 -30.65
C ARG O 18 -38.54 38.32 -31.07
N VAL O 19 -37.44 37.82 -31.63
CA VAL O 19 -37.47 36.49 -32.21
C VAL O 19 -37.48 35.45 -31.12
N ALA O 20 -38.35 34.46 -31.29
CA ALA O 20 -38.34 33.22 -30.52
C ALA O 20 -38.05 32.08 -31.47
N LEU O 21 -37.04 31.30 -31.16
CA LEU O 21 -36.43 30.40 -32.14
C LEU O 21 -37.03 29.02 -32.14
N ASN O 22 -37.13 28.39 -30.97
CA ASN O 22 -37.75 27.07 -30.88
C ASN O 22 -39.24 27.29 -31.09
N LEU O 23 -39.64 27.29 -32.36
CA LEU O 23 -41.01 27.57 -32.72
C LEU O 23 -41.93 26.55 -32.10
N ASP O 24 -42.99 27.03 -31.45
CA ASP O 24 -43.80 26.20 -30.59
C ASP O 24 -44.98 25.60 -31.36
N HIS O 25 -44.64 24.98 -32.49
CA HIS O 25 -45.53 24.08 -33.20
C HIS O 25 -45.00 22.65 -33.18
N LEU O 26 -44.06 22.35 -32.29
CA LEU O 26 -43.42 21.05 -32.23
C LEU O 26 -44.12 20.11 -31.30
N ILE O 27 -45.43 20.30 -31.12
CA ILE O 27 -46.20 19.45 -30.24
C ILE O 27 -46.16 18.01 -30.72
N LEU O 28 -46.05 17.80 -32.02
CA LEU O 28 -46.23 16.50 -32.63
C LEU O 28 -44.91 16.10 -33.27
N TYR O 29 -44.01 15.56 -32.46
CA TYR O 29 -42.80 14.96 -32.98
C TYR O 29 -42.26 14.04 -31.90
N THR O 30 -42.57 12.75 -32.00
CA THR O 30 -42.03 11.72 -31.11
C THR O 30 -41.89 10.42 -31.89
N PRO O 31 -40.97 10.38 -32.82
CA PRO O 31 -40.66 9.10 -33.46
C PRO O 31 -40.01 8.14 -32.48
N GLU O 32 -39.75 6.93 -32.95
CA GLU O 32 -39.08 5.95 -32.10
C GLU O 32 -37.70 6.43 -31.71
N GLN O 33 -37.33 6.11 -30.47
CA GLN O 33 -36.08 6.63 -29.94
C GLN O 33 -34.89 6.00 -30.64
N THR O 34 -34.86 4.66 -30.68
CA THR O 34 -33.74 3.97 -31.32
C THR O 34 -33.68 4.28 -32.80
N ASP O 35 -34.82 4.57 -33.42
CA ASP O 35 -34.84 4.88 -34.84
C ASP O 35 -34.04 6.13 -35.18
N LEU O 36 -33.82 7.01 -34.21
CA LEU O 36 -33.10 8.25 -34.44
C LEU O 36 -31.62 8.13 -34.19
N SER O 37 -31.19 7.12 -33.43
CA SER O 37 -29.82 7.06 -32.93
C SER O 37 -28.79 6.94 -34.03
N ASN O 38 -27.53 6.91 -33.61
CA ASN O 38 -26.45 6.49 -34.49
C ASN O 38 -26.13 5.01 -34.34
N THR O 39 -26.52 4.40 -33.22
CA THR O 39 -26.19 2.99 -33.01
C THR O 39 -26.93 2.08 -33.97
N ARG O 40 -28.05 2.51 -34.52
CA ARG O 40 -28.67 1.86 -35.65
C ARG O 40 -28.34 2.66 -36.91
N SER O 41 -28.14 1.94 -37.99
CA SER O 41 -27.78 2.58 -39.24
C SER O 41 -29.04 3.01 -39.98
N THR O 42 -28.84 3.45 -41.21
CA THR O 42 -29.86 4.15 -41.95
C THR O 42 -30.57 3.25 -42.93
N ARG O 43 -31.69 3.75 -43.42
CA ARG O 43 -32.55 2.99 -44.30
C ARG O 43 -31.91 2.80 -45.66
N LYS O 44 -31.16 3.80 -46.11
CA LYS O 44 -30.47 3.70 -47.39
C LYS O 44 -29.47 2.55 -47.37
N GLN O 45 -28.64 2.51 -46.33
CA GLN O 45 -27.67 1.44 -46.20
C GLN O 45 -28.38 0.10 -46.20
N PHE O 46 -29.45 0.03 -45.42
CA PHE O 46 -30.24 -1.19 -45.31
C PHE O 46 -30.76 -1.62 -46.67
N ASP O 47 -31.00 -0.65 -47.55
CA ASP O 47 -31.45 -0.98 -48.89
C ASP O 47 -30.29 -1.50 -49.73
N THR O 48 -29.16 -0.80 -49.68
CA THR O 48 -28.08 -1.11 -50.61
C THR O 48 -27.44 -2.45 -50.28
N TRP O 49 -27.46 -2.84 -49.02
CA TRP O 49 -27.04 -4.20 -48.68
C TRP O 49 -27.98 -5.20 -49.31
N PHE O 50 -29.27 -5.00 -49.09
CA PHE O 50 -30.34 -5.85 -49.59
C PHE O 50 -30.35 -5.94 -51.10
N GLU O 51 -29.74 -4.99 -51.78
CA GLU O 51 -29.66 -4.98 -53.24
C GLU O 51 -28.34 -5.52 -53.75
N GLY O 52 -27.26 -5.23 -53.05
CA GLY O 52 -25.97 -5.77 -53.45
C GLY O 52 -25.94 -7.26 -53.37
N VAL O 53 -26.60 -7.83 -52.36
CA VAL O 53 -26.79 -9.27 -52.35
C VAL O 53 -27.64 -9.69 -53.53
N MET O 54 -28.64 -8.88 -53.88
CA MET O 54 -29.55 -9.23 -54.95
C MET O 54 -28.81 -9.34 -56.27
N ALA O 55 -27.76 -8.53 -56.44
CA ALA O 55 -26.90 -8.65 -57.60
C ALA O 55 -26.07 -9.92 -57.54
N ASP O 56 -25.75 -10.36 -56.32
CA ASP O 56 -24.82 -11.48 -56.18
C ASP O 56 -25.50 -12.79 -56.50
N TYR O 57 -26.55 -13.12 -55.77
CA TYR O 57 -27.07 -14.48 -55.76
C TYR O 57 -28.21 -14.70 -56.74
N GLU O 58 -28.73 -13.63 -57.35
CA GLU O 58 -29.52 -13.71 -58.57
C GLU O 58 -30.78 -14.56 -58.36
N LEU O 59 -31.66 -14.02 -57.53
CA LEU O 59 -32.90 -14.70 -57.14
C LEU O 59 -34.11 -14.23 -57.92
N THR O 60 -34.25 -12.92 -58.12
CA THR O 60 -35.46 -12.31 -58.65
C THR O 60 -36.67 -12.76 -57.84
N GLU O 61 -36.50 -12.83 -56.52
CA GLU O 61 -37.52 -13.40 -55.66
C GLU O 61 -37.34 -12.81 -54.27
N ASP O 62 -38.43 -12.86 -53.50
CA ASP O 62 -38.39 -12.62 -52.06
C ASP O 62 -38.16 -13.92 -51.29
N LYS O 63 -37.47 -14.88 -51.90
CA LYS O 63 -36.97 -16.01 -51.15
C LYS O 63 -35.85 -15.57 -50.22
N MET O 64 -35.17 -14.48 -50.57
CA MET O 64 -34.18 -13.87 -49.71
C MET O 64 -34.75 -13.55 -48.34
N GLN O 65 -36.06 -13.34 -48.26
CA GLN O 65 -36.76 -13.36 -46.97
C GLN O 65 -36.34 -14.57 -46.16
N ILE O 66 -36.55 -15.75 -46.75
CA ILE O 66 -36.25 -17.00 -46.06
C ILE O 66 -34.77 -17.13 -45.83
N ILE O 67 -33.98 -16.66 -46.78
CA ILE O 67 -32.53 -16.78 -46.66
C ILE O 67 -32.05 -16.03 -45.44
N LEU O 68 -32.35 -14.73 -45.41
CA LEU O 68 -31.94 -13.87 -44.31
C LEU O 68 -32.48 -14.39 -42.99
N ASN O 69 -33.70 -14.96 -43.03
CA ASN O 69 -34.21 -15.64 -41.85
C ASN O 69 -33.26 -16.75 -41.43
N GLY O 70 -32.65 -17.42 -42.40
CA GLY O 70 -31.61 -18.37 -42.07
C GLY O 70 -30.41 -17.68 -41.45
N LEU O 71 -29.99 -16.56 -42.03
CA LEU O 71 -28.76 -15.91 -41.61
C LEU O 71 -28.85 -15.44 -40.17
N MET O 72 -30.07 -15.16 -39.71
CA MET O 72 -30.31 -14.88 -38.30
C MET O 72 -29.60 -15.88 -37.40
N VAL O 73 -29.68 -17.16 -37.76
CA VAL O 73 -29.39 -18.18 -36.79
C VAL O 73 -27.89 -18.40 -36.66
N TRP O 74 -27.20 -18.61 -37.78
CA TRP O 74 -25.77 -18.71 -37.72
C TRP O 74 -25.16 -17.42 -37.23
N CYS O 75 -25.82 -16.29 -37.50
CA CYS O 75 -25.39 -15.05 -36.91
C CYS O 75 -25.50 -15.10 -35.40
N ILE O 76 -26.52 -15.80 -34.89
CA ILE O 76 -26.73 -15.85 -33.44
C ILE O 76 -25.69 -16.75 -32.79
N GLU O 77 -25.71 -18.03 -33.15
CA GLU O 77 -25.02 -19.04 -32.36
C GLU O 77 -23.52 -18.83 -32.30
N ASN O 78 -22.97 -17.95 -33.13
CA ASN O 78 -21.53 -17.72 -33.18
C ASN O 78 -21.24 -16.24 -33.20
N GLY O 79 -19.96 -15.92 -33.10
CA GLY O 79 -19.51 -14.55 -32.97
C GLY O 79 -19.86 -13.64 -34.14
N THR O 80 -19.52 -12.37 -34.02
CA THR O 80 -19.81 -11.37 -35.06
C THR O 80 -18.58 -10.47 -35.17
N SER O 81 -17.87 -10.61 -36.28
CA SER O 81 -16.67 -9.82 -36.53
C SER O 81 -16.32 -9.95 -37.99
N PRO O 82 -15.57 -9.01 -38.54
CA PRO O 82 -15.05 -9.23 -39.89
C PRO O 82 -14.14 -10.43 -39.95
N ASN O 83 -13.49 -10.76 -38.83
CA ASN O 83 -12.53 -11.85 -38.77
C ASN O 83 -13.29 -13.17 -38.74
N ILE O 84 -13.82 -13.54 -39.91
CA ILE O 84 -14.55 -14.79 -40.07
C ILE O 84 -14.12 -15.43 -41.37
N ASN O 85 -14.06 -16.76 -41.38
CA ASN O 85 -13.83 -17.53 -42.59
C ASN O 85 -14.61 -18.83 -42.47
N GLY O 86 -14.52 -19.64 -43.51
CA GLY O 86 -15.20 -20.92 -43.55
C GLY O 86 -16.45 -20.84 -44.41
N MET O 87 -17.57 -21.27 -43.85
CA MET O 87 -18.87 -21.15 -44.49
C MET O 87 -19.90 -21.00 -43.39
N TRP O 88 -21.18 -21.02 -43.76
CA TRP O 88 -22.23 -21.33 -42.82
C TRP O 88 -23.26 -22.19 -43.54
N VAL O 89 -24.24 -22.67 -42.79
CA VAL O 89 -25.26 -23.54 -43.35
C VAL O 89 -26.48 -23.54 -42.44
N MET O 90 -27.65 -23.75 -43.03
CA MET O 90 -28.82 -24.21 -42.30
C MET O 90 -29.30 -25.51 -42.93
N MET O 91 -30.48 -25.98 -42.52
CA MET O 91 -30.97 -27.27 -42.94
C MET O 91 -32.37 -27.19 -43.54
N ASP O 92 -32.76 -28.30 -44.16
CA ASP O 92 -34.11 -28.50 -44.67
C ASP O 92 -34.45 -29.97 -44.39
N GLY O 93 -35.04 -30.20 -43.22
CA GLY O 93 -35.30 -31.55 -42.80
C GLY O 93 -34.07 -32.17 -42.19
N ASP O 94 -33.36 -32.98 -42.99
CA ASP O 94 -32.09 -33.59 -42.59
C ASP O 94 -30.94 -33.17 -43.50
N ASP O 95 -31.18 -32.28 -44.45
CA ASP O 95 -30.17 -31.85 -45.39
C ASP O 95 -29.43 -30.64 -44.84
N GLN O 96 -28.27 -30.36 -45.43
CA GLN O 96 -27.33 -29.38 -44.89
C GLN O 96 -26.77 -28.53 -46.01
N VAL O 97 -27.65 -27.94 -46.80
CA VAL O 97 -27.23 -27.18 -47.98
C VAL O 97 -26.49 -25.94 -47.53
N GLU O 98 -25.21 -25.87 -47.85
CA GLU O 98 -24.31 -24.88 -47.29
C GLU O 98 -24.48 -23.52 -47.99
N PHE O 99 -23.64 -22.57 -47.62
CA PHE O 99 -23.73 -21.22 -48.17
C PHE O 99 -22.50 -20.40 -47.82
N PRO O 100 -22.03 -19.49 -48.70
CA PRO O 100 -20.82 -18.72 -48.38
C PRO O 100 -21.05 -17.51 -47.50
N ILE O 101 -20.00 -16.71 -47.33
CA ILE O 101 -19.91 -15.70 -46.27
C ILE O 101 -19.69 -14.31 -46.84
N LYS O 102 -18.50 -14.13 -47.43
CA LYS O 102 -17.82 -12.85 -47.53
C LYS O 102 -18.63 -11.68 -48.08
N PRO O 103 -19.30 -11.80 -49.23
CA PRO O 103 -19.90 -10.60 -49.83
C PRO O 103 -21.03 -10.01 -49.03
N LEU O 104 -21.54 -10.74 -48.05
CA LEU O 104 -22.46 -10.16 -47.08
C LEU O 104 -21.76 -9.28 -46.06
N ILE O 105 -20.44 -9.15 -46.16
CA ILE O 105 -19.63 -8.43 -45.21
C ILE O 105 -18.84 -7.33 -45.89
N ASP O 106 -18.29 -7.62 -47.06
CA ASP O 106 -17.52 -6.61 -47.76
C ASP O 106 -18.36 -5.54 -48.41
N HIS O 107 -19.69 -5.60 -48.25
CA HIS O 107 -20.60 -4.72 -48.96
C HIS O 107 -21.58 -4.04 -48.00
N ALA O 108 -21.07 -3.58 -46.87
CA ALA O 108 -21.80 -2.66 -46.00
C ALA O 108 -20.82 -1.64 -45.45
N LYS O 109 -21.28 -0.41 -45.31
CA LYS O 109 -20.35 0.70 -45.10
C LYS O 109 -19.94 0.79 -43.64
N PRO O 110 -20.88 0.77 -42.70
CA PRO O 110 -20.50 0.47 -41.33
C PRO O 110 -20.47 -1.03 -41.14
N THR O 111 -20.29 -1.48 -39.92
CA THR O 111 -19.96 -2.88 -39.66
C THR O 111 -21.19 -3.78 -39.71
N PHE O 112 -21.00 -5.03 -39.28
CA PHE O 112 -22.00 -6.07 -39.35
C PHE O 112 -22.99 -5.97 -38.19
N ARG O 113 -22.49 -5.64 -37.00
CA ARG O 113 -23.39 -5.40 -35.88
C ARG O 113 -24.26 -4.20 -36.15
N GLN O 114 -23.68 -3.19 -36.78
CA GLN O 114 -24.39 -1.96 -37.04
C GLN O 114 -25.50 -2.13 -38.08
N ILE O 115 -25.59 -3.28 -38.73
CA ILE O 115 -26.70 -3.61 -39.60
C ILE O 115 -27.64 -4.61 -38.96
N MET O 116 -27.09 -5.58 -38.24
CA MET O 116 -27.95 -6.60 -37.64
C MET O 116 -28.64 -6.12 -36.38
N ALA O 117 -28.43 -4.87 -35.97
CA ALA O 117 -29.07 -4.36 -34.77
C ALA O 117 -30.58 -4.34 -34.89
N HIS O 118 -31.12 -4.35 -36.11
CA HIS O 118 -32.54 -4.51 -36.30
C HIS O 118 -33.03 -5.79 -35.65
N PHE O 119 -32.52 -6.90 -36.13
CA PHE O 119 -33.16 -8.20 -35.91
C PHE O 119 -32.94 -8.57 -34.45
N SER O 120 -33.82 -8.05 -33.61
CA SER O 120 -33.72 -8.14 -32.18
C SER O 120 -34.85 -8.96 -31.58
N ASP O 121 -36.08 -8.55 -31.82
CA ASP O 121 -37.23 -9.12 -31.15
C ASP O 121 -37.69 -10.42 -31.79
N VAL O 122 -37.36 -10.61 -33.06
CA VAL O 122 -37.78 -11.83 -33.74
C VAL O 122 -37.12 -13.04 -33.11
N ALA O 123 -35.79 -13.02 -33.08
CA ALA O 123 -35.06 -14.08 -32.38
C ALA O 123 -35.37 -14.09 -30.89
N GLU O 124 -35.78 -12.95 -30.34
CA GLU O 124 -36.18 -12.92 -28.95
C GLU O 124 -37.35 -13.85 -28.71
N ALA O 125 -38.42 -13.64 -29.46
CA ALA O 125 -39.57 -14.53 -29.33
C ALA O 125 -39.22 -15.95 -29.72
N TYR O 126 -38.29 -16.11 -30.67
CA TYR O 126 -37.83 -17.42 -31.07
C TYR O 126 -37.34 -18.19 -29.86
N ILE O 127 -36.38 -17.60 -29.15
CA ILE O 127 -35.80 -18.29 -28.02
C ILE O 127 -36.79 -18.43 -26.90
N GLU O 128 -37.75 -17.51 -26.81
CA GLU O 128 -38.79 -17.66 -25.81
C GLU O 128 -39.56 -18.94 -26.04
N LYS O 129 -39.98 -19.17 -27.27
CA LYS O 129 -40.70 -20.40 -27.59
C LYS O 129 -39.83 -21.62 -27.34
N ARG O 130 -38.74 -21.73 -28.11
CA ARG O 130 -38.01 -22.98 -28.10
C ARG O 130 -37.25 -23.20 -26.80
N ASN O 131 -37.17 -22.18 -25.94
CA ASN O 131 -36.76 -22.41 -24.56
C ASN O 131 -37.94 -22.88 -23.71
N GLN O 132 -39.12 -22.37 -24.00
CA GLN O 132 -40.28 -22.80 -23.23
C GLN O 132 -40.53 -24.28 -23.43
N ASP O 133 -40.20 -24.81 -24.61
CA ASP O 133 -40.32 -26.24 -24.81
C ASP O 133 -39.27 -27.00 -24.01
N ARG O 134 -38.03 -26.53 -24.06
CA ARG O 134 -36.88 -27.33 -23.69
C ARG O 134 -35.78 -26.43 -23.14
N PRO O 135 -34.85 -26.98 -22.39
CA PRO O 135 -33.84 -26.13 -21.75
C PRO O 135 -32.71 -25.77 -22.70
N TYR O 136 -33.03 -24.91 -23.66
CA TYR O 136 -32.00 -24.37 -24.53
C TYR O 136 -31.28 -23.25 -23.81
N MET O 137 -29.99 -23.15 -24.06
CA MET O 137 -29.22 -21.97 -23.77
C MET O 137 -28.31 -21.80 -24.98
N PRO O 138 -28.01 -20.59 -25.38
CA PRO O 138 -27.07 -20.41 -26.48
C PRO O 138 -25.62 -20.66 -26.12
N ARG O 139 -24.76 -20.35 -27.07
CA ARG O 139 -23.33 -20.57 -26.91
C ARG O 139 -22.71 -19.52 -26.02
N TYR O 140 -23.05 -18.26 -26.28
CA TYR O 140 -22.22 -17.14 -25.86
C TYR O 140 -22.05 -17.06 -24.36
N GLY O 141 -22.99 -17.60 -23.60
CA GLY O 141 -22.88 -17.64 -22.16
C GLY O 141 -22.15 -18.87 -21.68
N LEU O 142 -22.31 -19.97 -22.42
CA LEU O 142 -21.69 -21.21 -22.02
C LEU O 142 -20.17 -21.12 -22.08
N GLN O 143 -19.66 -20.22 -22.91
CA GLN O 143 -18.24 -19.91 -22.84
C GLN O 143 -17.95 -18.98 -21.68
N ARG O 144 -18.91 -18.15 -21.30
CA ARG O 144 -18.76 -17.15 -20.26
C ARG O 144 -19.42 -17.54 -18.96
N ASN O 145 -20.02 -18.73 -18.89
CA ASN O 145 -20.53 -19.27 -17.64
C ASN O 145 -21.63 -18.43 -17.05
N LEU O 146 -22.73 -18.32 -17.77
CA LEU O 146 -23.98 -17.92 -17.13
C LEU O 146 -24.40 -18.97 -16.12
N THR O 147 -25.39 -18.61 -15.31
CA THR O 147 -25.89 -19.46 -14.24
C THR O 147 -27.37 -19.75 -14.39
N ASP O 148 -28.17 -18.73 -14.67
CA ASP O 148 -29.62 -18.87 -14.68
C ASP O 148 -30.08 -19.35 -16.03
N MET O 149 -30.86 -20.42 -16.04
CA MET O 149 -31.50 -20.86 -17.26
C MET O 149 -32.53 -19.84 -17.75
N SER O 150 -33.08 -19.02 -16.86
CA SER O 150 -34.07 -18.05 -17.27
C SER O 150 -33.45 -16.98 -18.15
N LEU O 151 -32.21 -16.61 -17.87
CA LEU O 151 -31.63 -15.41 -18.46
C LEU O 151 -30.97 -15.68 -19.79
N ALA O 152 -31.45 -16.68 -20.52
CA ALA O 152 -31.07 -16.86 -21.92
C ALA O 152 -31.49 -15.69 -22.79
N ARG O 153 -32.38 -14.84 -22.30
CA ARG O 153 -33.01 -13.82 -23.13
C ARG O 153 -32.00 -12.89 -23.77
N TYR O 154 -30.84 -12.71 -23.14
CA TYR O 154 -29.91 -11.67 -23.55
C TYR O 154 -28.49 -12.18 -23.50
N ALA O 155 -28.30 -13.46 -23.82
CA ALA O 155 -26.96 -14.00 -24.01
C ALA O 155 -26.56 -13.91 -25.47
N PHE O 156 -26.78 -12.75 -26.07
CA PHE O 156 -26.44 -12.52 -27.46
C PHE O 156 -25.04 -11.92 -27.54
N ASP O 157 -24.56 -11.87 -28.78
CA ASP O 157 -23.38 -11.07 -29.06
C ASP O 157 -23.75 -9.61 -29.25
N PHE O 158 -25.04 -9.32 -29.45
CA PHE O 158 -25.45 -8.00 -29.89
C PHE O 158 -26.89 -7.74 -29.51
N TYR O 159 -27.17 -6.45 -29.30
CA TYR O 159 -28.44 -5.99 -28.78
C TYR O 159 -28.38 -4.47 -28.73
N GLU O 160 -29.55 -3.84 -28.69
CA GLU O 160 -29.67 -2.41 -28.45
C GLU O 160 -30.58 -2.18 -27.25
N MET O 161 -30.02 -1.57 -26.21
CA MET O 161 -30.78 -1.25 -25.02
C MET O 161 -31.86 -0.24 -25.33
N THR O 162 -33.00 -0.39 -24.67
CA THR O 162 -34.16 0.46 -24.90
C THR O 162 -34.83 0.77 -23.58
N SER O 163 -35.72 1.75 -23.62
CA SER O 163 -36.45 2.18 -22.44
C SER O 163 -37.78 1.44 -22.29
N ARG O 164 -37.72 0.11 -22.40
CA ARG O 164 -38.86 -0.73 -22.08
C ARG O 164 -38.41 -2.00 -21.37
N THR O 165 -37.25 -1.97 -20.74
CA THR O 165 -36.51 -3.18 -20.43
C THR O 165 -36.20 -3.25 -18.94
N PRO O 166 -35.90 -4.41 -18.42
CA PRO O 166 -35.78 -4.58 -16.97
C PRO O 166 -34.46 -4.03 -16.45
N ILE O 167 -34.28 -4.17 -15.14
CA ILE O 167 -33.15 -3.64 -14.43
C ILE O 167 -32.06 -4.69 -14.28
N ARG O 168 -32.48 -5.89 -13.90
CA ARG O 168 -31.53 -6.90 -13.44
C ARG O 168 -30.60 -7.31 -14.58
N ALA O 169 -31.17 -7.76 -15.68
CA ALA O 169 -30.38 -8.37 -16.74
C ALA O 169 -29.37 -7.41 -17.34
N ARG O 170 -29.62 -6.10 -17.23
CA ARG O 170 -28.68 -5.11 -17.72
C ARG O 170 -27.32 -5.31 -17.12
N GLU O 171 -27.28 -5.63 -15.83
CA GLU O 171 -26.02 -5.81 -15.12
C GLU O 171 -25.18 -6.90 -15.77
N ALA O 172 -25.80 -8.07 -15.97
CA ALA O 172 -25.07 -9.16 -16.59
C ALA O 172 -24.68 -8.80 -18.00
N HIS O 173 -25.53 -8.06 -18.70
CA HIS O 173 -25.24 -7.74 -20.08
C HIS O 173 -23.97 -6.92 -20.19
N ILE O 174 -23.84 -5.92 -19.34
CA ILE O 174 -22.74 -4.99 -19.47
C ILE O 174 -21.48 -5.55 -18.84
N GLN O 175 -21.62 -6.16 -17.67
CA GLN O 175 -20.45 -6.76 -17.04
C GLN O 175 -19.87 -7.84 -17.93
N MET O 176 -20.72 -8.75 -18.38
CA MET O 176 -20.24 -9.83 -19.22
C MET O 176 -19.82 -9.29 -20.57
N LYS O 177 -20.30 -8.12 -20.95
CA LYS O 177 -19.78 -7.48 -22.15
C LYS O 177 -18.32 -7.12 -21.95
N ALA O 178 -18.06 -6.19 -21.05
CA ALA O 178 -16.74 -5.60 -21.02
C ALA O 178 -15.71 -6.59 -20.53
N ALA O 179 -16.08 -7.41 -19.54
CA ALA O 179 -15.11 -8.35 -19.01
C ALA O 179 -14.83 -9.44 -20.01
N ALA O 180 -15.76 -9.71 -20.92
CA ALA O 180 -15.48 -10.64 -21.99
C ALA O 180 -14.47 -10.05 -22.96
N LEU O 181 -14.28 -8.74 -22.95
CA LEU O 181 -13.15 -8.13 -23.62
C LEU O 181 -11.97 -8.11 -22.68
N ARG O 182 -10.78 -8.18 -23.26
CA ARG O 182 -9.53 -7.93 -22.55
C ARG O 182 -8.38 -7.96 -23.54
N GLY O 183 -7.36 -7.18 -23.25
CA GLY O 183 -6.09 -7.32 -23.92
C GLY O 183 -6.03 -6.68 -25.28
N ALA O 184 -7.01 -6.97 -26.14
CA ALA O 184 -7.02 -6.38 -27.48
C ALA O 184 -7.12 -4.88 -27.38
N ASN O 185 -6.28 -4.20 -28.13
CA ASN O 185 -6.05 -2.77 -28.00
C ASN O 185 -6.56 -2.03 -29.23
N ASN O 186 -6.77 -0.73 -29.04
CA ASN O 186 -7.05 0.17 -30.16
C ASN O 186 -5.94 0.10 -31.19
N ASN O 187 -4.69 0.21 -30.73
CA ASN O 187 -3.46 -0.17 -31.44
C ASN O 187 -3.50 0.13 -32.94
N LEU O 188 -3.64 1.43 -33.23
CA LEU O 188 -4.08 1.92 -34.52
C LEU O 188 -3.36 1.29 -35.70
N PHE O 189 -2.06 1.55 -35.81
CA PHE O 189 -1.35 1.39 -37.06
C PHE O 189 -0.64 0.05 -37.14
N GLY O 190 -0.43 -0.39 -38.37
CA GLY O 190 0.35 -1.57 -38.65
C GLY O 190 1.76 -1.13 -38.95
N LEU O 191 2.14 -1.16 -40.22
CA LEU O 191 3.43 -0.65 -40.64
C LEU O 191 3.31 -0.11 -42.05
N ASP O 192 4.30 0.69 -42.44
CA ASP O 192 4.22 1.48 -43.66
C ASP O 192 4.85 0.72 -44.82
N GLY O 193 4.52 1.18 -46.03
CA GLY O 193 4.94 0.50 -47.24
C GLY O 193 6.31 0.92 -47.74
N ASN O 194 6.60 2.21 -47.66
CA ASN O 194 7.86 2.70 -48.19
C ASN O 194 8.97 2.17 -47.29
N VAL O 195 9.56 1.06 -47.71
CA VAL O 195 10.57 0.37 -46.94
C VAL O 195 11.78 0.19 -47.86
N GLY O 196 12.62 1.21 -47.91
CA GLY O 196 13.92 1.12 -48.52
C GLY O 196 14.96 1.19 -47.44
N THR O 197 15.53 0.04 -47.11
CA THR O 197 16.59 -0.01 -46.12
C THR O 197 17.82 0.79 -46.52
N THR O 198 17.94 1.18 -47.79
CA THR O 198 19.04 2.01 -48.26
C THR O 198 18.52 3.04 -49.24
N VAL O 199 19.44 3.91 -49.65
CA VAL O 199 19.19 4.93 -50.65
C VAL O 199 19.82 4.49 -51.95
N GLU O 200 19.21 4.91 -53.06
CA GLU O 200 19.81 4.68 -54.36
C GLU O 200 21.22 5.25 -54.41
N ASN O 201 22.08 4.60 -55.19
CA ASN O 201 23.48 4.98 -55.24
C ASN O 201 23.71 6.12 -56.23
N THR O 202 23.14 6.01 -57.43
CA THR O 202 23.22 7.06 -58.43
C THR O 202 24.66 7.29 -58.88
N GLU O 203 25.28 6.23 -59.40
CA GLU O 203 26.68 6.25 -59.77
C GLU O 203 26.83 5.45 -61.06
N ARG O 204 28.06 5.06 -61.37
CA ARG O 204 28.34 4.25 -62.52
C ARG O 204 29.48 3.29 -62.21
N HIS O 205 29.39 2.09 -62.77
CA HIS O 205 30.49 1.14 -62.82
C HIS O 205 31.19 1.24 -64.15
N THR O 206 32.51 1.28 -64.10
CA THR O 206 33.34 1.22 -65.28
C THR O 206 34.58 0.42 -64.94
N THR O 207 35.29 -0.02 -65.97
CA THR O 207 36.50 -0.81 -65.79
C THR O 207 37.62 0.05 -65.21
N PRO Q 1 -41.22 54.82 10.16
CA PRO Q 1 -39.79 54.50 10.16
C PRO Q 1 -39.40 53.46 9.13
N ARG Q 2 -38.51 53.84 8.21
CA ARG Q 2 -38.03 52.94 7.17
C ARG Q 2 -36.64 53.38 6.76
N LEU Q 3 -36.01 52.60 5.88
CA LEU Q 3 -34.61 52.78 5.56
C LEU Q 3 -34.27 51.90 4.37
N LYS Q 4 -32.97 51.84 4.06
CA LYS Q 4 -32.44 51.11 2.91
C LYS Q 4 -31.39 50.10 3.37
N SER Q 5 -31.03 49.20 2.46
CA SER Q 5 -30.05 48.17 2.78
C SER Q 5 -28.65 48.76 2.87
N LEU Q 6 -28.19 49.37 1.79
CA LEU Q 6 -26.80 49.76 1.69
C LEU Q 6 -26.52 50.98 2.56
N THR Q 7 -25.25 51.17 2.87
CA THR Q 7 -24.81 52.12 3.87
C THR Q 7 -23.62 52.92 3.34
N SER Q 8 -23.10 53.80 4.19
CA SER Q 8 -21.95 54.64 3.85
C SER Q 8 -20.83 54.58 4.88
N LYS Q 9 -21.17 54.39 6.16
CA LYS Q 9 -20.15 54.23 7.20
C LYS Q 9 -19.43 52.89 7.11
N MET Q 10 -19.86 52.02 6.22
CA MET Q 10 -19.25 50.71 6.07
C MET Q 10 -17.76 50.84 5.78
N ARG Q 11 -17.02 49.82 6.18
CA ARG Q 11 -15.63 49.69 5.80
C ARG Q 11 -15.55 49.41 4.31
N VAL Q 12 -14.89 50.29 3.57
CA VAL Q 12 -14.87 50.25 2.11
C VAL Q 12 -13.49 50.72 1.67
N PRO Q 13 -12.98 50.31 0.51
CA PRO Q 13 -11.71 50.86 0.04
C PRO Q 13 -11.85 52.34 -0.26
N ARG Q 14 -10.70 53.00 -0.40
CA ARG Q 14 -10.63 54.45 -0.56
C ARG Q 14 -9.38 54.81 -1.34
N TYR Q 15 -9.56 55.38 -2.53
CA TYR Q 15 -8.42 55.91 -3.27
C TYR Q 15 -7.72 56.98 -2.45
N GLU Q 16 -8.41 58.07 -2.21
CA GLU Q 16 -8.11 58.97 -1.12
C GLU Q 16 -9.30 58.96 -0.20
N LYS Q 17 -9.22 59.76 0.85
CA LYS Q 17 -10.05 59.54 2.02
C LYS Q 17 -11.52 59.83 1.74
N ARG Q 18 -11.81 60.99 1.17
CA ARG Q 18 -13.21 61.38 1.00
C ARG Q 18 -13.92 60.49 0.00
N VAL Q 19 -13.17 59.86 -0.89
CA VAL Q 19 -13.79 59.12 -1.99
C VAL Q 19 -14.40 57.83 -1.46
N ALA Q 20 -15.62 57.57 -1.89
CA ALA Q 20 -16.27 56.27 -1.73
C ALA Q 20 -16.51 55.71 -3.12
N LEU Q 21 -16.02 54.49 -3.37
CA LEU Q 21 -15.87 54.00 -4.73
C LEU Q 21 -17.08 53.21 -5.21
N ASN Q 22 -17.55 52.25 -4.44
CA ASN Q 22 -18.73 51.50 -4.83
C ASN Q 22 -19.92 52.45 -4.65
N LEU Q 23 -20.16 53.21 -5.70
CA LEU Q 23 -21.20 54.23 -5.67
C LEU Q 23 -22.54 53.59 -5.39
N ASP Q 24 -23.26 54.14 -4.44
CA ASP Q 24 -24.45 53.49 -3.89
C ASP Q 24 -25.71 53.94 -4.62
N HIS Q 25 -25.64 53.82 -5.95
CA HIS Q 25 -26.80 53.89 -6.82
C HIS Q 25 -27.04 52.55 -7.50
N LEU Q 26 -26.43 51.48 -7.01
CA LEU Q 26 -26.50 50.16 -7.63
C LEU Q 26 -27.64 49.34 -7.08
N ILE Q 27 -28.70 50.02 -6.62
CA ILE Q 27 -29.85 49.33 -6.08
C ILE Q 27 -30.48 48.43 -7.12
N LEU Q 28 -30.39 48.83 -8.39
CA LEU Q 28 -31.15 48.19 -9.46
C LEU Q 28 -30.16 47.57 -10.43
N TYR Q 29 -29.69 46.38 -10.09
CA TYR Q 29 -28.90 45.60 -11.03
C TYR Q 29 -28.95 44.16 -10.56
N THR Q 30 -29.84 43.37 -11.16
CA THR Q 30 -29.94 41.94 -10.90
C THR Q 30 -30.39 41.24 -12.17
N PRO Q 31 -29.55 41.21 -13.18
CA PRO Q 31 -29.86 40.40 -14.34
C PRO Q 31 -29.83 38.91 -14.01
N GLU Q 32 -30.17 38.08 -14.99
CA GLU Q 32 -30.13 36.65 -14.79
C GLU Q 32 -28.71 36.19 -14.46
N GLN Q 33 -28.62 35.21 -13.56
CA GLN Q 33 -27.32 34.78 -13.09
C GLN Q 33 -26.55 34.08 -14.20
N THR Q 34 -27.17 33.08 -14.82
CA THR Q 34 -26.50 32.33 -15.86
C THR Q 34 -26.18 33.21 -17.05
N ASP Q 35 -26.99 34.25 -17.27
CA ASP Q 35 -26.76 35.14 -18.40
C ASP Q 35 -25.44 35.87 -18.30
N LEU Q 36 -24.89 36.00 -17.10
CA LEU Q 36 -23.64 36.71 -16.90
C LEU Q 36 -22.42 35.82 -16.98
N SER Q 37 -22.58 34.51 -16.82
CA SER Q 37 -21.47 33.59 -16.63
C SER Q 37 -20.55 33.54 -17.84
N ASN Q 38 -19.50 32.74 -17.71
CA ASN Q 38 -18.70 32.32 -18.84
C ASN Q 38 -19.16 30.98 -19.41
N THR Q 39 -19.87 30.18 -18.62
CA THR Q 39 -20.29 28.88 -19.09
C THR Q 39 -21.31 28.95 -20.22
N ARG Q 40 -22.03 30.06 -20.31
CA ARG Q 40 -22.81 30.38 -21.50
C ARG Q 40 -22.05 31.41 -22.31
N SER Q 41 -22.15 31.27 -23.62
CA SER Q 41 -21.45 32.16 -24.52
C SER Q 41 -22.28 33.41 -24.76
N THR Q 42 -21.82 34.22 -25.69
CA THR Q 42 -22.31 35.57 -25.87
C THR Q 42 -23.30 35.65 -27.01
N ARG Q 43 -24.00 36.78 -27.03
CA ARG Q 43 -25.06 37.00 -27.98
C ARG Q 43 -24.50 37.19 -29.39
N LYS Q 44 -23.32 37.81 -29.49
CA LYS Q 44 -22.69 38.00 -30.78
C LYS Q 44 -22.38 36.66 -31.43
N GLN Q 45 -21.76 35.77 -30.67
CA GLN Q 45 -21.44 34.45 -31.19
C GLN Q 45 -22.70 33.75 -31.64
N PHE Q 46 -23.73 33.83 -30.79
CA PHE Q 46 -25.02 33.24 -31.09
C PHE Q 46 -25.58 33.77 -32.39
N ASP Q 47 -25.27 35.02 -32.70
CA ASP Q 47 -25.73 35.59 -33.96
C ASP Q 47 -24.91 35.05 -35.12
N THR Q 48 -23.59 35.03 -34.97
CA THR Q 48 -22.75 34.73 -36.12
C THR Q 48 -22.86 33.27 -36.52
N TRP Q 49 -23.16 32.39 -35.56
CA TRP Q 49 -23.47 31.02 -35.92
C TRP Q 49 -24.74 30.98 -36.76
N PHE Q 50 -25.78 31.63 -36.25
CA PHE Q 50 -27.09 31.71 -36.86
C PHE Q 50 -27.04 32.35 -38.25
N GLU Q 51 -26.00 33.10 -38.55
CA GLU Q 51 -25.83 33.74 -39.84
C GLU Q 51 -24.91 32.95 -40.76
N GLY Q 52 -23.87 32.34 -40.19
CA GLY Q 52 -22.98 31.53 -41.01
C GLY Q 52 -23.70 30.35 -41.59
N VAL Q 53 -24.61 29.75 -40.82
CA VAL Q 53 -25.48 28.75 -41.40
C VAL Q 53 -26.36 29.36 -42.49
N MET Q 54 -26.80 30.60 -42.27
CA MET Q 54 -27.69 31.25 -43.22
C MET Q 54 -27.00 31.42 -44.56
N ALA Q 55 -25.69 31.63 -44.53
CA ALA Q 55 -24.92 31.68 -45.77
C ALA Q 55 -24.82 30.31 -46.40
N ASP Q 56 -24.84 29.27 -45.57
CA ASP Q 56 -24.59 27.92 -46.09
C ASP Q 56 -25.80 27.38 -46.83
N TYR Q 57 -26.93 27.28 -46.14
CA TYR Q 57 -28.04 26.49 -46.62
C TYR Q 57 -29.07 27.30 -47.39
N GLU Q 58 -28.96 28.63 -47.37
CA GLU Q 58 -29.60 29.50 -48.35
C GLU Q 58 -31.13 29.34 -48.33
N LEU Q 59 -31.69 29.78 -47.20
CA LEU Q 59 -33.12 29.65 -46.93
C LEU Q 59 -33.90 30.92 -47.21
N THR Q 60 -33.36 32.07 -46.79
CA THR Q 60 -34.08 33.33 -46.79
C THR Q 60 -35.42 33.18 -46.06
N GLU Q 61 -35.39 32.45 -44.95
CA GLU Q 61 -36.61 32.10 -44.25
C GLU Q 61 -36.27 31.80 -42.81
N ASP Q 62 -37.28 31.93 -41.95
CA ASP Q 62 -37.23 31.42 -40.59
C ASP Q 62 -37.72 29.99 -40.50
N LYS Q 63 -37.55 29.22 -41.57
CA LYS Q 63 -37.71 27.78 -41.49
C LYS Q 63 -36.59 27.17 -40.67
N MET Q 64 -35.44 27.85 -40.63
CA MET Q 64 -34.33 27.46 -39.77
C MET Q 64 -34.77 27.33 -38.32
N GLN Q 65 -35.82 28.06 -37.93
CA GLN Q 65 -36.52 27.78 -36.69
C GLN Q 65 -36.80 26.28 -36.56
N ILE Q 66 -37.52 25.76 -37.55
CA ILE Q 66 -37.92 24.36 -37.53
C ILE Q 66 -36.71 23.47 -37.64
N ILE Q 67 -35.72 23.89 -38.41
CA ILE Q 67 -34.53 23.08 -38.61
C ILE Q 67 -33.83 22.87 -37.29
N LEU Q 68 -33.45 23.97 -36.65
CA LEU Q 68 -32.75 23.93 -35.38
C LEU Q 68 -33.57 23.18 -34.35
N ASN Q 69 -34.90 23.33 -34.40
CA ASN Q 69 -35.76 22.50 -33.57
C ASN Q 69 -35.51 21.03 -33.85
N GLY Q 70 -35.23 20.69 -35.10
CA GLY Q 70 -34.81 19.34 -35.39
C GLY Q 70 -33.47 19.02 -34.76
N LEU Q 71 -32.52 19.94 -34.85
CA LEU Q 71 -31.16 19.68 -34.41
C LEU Q 71 -31.11 19.41 -32.92
N MET Q 72 -32.06 19.98 -32.19
CA MET Q 72 -32.24 19.65 -30.78
C MET Q 72 -32.17 18.15 -30.54
N VAL Q 73 -32.84 17.38 -31.38
CA VAL Q 73 -33.15 16.02 -31.02
C VAL Q 73 -31.96 15.11 -31.26
N TRP Q 74 -31.41 15.15 -32.46
CA TRP Q 74 -30.19 14.38 -32.70
C TRP Q 74 -29.06 14.86 -31.81
N CYS Q 75 -29.08 16.14 -31.46
CA CYS Q 75 -28.13 16.62 -30.47
C CYS Q 75 -28.35 15.93 -29.13
N ILE Q 76 -29.61 15.64 -28.80
CA ILE Q 76 -29.93 15.02 -27.52
C ILE Q 76 -29.51 13.58 -27.50
N GLU Q 77 -30.11 12.78 -28.37
CA GLU Q 77 -30.07 11.33 -28.22
C GLU Q 77 -28.67 10.75 -28.35
N ASN Q 78 -27.70 11.55 -28.79
CA ASN Q 78 -26.34 11.08 -28.99
C ASN Q 78 -25.35 12.09 -28.42
N GLY Q 79 -24.09 11.70 -28.41
CA GLY Q 79 -23.04 12.47 -27.79
C GLY Q 79 -22.84 13.85 -28.37
N THR Q 80 -21.91 14.61 -27.77
CA THR Q 80 -21.60 15.97 -28.21
C THR Q 80 -20.09 16.14 -28.14
N SER Q 81 -19.46 16.22 -29.30
CA SER Q 81 -18.03 16.37 -29.38
C SER Q 81 -17.68 16.79 -30.80
N PRO Q 82 -16.53 17.42 -31.01
CA PRO Q 82 -16.09 17.62 -32.39
C PRO Q 82 -15.89 16.32 -33.12
N ASN Q 83 -15.55 15.26 -32.38
CA ASN Q 83 -15.26 13.96 -32.97
C ASN Q 83 -16.56 13.30 -33.38
N ILE Q 84 -17.13 13.80 -34.47
CA ILE Q 84 -18.36 13.26 -35.03
C ILE Q 84 -18.21 13.17 -36.54
N ASN Q 85 -18.81 12.14 -37.12
CA ASN Q 85 -18.90 12.02 -38.57
C ASN Q 85 -20.22 11.34 -38.89
N GLY Q 86 -20.46 11.14 -40.17
CA GLY Q 86 -21.68 10.51 -40.64
C GLY Q 86 -22.68 11.54 -41.15
N MET Q 87 -23.90 11.48 -40.65
CA MET Q 87 -24.93 12.47 -40.94
C MET Q 87 -25.83 12.54 -39.72
N TRP Q 88 -26.92 13.28 -39.84
CA TRP Q 88 -28.06 13.11 -38.96
C TRP Q 88 -29.32 13.26 -39.79
N VAL Q 89 -30.46 13.00 -39.16
CA VAL Q 89 -31.73 13.08 -39.85
C VAL Q 89 -32.85 13.22 -38.84
N MET Q 90 -33.93 13.87 -39.26
CA MET Q 90 -35.23 13.72 -38.60
C MET Q 90 -36.23 13.26 -39.64
N MET Q 91 -37.52 13.25 -39.27
CA MET Q 91 -38.55 12.69 -40.11
C MET Q 91 -39.68 13.67 -40.37
N ASP Q 92 -40.52 13.30 -41.33
CA ASP Q 92 -41.76 14.00 -41.64
C ASP Q 92 -42.79 12.93 -41.96
N GLY Q 93 -43.49 12.48 -40.92
CA GLY Q 93 -44.42 11.38 -41.09
C GLY Q 93 -43.68 10.06 -41.03
N ASP Q 94 -43.41 9.48 -42.21
CA ASP Q 94 -42.63 8.26 -42.33
C ASP Q 94 -41.37 8.46 -43.16
N ASP Q 95 -41.08 9.68 -43.58
CA ASP Q 95 -39.92 9.97 -44.41
C ASP Q 95 -38.73 10.30 -43.52
N GLN Q 96 -37.54 10.25 -44.12
CA GLN Q 96 -36.28 10.31 -43.38
C GLN Q 96 -35.30 11.22 -44.11
N VAL Q 97 -35.72 12.43 -44.40
CA VAL Q 97 -34.91 13.34 -45.18
C VAL Q 97 -33.69 13.74 -44.38
N GLU Q 98 -32.51 13.35 -44.86
CA GLU Q 98 -31.29 13.43 -44.09
C GLU Q 98 -30.73 14.86 -44.09
N PHE Q 99 -29.55 15.03 -43.49
CA PHE Q 99 -28.94 16.35 -43.39
C PHE Q 99 -27.48 16.24 -42.94
N PRO Q 100 -26.58 17.12 -43.40
CA PRO Q 100 -25.17 17.00 -43.00
C PRO Q 100 -24.83 17.62 -41.65
N ILE Q 101 -23.54 17.65 -41.34
CA ILE Q 101 -23.05 17.89 -39.99
C ILE Q 101 -22.13 19.11 -39.93
N LYS Q 102 -20.98 18.97 -40.58
CA LYS Q 102 -19.75 19.67 -40.23
C LYS Q 102 -19.85 21.19 -40.08
N PRO Q 103 -20.41 21.93 -41.03
CA PRO Q 103 -20.30 23.40 -40.94
C PRO Q 103 -21.06 23.99 -39.78
N LEU Q 104 -21.93 23.23 -39.14
CA LEU Q 104 -22.50 23.65 -37.87
C LEU Q 104 -21.53 23.53 -36.72
N ILE Q 105 -20.32 23.06 -36.97
CA ILE Q 105 -19.32 22.79 -35.95
C ILE Q 105 -18.06 23.58 -36.21
N ASP Q 106 -17.64 23.64 -37.48
CA ASP Q 106 -16.42 24.37 -37.80
C ASP Q 106 -16.61 25.87 -37.76
N HIS Q 107 -17.79 26.37 -37.41
CA HIS Q 107 -18.10 27.79 -37.51
C HIS Q 107 -18.69 28.30 -36.20
N ALA Q 108 -18.11 27.89 -35.08
CA ALA Q 108 -18.34 28.53 -33.79
C ALA Q 108 -17.04 28.60 -33.03
N LYS Q 109 -16.84 29.69 -32.30
CA LYS Q 109 -15.51 30.00 -31.80
C LYS Q 109 -15.20 29.21 -30.54
N PRO Q 110 -16.09 29.20 -29.56
CA PRO Q 110 -16.01 28.16 -28.53
C PRO Q 110 -16.72 26.92 -29.02
N THR Q 111 -16.87 25.92 -28.16
CA THR Q 111 -17.28 24.60 -28.60
C THR Q 111 -18.79 24.51 -28.82
N PHE Q 112 -19.25 23.28 -29.00
CA PHE Q 112 -20.64 22.99 -29.33
C PHE Q 112 -21.52 22.98 -28.10
N ARG Q 113 -21.01 22.46 -26.99
CA ARG Q 113 -21.76 22.53 -25.74
C ARG Q 113 -21.91 23.97 -25.31
N GLN Q 114 -20.87 24.76 -25.53
CA GLN Q 114 -20.86 26.14 -25.11
C GLN Q 114 -21.84 27.01 -25.91
N ILE Q 115 -22.44 26.48 -26.97
CA ILE Q 115 -23.51 27.14 -27.70
C ILE Q 115 -24.86 26.51 -27.38
N MET Q 116 -24.91 25.19 -27.26
CA MET Q 116 -26.18 24.54 -27.03
C MET Q 116 -26.64 24.64 -25.59
N ALA Q 117 -25.88 25.31 -24.72
CA ALA Q 117 -26.27 25.43 -23.32
C ALA Q 117 -27.57 26.21 -23.16
N HIS Q 118 -27.94 27.00 -24.16
CA HIS Q 118 -29.26 27.63 -24.14
C HIS Q 118 -30.34 26.59 -24.03
N PHE Q 119 -30.42 25.71 -25.03
CA PHE Q 119 -31.62 24.93 -25.27
C PHE Q 119 -31.71 23.88 -24.20
N SER Q 120 -32.28 24.30 -23.08
CA SER Q 120 -32.33 23.52 -21.85
C SER Q 120 -33.75 23.14 -21.49
N ASP Q 121 -34.60 24.13 -21.31
CA ASP Q 121 -35.93 23.92 -20.76
C ASP Q 121 -36.92 23.45 -21.81
N VAL Q 122 -36.65 23.72 -23.07
CA VAL Q 122 -37.55 23.32 -24.13
C VAL Q 122 -37.61 21.80 -24.20
N ALA Q 123 -36.45 21.18 -24.41
CA ALA Q 123 -36.38 19.74 -24.36
C ALA Q 123 -36.75 19.18 -23.00
N GLU Q 124 -36.59 19.98 -21.95
CA GLU Q 124 -37.01 19.55 -20.63
C GLU Q 124 -38.51 19.27 -20.62
N ALA Q 125 -39.30 20.27 -21.02
CA ALA Q 125 -40.73 20.07 -21.08
C ALA Q 125 -41.10 19.01 -22.10
N TYR Q 126 -40.30 18.90 -23.17
CA TYR Q 126 -40.51 17.87 -24.17
C TYR Q 126 -40.55 16.50 -23.51
N ILE Q 127 -39.47 16.18 -22.79
CA ILE Q 127 -39.37 14.86 -22.20
C ILE Q 127 -40.39 14.70 -21.09
N GLU Q 128 -40.77 15.80 -20.45
CA GLU Q 128 -41.82 15.71 -19.44
C GLU Q 128 -43.11 15.20 -20.07
N LYS Q 129 -43.50 15.79 -21.19
CA LYS Q 129 -44.70 15.33 -21.87
C LYS Q 129 -44.55 13.89 -22.33
N ARG Q 130 -43.61 13.65 -23.25
CA ARG Q 130 -43.58 12.37 -23.91
C ARG Q 130 -43.12 11.26 -22.97
N ASN Q 131 -42.61 11.59 -21.79
CA ASN Q 131 -42.46 10.60 -20.74
C ASN Q 131 -43.76 10.39 -20.00
N GLN Q 132 -44.53 11.46 -19.82
CA GLN Q 132 -45.80 11.32 -19.13
C GLN Q 132 -46.73 10.40 -19.90
N ASP Q 133 -46.62 10.39 -21.22
CA ASP Q 133 -47.41 9.45 -22.00
C ASP Q 133 -46.92 8.02 -21.81
N ARG Q 134 -45.61 7.83 -21.86
CA ARG Q 134 -45.02 6.52 -22.07
C ARG Q 134 -43.66 6.44 -21.38
N PRO Q 135 -43.17 5.25 -21.12
CA PRO Q 135 -41.93 5.13 -20.36
C PRO Q 135 -40.70 5.32 -21.26
N TYR Q 136 -40.50 6.56 -21.67
CA TYR Q 136 -39.27 6.90 -22.38
C TYR Q 136 -38.15 7.09 -21.39
N MET Q 137 -36.95 6.68 -21.79
CA MET Q 137 -35.73 7.08 -21.16
C MET Q 137 -34.78 7.35 -22.32
N PRO Q 138 -33.90 8.32 -22.20
CA PRO Q 138 -32.92 8.52 -23.26
C PRO Q 138 -31.80 7.51 -23.29
N ARG Q 139 -30.84 7.77 -24.16
CA ARG Q 139 -29.72 6.87 -24.35
C ARG Q 139 -28.73 6.98 -23.21
N TYR Q 140 -28.39 8.21 -22.85
CA TYR Q 140 -27.15 8.48 -22.14
C TYR Q 140 -27.07 7.78 -20.80
N GLY Q 141 -28.21 7.45 -20.20
CA GLY Q 141 -28.21 6.70 -18.96
C GLY Q 141 -28.21 5.22 -19.20
N LEU Q 142 -28.83 4.80 -20.29
CA LEU Q 142 -28.93 3.37 -20.59
C LEU Q 142 -27.57 2.78 -20.87
N GLN Q 143 -26.62 3.60 -21.30
CA GLN Q 143 -25.24 3.16 -21.35
C GLN Q 143 -24.61 3.18 -19.97
N ARG Q 144 -25.07 4.09 -19.12
CA ARG Q 144 -24.52 4.31 -17.79
C ARG Q 144 -25.38 3.71 -16.68
N ASN Q 145 -26.48 3.07 -17.03
CA ASN Q 145 -27.27 2.30 -16.08
C ASN Q 145 -27.87 3.17 -14.99
N LEU Q 146 -28.73 4.10 -15.39
CA LEU Q 146 -29.64 4.68 -14.44
C LEU Q 146 -30.60 3.61 -13.92
N THR Q 147 -31.34 3.97 -12.89
CA THR Q 147 -32.26 3.07 -12.21
C THR Q 147 -33.68 3.60 -12.22
N ASP Q 148 -33.86 4.87 -11.89
CA ASP Q 148 -35.19 5.44 -11.70
C ASP Q 148 -35.73 5.91 -13.04
N MET Q 149 -36.94 5.46 -13.37
CA MET Q 149 -37.62 5.99 -14.52
C MET Q 149 -37.98 7.46 -14.34
N SER Q 150 -38.12 7.92 -13.10
CA SER Q 150 -38.48 9.31 -12.87
C SER Q 150 -37.37 10.24 -13.29
N LEU Q 151 -36.13 9.83 -13.11
CA LEU Q 151 -34.99 10.73 -13.21
C LEU Q 151 -34.45 10.84 -14.62
N ALA Q 152 -35.32 10.64 -15.62
CA ALA Q 152 -34.97 10.96 -16.99
C ALA Q 152 -34.71 12.45 -17.20
N ARG Q 153 -35.11 13.28 -16.24
CA ARG Q 153 -35.10 14.73 -16.43
C ARG Q 153 -33.72 15.26 -16.75
N TYR Q 154 -32.67 14.57 -16.32
CA TYR Q 154 -31.32 15.12 -16.40
C TYR Q 154 -30.34 14.05 -16.83
N ALA Q 155 -30.79 13.14 -17.69
CA ALA Q 155 -29.85 12.21 -18.32
C ALA Q 155 -29.37 12.75 -19.66
N PHE Q 156 -28.96 14.01 -19.64
CA PHE Q 156 -28.44 14.66 -20.82
C PHE Q 156 -26.94 14.51 -20.89
N ASP Q 157 -26.40 14.90 -22.04
CA ASP Q 157 -24.98 15.10 -22.15
C ASP Q 157 -24.58 16.47 -21.62
N PHE Q 158 -25.53 17.37 -21.46
CA PHE Q 158 -25.21 18.75 -21.20
C PHE Q 158 -26.36 19.45 -20.50
N TYR Q 159 -26.01 20.45 -19.71
CA TYR Q 159 -26.92 21.15 -18.84
C TYR Q 159 -26.12 22.25 -18.15
N GLU Q 160 -26.83 23.25 -17.63
CA GLU Q 160 -26.26 24.29 -16.79
C GLU Q 160 -27.01 24.32 -15.47
N MET Q 161 -26.30 24.06 -14.39
CA MET Q 161 -26.89 24.10 -13.06
C MET Q 161 -27.31 25.51 -12.71
N THR Q 162 -28.42 25.61 -11.98
CA THR Q 162 -29.01 26.90 -11.63
C THR Q 162 -29.52 26.84 -10.21
N SER Q 163 -29.82 28.01 -9.67
CA SER Q 163 -30.33 28.13 -8.31
C SER Q 163 -31.85 28.11 -8.27
N ARG Q 164 -32.44 27.13 -8.94
CA ARG Q 164 -33.87 26.86 -8.83
C ARG Q 164 -34.14 25.37 -8.82
N THR Q 165 -33.17 24.56 -8.46
CA THR Q 165 -33.12 23.17 -8.82
C THR Q 165 -32.99 22.29 -7.60
N PRO Q 166 -33.34 21.02 -7.68
CA PRO Q 166 -33.41 20.18 -6.51
C PRO Q 166 -32.03 19.75 -6.03
N ILE Q 167 -32.05 18.96 -4.97
CA ILE Q 167 -30.83 18.50 -4.30
C ILE Q 167 -30.42 17.15 -4.81
N ARG Q 168 -31.39 16.25 -4.91
CA ARG Q 168 -31.09 14.84 -5.12
C ARG Q 168 -30.40 14.62 -6.45
N ALA Q 169 -31.04 15.05 -7.53
CA ALA Q 169 -30.58 14.71 -8.88
C ALA Q 169 -29.19 15.25 -9.16
N ARG Q 170 -28.78 16.29 -8.46
CA ARG Q 170 -27.45 16.86 -8.63
C ARG Q 170 -26.39 15.79 -8.42
N GLU Q 171 -26.61 14.93 -7.42
CA GLU Q 171 -25.64 13.90 -7.09
C GLU Q 171 -25.42 12.97 -8.27
N ALA Q 172 -26.49 12.47 -8.84
CA ALA Q 172 -26.36 11.58 -9.99
C ALA Q 172 -25.75 12.33 -11.16
N HIS Q 173 -26.08 13.61 -11.30
CA HIS Q 173 -25.57 14.35 -12.44
C HIS Q 173 -24.06 14.42 -12.40
N ILE Q 174 -23.52 14.74 -11.23
CA ILE Q 174 -22.10 15.00 -11.15
C ILE Q 174 -21.32 13.70 -11.05
N GLN Q 175 -21.81 12.76 -10.25
CA GLN Q 175 -21.13 11.47 -10.16
C GLN Q 175 -21.10 10.81 -11.52
N MET Q 176 -22.26 10.71 -12.15
CA MET Q 176 -22.30 10.06 -13.45
C MET Q 176 -21.58 10.89 -14.49
N LYS Q 177 -21.39 12.18 -14.23
CA LYS Q 177 -20.56 12.97 -15.12
C LYS Q 177 -19.13 12.48 -15.03
N ALA Q 178 -18.51 12.65 -13.88
CA ALA Q 178 -17.07 12.48 -13.82
C ALA Q 178 -16.69 11.02 -13.99
N ALA Q 179 -17.47 10.13 -13.41
CA ALA Q 179 -17.14 8.72 -13.51
C ALA Q 179 -17.35 8.22 -14.92
N ALA Q 180 -18.24 8.86 -15.67
CA ALA Q 180 -18.37 8.53 -17.08
C ALA Q 180 -17.14 8.94 -17.86
N LEU Q 181 -16.33 9.84 -17.31
CA LEU Q 181 -15.01 10.10 -17.84
C LEU Q 181 -14.03 9.14 -17.20
N ARG Q 182 -12.98 8.80 -17.95
CA ARG Q 182 -11.84 8.09 -17.43
C ARG Q 182 -10.79 7.99 -18.52
N GLY Q 183 -9.53 7.98 -18.10
CA GLY Q 183 -8.45 7.59 -18.98
C GLY Q 183 -7.98 8.68 -19.92
N ALA Q 184 -8.92 9.31 -20.64
CA ALA Q 184 -8.56 10.36 -21.56
C ALA Q 184 -7.92 11.51 -20.80
N ASN Q 185 -6.80 11.98 -21.32
CA ASN Q 185 -5.92 12.91 -20.64
C ASN Q 185 -5.92 14.27 -21.31
N ASN Q 186 -5.48 15.27 -20.54
CA ASN Q 186 -5.21 16.59 -21.10
C ASN Q 186 -4.20 16.49 -22.23
N ASN Q 187 -3.09 15.79 -22.00
CA ASN Q 187 -2.16 15.25 -23.00
C ASN Q 187 -1.94 16.19 -24.19
N LEU Q 188 -1.41 17.37 -23.86
CA LEU Q 188 -1.47 18.55 -24.72
C LEU Q 188 -1.07 18.28 -26.16
N PHE Q 189 0.19 17.93 -26.37
CA PHE Q 189 0.81 18.06 -27.67
C PHE Q 189 0.79 16.75 -28.44
N GLY Q 190 0.84 16.89 -29.76
CA GLY Q 190 0.96 15.75 -30.65
C GLY Q 190 2.43 15.58 -30.97
N LEU Q 191 2.83 15.97 -32.18
CA LEU Q 191 4.23 15.96 -32.55
C LEU Q 191 4.49 17.07 -33.55
N ASP Q 192 5.75 17.40 -33.71
CA ASP Q 192 6.16 18.60 -34.44
C ASP Q 192 6.41 18.27 -35.91
N GLY Q 193 6.44 19.31 -36.73
CA GLY Q 193 6.55 19.16 -38.16
C GLY Q 193 7.97 19.08 -38.65
N ASN Q 194 8.86 19.89 -38.08
CA ASN Q 194 10.23 19.92 -38.55
C ASN Q 194 10.86 18.60 -38.18
N VAL Q 195 10.87 17.68 -39.13
CA VAL Q 195 11.36 16.32 -38.92
C VAL Q 195 12.38 16.05 -40.03
N GLY Q 196 13.62 16.46 -39.77
CA GLY Q 196 14.74 16.07 -40.58
C GLY Q 196 15.62 15.15 -39.76
N THR Q 197 15.53 13.86 -40.07
CA THR Q 197 16.36 12.88 -39.40
C THR Q 197 17.84 13.11 -39.62
N THR Q 198 18.23 13.93 -40.60
CA THR Q 198 19.62 14.26 -40.86
C THR Q 198 19.74 15.74 -41.18
N VAL Q 199 20.99 16.16 -41.32
CA VAL Q 199 21.34 17.52 -41.72
C VAL Q 199 21.75 17.49 -43.18
N GLU Q 200 21.51 18.60 -43.88
CA GLU Q 200 22.01 18.74 -45.24
C GLU Q 200 23.52 18.55 -45.27
N ASN Q 201 24.00 18.02 -46.40
CA ASN Q 201 25.41 17.69 -46.51
C ASN Q 201 26.23 18.90 -46.94
N THR Q 202 25.76 19.62 -47.95
CA THR Q 202 26.41 20.85 -48.40
C THR Q 202 27.81 20.57 -48.95
N GLU Q 203 27.87 19.72 -49.96
CA GLU Q 203 29.12 19.26 -50.54
C GLU Q 203 28.95 19.18 -52.05
N ARG Q 204 29.85 18.45 -52.69
CA ARG Q 204 29.77 18.23 -54.13
C ARG Q 204 30.28 16.84 -54.46
N HIS Q 205 29.65 16.23 -55.46
CA HIS Q 205 30.15 15.02 -56.09
C HIS Q 205 30.90 15.39 -57.36
N THR Q 206 32.06 14.78 -57.51
CA THR Q 206 32.83 14.90 -58.74
C THR Q 206 33.50 13.56 -58.99
N THR Q 207 33.98 13.38 -60.22
CA THR Q 207 34.63 12.13 -60.61
C THR Q 207 35.98 12.00 -59.92
N PRO S 1 -10.98 55.26 44.09
CA PRO S 1 -9.89 54.37 43.71
C PRO S 1 -9.99 53.87 42.28
N ARG S 2 -8.98 54.16 41.47
CA ARG S 2 -8.93 53.75 40.07
C ARG S 2 -7.47 53.62 39.66
N LEU S 3 -7.25 53.15 38.45
CA LEU S 3 -5.92 52.78 38.00
C LEU S 3 -5.96 52.51 36.50
N LYS S 4 -4.85 52.01 35.97
CA LYS S 4 -4.67 51.73 34.55
C LYS S 4 -4.28 50.27 34.34
N SER S 5 -4.34 49.85 33.09
CA SER S 5 -4.01 48.46 32.76
C SER S 5 -2.51 48.21 32.84
N LEU S 6 -1.74 48.97 32.07
CA LEU S 6 -0.34 48.67 31.91
C LEU S 6 0.45 49.07 33.15
N THR S 7 1.63 48.48 33.30
CA THR S 7 2.41 48.55 34.52
C THR S 7 3.86 48.84 34.18
N SER S 8 4.68 48.87 35.22
CA SER S 8 6.11 49.14 35.09
C SER S 8 6.98 48.10 35.78
N LYS S 9 6.52 47.53 36.90
CA LYS S 9 7.26 46.47 37.56
C LYS S 9 7.24 45.16 36.79
N MET S 10 6.50 45.10 35.69
CA MET S 10 6.40 43.89 34.89
C MET S 10 7.78 43.44 34.43
N ARG S 11 7.90 42.14 34.23
CA ARG S 11 9.08 41.58 33.59
C ARG S 11 9.11 42.00 32.13
N VAL S 12 10.16 42.70 31.74
CA VAL S 12 10.26 43.34 30.43
C VAL S 12 11.71 43.27 30.00
N PRO S 13 12.03 43.25 28.71
CA PRO S 13 13.43 43.31 28.31
C PRO S 13 14.06 44.63 28.71
N ARG S 14 15.40 44.66 28.67
CA ARG S 14 16.17 45.80 29.15
C ARG S 14 17.49 45.86 28.39
N TYR S 15 17.69 46.92 27.61
CA TYR S 15 19.00 47.14 26.99
C TYR S 15 20.07 47.24 28.05
N GLU S 16 19.98 48.28 28.86
CA GLU S 16 20.62 48.32 30.15
C GLU S 16 19.51 48.45 31.18
N LYS S 17 19.90 48.53 32.44
CA LYS S 17 19.00 48.20 33.53
C LYS S 17 17.87 49.22 33.66
N ARG S 18 18.22 50.51 33.70
CA ARG S 18 17.21 51.53 33.97
C ARG S 18 16.23 51.64 32.82
N VAL S 19 16.63 51.22 31.63
CA VAL S 19 15.80 51.46 30.45
C VAL S 19 14.61 50.52 30.46
N ALA S 20 13.44 51.08 30.18
CA ALA S 20 12.24 50.32 29.86
C ALA S 20 11.85 50.65 28.43
N LEU S 21 11.69 49.62 27.62
CA LEU S 21 11.67 49.79 26.17
C LEU S 21 10.28 49.99 25.61
N ASN S 22 9.35 49.11 25.96
CA ASN S 22 7.98 49.26 25.51
C ASN S 22 7.40 50.44 26.27
N LEU S 23 7.62 51.62 25.72
CA LEU S 23 7.22 52.86 26.35
C LEU S 23 5.72 52.87 26.55
N ASP S 24 5.30 53.19 27.78
CA ASP S 24 3.91 52.98 28.18
C ASP S 24 3.08 54.24 27.94
N HIS S 25 3.18 54.73 26.70
CA HIS S 25 2.25 55.72 26.16
C HIS S 25 1.44 55.13 25.02
N LEU S 26 1.41 53.80 24.88
CA LEU S 26 0.75 53.13 23.78
C LEU S 26 -0.68 52.79 24.12
N ILE S 27 -1.30 53.56 24.99
CA ILE S 27 -2.67 53.32 25.38
C ILE S 27 -3.60 53.41 24.18
N LEU S 28 -3.24 54.25 23.21
CA LEU S 28 -4.13 54.61 22.12
C LEU S 28 -3.50 54.14 20.82
N TYR S 29 -3.70 52.86 20.53
CA TYR S 29 -3.32 52.34 19.23
C TYR S 29 -4.11 51.05 19.02
N THR S 30 -5.24 51.14 18.30
CA THR S 30 -6.03 49.97 17.94
C THR S 30 -6.68 50.24 16.59
N PRO S 31 -5.89 50.29 15.54
CA PRO S 31 -6.49 50.36 14.21
C PRO S 31 -7.21 49.07 13.86
N GLU S 32 -7.83 49.04 12.69
CA GLU S 32 -8.52 47.84 12.24
C GLU S 32 -7.53 46.70 12.09
N GLN S 33 -7.99 45.50 12.44
CA GLN S 33 -7.11 44.35 12.45
C GLN S 33 -6.70 43.97 11.04
N THR S 34 -7.68 43.78 10.17
CA THR S 34 -7.39 43.38 8.80
C THR S 34 -6.61 44.46 8.07
N ASP S 35 -6.79 45.72 8.46
CA ASP S 35 -6.08 46.80 7.81
C ASP S 35 -4.58 46.70 7.98
N LEU S 36 -4.12 45.99 9.01
CA LEU S 36 -2.70 45.87 9.27
C LEU S 36 -2.06 44.67 8.61
N SER S 37 -2.86 43.67 8.21
CA SER S 37 -2.35 42.39 7.79
C SER S 37 -1.49 42.46 6.54
N ASN S 38 -0.97 41.31 6.13
CA ASN S 38 -0.40 41.16 4.81
C ASN S 38 -1.42 40.61 3.81
N THR S 39 -2.48 39.96 4.29
CA THR S 39 -3.46 39.38 3.38
C THR S 39 -4.23 40.43 2.60
N ARG S 40 -4.32 41.65 3.11
CA ARG S 40 -4.76 42.80 2.33
C ARG S 40 -3.55 43.60 1.92
N SER S 41 -3.61 44.14 0.72
CA SER S 41 -2.50 44.91 0.19
C SER S 41 -2.59 46.34 0.66
N THR S 42 -1.72 47.17 0.10
CA THR S 42 -1.49 48.51 0.60
C THR S 42 -2.24 49.55 -0.19
N ARG S 43 -2.29 50.73 0.40
CA ARG S 43 -3.03 51.85 -0.17
C ARG S 43 -2.36 52.37 -1.42
N LYS S 44 -1.03 52.33 -1.44
CA LYS S 44 -0.30 52.78 -2.62
C LYS S 44 -0.64 51.93 -3.82
N GLN S 45 -0.58 50.61 -3.65
CA GLN S 45 -0.92 49.70 -4.73
C GLN S 45 -2.33 49.96 -5.21
N PHE S 46 -3.24 50.12 -4.26
CA PHE S 46 -4.63 50.39 -4.54
C PHE S 46 -4.78 51.65 -5.36
N ASP S 47 -3.87 52.60 -5.16
CA ASP S 47 -3.90 53.82 -5.95
C ASP S 47 -3.39 53.57 -7.35
N THR S 48 -2.25 52.88 -7.47
CA THR S 48 -1.58 52.78 -8.75
C THR S 48 -2.37 51.91 -9.71
N TRP S 49 -3.12 50.95 -9.20
CA TRP S 49 -4.04 50.21 -10.05
C TRP S 49 -5.10 51.16 -10.59
N PHE S 50 -5.73 51.89 -9.67
CA PHE S 50 -6.79 52.85 -9.96
C PHE S 50 -6.34 53.94 -10.91
N GLU S 51 -5.05 54.17 -11.04
CA GLU S 51 -4.49 55.17 -11.94
C GLU S 51 -4.02 54.57 -13.24
N GLY S 52 -3.45 53.37 -13.19
CA GLY S 52 -3.02 52.73 -14.41
C GLY S 52 -4.19 52.42 -15.32
N VAL S 53 -5.31 52.04 -14.74
CA VAL S 53 -6.52 51.94 -15.54
C VAL S 53 -6.91 53.31 -16.08
N MET S 54 -6.71 54.35 -15.27
CA MET S 54 -7.10 55.69 -15.68
C MET S 54 -6.33 56.12 -16.90
N ALA S 55 -5.08 55.67 -17.02
CA ALA S 55 -4.31 55.91 -18.22
C ALA S 55 -4.85 55.12 -19.40
N ASP S 56 -5.43 53.95 -19.12
CA ASP S 56 -5.84 53.06 -20.19
C ASP S 56 -7.10 53.54 -20.87
N TYR S 57 -8.18 53.68 -20.11
CA TYR S 57 -9.51 53.81 -20.67
C TYR S 57 -9.95 55.25 -20.83
N GLU S 58 -9.21 56.21 -20.26
CA GLU S 58 -9.28 57.62 -20.64
C GLU S 58 -10.68 58.19 -20.42
N LEU S 59 -11.04 58.26 -19.15
CA LEU S 59 -12.36 58.70 -18.72
C LEU S 59 -12.39 60.15 -18.27
N THR S 60 -11.39 60.58 -17.51
CA THR S 60 -11.41 61.88 -16.84
C THR S 60 -12.69 62.04 -16.03
N GLU S 61 -13.09 60.95 -15.36
CA GLU S 61 -14.38 60.93 -14.68
C GLU S 61 -14.32 59.89 -13.59
N ASP S 62 -15.21 60.05 -12.61
CA ASP S 62 -15.50 59.02 -11.63
C ASP S 62 -16.63 58.12 -12.09
N LYS S 63 -16.79 57.95 -13.40
CA LYS S 63 -17.63 56.88 -13.91
C LYS S 63 -17.01 55.53 -13.64
N MET S 64 -15.68 55.50 -13.51
CA MET S 64 -14.96 54.30 -13.11
C MET S 64 -15.51 53.74 -11.81
N GLN S 65 -16.09 54.59 -10.96
CA GLN S 65 -16.93 54.13 -9.87
C GLN S 65 -17.90 53.08 -10.35
N ILE S 66 -18.72 53.46 -11.33
CA ILE S 66 -19.75 52.58 -11.85
C ILE S 66 -19.12 51.39 -12.54
N ILE S 67 -18.00 51.62 -13.21
CA ILE S 67 -17.36 50.53 -13.95
C ILE S 67 -16.93 49.45 -12.98
N LEU S 68 -16.11 49.82 -12.01
CA LEU S 68 -15.62 48.88 -11.03
C LEU S 68 -16.77 48.21 -10.28
N ASN S 69 -17.84 48.96 -10.05
CA ASN S 69 -19.05 48.35 -9.52
C ASN S 69 -19.53 47.24 -10.44
N GLY S 70 -19.38 47.43 -11.74
CA GLY S 70 -19.65 46.35 -12.65
C GLY S 70 -18.68 45.19 -12.47
N LEU S 71 -17.40 45.51 -12.31
CA LEU S 71 -16.37 44.47 -12.27
C LEU S 71 -16.55 43.56 -11.08
N MET S 72 -17.16 44.09 -10.02
CA MET S 72 -17.57 43.28 -8.89
C MET S 72 -18.26 42.00 -9.33
N VAL S 73 -19.15 42.11 -10.29
CA VAL S 73 -20.11 41.06 -10.50
C VAL S 73 -19.51 39.93 -11.32
N TRP S 74 -18.92 40.25 -12.46
CA TRP S 74 -18.23 39.22 -13.22
C TRP S 74 -17.08 38.66 -12.42
N CYS S 75 -16.48 39.46 -11.55
CA CYS S 75 -15.49 38.94 -10.63
C CYS S 75 -16.12 37.90 -9.71
N ILE S 76 -17.38 38.11 -9.33
CA ILE S 76 -18.03 37.21 -8.39
C ILE S 76 -18.38 35.90 -9.08
N GLU S 77 -19.24 35.97 -10.09
CA GLU S 77 -19.92 34.79 -10.59
C GLU S 77 -18.96 33.76 -11.18
N ASN S 78 -17.70 34.12 -11.41
CA ASN S 78 -16.74 33.23 -12.02
C ASN S 78 -15.42 33.29 -11.25
N GLY S 79 -14.52 32.39 -11.63
CA GLY S 79 -13.27 32.21 -10.93
C GLY S 79 -12.38 33.42 -10.88
N THR S 80 -11.25 33.31 -10.19
CA THR S 80 -10.28 34.39 -10.04
C THR S 80 -8.88 33.80 -10.16
N SER S 81 -8.23 34.11 -11.26
CA SER S 81 -6.90 33.59 -11.52
C SER S 81 -6.30 34.39 -12.65
N PRO S 82 -4.98 34.44 -12.76
CA PRO S 82 -4.40 35.03 -13.98
C PRO S 82 -4.81 34.27 -15.22
N ASN S 83 -5.08 32.99 -15.09
CA ASN S 83 -5.42 32.13 -16.21
C ASN S 83 -6.85 32.41 -16.64
N ILE S 84 -7.03 33.55 -17.29
CA ILE S 84 -8.32 33.97 -17.81
C ILE S 84 -8.13 34.53 -19.21
N ASN S 85 -9.12 34.31 -20.06
CA ASN S 85 -9.16 34.91 -21.38
C ASN S 85 -10.62 35.15 -21.73
N GLY S 86 -10.84 35.70 -22.91
CA GLY S 86 -12.18 36.00 -23.39
C GLY S 86 -12.50 37.48 -23.22
N MET S 87 -13.63 37.76 -22.59
CA MET S 87 -14.02 39.12 -22.25
C MET S 87 -14.85 39.04 -20.97
N TRP S 88 -15.43 40.17 -20.57
CA TRP S 88 -16.56 40.14 -19.67
C TRP S 88 -17.54 41.23 -20.13
N VAL S 89 -18.70 41.27 -19.48
CA VAL S 89 -19.72 42.23 -19.85
C VAL S 89 -20.69 42.38 -18.69
N MET S 90 -21.29 43.56 -18.59
CA MET S 90 -22.53 43.76 -17.85
C MET S 90 -23.56 44.35 -18.79
N MET S 91 -24.70 44.76 -18.25
CA MET S 91 -25.82 45.20 -19.07
C MET S 91 -26.31 46.58 -18.66
N ASP S 92 -27.16 47.13 -19.53
CA ASP S 92 -27.87 48.38 -19.29
C ASP S 92 -29.27 48.19 -19.86
N GLY S 93 -30.18 47.69 -19.01
CA GLY S 93 -31.51 47.36 -19.47
C GLY S 93 -31.51 45.99 -20.12
N ASP S 94 -31.47 45.98 -21.46
CA ASP S 94 -31.39 44.75 -22.24
C ASP S 94 -30.13 44.69 -23.10
N ASP S 95 -29.25 45.68 -22.99
CA ASP S 95 -28.05 45.75 -23.79
C ASP S 95 -26.92 45.04 -23.08
N GLN S 96 -25.86 44.72 -23.84
CA GLN S 96 -24.79 43.86 -23.38
C GLN S 96 -23.45 44.42 -23.79
N VAL S 97 -23.21 45.67 -23.45
CA VAL S 97 -22.00 46.35 -23.89
C VAL S 97 -20.79 45.72 -23.22
N GLU S 98 -19.93 45.10 -24.02
CA GLU S 98 -18.87 44.24 -23.52
C GLU S 98 -17.69 45.07 -23.00
N PHE S 99 -16.63 44.38 -22.60
CA PHE S 99 -15.45 45.05 -22.04
C PHE S 99 -14.27 44.09 -21.95
N PRO S 100 -13.03 44.55 -22.13
CA PRO S 100 -11.88 43.62 -22.07
C PRO S 100 -11.38 43.32 -20.67
N ILE S 101 -10.25 42.61 -20.60
CA ILE S 101 -9.81 41.94 -19.39
C ILE S 101 -8.42 42.40 -18.97
N LYS S 102 -7.44 42.07 -19.81
CA LYS S 102 -6.05 41.88 -19.40
C LYS S 102 -5.41 43.01 -18.60
N PRO S 103 -5.47 44.27 -19.01
CA PRO S 103 -4.66 45.29 -18.33
C PRO S 103 -5.11 45.55 -16.91
N LEU S 104 -6.28 45.08 -16.53
CA LEU S 104 -6.67 45.08 -15.12
C LEU S 104 -5.97 44.00 -14.32
N ILE S 105 -5.11 43.22 -14.96
CA ILE S 105 -4.45 42.08 -14.35
C ILE S 105 -2.94 42.21 -14.46
N ASP S 106 -2.46 42.64 -15.61
CA ASP S 106 -1.02 42.79 -15.80
C ASP S 106 -0.45 44.00 -15.09
N HIS S 107 -1.26 44.76 -14.36
CA HIS S 107 -0.85 46.02 -13.78
C HIS S 107 -1.19 46.08 -12.29
N ALA S 108 -0.95 44.99 -11.58
CA ALA S 108 -0.94 44.98 -10.13
C ALA S 108 0.19 44.08 -9.65
N LYS S 109 0.83 44.48 -8.56
CA LYS S 109 2.12 43.88 -8.22
C LYS S 109 1.91 42.55 -7.49
N PRO S 110 1.06 42.51 -6.48
CA PRO S 110 0.56 41.20 -6.03
C PRO S 110 -0.64 40.83 -6.87
N THR S 111 -1.31 39.74 -6.52
CA THR S 111 -2.28 39.12 -7.40
C THR S 111 -3.63 39.85 -7.37
N PHE S 112 -4.62 39.23 -8.00
CA PHE S 112 -5.94 39.78 -8.18
C PHE S 112 -6.80 39.62 -6.92
N ARG S 113 -6.68 38.48 -6.27
CA ARG S 113 -7.38 38.31 -5.00
C ARG S 113 -6.84 39.27 -3.97
N GLN S 114 -5.53 39.49 -4.00
CA GLN S 114 -4.89 40.34 -3.03
C GLN S 114 -5.25 41.82 -3.19
N ILE S 115 -5.97 42.17 -4.26
CA ILE S 115 -6.53 43.51 -4.43
C ILE S 115 -8.03 43.51 -4.20
N MET S 116 -8.72 42.48 -4.65
CA MET S 116 -10.17 42.47 -4.50
C MET S 116 -10.61 42.09 -3.10
N ALA S 117 -9.68 41.84 -2.18
CA ALA S 117 -10.05 41.48 -0.82
C ALA S 117 -10.81 42.58 -0.12
N HIS S 118 -10.69 43.82 -0.59
CA HIS S 118 -11.52 44.89 -0.07
C HIS S 118 -12.99 44.56 -0.24
N PHE S 119 -13.41 44.40 -1.49
CA PHE S 119 -14.81 44.47 -1.83
C PHE S 119 -15.49 43.21 -1.31
N SER S 120 -15.86 43.28 -0.04
CA SER S 120 -16.36 42.15 0.71
C SER S 120 -17.81 42.34 1.11
N ASP S 121 -18.08 43.42 1.84
CA ASP S 121 -19.37 43.60 2.46
C ASP S 121 -20.39 44.19 1.51
N VAL S 122 -19.94 44.86 0.46
CA VAL S 122 -20.86 45.45 -0.49
C VAL S 122 -21.63 44.36 -1.20
N ALA S 123 -20.91 43.45 -1.84
CA ALA S 123 -21.56 42.30 -2.45
C ALA S 123 -22.25 41.43 -1.42
N GLU S 124 -21.80 41.48 -0.16
CA GLU S 124 -22.46 40.73 0.88
C GLU S 124 -23.89 41.21 1.03
N ALA S 125 -24.06 42.51 1.25
CA ALA S 125 -25.41 43.05 1.35
C ALA S 125 -26.18 42.89 0.06
N TYR S 126 -25.46 42.93 -1.07
CA TYR S 126 -26.09 42.70 -2.37
C TYR S 126 -26.82 41.38 -2.37
N ILE S 127 -26.09 40.31 -2.05
CA ILE S 127 -26.69 38.99 -2.12
C ILE S 127 -27.73 38.83 -1.03
N GLU S 128 -27.57 39.54 0.08
CA GLU S 128 -28.60 39.50 1.11
C GLU S 128 -29.93 39.99 0.56
N LYS S 129 -29.90 41.13 -0.11
CA LYS S 129 -31.12 41.65 -0.71
C LYS S 129 -31.66 40.70 -1.76
N ARG S 130 -30.89 40.52 -2.83
CA ARG S 130 -31.46 39.83 -3.98
C ARG S 130 -31.66 38.34 -3.72
N ASN S 131 -31.14 37.82 -2.61
CA ASN S 131 -31.56 36.51 -2.13
C ASN S 131 -32.84 36.61 -1.33
N GLN S 132 -33.00 37.70 -0.58
CA GLN S 132 -34.23 37.85 0.18
C GLN S 132 -35.43 37.94 -0.73
N ASP S 133 -35.25 38.49 -1.93
CA ASP S 133 -36.35 38.50 -2.89
C ASP S 133 -36.62 37.11 -3.41
N ARG S 134 -35.58 36.38 -3.78
CA ARG S 134 -35.69 35.20 -4.62
C ARG S 134 -34.60 34.21 -4.29
N PRO S 135 -34.77 32.96 -4.67
CA PRO S 135 -33.79 31.94 -4.25
C PRO S 135 -32.57 31.93 -5.17
N TYR S 136 -31.75 32.97 -5.04
CA TYR S 136 -30.48 32.98 -5.73
C TYR S 136 -29.48 32.16 -4.96
N MET S 137 -28.62 31.48 -5.71
CA MET S 137 -27.39 30.94 -5.18
C MET S 137 -26.36 31.23 -6.25
N PRO S 138 -25.12 31.50 -5.89
CA PRO S 138 -24.10 31.69 -6.91
C PRO S 138 -23.63 30.41 -7.57
N ARG S 139 -22.60 30.58 -8.39
CA ARG S 139 -22.05 29.47 -9.15
C ARG S 139 -21.21 28.56 -8.27
N TYR S 140 -20.34 29.17 -7.47
CA TYR S 140 -19.18 28.47 -6.94
C TYR S 140 -19.55 27.29 -6.07
N GLY S 141 -20.73 27.29 -5.49
CA GLY S 141 -21.18 26.15 -4.70
C GLY S 141 -21.90 25.13 -5.56
N LEU S 142 -22.57 25.61 -6.60
CA LEU S 142 -23.33 24.71 -7.45
C LEU S 142 -22.41 23.76 -8.20
N GLN S 143 -21.15 24.15 -8.39
CA GLN S 143 -20.17 23.19 -8.86
C GLN S 143 -19.70 22.29 -7.73
N ARG S 144 -19.72 22.80 -6.51
CA ARG S 144 -19.22 22.09 -5.34
C ARG S 144 -20.34 21.54 -4.46
N ASN S 145 -21.58 21.71 -4.87
CA ASN S 145 -22.71 21.06 -4.21
C ASN S 145 -22.87 21.50 -2.77
N LEU S 146 -23.14 22.79 -2.58
CA LEU S 146 -23.72 23.20 -1.32
C LEU S 146 -25.11 22.60 -1.16
N THR S 147 -25.65 22.74 0.04
CA THR S 147 -26.94 22.16 0.40
C THR S 147 -27.91 23.23 0.87
N ASP S 148 -27.47 24.12 1.74
CA ASP S 148 -28.36 25.08 2.38
C ASP S 148 -28.52 26.31 1.50
N MET S 149 -29.76 26.67 1.23
CA MET S 149 -30.02 27.93 0.55
C MET S 149 -29.63 29.11 1.40
N SER S 150 -29.61 28.96 2.72
CA SER S 150 -29.26 30.08 3.59
C SER S 150 -27.81 30.47 3.43
N LEU S 151 -26.94 29.49 3.19
CA LEU S 151 -25.51 29.69 3.30
C LEU S 151 -24.89 30.18 2.00
N ALA S 152 -25.68 30.88 1.18
CA ALA S 152 -25.12 31.60 0.05
C ALA S 152 -24.16 32.71 0.46
N ARG S 153 -24.15 33.08 1.74
CA ARG S 153 -23.43 34.26 2.19
C ARG S 153 -21.95 34.17 1.89
N TYR S 154 -21.39 32.97 1.80
CA TYR S 154 -19.95 32.81 1.73
C TYR S 154 -19.59 31.74 0.73
N ALA S 155 -20.36 31.65 -0.35
CA ALA S 155 -19.98 30.80 -1.48
C ALA S 155 -19.19 31.60 -2.51
N PHE S 156 -18.23 32.35 -2.03
CA PHE S 156 -17.37 33.17 -2.88
C PHE S 156 -16.14 32.38 -3.25
N ASP S 157 -15.40 32.96 -4.20
CA ASP S 157 -14.06 32.50 -4.47
C ASP S 157 -13.08 33.11 -3.48
N PHE S 158 -13.48 34.16 -2.78
CA PHE S 158 -12.54 34.95 -2.01
C PHE S 158 -13.25 35.68 -0.88
N TYR S 159 -12.50 35.92 0.18
CA TYR S 159 -13.02 36.46 1.42
C TYR S 159 -11.84 36.62 2.37
N GLU S 160 -12.00 37.46 3.38
CA GLU S 160 -11.05 37.59 4.48
C GLU S 160 -11.78 37.37 5.79
N MET S 161 -11.36 36.34 6.51
CA MET S 161 -11.95 36.04 7.80
C MET S 161 -11.65 37.14 8.79
N THR S 162 -12.61 37.39 9.67
CA THR S 162 -12.51 38.47 10.64
C THR S 162 -13.09 38.01 11.96
N SER S 163 -12.82 38.79 12.99
CA SER S 163 -13.29 38.49 14.35
C SER S 163 -14.62 39.17 14.63
N ARG S 164 -15.57 39.00 13.71
CA ARG S 164 -16.95 39.40 13.95
C ARG S 164 -17.92 38.40 13.36
N THR S 165 -17.49 37.17 13.15
CA THR S 165 -18.11 36.25 12.22
C THR S 165 -18.51 34.97 12.91
N PRO S 166 -19.42 34.21 12.34
CA PRO S 166 -19.98 33.05 13.04
C PRO S 166 -19.02 31.87 13.04
N ILE S 167 -19.49 30.78 13.63
CA ILE S 167 -18.70 29.58 13.83
C ILE S 167 -18.96 28.58 12.71
N ARG S 168 -20.24 28.40 12.40
CA ARG S 168 -20.65 27.29 11.56
C ARG S 168 -20.08 27.41 10.16
N ALA S 169 -20.35 28.54 9.51
CA ALA S 169 -20.02 28.68 8.10
C ALA S 169 -18.53 28.59 7.83
N ARG S 170 -17.71 28.87 8.84
CA ARG S 170 -16.26 28.75 8.69
C ARG S 170 -15.89 27.36 8.24
N GLU S 171 -16.56 26.35 8.79
CA GLU S 171 -16.24 24.97 8.47
C GLU S 171 -16.41 24.71 6.99
N ALA S 172 -17.56 25.08 6.44
CA ALA S 172 -17.80 24.88 5.02
C ALA S 172 -16.83 25.70 4.20
N HIS S 173 -16.48 26.89 4.69
CA HIS S 173 -15.59 27.75 3.91
C HIS S 173 -14.25 27.08 3.72
N ILE S 174 -13.70 26.54 4.79
CA ILE S 174 -12.35 26.04 4.74
C ILE S 174 -12.30 24.65 4.13
N GLN S 175 -13.25 23.80 4.51
CA GLN S 175 -13.30 22.47 3.93
C GLN S 175 -13.50 22.56 2.43
N MET S 176 -14.51 23.32 2.03
CA MET S 176 -14.78 23.45 0.60
C MET S 176 -13.68 24.21 -0.08
N LYS S 177 -12.90 24.99 0.67
CA LYS S 177 -11.73 25.61 0.09
C LYS S 177 -10.73 24.54 -0.30
N ALA S 178 -10.19 23.85 0.69
CA ALA S 178 -9.01 23.04 0.41
C ALA S 178 -9.39 21.84 -0.44
N ALA S 179 -10.55 21.25 -0.17
CA ALA S 179 -10.93 20.07 -0.92
C ALA S 179 -11.27 20.44 -2.36
N ALA S 180 -11.68 21.68 -2.59
CA ALA S 180 -11.85 22.13 -3.95
C ALA S 180 -10.53 22.24 -4.68
N LEU S 181 -9.43 22.30 -3.94
CA LEU S 181 -8.12 22.13 -4.53
C LEU S 181 -7.77 20.65 -4.55
N ARG S 182 -6.98 20.26 -5.54
CA ARG S 182 -6.37 18.95 -5.58
C ARG S 182 -5.43 18.89 -6.77
N GLY S 183 -4.37 18.11 -6.62
CA GLY S 183 -3.55 17.72 -7.76
C GLY S 183 -2.55 18.77 -8.20
N ALA S 184 -3.02 19.99 -8.40
CA ALA S 184 -2.12 21.06 -8.82
C ALA S 184 -1.06 21.28 -7.77
N ASN S 185 0.19 21.38 -8.22
CA ASN S 185 1.36 21.34 -7.37
C ASN S 185 2.07 22.69 -7.38
N ASN S 186 2.88 22.89 -6.35
CA ASN S 186 3.79 24.02 -6.32
C ASN S 186 4.71 24.02 -7.53
N ASN S 187 5.32 22.86 -7.82
CA ASN S 187 5.93 22.48 -9.10
C ASN S 187 6.66 23.64 -9.79
N LEU S 188 7.67 24.14 -9.09
CA LEU S 188 8.26 25.46 -9.33
C LEU S 188 8.57 25.73 -10.79
N PHE S 189 9.51 24.98 -11.34
CA PHE S 189 10.21 25.39 -12.54
C PHE S 189 9.60 24.76 -13.79
N GLY S 190 9.79 25.45 -14.90
CA GLY S 190 9.41 24.93 -16.20
C GLY S 190 10.62 24.28 -16.81
N LEU S 191 11.25 24.94 -17.78
CA LEU S 191 12.47 24.46 -18.36
C LEU S 191 13.31 25.64 -18.80
N ASP S 192 14.60 25.39 -19.03
CA ASP S 192 15.58 26.44 -19.23
C ASP S 192 15.73 26.74 -20.71
N GLY S 193 16.32 27.91 -20.98
CA GLY S 193 16.45 28.40 -22.34
C GLY S 193 17.68 27.90 -23.07
N ASN S 194 18.80 27.85 -22.36
CA ASN S 194 20.04 27.45 -23.00
C ASN S 194 19.93 25.99 -23.36
N VAL S 195 19.54 25.73 -24.60
CA VAL S 195 19.30 24.38 -25.08
C VAL S 195 20.13 24.21 -26.35
N GLY S 196 21.39 23.82 -26.16
CA GLY S 196 22.24 23.38 -27.23
C GLY S 196 22.48 21.91 -27.07
N THR S 197 21.80 21.12 -27.88
CA THR S 197 22.00 19.68 -27.85
C THR S 197 23.42 19.27 -28.21
N THR S 198 24.22 20.16 -28.78
CA THR S 198 25.61 19.89 -29.11
C THR S 198 26.45 21.10 -28.79
N VAL S 199 27.75 20.92 -28.94
CA VAL S 199 28.76 21.96 -28.77
C VAL S 199 29.19 22.42 -30.15
N GLU S 200 29.58 23.69 -30.24
CA GLU S 200 30.17 24.20 -31.46
C GLU S 200 31.39 23.38 -31.85
N ASN S 201 31.63 23.27 -33.16
CA ASN S 201 32.71 22.41 -33.64
C ASN S 201 34.03 23.16 -33.64
N THR S 202 34.05 24.39 -34.14
CA THR S 202 35.25 25.23 -34.12
C THR S 202 36.36 24.62 -34.98
N GLU S 203 36.06 24.41 -36.24
CA GLU S 203 36.97 23.74 -37.17
C GLU S 203 36.88 24.46 -38.51
N ARG S 204 37.36 23.80 -39.55
CA ARG S 204 37.28 24.32 -40.90
C ARG S 204 37.06 23.18 -41.88
N HIS S 205 36.28 23.47 -42.93
CA HIS S 205 36.17 22.61 -44.09
C HIS S 205 37.09 23.13 -45.17
N THR S 206 37.81 22.21 -45.79
CA THR S 206 38.62 22.50 -46.95
C THR S 206 38.56 21.30 -47.87
N THR S 207 38.97 21.50 -49.12
CA THR S 207 38.97 20.44 -50.12
C THR S 207 40.04 19.40 -49.80
N PRO U 1 13.24 26.05 69.09
CA PRO U 1 13.77 25.03 68.17
C PRO U 1 13.54 25.37 66.71
N ARG U 2 14.63 25.49 65.95
CA ARG U 2 14.56 25.79 64.52
C ARG U 2 15.80 25.21 63.85
N LEU U 3 15.83 25.31 62.54
CA LEU U 3 16.85 24.63 61.75
C LEU U 3 16.78 25.13 60.31
N LYS U 4 17.53 24.48 59.43
CA LYS U 4 17.65 24.84 58.03
C LYS U 4 17.30 23.65 57.15
N SER U 5 17.12 23.93 55.86
CA SER U 5 16.75 22.88 54.91
C SER U 5 17.93 21.96 54.62
N LEU U 6 19.02 22.53 54.13
CA LEU U 6 20.11 21.73 53.62
C LEU U 6 20.90 21.09 54.76
N THR U 7 21.63 20.04 54.42
CA THR U 7 22.26 19.17 55.40
C THR U 7 23.69 18.88 54.97
N SER U 8 24.35 18.04 55.77
CA SER U 8 25.74 17.65 55.53
C SER U 8 25.94 16.14 55.53
N LYS U 9 25.19 15.40 56.36
CA LYS U 9 25.26 13.95 56.36
C LYS U 9 24.65 13.32 55.11
N MET U 10 24.05 14.13 54.24
CA MET U 10 23.43 13.62 53.03
C MET U 10 24.44 12.86 52.18
N ARG U 11 23.93 11.90 51.43
CA ARG U 11 24.72 11.24 50.41
C ARG U 11 25.05 12.21 49.30
N VAL U 12 26.34 12.44 49.08
CA VAL U 12 26.82 13.48 48.17
C VAL U 12 28.09 12.94 47.51
N PRO U 13 28.44 13.39 46.30
CA PRO U 13 29.72 12.96 45.73
C PRO U 13 30.89 13.49 46.55
N ARG U 14 32.06 12.92 46.30
CA ARG U 14 33.26 13.20 47.08
C ARG U 14 34.49 12.99 46.20
N TYR U 15 35.23 14.06 45.93
CA TYR U 15 36.52 13.91 45.25
C TYR U 15 37.42 13.00 46.05
N GLU U 16 37.81 13.46 47.23
CA GLU U 16 38.30 12.60 48.29
C GLU U 16 37.32 12.74 49.43
N LYS U 17 37.61 12.04 50.53
CA LYS U 17 36.59 11.71 51.50
C LYS U 17 36.10 12.94 52.25
N ARG U 18 37.03 13.73 52.78
CA ARG U 18 36.63 14.85 53.63
C ARG U 18 35.90 15.92 52.83
N VAL U 19 36.14 15.97 51.52
CA VAL U 19 35.61 17.07 50.73
C VAL U 19 34.12 16.90 50.54
N ALA U 20 33.39 18.00 50.74
CA ALA U 20 32.00 18.12 50.34
C ALA U 20 31.92 19.21 49.28
N LEU U 21 31.33 18.88 48.14
CA LEU U 21 31.49 19.68 46.94
C LEU U 21 30.42 20.72 46.76
N ASN U 22 29.16 20.33 46.86
CA ASN U 22 28.06 21.29 46.77
C ASN U 22 28.09 22.10 48.05
N LEU U 23 28.90 23.15 48.03
CA LEU U 23 29.10 23.97 49.21
C LEU U 23 27.78 24.59 49.64
N ASP U 24 27.49 24.46 50.93
CA ASP U 24 26.16 24.75 51.44
C ASP U 24 26.07 26.21 51.91
N HIS U 25 26.47 27.11 51.01
CA HIS U 25 26.19 28.52 51.11
C HIS U 25 25.27 28.99 49.99
N LEU U 26 24.62 28.05 49.31
CA LEU U 26 23.78 28.35 48.16
C LEU U 26 22.35 28.59 48.55
N ILE U 27 22.13 29.07 49.77
CA ILE U 27 20.79 29.34 50.25
C ILE U 27 20.12 30.39 49.38
N LEU U 28 20.89 31.31 48.83
CA LEU U 28 20.37 32.50 48.17
C LEU U 28 20.78 32.44 46.71
N TYR U 29 20.00 31.69 45.92
CA TYR U 29 20.16 31.73 44.48
C TYR U 29 18.85 31.20 43.88
N THR U 30 17.98 32.13 43.48
CA THR U 30 16.74 31.78 42.79
C THR U 30 16.39 32.90 41.83
N PRO U 31 17.17 33.05 40.79
CA PRO U 31 16.78 33.99 39.74
C PRO U 31 15.55 33.51 39.00
N GLU U 32 15.06 34.31 38.06
CA GLU U 32 13.92 33.92 37.26
C GLU U 32 14.23 32.66 36.46
N GLN U 33 13.22 31.81 36.34
CA GLN U 33 13.43 30.52 35.69
C GLN U 33 13.69 30.70 34.21
N THR U 34 12.80 31.41 33.53
CA THR U 34 12.95 31.61 32.09
C THR U 34 14.21 32.39 31.77
N ASP U 35 14.64 33.25 32.70
CA ASP U 35 15.83 34.05 32.47
C ASP U 35 17.08 33.20 32.31
N LEU U 36 17.06 31.98 32.84
CA LEU U 36 18.22 31.10 32.78
C LEU U 36 18.22 30.21 31.56
N SER U 37 17.07 30.01 30.92
CA SER U 37 16.92 28.99 29.90
C SER U 37 17.79 29.23 28.68
N ASN U 38 17.70 28.31 27.72
CA ASN U 38 18.21 28.52 26.39
C ASN U 38 17.13 29.04 25.45
N THR U 39 15.86 28.83 25.78
CA THR U 39 14.79 29.25 24.88
C THR U 39 14.69 30.76 24.78
N ARG U 40 15.17 31.49 25.78
CA ARG U 40 15.40 32.91 25.66
C ARG U 40 16.87 33.16 25.43
N SER U 41 17.17 34.16 24.61
CA SER U 41 18.54 34.46 24.28
C SER U 41 19.13 35.38 25.33
N THR U 42 20.32 35.87 25.05
CA THR U 42 21.15 36.54 26.04
C THR U 42 21.06 38.05 25.91
N ARG U 43 21.56 38.70 26.95
CA ARG U 43 21.48 40.13 27.05
C ARG U 43 22.41 40.80 26.05
N LYS U 44 23.55 40.18 25.79
CA LYS U 44 24.48 40.72 24.81
C LYS U 44 23.86 40.78 23.44
N GLN U 45 23.25 39.67 23.02
CA GLN U 45 22.59 39.63 21.72
C GLN U 45 21.52 40.70 21.66
N PHE U 46 20.74 40.81 22.73
CA PHE U 46 19.69 41.79 22.83
C PHE U 46 20.22 43.19 22.67
N ASP U 47 21.46 43.40 23.10
CA ASP U 47 22.09 44.70 22.94
C ASP U 47 22.52 44.92 21.50
N THR U 48 23.17 43.91 20.91
CA THR U 48 23.79 44.13 19.62
C THR U 48 22.75 44.27 18.52
N TRP U 49 21.59 43.65 18.69
CA TRP U 49 20.49 43.91 17.78
C TRP U 49 20.05 45.37 17.89
N PHE U 50 19.81 45.79 19.13
CA PHE U 50 19.37 47.14 19.47
C PHE U 50 20.35 48.20 19.02
N GLU U 51 21.61 47.83 18.78
CA GLU U 51 22.64 48.75 18.32
C GLU U 51 22.85 48.67 16.82
N GLY U 52 22.75 47.48 16.25
CA GLY U 52 22.90 47.35 14.82
C GLY U 52 21.80 48.07 14.09
N VAL U 53 20.59 48.04 14.64
CA VAL U 53 19.54 48.89 14.10
C VAL U 53 19.90 50.36 14.27
N MET U 54 20.53 50.69 15.39
CA MET U 54 20.88 52.07 15.69
C MET U 54 21.85 52.61 14.65
N ALA U 55 22.71 51.73 14.14
CA ALA U 55 23.59 52.12 13.04
C ALA U 55 22.81 52.31 11.75
N ASP U 56 21.72 51.56 11.60
CA ASP U 56 21.00 51.56 10.34
C ASP U 56 20.19 52.83 10.16
N TYR U 57 19.26 53.07 11.08
CA TYR U 57 18.21 54.05 10.86
C TYR U 57 18.54 55.42 11.42
N GLU U 58 19.60 55.54 12.22
CA GLU U 58 20.26 56.81 12.49
C GLU U 58 19.31 57.80 13.18
N LEU U 59 18.94 57.43 14.40
CA LEU U 59 17.98 58.18 15.20
C LEU U 59 18.62 59.08 16.23
N THR U 60 19.65 58.59 16.92
CA THR U 60 20.23 59.28 18.07
C THR U 60 19.14 59.62 19.08
N GLU U 61 18.21 58.68 19.27
CA GLU U 61 17.04 58.95 20.08
C GLU U 61 16.50 57.62 20.60
N ASP U 62 15.75 57.71 21.69
CA ASP U 62 14.92 56.61 22.17
C ASP U 62 13.53 56.65 21.57
N LYS U 63 13.40 57.20 20.36
CA LYS U 63 12.18 57.02 19.60
C LYS U 63 12.04 55.58 19.13
N MET U 64 13.18 54.89 19.00
CA MET U 64 13.18 53.47 18.72
C MET U 64 12.35 52.68 19.73
N GLN U 65 12.19 53.21 20.94
CA GLN U 65 11.17 52.75 21.86
C GLN U 65 9.83 52.62 21.14
N ILE U 66 9.38 53.74 20.57
CA ILE U 66 8.09 53.78 19.93
C ILE U 66 8.10 52.91 18.70
N ILE U 67 9.23 52.88 18.00
CA ILE U 67 9.31 52.09 16.78
C ILE U 67 9.09 50.63 17.09
N LEU U 68 9.93 50.08 17.96
CA LEU U 68 9.83 48.69 18.35
C LEU U 68 8.45 48.37 18.90
N ASN U 69 7.87 49.33 19.62
CA ASN U 69 6.49 49.18 20.04
C ASN U 69 5.58 48.99 18.84
N GLY U 70 5.90 49.66 17.74
CA GLY U 70 5.20 49.39 16.50
C GLY U 70 5.46 47.97 16.01
N LEU U 71 6.72 47.54 16.05
CA LEU U 71 7.11 46.27 15.46
C LEU U 71 6.42 45.11 16.16
N MET U 72 6.07 45.31 17.43
CA MET U 72 5.24 44.36 18.16
C MET U 72 4.05 43.92 17.34
N VAL U 73 3.40 44.85 16.68
CA VAL U 73 2.06 44.59 16.20
C VAL U 73 2.09 43.83 14.89
N TRP U 74 2.83 44.33 13.92
CA TRP U 74 2.99 43.58 12.69
C TRP U 74 3.66 42.25 12.95
N CYS U 75 4.51 42.20 13.96
CA CYS U 75 5.05 40.91 14.38
C CYS U 75 3.93 39.99 14.86
N ILE U 76 2.92 40.55 15.51
CA ILE U 76 1.85 39.75 16.06
C ILE U 76 0.95 39.23 14.94
N GLU U 77 0.31 40.14 14.24
CA GLU U 77 -0.83 39.79 13.39
C GLU U 77 -0.45 38.84 12.25
N ASN U 78 0.83 38.63 12.00
CA ASN U 78 1.28 37.79 10.91
C ASN U 78 2.40 36.88 11.38
N GLY U 79 2.77 35.95 10.50
CA GLY U 79 3.73 34.92 10.83
C GLY U 79 5.09 35.41 11.24
N THR U 80 5.97 34.47 11.61
CA THR U 80 7.32 34.79 12.04
C THR U 80 8.26 33.75 11.44
N SER U 81 9.06 34.18 10.47
CA SER U 81 9.98 33.30 9.79
C SER U 81 10.97 34.16 9.03
N PRO U 82 12.14 33.63 8.72
CA PRO U 82 13.02 34.36 7.81
C PRO U 82 12.39 34.56 6.46
N ASN U 83 11.51 33.64 6.06
CA ASN U 83 10.87 33.66 4.75
C ASN U 83 9.80 34.74 4.75
N ILE U 84 10.24 35.99 4.70
CA ILE U 84 9.35 37.14 4.64
C ILE U 84 9.89 38.12 3.62
N ASN U 85 8.98 38.79 2.92
CA ASN U 85 9.32 39.88 2.03
C ASN U 85 8.20 40.90 2.08
N GLY U 86 8.36 41.96 1.31
CA GLY U 86 7.37 43.03 1.25
C GLY U 86 7.80 44.22 2.09
N MET U 87 6.91 44.66 2.97
CA MET U 87 7.21 45.72 3.91
C MET U 87 6.36 45.45 5.15
N TRP U 88 6.38 46.39 6.09
CA TRP U 88 5.32 46.49 7.08
C TRP U 88 5.03 47.96 7.31
N VAL U 89 4.01 48.23 8.11
CA VAL U 89 3.61 49.60 8.37
C VAL U 89 2.76 49.63 9.63
N MET U 90 2.81 50.76 10.33
CA MET U 90 1.77 51.14 11.29
C MET U 90 1.23 52.49 10.88
N MET U 91 0.41 53.09 11.75
CA MET U 91 -0.30 54.31 11.41
C MET U 91 -0.08 55.40 12.44
N ASP U 92 -0.49 56.61 12.06
CA ASP U 92 -0.52 57.77 12.93
C ASP U 92 -1.80 58.53 12.58
N GLY U 93 -2.88 58.19 13.28
CA GLY U 93 -4.17 58.76 12.96
C GLY U 93 -4.79 58.02 11.80
N ASP U 94 -4.67 58.60 10.60
CA ASP U 94 -5.15 57.99 9.37
C ASP U 94 -4.03 57.76 8.36
N ASP U 95 -2.79 58.07 8.73
CA ASP U 95 -1.66 57.93 7.83
C ASP U 95 -1.07 56.53 7.97
N GLN U 96 -0.25 56.16 6.99
CA GLN U 96 0.23 54.79 6.83
C GLN U 96 1.70 54.79 6.47
N VAL U 97 2.51 55.47 7.27
CA VAL U 97 3.91 55.64 6.96
C VAL U 97 4.61 54.29 7.08
N GLU U 98 5.11 53.78 5.95
CA GLU U 98 5.58 52.42 5.84
C GLU U 98 6.97 52.27 6.46
N PHE U 99 7.54 51.07 6.33
CA PHE U 99 8.85 50.78 6.91
C PHE U 99 9.40 49.46 6.37
N PRO U 100 10.72 49.32 6.19
CA PRO U 100 11.26 48.06 5.65
C PRO U 100 11.45 46.96 6.67
N ILE U 101 12.08 45.87 6.23
CA ILE U 101 12.07 44.59 6.94
C ILE U 101 13.47 44.11 7.27
N LYS U 102 14.21 43.79 6.22
CA LYS U 102 15.30 42.82 6.24
C LYS U 102 16.35 43.01 7.33
N PRO U 103 16.95 44.18 7.52
CA PRO U 103 18.10 44.27 8.43
C PRO U 103 17.75 44.02 9.87
N LEU U 104 16.47 44.03 10.22
CA LEU U 104 16.03 43.56 11.52
C LEU U 104 16.07 42.06 11.65
N ILE U 105 16.46 41.35 10.59
CA ILE U 105 16.45 39.90 10.53
C ILE U 105 17.83 39.36 10.22
N ASP U 106 18.54 40.00 9.31
CA ASP U 106 19.87 39.53 8.96
C ASP U 106 20.91 39.86 10.01
N HIS U 107 20.53 40.47 11.12
CA HIS U 107 21.47 40.97 12.11
C HIS U 107 21.10 40.49 13.52
N ALA U 108 20.73 39.23 13.63
CA ALA U 108 20.64 38.55 14.92
C ALA U 108 21.14 37.12 14.75
N LYS U 109 21.82 36.63 15.77
CA LYS U 109 22.62 35.42 15.60
C LYS U 109 21.75 34.18 15.70
N PRO U 110 20.92 34.07 16.73
CA PRO U 110 19.82 33.10 16.65
C PRO U 110 18.65 33.75 15.95
N THR U 111 17.51 33.08 15.91
CA THR U 111 16.42 33.48 15.02
C THR U 111 15.60 34.63 15.60
N PHE U 112 14.48 34.90 14.95
CA PHE U 112 13.61 36.02 15.26
C PHE U 112 12.70 35.71 16.45
N ARG U 113 12.20 34.49 16.52
CA ARG U 113 11.43 34.10 17.69
C ARG U 113 12.30 34.11 18.92
N GLN U 114 13.54 33.69 18.76
CA GLN U 114 14.45 33.59 19.88
C GLN U 114 14.86 34.95 20.43
N ILE U 115 14.49 36.04 19.77
CA ILE U 115 14.67 37.39 20.29
C ILE U 115 13.35 37.97 20.76
N MET U 116 12.27 37.72 20.03
CA MET U 116 11.00 38.30 20.41
C MET U 116 10.33 37.59 21.56
N ALA U 117 10.96 36.54 22.10
CA ALA U 117 10.36 35.82 23.21
C ALA U 117 10.19 36.68 24.45
N HIS U 118 10.94 37.78 24.55
CA HIS U 118 10.70 38.74 25.61
C HIS U 118 9.27 39.25 25.57
N PHE U 119 8.92 39.88 24.47
CA PHE U 119 7.75 40.75 24.43
C PHE U 119 6.51 39.86 24.47
N SER U 120 6.14 39.50 25.68
CA SER U 120 5.10 38.53 25.95
C SER U 120 3.90 39.16 26.64
N ASP U 121 4.14 39.77 27.80
CA ASP U 121 3.07 40.22 28.66
C ASP U 121 2.53 41.57 28.24
N VAL U 122 3.33 42.34 27.52
CA VAL U 122 2.88 43.66 27.09
C VAL U 122 1.72 43.52 26.13
N ALA U 123 1.94 42.79 25.04
CA ALA U 123 0.86 42.51 24.12
C ALA U 123 -0.23 41.68 24.78
N GLU U 124 0.10 40.93 25.82
CA GLU U 124 -0.91 40.20 26.55
C GLU U 124 -1.94 41.15 27.14
N ALA U 125 -1.46 42.11 27.92
CA ALA U 125 -2.39 43.09 28.49
C ALA U 125 -3.04 43.92 27.39
N TYR U 126 -2.32 44.14 26.29
CA TYR U 126 -2.89 44.85 25.15
C TYR U 126 -4.17 44.19 24.70
N ILE U 127 -4.08 42.90 24.40
CA ILE U 127 -5.24 42.21 23.88
C ILE U 127 -6.29 42.06 24.95
N GLU U 128 -5.89 42.02 26.21
CA GLU U 128 -6.87 41.98 27.28
C GLU U 128 -7.75 43.21 27.24
N LYS U 129 -7.12 44.39 27.13
CA LYS U 129 -7.89 45.61 27.04
C LYS U 129 -8.76 45.63 25.79
N ARG U 130 -8.11 45.63 24.63
CA ARG U 130 -8.86 45.90 23.41
C ARG U 130 -9.77 44.74 23.04
N ASN U 131 -9.65 43.59 23.71
CA ASN U 131 -10.68 42.57 23.63
C ASN U 131 -11.80 42.88 24.61
N GLN U 132 -11.47 43.43 25.77
CA GLN U 132 -12.51 43.76 26.73
C GLN U 132 -13.45 44.81 26.17
N ASP U 133 -12.94 45.68 25.31
CA ASP U 133 -13.82 46.64 24.66
C ASP U 133 -14.71 45.95 23.64
N ARG U 134 -14.14 45.09 22.82
CA ARG U 134 -14.75 44.64 21.58
C ARG U 134 -14.31 43.22 21.26
N PRO U 135 -15.04 42.52 20.42
CA PRO U 135 -14.71 41.12 20.18
C PRO U 135 -13.60 40.96 19.15
N TYR U 136 -12.39 41.31 19.57
CA TYR U 136 -11.23 41.06 18.74
C TYR U 136 -10.81 39.61 18.89
N MET U 137 -10.33 39.04 17.79
CA MET U 137 -9.58 37.82 17.81
C MET U 137 -8.45 38.07 16.80
N PRO U 138 -7.28 37.53 17.03
CA PRO U 138 -6.23 37.67 16.04
C PRO U 138 -6.39 36.79 14.83
N ARG U 139 -5.37 36.82 13.99
CA ARG U 139 -5.37 36.07 12.74
C ARG U 139 -5.14 34.59 12.99
N TYR U 140 -4.15 34.28 13.80
CA TYR U 140 -3.51 32.98 13.77
C TYR U 140 -4.46 31.85 14.09
N GLY U 141 -5.54 32.12 14.82
CA GLY U 141 -6.54 31.11 15.10
C GLY U 141 -7.59 31.06 14.02
N LEU U 142 -7.88 32.22 13.42
CA LEU U 142 -8.92 32.27 12.41
C LEU U 142 -8.53 31.47 11.18
N GLN U 143 -7.25 31.28 10.96
CA GLN U 143 -6.82 30.32 9.96
C GLN U 143 -6.94 28.90 10.49
N ARG U 144 -6.78 28.73 11.80
CA ARG U 144 -6.78 27.42 12.44
C ARG U 144 -8.07 27.11 13.16
N ASN U 145 -9.05 28.00 13.10
CA ASN U 145 -10.39 27.72 13.59
C ASN U 145 -10.42 27.47 15.09
N LEU U 146 -10.04 28.48 15.86
CA LEU U 146 -10.43 28.49 17.26
C LEU U 146 -11.94 28.60 17.38
N THR U 147 -12.41 28.41 18.59
CA THR U 147 -13.83 28.39 18.89
C THR U 147 -14.20 29.43 19.94
N ASP U 148 -13.44 29.51 21.02
CA ASP U 148 -13.80 30.36 22.14
C ASP U 148 -13.27 31.75 21.93
N MET U 149 -14.16 32.74 22.04
CA MET U 149 -13.72 34.12 22.04
C MET U 149 -12.85 34.45 23.24
N SER U 150 -13.00 33.71 24.34
CA SER U 150 -12.22 34.01 25.53
C SER U 150 -10.74 33.70 25.30
N LEU U 151 -10.46 32.67 24.53
CA LEU U 151 -9.11 32.11 24.46
C LEU U 151 -8.26 32.80 23.41
N ALA U 152 -8.54 34.06 23.12
CA ALA U 152 -7.63 34.89 22.34
C ALA U 152 -6.28 35.08 23.01
N ARG U 153 -6.18 34.77 24.30
CA ARG U 153 -5.01 35.13 25.08
C ARG U 153 -3.74 34.51 24.53
N TYR U 154 -3.84 33.39 23.83
CA TYR U 154 -2.66 32.63 23.45
C TYR U 154 -2.80 32.12 22.04
N ALA U 155 -3.44 32.90 21.17
CA ALA U 155 -3.44 32.60 19.74
C ALA U 155 -2.30 33.32 19.05
N PHE U 156 -1.12 33.22 19.64
CA PHE U 156 0.07 33.84 19.08
C PHE U 156 0.80 32.85 18.19
N ASP U 157 1.77 33.38 17.47
CA ASP U 157 2.74 32.53 16.81
C ASP U 157 3.83 32.08 17.78
N PHE U 158 3.94 32.75 18.92
CA PHE U 158 5.09 32.56 19.78
C PHE U 158 4.75 32.93 21.21
N TYR U 159 5.45 32.27 22.13
CA TYR U 159 5.18 32.34 23.55
C TYR U 159 6.22 31.48 24.25
N GLU U 160 6.42 31.74 25.54
CA GLU U 160 7.24 30.90 26.41
C GLU U 160 6.40 30.45 27.59
N MET U 161 6.21 29.14 27.71
CA MET U 161 5.47 28.59 28.82
C MET U 161 6.20 28.83 30.13
N THR U 162 5.43 29.06 31.19
CA THR U 162 5.97 29.40 32.49
C THR U 162 5.16 28.71 33.57
N SER U 163 5.71 28.71 34.77
CA SER U 163 5.06 28.08 35.91
C SER U 163 4.21 29.06 36.69
N ARG U 164 3.36 29.79 35.98
CA ARG U 164 2.34 30.63 36.58
C ARG U 164 1.05 30.59 35.79
N THR U 165 0.84 29.55 35.01
CA THR U 165 -0.08 29.57 33.91
C THR U 165 -1.10 28.45 34.03
N PRO U 166 -2.24 28.56 33.35
CA PRO U 166 -3.32 27.63 33.57
C PRO U 166 -3.07 26.29 32.90
N ILE U 167 -4.04 25.40 33.04
CA ILE U 167 -3.97 24.04 32.54
C ILE U 167 -4.61 23.92 31.18
N ARG U 168 -5.78 24.51 31.04
CA ARG U 168 -6.63 24.25 29.89
C ARG U 168 -5.97 24.72 28.61
N ALA U 169 -5.61 26.00 28.56
CA ALA U 169 -5.17 26.61 27.32
C ALA U 169 -3.89 25.97 26.78
N ARG U 170 -3.11 25.34 27.65
CA ARG U 170 -1.90 24.65 27.22
C ARG U 170 -2.22 23.63 26.15
N GLU U 171 -3.32 22.92 26.32
CA GLU U 171 -3.72 21.87 25.38
C GLU U 171 -3.89 22.44 23.99
N ALA U 172 -4.67 23.51 23.88
CA ALA U 172 -4.88 24.11 22.57
C ALA U 172 -3.57 24.66 22.03
N HIS U 173 -2.73 25.19 22.91
CA HIS U 173 -1.48 25.78 22.44
C HIS U 173 -0.63 24.75 21.75
N ILE U 174 -0.49 23.59 22.37
CA ILE U 174 0.46 22.61 21.87
C ILE U 174 -0.15 21.81 20.73
N GLN U 175 -1.42 21.42 20.86
CA GLN U 175 -2.06 20.71 19.78
C GLN U 175 -2.09 21.56 18.53
N MET U 176 -2.57 22.80 18.67
CA MET U 176 -2.65 23.66 17.51
C MET U 176 -1.26 24.05 17.05
N LYS U 177 -0.27 23.94 17.92
CA LYS U 177 1.10 24.13 17.46
C LYS U 177 1.47 23.04 16.48
N ALA U 178 1.54 21.81 16.96
CA ALA U 178 2.18 20.77 16.17
C ALA U 178 1.32 20.43 14.97
N ALA U 179 0.01 20.40 15.15
CA ALA U 179 -0.85 20.03 14.05
C ALA U 179 -0.86 21.12 13.00
N ALA U 180 -0.60 22.36 13.40
CA ALA U 180 -0.44 23.41 12.41
C ALA U 180 0.82 23.22 11.59
N LEU U 181 1.75 22.41 12.07
CA LEU U 181 2.85 21.96 11.25
C LEU U 181 2.43 20.68 10.54
N ARG U 182 3.00 20.47 9.35
CA ARG U 182 2.90 19.21 8.64
C ARG U 182 3.76 19.28 7.40
N GLY U 183 4.30 18.14 7.01
CA GLY U 183 4.89 17.99 5.70
C GLY U 183 6.29 18.52 5.58
N ALA U 184 6.51 19.75 6.02
CA ALA U 184 7.83 20.36 5.95
C ALA U 184 8.80 19.55 6.80
N ASN U 185 9.96 19.24 6.21
CA ASN U 185 10.90 18.29 6.76
C ASN U 185 12.18 18.98 7.21
N ASN U 186 12.92 18.29 8.06
CA ASN U 186 14.26 18.71 8.42
C ASN U 186 15.13 18.84 7.18
N ASN U 187 15.12 17.81 6.32
CA ASN U 187 15.56 17.83 4.92
C ASN U 187 16.80 18.70 4.69
N LEU U 188 17.88 18.28 5.35
CA LEU U 188 19.05 19.12 5.60
C LEU U 188 19.55 19.86 4.37
N PHE U 189 20.04 19.11 3.40
CA PHE U 189 20.92 19.66 2.39
C PHE U 189 20.18 20.03 1.13
N GLY U 190 20.75 20.97 0.40
CA GLY U 190 20.26 21.36 -0.90
C GLY U 190 21.04 20.58 -1.94
N LEU U 191 21.97 21.24 -2.62
CA LEU U 191 22.85 20.57 -3.56
C LEU U 191 24.18 21.30 -3.59
N ASP U 192 25.18 20.60 -4.12
CA ASP U 192 26.57 21.05 -4.01
C ASP U 192 26.95 21.89 -5.21
N GLY U 193 28.05 22.63 -5.07
CA GLY U 193 28.49 23.57 -6.07
C GLY U 193 29.37 22.96 -7.14
N ASN U 194 30.27 22.07 -6.73
CA ASN U 194 31.21 21.49 -7.68
C ASN U 194 30.41 20.59 -8.61
N VAL U 195 30.04 21.14 -9.75
CA VAL U 195 29.20 20.46 -10.72
C VAL U 195 29.92 20.52 -12.06
N GLY U 196 30.82 19.57 -12.28
CA GLY U 196 31.42 19.34 -13.57
C GLY U 196 30.89 18.04 -14.10
N THR U 197 29.97 18.11 -15.05
CA THR U 197 29.43 16.92 -15.67
C THR U 197 30.50 16.12 -16.41
N THR U 198 31.67 16.70 -16.67
CA THR U 198 32.77 15.99 -17.31
C THR U 198 34.07 16.38 -16.65
N VAL U 199 35.13 15.70 -17.09
CA VAL U 199 36.49 15.96 -16.67
C VAL U 199 37.19 16.74 -17.77
N GLU U 200 38.15 17.57 -17.36
CA GLU U 200 39.01 18.25 -18.33
C GLU U 200 39.69 17.23 -19.23
N ASN U 201 39.92 17.64 -20.48
CA ASN U 201 40.48 16.72 -21.47
C ASN U 201 42.00 16.66 -21.38
N THR U 202 42.64 17.82 -21.29
CA THR U 202 44.10 17.90 -21.12
C THR U 202 44.83 17.32 -22.33
N GLU U 203 44.56 17.88 -23.50
CA GLU U 203 45.08 17.38 -24.75
C GLU U 203 45.45 18.58 -25.62
N ARG U 204 45.60 18.34 -26.91
CA ARG U 204 45.89 19.39 -27.87
C ARG U 204 45.20 19.08 -29.19
N HIS U 205 44.74 20.14 -29.85
CA HIS U 205 44.30 20.07 -31.23
C HIS U 205 45.43 20.55 -32.13
N THR U 206 45.65 19.79 -33.20
CA THR U 206 46.59 20.17 -34.24
C THR U 206 46.00 19.71 -35.56
N THR U 207 46.54 20.25 -36.65
CA THR U 207 46.08 19.91 -37.99
C THR U 207 46.47 18.48 -38.35
N PRO W 1 18.35 -18.80 74.42
CA PRO W 1 18.38 -19.39 73.08
C PRO W 1 18.44 -18.36 71.97
N ARG W 2 19.51 -18.42 71.16
CA ARG W 2 19.69 -17.50 70.04
C ARG W 2 20.52 -18.20 68.99
N LEU W 3 20.70 -17.53 67.85
CA LEU W 3 21.31 -18.16 66.68
C LEU W 3 21.58 -17.09 65.65
N LYS W 4 21.97 -17.52 64.45
CA LYS W 4 22.36 -16.66 63.34
C LYS W 4 21.53 -16.99 62.11
N SER W 5 21.59 -16.11 61.12
CA SER W 5 20.82 -16.29 59.89
C SER W 5 21.43 -17.41 59.04
N LEU W 6 22.68 -17.26 58.66
CA LEU W 6 23.27 -18.13 57.67
C LEU W 6 23.57 -19.49 58.27
N THR W 7 23.72 -20.48 57.38
CA THR W 7 23.77 -21.88 57.77
C THR W 7 24.90 -22.56 57.02
N SER W 8 25.02 -23.87 57.25
CA SER W 8 26.05 -24.70 56.62
C SER W 8 25.49 -25.94 55.94
N LYS W 9 24.42 -26.52 56.48
CA LYS W 9 23.77 -27.66 55.85
C LYS W 9 23.02 -27.28 54.58
N MET W 10 22.95 -26.00 54.26
CA MET W 10 22.25 -25.54 53.07
C MET W 10 22.81 -26.20 51.82
N ARG W 11 21.95 -26.34 50.82
CA ARG W 11 22.38 -26.74 49.50
C ARG W 11 23.22 -25.65 48.89
N VAL W 12 24.46 -25.96 48.56
CA VAL W 12 25.46 -24.98 48.13
C VAL W 12 26.34 -25.66 47.09
N PRO W 13 26.94 -24.94 46.16
CA PRO W 13 27.88 -25.59 45.25
C PRO W 13 29.10 -26.09 45.99
N ARG W 14 29.86 -26.96 45.31
CA ARG W 14 31.00 -27.65 45.93
C ARG W 14 32.01 -27.98 44.83
N TYR W 15 33.21 -27.39 44.94
CA TYR W 15 34.30 -27.78 44.04
C TYR W 15 34.59 -29.25 44.21
N GLU W 16 35.07 -29.63 45.39
CA GLU W 16 34.99 -30.99 45.86
C GLU W 16 34.14 -30.96 47.11
N LYS W 17 33.98 -32.13 47.72
CA LYS W 17 32.87 -32.35 48.62
C LYS W 17 32.99 -31.55 49.90
N ARG W 18 34.15 -31.61 50.55
CA ARG W 18 34.29 -30.97 51.86
C ARG W 18 34.24 -29.46 51.74
N VAL W 19 34.55 -28.93 50.56
CA VAL W 19 34.68 -27.49 50.42
C VAL W 19 33.31 -26.84 50.45
N ALA W 20 33.20 -25.77 51.20
CA ALA W 20 32.07 -24.84 51.16
C ALA W 20 32.61 -23.49 50.70
N LEU W 21 32.01 -22.95 49.65
CA LEU W 21 32.63 -21.86 48.90
C LEU W 21 32.22 -20.49 49.38
N ASN W 22 30.92 -20.25 49.52
CA ASN W 22 30.45 -18.97 50.04
C ASN W 22 30.78 -18.97 51.52
N LEU W 23 31.99 -18.54 51.81
CA LEU W 23 32.50 -18.55 53.18
C LEU W 23 31.61 -17.67 54.06
N ASP W 24 31.21 -18.22 55.18
CA ASP W 24 30.16 -17.63 56.00
C ASP W 24 30.76 -16.69 57.06
N HIS W 25 31.61 -15.79 56.58
CA HIS W 25 32.05 -14.62 57.33
C HIS W 25 31.55 -13.34 56.69
N LEU W 26 30.57 -13.43 55.81
CA LEU W 26 30.07 -12.29 55.06
C LEU W 26 28.91 -11.62 55.76
N ILE W 27 28.87 -11.72 57.08
CA ILE W 27 27.80 -11.12 57.85
C ILE W 27 27.79 -9.62 57.65
N LEU W 28 28.96 -9.02 57.42
CA LEU W 28 29.13 -7.58 57.44
C LEU W 28 29.55 -7.14 56.06
N TYR W 29 28.57 -6.97 55.18
CA TYR W 29 28.82 -6.37 53.89
C TYR W 29 27.47 -5.88 53.35
N THR W 30 27.18 -4.60 53.55
CA THR W 30 25.98 -3.98 53.01
C THR W 30 26.30 -2.51 52.70
N PRO W 31 27.12 -2.27 51.70
CA PRO W 31 27.30 -0.90 51.25
C PRO W 31 26.05 -0.36 50.60
N GLU W 32 26.08 0.90 50.19
CA GLU W 32 24.95 1.50 49.52
C GLU W 32 24.66 0.78 48.22
N GLN W 33 23.38 0.65 47.92
CA GLN W 33 22.97 -0.13 46.76
C GLN W 33 23.38 0.56 45.47
N THR W 34 23.00 1.83 45.33
CA THR W 34 23.32 2.57 44.12
C THR W 34 24.82 2.73 43.96
N ASP W 35 25.56 2.76 45.07
CA ASP W 35 27.00 2.92 45.00
C ASP W 35 27.68 1.76 44.28
N LEU W 36 27.03 0.61 44.23
CA LEU W 36 27.62 -0.56 43.59
C LEU W 36 27.27 -0.68 42.12
N SER W 37 26.22 0.00 41.67
CA SER W 37 25.65 -0.24 40.35
C SER W 37 26.60 0.10 39.23
N ASN W 38 26.15 -0.12 38.01
CA ASN W 38 26.79 0.43 36.82
C ASN W 38 26.17 1.75 36.40
N THR W 39 24.93 2.02 36.82
CA THR W 39 24.27 3.25 36.40
C THR W 39 24.93 4.49 36.98
N ARG W 40 25.63 4.37 38.09
CA ARG W 40 26.53 5.39 38.56
C ARG W 40 27.95 4.99 38.20
N SER W 41 28.75 5.99 37.86
CA SER W 41 30.11 5.75 37.47
C SER W 41 31.00 5.69 38.69
N THR W 42 32.30 5.64 38.44
CA THR W 42 33.28 5.31 39.45
C THR W 42 33.95 6.56 40.01
N ARG W 43 34.62 6.34 41.13
CA ARG W 43 35.26 7.42 41.86
C ARG W 43 36.46 7.96 41.09
N LYS W 44 37.17 7.08 40.39
CA LYS W 44 38.31 7.50 39.61
C LYS W 44 37.88 8.47 38.52
N GLN W 45 36.84 8.11 37.78
CA GLN W 45 36.33 8.98 36.73
C GLN W 45 35.93 10.32 37.32
N PHE W 46 35.23 10.26 38.44
CA PHE W 46 34.78 11.45 39.14
C PHE W 46 35.95 12.33 39.51
N ASP W 47 37.10 11.72 39.77
CA ASP W 47 38.29 12.49 40.08
C ASP W 47 38.86 13.12 38.82
N THR W 48 38.99 12.33 37.76
CA THR W 48 39.71 12.81 36.60
C THR W 48 38.95 13.90 35.87
N TRP W 49 37.63 13.89 35.95
CA TRP W 49 36.86 15.01 35.45
C TRP W 49 37.18 16.27 36.25
N PHE W 50 37.10 16.12 37.56
CA PHE W 50 37.35 17.19 38.52
C PHE W 50 38.76 17.76 38.42
N GLU W 51 39.68 17.00 37.84
CA GLU W 51 41.06 17.44 37.65
C GLU W 51 41.31 17.97 36.25
N GLY W 52 40.68 17.38 35.25
CA GLY W 52 40.84 17.86 33.89
C GLY W 52 40.28 19.26 33.75
N VAL W 53 39.17 19.54 34.43
CA VAL W 53 38.71 20.92 34.50
C VAL W 53 39.74 21.78 35.22
N MET W 54 40.37 21.23 36.25
CA MET W 54 41.33 21.98 37.05
C MET W 54 42.50 22.42 36.19
N ALA W 55 42.86 21.60 35.21
CA ALA W 55 43.89 21.98 34.26
C ALA W 55 43.39 23.07 33.34
N ASP W 56 42.09 23.09 33.06
CA ASP W 56 41.55 24.00 32.07
C ASP W 56 41.47 25.42 32.60
N TYR W 57 40.72 25.60 33.68
CA TYR W 57 40.30 26.93 34.10
C TYR W 57 41.22 27.56 35.13
N GLU W 58 42.15 26.80 35.70
CA GLU W 58 43.32 27.34 36.37
C GLU W 58 42.93 28.20 37.57
N LEU W 59 42.34 27.53 38.55
CA LEU W 59 41.82 28.17 39.76
C LEU W 59 42.76 28.10 40.94
N THR W 60 43.36 26.93 41.16
CA THR W 60 44.12 26.65 42.38
C THR W 60 43.27 26.95 43.61
N GLU W 61 41.99 26.58 43.54
CA GLU W 61 41.04 26.95 44.57
C GLU W 61 39.90 25.95 44.55
N ASP W 62 39.21 25.86 45.68
CA ASP W 62 37.92 25.20 45.77
C ASP W 62 36.77 26.15 45.50
N LYS W 63 37.01 27.17 44.69
CA LYS W 63 35.91 27.95 44.15
C LYS W 63 35.12 27.14 43.14
N MET W 64 35.77 26.15 42.54
CA MET W 64 35.10 25.20 41.67
C MET W 64 33.93 24.53 42.36
N GLN W 65 33.98 24.44 43.70
CA GLN W 65 32.79 24.14 44.49
C GLN W 65 31.61 24.99 44.03
N ILE W 66 31.81 26.31 44.09
CA ILE W 66 30.75 27.24 43.76
C ILE W 66 30.42 27.13 42.28
N ILE W 67 31.43 26.90 41.46
CA ILE W 67 31.21 26.83 40.02
C ILE W 67 30.26 25.69 39.71
N LEU W 68 30.67 24.48 40.10
CA LEU W 68 29.88 23.29 39.85
C LEU W 68 28.49 23.43 40.46
N ASN W 69 28.40 24.09 41.60
CA ASN W 69 27.10 24.43 42.15
C ASN W 69 26.30 25.25 41.15
N GLY W 70 26.98 26.12 40.42
CA GLY W 70 26.32 26.80 39.33
C GLY W 70 25.89 25.84 38.23
N LEU W 71 26.77 24.91 37.87
CA LEU W 71 26.52 24.04 36.73
C LEU W 71 25.31 23.16 36.97
N MET W 72 25.03 22.88 38.23
CA MET W 72 23.79 22.21 38.61
C MET W 72 22.59 22.80 37.89
N VAL W 73 22.52 24.12 37.84
CA VAL W 73 21.26 24.76 37.54
C VAL W 73 21.00 24.77 36.05
N TRP W 74 21.97 25.25 35.26
CA TRP W 74 21.82 25.18 33.82
C TRP W 74 21.74 23.74 33.36
N CYS W 75 22.39 22.83 34.09
CA CYS W 75 22.19 21.42 33.82
C CYS W 75 20.75 21.02 34.04
N ILE W 76 20.09 21.62 35.03
CA ILE W 76 18.72 21.25 35.35
C ILE W 76 17.77 21.77 34.30
N GLU W 77 17.70 23.09 34.18
CA GLU W 77 16.61 23.73 33.47
C GLU W 77 16.54 23.37 32.00
N ASN W 78 17.58 22.74 31.45
CA ASN W 78 17.62 22.39 30.05
C ASN W 78 18.11 20.96 29.88
N GLY W 79 18.05 20.49 28.64
CA GLY W 79 18.35 19.12 28.31
C GLY W 79 19.76 18.67 28.65
N THR W 80 20.04 17.39 28.42
CA THR W 80 21.34 16.80 28.71
C THR W 80 21.69 15.86 27.56
N SER W 81 22.65 16.26 26.76
CA SER W 81 23.08 15.48 25.61
C SER W 81 24.41 16.02 25.14
N PRO W 82 25.20 15.23 24.43
CA PRO W 82 26.38 15.80 23.79
C PRO W 82 26.02 16.86 22.78
N ASN W 83 24.82 16.76 22.20
CA ASN W 83 24.38 17.67 21.16
C ASN W 83 23.96 18.98 21.81
N ILE W 84 24.97 19.75 22.22
CA ILE W 84 24.77 21.05 22.82
C ILE W 84 25.78 22.03 22.24
N ASN W 85 25.36 23.28 22.08
CA ASN W 85 26.25 24.35 21.69
C ASN W 85 25.76 25.62 22.37
N GLY W 86 26.47 26.70 22.12
CA GLY W 86 26.14 28.00 22.69
C GLY W 86 27.04 28.32 23.89
N MET W 87 26.43 28.66 25.00
CA MET W 87 27.13 28.89 26.25
C MET W 87 26.18 28.50 27.37
N TRP W 88 26.59 28.77 28.61
CA TRP W 88 25.65 28.88 29.71
C TRP W 88 26.11 30.03 30.60
N VAL W 89 25.28 30.34 31.59
CA VAL W 89 25.59 31.44 32.50
C VAL W 89 24.78 31.27 33.77
N MET W 90 25.33 31.79 34.87
CA MET W 90 24.55 32.11 36.05
C MET W 90 24.76 33.58 36.38
N MET W 91 24.27 34.01 37.54
CA MET W 91 24.28 35.43 37.89
C MET W 91 24.93 35.67 39.24
N ASP W 92 25.19 36.95 39.49
CA ASP W 92 25.68 37.44 40.77
C ASP W 92 24.97 38.77 41.02
N GLY W 93 23.80 38.69 41.67
CA GLY W 93 22.98 39.87 41.85
C GLY W 93 22.16 40.14 40.62
N ASP W 94 22.63 41.08 39.78
CA ASP W 94 22.00 41.39 38.51
C ASP W 94 22.93 41.16 37.33
N ASP W 95 24.13 40.66 37.57
CA ASP W 95 25.11 40.43 36.52
C ASP W 95 24.94 39.05 35.94
N GLN W 96 25.53 38.84 34.76
CA GLN W 96 25.29 37.65 33.95
C GLN W 96 26.60 37.13 33.37
N VAL W 97 27.57 36.92 34.25
CA VAL W 97 28.90 36.52 33.80
C VAL W 97 28.83 35.13 33.20
N GLU W 98 29.11 35.04 31.90
CA GLU W 98 28.86 33.83 31.13
C GLU W 98 29.96 32.80 31.36
N PHE W 99 29.87 31.68 30.63
CA PHE W 99 30.82 30.60 30.80
C PHE W 99 30.69 29.59 29.66
N PRO W 100 31.80 28.95 29.21
CA PRO W 100 31.67 27.99 28.09
C PRO W 100 31.24 26.60 28.49
N ILE W 101 31.28 25.69 27.52
CA ILE W 101 30.59 24.40 27.60
C ILE W 101 31.57 23.24 27.44
N LYS W 102 32.13 23.13 26.24
CA LYS W 102 32.60 21.88 25.65
C LYS W 102 33.53 21.04 26.53
N PRO W 103 34.61 21.56 27.09
CA PRO W 103 35.59 20.69 27.73
C PRO W 103 35.07 20.00 28.97
N LEU W 104 33.93 20.44 29.49
CA LEU W 104 33.24 19.67 30.52
C LEU W 104 32.53 18.46 29.99
N ILE W 105 32.60 18.23 28.68
CA ILE W 105 31.88 17.17 28.00
C ILE W 105 32.83 16.25 27.26
N ASP W 106 33.83 16.85 26.59
CA ASP W 106 34.78 16.03 25.85
C ASP W 106 35.78 15.30 26.74
N HIS W 107 35.67 15.44 28.07
CA HIS W 107 36.66 14.92 28.99
C HIS W 107 36.01 14.10 30.09
N ALA W 108 35.06 13.26 29.71
CA ALA W 108 34.56 12.19 30.57
C ALA W 108 34.32 10.96 29.73
N LYS W 109 34.61 9.79 30.29
CA LYS W 109 34.72 8.59 29.48
C LYS W 109 33.34 8.00 29.19
N PRO W 110 32.50 7.82 30.20
CA PRO W 110 31.08 7.64 29.91
C PRO W 110 30.42 9.00 29.76
N THR W 111 29.11 9.03 29.64
CA THR W 111 28.41 10.23 29.21
C THR W 111 28.23 11.22 30.36
N PHE W 112 27.42 12.25 30.09
CA PHE W 112 27.20 13.35 31.01
C PHE W 112 26.18 13.00 32.08
N ARG W 113 25.13 12.26 31.71
CA ARG W 113 24.19 11.79 32.70
C ARG W 113 24.87 10.82 33.65
N GLN W 114 25.76 10.01 33.11
CA GLN W 114 26.44 9.00 33.90
C GLN W 114 27.42 9.59 34.90
N ILE W 115 27.66 10.90 34.85
CA ILE W 115 28.44 11.60 35.86
C ILE W 115 27.55 12.43 36.76
N MET W 116 26.54 13.06 36.19
CA MET W 116 25.69 13.93 37.00
C MET W 116 24.68 13.16 37.83
N ALA W 117 24.68 11.83 37.75
CA ALA W 117 23.73 11.04 38.52
C ALA W 117 23.93 11.22 40.02
N HIS W 118 25.11 11.65 40.44
CA HIS W 118 25.29 12.00 41.84
C HIS W 118 24.29 13.06 42.27
N PHE W 119 24.36 14.22 41.63
CA PHE W 119 23.78 15.43 42.18
C PHE W 119 22.28 15.32 42.04
N SER W 120 21.69 14.65 43.03
CA SER W 120 20.29 14.28 43.03
C SER W 120 19.52 14.98 44.12
N ASP W 121 19.94 14.79 45.36
CA ASP W 121 19.17 15.25 46.50
C ASP W 121 19.39 16.71 46.81
N VAL W 122 20.51 17.27 46.37
CA VAL W 122 20.79 18.67 46.64
C VAL W 122 19.78 19.54 45.93
N ALA W 123 19.69 19.38 44.60
CA ALA W 123 18.66 20.09 43.85
C ALA W 123 17.27 19.66 44.27
N GLU W 124 17.12 18.46 44.82
CA GLU W 124 15.83 18.03 45.31
C GLU W 124 15.37 18.95 46.43
N ALA W 125 16.19 19.11 47.45
CA ALA W 125 15.84 20.02 48.53
C ALA W 125 15.75 21.45 48.04
N TYR W 126 16.55 21.80 47.03
CA TYR W 126 16.48 23.12 46.42
C TYR W 126 15.07 23.42 45.97
N ILE W 127 14.55 22.54 45.12
CA ILE W 127 13.23 22.79 44.56
C ILE W 127 12.17 22.67 45.63
N GLU W 128 12.42 21.87 46.66
CA GLU W 128 11.47 21.80 47.76
C GLU W 128 11.32 23.16 48.41
N LYS W 129 12.44 23.81 48.72
CA LYS W 129 12.37 25.14 49.30
C LYS W 129 11.71 26.12 48.35
N ARG W 130 12.35 26.36 47.20
CA ARG W 130 11.91 27.46 46.38
C ARG W 130 10.58 27.19 45.70
N ASN W 131 10.08 25.95 45.77
CA ASN W 131 8.69 25.68 45.45
C ASN W 131 7.79 25.98 46.64
N GLN W 132 8.28 25.72 47.85
CA GLN W 132 7.46 26.01 49.02
C GLN W 132 7.20 27.50 49.13
N ASP W 133 8.13 28.32 48.67
CA ASP W 133 7.87 29.75 48.65
C ASP W 133 6.83 30.11 47.61
N ARG W 134 6.97 29.56 46.42
CA ARG W 134 6.30 30.08 45.23
C ARG W 134 6.02 28.95 44.26
N PRO W 135 5.09 29.14 43.34
CA PRO W 135 4.71 28.03 42.46
C PRO W 135 5.68 27.87 41.29
N TYR W 136 6.87 27.40 41.60
CA TYR W 136 7.81 27.04 40.56
C TYR W 136 7.46 25.68 39.99
N MET W 137 7.67 25.54 38.70
CA MET W 137 7.73 24.26 38.05
C MET W 137 8.89 24.38 37.08
N PRO W 138 9.63 23.33 36.84
CA PRO W 138 10.69 23.41 35.84
C PRO W 138 10.20 23.38 34.41
N ARG W 139 11.17 23.30 33.51
CA ARG W 139 10.87 23.32 32.08
C ARG W 139 10.34 21.98 31.62
N TYR W 140 11.00 20.91 32.04
CA TYR W 140 10.91 19.64 31.34
C TYR W 140 9.52 19.07 31.30
N GLY W 141 8.66 19.45 32.24
CA GLY W 141 7.28 19.01 32.23
C GLY W 141 6.41 19.95 31.44
N LEU W 142 6.76 21.24 31.46
CA LEU W 142 5.96 22.22 30.76
C LEU W 142 5.99 22.00 29.26
N GLN W 143 7.03 21.35 28.76
CA GLN W 143 6.99 20.90 27.38
C GLN W 143 6.17 19.63 27.26
N ARG W 144 6.13 18.83 28.32
CA ARG W 144 5.46 17.54 28.32
C ARG W 144 4.12 17.56 29.05
N ASN W 145 3.71 18.73 29.56
CA ASN W 145 2.38 18.90 30.10
C ASN W 145 2.13 18.04 31.32
N LEU W 146 2.90 18.27 32.38
CA LEU W 146 2.48 17.82 33.69
C LEU W 146 1.21 18.55 34.10
N THR W 147 0.61 18.06 35.18
CA THR W 147 -0.65 18.57 35.68
C THR W 147 -0.54 19.05 37.12
N ASP W 148 0.09 18.25 37.97
CA ASP W 148 0.12 18.54 39.40
C ASP W 148 1.28 19.46 39.72
N MET W 149 0.98 20.56 40.40
CA MET W 149 2.03 21.41 40.91
C MET W 149 2.86 20.71 41.98
N SER W 150 2.30 19.71 42.66
CA SER W 150 3.05 19.02 43.69
C SER W 150 4.19 18.23 43.11
N LEU W 151 3.99 17.66 41.93
CA LEU W 151 4.89 16.65 41.39
C LEU W 151 6.04 17.25 40.61
N ALA W 152 6.43 18.48 40.95
CA ALA W 152 7.68 19.04 40.45
C ALA W 152 8.91 18.26 40.90
N ARG W 153 8.76 17.39 41.90
CA ARG W 153 9.90 16.75 42.54
C ARG W 153 10.74 15.96 41.56
N TYR W 154 10.14 15.48 40.48
CA TYR W 154 10.82 14.54 39.61
C TYR W 154 10.55 14.85 38.15
N ALA W 155 10.44 16.13 37.84
CA ALA W 155 10.38 16.57 36.45
C ALA W 155 11.78 16.91 35.94
N PHE W 156 12.72 16.02 36.22
CA PHE W 156 14.09 16.20 35.78
C PHE W 156 14.30 15.52 34.45
N ASP W 157 15.46 15.80 33.87
CA ASP W 157 15.93 15.01 32.75
C ASP W 157 16.60 13.73 33.23
N PHE W 158 16.94 13.65 34.51
CA PHE W 158 17.78 12.58 34.98
C PHE W 158 17.57 12.35 36.47
N TYR W 159 17.80 11.12 36.88
CA TYR W 159 17.51 10.64 38.22
C TYR W 159 17.95 9.19 38.28
N GLU W 160 18.16 8.70 39.50
CA GLU W 160 18.40 7.28 39.76
C GLU W 160 17.37 6.79 40.76
N MET W 161 16.56 5.83 40.34
CA MET W 161 15.57 5.24 41.21
C MET W 161 16.24 4.49 42.35
N THR W 162 15.60 4.53 43.52
CA THR W 162 16.15 3.93 44.72
C THR W 162 15.03 3.30 45.51
N SER W 163 15.42 2.47 46.49
CA SER W 163 14.48 1.78 47.34
C SER W 163 14.16 2.57 48.61
N ARG W 164 13.83 3.83 48.42
CA ARG W 164 13.32 4.66 49.51
C ARG W 164 12.22 5.59 49.02
N THR W 165 11.59 5.25 47.92
CA THR W 165 10.87 6.20 47.10
C THR W 165 9.43 5.78 46.91
N PRO W 166 8.54 6.69 46.54
CA PRO W 166 7.12 6.38 46.52
C PRO W 166 6.74 5.55 45.30
N ILE W 167 5.45 5.27 45.22
CA ILE W 167 4.89 4.43 44.17
C ILE W 167 4.36 5.26 43.03
N ARG W 168 3.63 6.32 43.37
CA ARG W 168 2.85 7.04 42.39
C ARG W 168 3.74 7.68 41.34
N ALA W 169 4.68 8.50 41.77
CA ALA W 169 5.45 9.34 40.87
C ALA W 169 6.28 8.51 39.89
N ARG W 170 6.59 7.27 40.27
CA ARG W 170 7.34 6.39 39.38
C ARG W 170 6.64 6.25 38.04
N GLU W 171 5.32 6.15 38.08
CA GLU W 171 4.53 5.97 36.86
C GLU W 171 4.75 7.12 35.91
N ALA W 172 4.60 8.34 36.40
CA ALA W 172 4.80 9.49 35.54
C ALA W 172 6.24 9.56 35.07
N HIS W 173 7.18 9.16 35.93
CA HIS W 173 8.57 9.26 35.55
C HIS W 173 8.86 8.39 34.35
N ILE W 174 8.38 7.16 34.38
CA ILE W 174 8.75 6.22 33.34
C ILE W 174 7.91 6.42 32.10
N GLN W 175 6.62 6.65 32.27
CA GLN W 175 5.77 6.90 31.11
C GLN W 175 6.26 8.14 30.38
N MET W 176 6.43 9.22 31.12
CA MET W 176 6.85 10.45 30.48
C MET W 176 8.29 10.32 30.00
N LYS W 177 9.04 9.38 30.54
CA LYS W 177 10.36 9.11 29.99
C LYS W 177 10.22 8.55 28.58
N ALA W 178 9.65 7.36 28.48
CA ALA W 178 9.74 6.66 27.21
C ALA W 178 8.91 7.33 26.15
N ALA W 179 7.75 7.84 26.52
CA ALA W 179 6.89 8.46 25.52
C ALA W 179 7.49 9.78 25.07
N ALA W 180 8.29 10.41 25.92
CA ALA W 180 9.00 11.59 25.47
C ALA W 180 10.06 11.24 24.44
N LEU W 181 10.46 9.97 24.36
CA LEU W 181 11.23 9.50 23.24
C LEU W 181 10.30 9.06 22.14
N ARG W 182 10.77 9.18 20.90
CA ARG W 182 10.12 8.60 19.74
C ARG W 182 10.99 8.82 18.52
N GLY W 183 10.92 7.88 17.60
CA GLY W 183 11.45 8.10 16.27
C GLY W 183 12.94 7.91 16.16
N ALA W 184 13.70 8.55 17.03
CA ALA W 184 15.15 8.42 17.00
C ALA W 184 15.54 6.97 17.23
N ASN W 185 16.44 6.47 16.39
CA ASN W 185 16.76 5.06 16.29
C ASN W 185 18.18 4.79 16.77
N ASN W 186 18.43 3.53 17.10
CA ASN W 186 19.78 3.07 17.37
C ASN W 186 20.68 3.34 16.18
N ASN W 187 20.22 2.96 14.98
CA ASN W 187 20.71 3.42 13.67
C ASN W 187 22.23 3.61 13.62
N LEU W 188 22.92 2.49 13.84
CA LEU W 188 24.33 2.48 14.22
C LEU W 188 25.21 3.36 13.36
N PHE W 189 25.34 3.01 12.09
CA PHE W 189 26.44 3.48 11.28
C PHE W 189 26.06 4.70 10.45
N GLY W 190 27.07 5.48 10.11
CA GLY W 190 26.92 6.60 9.22
C GLY W 190 27.28 6.13 7.82
N LEU W 191 28.46 6.51 7.35
CA LEU W 191 28.97 6.03 6.08
C LEU W 191 30.48 5.98 6.13
N ASP W 192 31.05 5.23 5.19
CA ASP W 192 32.46 4.88 5.24
C ASP W 192 33.29 5.90 4.47
N GLY W 193 34.60 5.88 4.73
CA GLY W 193 35.51 6.85 4.17
C GLY W 193 36.04 6.47 2.81
N ASN W 194 36.37 5.19 2.63
CA ASN W 194 36.96 4.77 1.37
C ASN W 194 35.90 4.87 0.31
N VAL W 195 35.92 5.99 -0.40
CA VAL W 195 34.92 6.30 -1.42
C VAL W 195 35.67 6.64 -2.70
N GLY W 196 36.00 5.60 -3.45
CA GLY W 196 36.50 5.74 -4.80
C GLY W 196 35.44 5.23 -5.74
N THR W 197 34.74 6.17 -6.38
CA THR W 197 33.74 5.79 -7.36
C THR W 197 34.32 5.03 -8.54
N THR W 198 35.64 5.05 -8.74
CA THR W 198 36.29 4.31 -9.79
C THR W 198 37.58 3.68 -9.27
N VAL W 199 38.19 2.90 -10.13
CA VAL W 199 39.48 2.27 -9.89
C VAL W 199 40.54 3.03 -10.64
N GLU W 200 41.76 3.04 -10.10
CA GLU W 200 42.89 3.61 -10.80
C GLU W 200 43.06 2.93 -12.16
N ASN W 201 43.54 3.71 -13.12
CA ASN W 201 43.64 3.21 -14.49
C ASN W 201 44.93 2.43 -14.70
N THR W 202 46.06 2.97 -14.24
CA THR W 202 47.34 2.27 -14.30
C THR W 202 47.77 2.05 -15.75
N GLU W 203 47.89 3.14 -16.49
CA GLU W 203 48.19 3.10 -17.91
C GLU W 203 49.16 4.23 -18.23
N ARG W 204 49.26 4.58 -19.51
CA ARG W 204 50.09 5.68 -19.94
C ARG W 204 49.43 6.37 -21.13
N HIS W 205 49.58 7.69 -21.18
CA HIS W 205 49.27 8.48 -22.35
C HIS W 205 50.54 8.74 -23.14
N THR W 206 50.44 8.54 -24.45
CA THR W 206 51.50 8.89 -25.37
C THR W 206 50.86 9.42 -26.64
N THR W 207 51.67 10.07 -27.46
CA THR W 207 51.19 10.64 -28.71
C THR W 207 50.87 9.54 -29.72
N PRO Y 1 0.55 -57.63 58.90
CA PRO Y 1 0.38 -57.48 57.45
C PRO Y 1 1.01 -56.20 56.91
N ARG Y 2 1.95 -56.36 55.98
CA ARG Y 2 2.64 -55.24 55.36
C ARG Y 2 3.10 -55.68 53.97
N LEU Y 3 3.65 -54.73 53.23
CA LEU Y 3 3.95 -54.95 51.81
C LEU Y 3 4.79 -53.78 51.31
N LYS Y 4 5.00 -53.75 50.00
CA LYS Y 4 5.83 -52.76 49.32
C LYS Y 4 5.03 -52.06 48.23
N SER Y 5 5.58 -50.97 47.73
CA SER Y 5 4.91 -50.19 46.69
C SER Y 5 4.93 -50.92 45.36
N LEU Y 6 6.13 -51.20 44.87
CA LEU Y 6 6.29 -51.68 43.51
C LEU Y 6 5.84 -53.13 43.40
N THR Y 7 5.55 -53.54 42.17
CA THR Y 7 4.89 -54.81 41.90
C THR Y 7 5.58 -55.50 40.74
N SER Y 8 5.04 -56.66 40.36
CA SER Y 8 5.57 -57.47 39.27
C SER Y 8 4.52 -57.84 38.23
N LYS Y 9 3.26 -58.04 38.64
CA LYS Y 9 2.19 -58.31 37.70
C LYS Y 9 1.81 -57.09 36.87
N MET Y 10 2.40 -55.93 37.15
CA MET Y 10 2.10 -54.72 36.43
C MET Y 10 2.35 -54.91 34.94
N ARG Y 11 1.60 -54.15 34.14
CA ARG Y 11 1.86 -54.06 32.72
C ARG Y 11 3.17 -53.32 32.50
N VAL Y 12 4.12 -53.98 31.86
CA VAL Y 12 5.49 -53.50 31.73
C VAL Y 12 6.00 -53.95 30.37
N PRO Y 13 6.94 -53.24 29.74
CA PRO Y 13 7.51 -53.75 28.49
C PRO Y 13 8.26 -55.05 28.72
N ARG Y 14 8.55 -55.75 27.62
CA ARG Y 14 9.15 -57.07 27.67
C ARG Y 14 9.96 -57.29 26.39
N TYR Y 15 11.28 -57.44 26.52
CA TYR Y 15 12.09 -57.83 25.37
C TYR Y 15 11.62 -59.16 24.83
N GLU Y 16 11.77 -60.21 25.63
CA GLU Y 16 11.01 -61.42 25.47
C GLU Y 16 10.19 -61.58 26.75
N LYS Y 17 9.45 -62.67 26.80
CA LYS Y 17 8.31 -62.74 27.70
C LYS Y 17 8.73 -62.77 29.16
N ARG Y 18 9.65 -63.66 29.51
CA ARG Y 18 10.00 -63.85 30.91
C ARG Y 18 10.70 -62.61 31.47
N VAL Y 19 11.31 -61.82 30.61
CA VAL Y 19 12.14 -60.72 31.08
C VAL Y 19 11.26 -59.61 31.62
N ALA Y 20 11.64 -59.08 32.77
CA ALA Y 20 11.11 -57.84 33.33
C ALA Y 20 12.27 -56.86 33.40
N LEU Y 21 12.09 -55.68 32.82
CA LEU Y 21 13.20 -54.80 32.51
C LEU Y 21 13.48 -53.80 33.60
N ASN Y 22 12.46 -53.07 34.06
CA ASN Y 22 12.64 -52.12 35.14
C ASN Y 22 12.82 -52.95 36.41
N LEU Y 23 14.08 -53.32 36.64
CA LEU Y 23 14.42 -54.19 37.75
C LEU Y 23 14.02 -53.53 39.06
N ASP Y 24 13.32 -54.28 39.89
CA ASP Y 24 12.65 -53.71 41.06
C ASP Y 24 13.55 -53.77 42.29
N HIS Y 25 14.76 -53.26 42.11
CA HIS Y 25 15.66 -52.92 43.21
C HIS Y 25 15.90 -51.42 43.29
N LEU Y 26 15.06 -50.63 42.62
CA LEU Y 26 15.23 -49.19 42.54
C LEU Y 26 14.51 -48.47 43.65
N ILE Y 27 14.33 -49.14 44.78
CA ILE Y 27 13.65 -48.54 45.92
C ILE Y 27 14.38 -47.30 46.39
N LEU Y 28 15.70 -47.29 46.24
CA LEU Y 28 16.55 -46.28 46.85
C LEU Y 28 17.23 -45.51 45.75
N TYR Y 29 16.51 -44.53 45.21
CA TYR Y 29 17.11 -43.58 44.28
C TYR Y 29 16.21 -42.35 44.25
N THR Y 30 16.58 -41.34 45.03
CA THR Y 30 15.88 -40.05 45.02
C THR Y 30 16.88 -38.95 45.32
N PRO Y 31 17.77 -38.69 44.40
CA PRO Y 31 18.64 -37.52 44.56
C PRO Y 31 17.86 -36.24 44.44
N GLU Y 32 18.53 -35.11 44.62
CA GLU Y 32 17.88 -33.83 44.48
C GLU Y 32 17.37 -33.64 43.06
N GLN Y 33 16.21 -33.01 42.96
CA GLN Y 33 15.56 -32.87 41.66
C GLN Y 33 16.34 -31.94 40.76
N THR Y 34 16.64 -30.74 41.25
CA THR Y 34 17.36 -29.78 40.43
C THR Y 34 18.76 -30.28 40.10
N ASP Y 35 19.33 -31.10 40.97
CA ASP Y 35 20.67 -31.62 40.74
C ASP Y 35 20.74 -32.47 39.49
N LEU Y 36 19.63 -33.02 39.04
CA LEU Y 36 19.60 -33.88 37.88
C LEU Y 36 19.34 -33.15 36.58
N SER Y 37 18.78 -31.94 36.66
CA SER Y 37 18.26 -31.25 35.48
C SER Y 37 19.34 -30.92 34.47
N ASN Y 38 18.92 -30.31 33.36
CA ASN Y 38 19.82 -29.64 32.46
C ASN Y 38 19.95 -28.16 32.76
N THR Y 39 18.99 -27.58 33.46
CA THR Y 39 19.04 -26.15 33.74
C THR Y 39 20.17 -25.77 34.66
N ARG Y 40 20.65 -26.71 35.48
CA ARG Y 40 21.91 -26.56 36.18
C ARG Y 40 22.97 -27.35 35.45
N SER Y 41 24.17 -26.80 35.44
CA SER Y 41 25.27 -27.44 34.74
C SER Y 41 25.93 -28.46 35.65
N THR Y 42 27.06 -28.98 35.18
CA THR Y 42 27.68 -30.14 35.77
C THR Y 42 28.82 -29.77 36.68
N ARG Y 43 29.23 -30.75 37.46
CA ARG Y 43 30.26 -30.56 38.47
C ARG Y 43 31.63 -30.36 37.81
N LYS Y 44 31.86 -31.03 36.69
CA LYS Y 44 33.12 -30.87 35.98
C LYS Y 44 33.29 -29.45 35.51
N GLN Y 45 32.26 -28.90 34.87
CA GLN Y 45 32.31 -27.52 34.41
C GLN Y 45 32.58 -26.59 35.58
N PHE Y 46 31.86 -26.83 36.68
CA PHE Y 46 32.00 -26.04 37.87
C PHE Y 46 33.42 -26.08 38.39
N ASP Y 47 34.11 -27.19 38.15
CA ASP Y 47 35.50 -27.29 38.55
C ASP Y 47 36.39 -26.50 37.61
N THR Y 48 36.19 -26.67 36.31
CA THR Y 48 37.13 -26.11 35.36
C THR Y 48 37.05 -24.60 35.31
N TRP Y 49 35.89 -24.04 35.61
CA TRP Y 49 35.80 -22.60 35.78
C TRP Y 49 36.64 -22.16 36.98
N PHE Y 50 36.41 -22.84 38.10
CA PHE Y 50 37.09 -22.59 39.36
C PHE Y 50 38.60 -22.76 39.27
N GLU Y 51 39.07 -23.48 38.27
CA GLU Y 51 40.49 -23.70 38.05
C GLU Y 51 41.06 -22.77 37.00
N GLY Y 52 40.29 -22.47 35.96
CA GLY Y 52 40.76 -21.55 34.95
C GLY Y 52 40.97 -20.17 35.52
N VAL Y 53 40.09 -19.76 36.44
CA VAL Y 53 40.37 -18.53 37.18
C VAL Y 53 41.62 -18.68 38.01
N MET Y 54 41.84 -19.87 38.57
CA MET Y 54 42.98 -20.11 39.43
C MET Y 54 44.26 -19.92 38.67
N ALA Y 55 44.25 -20.27 37.38
CA ALA Y 55 45.40 -20.00 36.52
C ALA Y 55 45.57 -18.52 36.26
N ASP Y 56 44.45 -17.78 36.26
CA ASP Y 56 44.51 -16.39 35.86
C ASP Y 56 45.08 -15.52 36.97
N TYR Y 57 44.44 -15.53 38.13
CA TYR Y 57 44.71 -14.51 39.14
C TYR Y 57 45.74 -14.94 40.16
N GLU Y 58 46.14 -16.21 40.17
CA GLU Y 58 47.37 -16.66 40.81
C GLU Y 58 47.37 -16.36 42.31
N LEU Y 59 46.47 -17.06 43.00
CA LEU Y 59 46.25 -16.88 44.42
C LEU Y 59 46.95 -17.92 45.28
N THR Y 60 46.88 -19.18 44.87
CA THR Y 60 47.33 -20.31 45.70
C THR Y 60 46.65 -20.25 47.06
N GLU Y 61 45.37 -19.91 47.05
CA GLU Y 61 44.64 -19.66 48.28
C GLU Y 61 43.17 -19.89 48.03
N ASP Y 62 42.45 -20.16 49.13
CA ASP Y 62 41.00 -20.11 49.13
C ASP Y 62 40.48 -18.73 49.50
N LYS Y 63 41.23 -17.69 49.18
CA LYS Y 63 40.71 -16.35 49.24
C LYS Y 63 39.69 -16.13 48.14
N MET Y 64 39.81 -16.90 47.05
CA MET Y 64 38.82 -16.91 45.99
C MET Y 64 37.43 -17.21 46.52
N GLN Y 65 37.33 -17.91 47.66
CA GLN Y 65 36.10 -17.95 48.42
C GLN Y 65 35.53 -16.55 48.59
N ILE Y 66 36.33 -15.67 49.18
CA ILE Y 66 35.89 -14.32 49.47
C ILE Y 66 35.65 -13.57 48.18
N ILE Y 67 36.47 -13.83 47.18
CA ILE Y 67 36.35 -13.12 45.92
C ILE Y 67 34.99 -13.41 45.30
N LEU Y 68 34.73 -14.70 45.06
CA LEU Y 68 33.47 -15.12 44.47
C LEU Y 68 32.29 -14.65 45.30
N ASN Y 69 32.45 -14.63 46.62
CA ASN Y 69 31.44 -14.03 47.48
C ASN Y 69 31.22 -12.58 47.09
N GLY Y 70 32.29 -11.89 46.69
CA GLY Y 70 32.12 -10.56 46.13
C GLY Y 70 31.35 -10.60 44.83
N LEU Y 71 31.70 -11.55 43.95
CA LEU Y 71 31.12 -11.57 42.60
C LEU Y 71 29.63 -11.78 42.64
N MET Y 72 29.16 -12.45 43.71
CA MET Y 72 27.73 -12.56 43.95
C MET Y 72 27.02 -11.23 43.78
N VAL Y 73 27.61 -10.17 44.31
CA VAL Y 73 26.84 -8.97 44.54
C VAL Y 73 26.73 -8.15 43.27
N TRP Y 74 27.86 -7.87 42.62
CA TRP Y 74 27.79 -7.19 41.33
C TRP Y 74 27.04 -8.04 40.33
N CYS Y 75 27.11 -9.36 40.47
CA CYS Y 75 26.28 -10.22 39.65
C CYS Y 75 24.80 -9.96 39.92
N ILE Y 76 24.46 -9.65 41.17
CA ILE Y 76 23.07 -9.45 41.53
C ILE Y 76 22.56 -8.13 40.99
N GLU Y 77 23.16 -7.04 41.46
CA GLU Y 77 22.57 -5.72 41.30
C GLU Y 77 22.44 -5.28 39.85
N ASN Y 78 23.06 -6.00 38.92
CA ASN Y 78 23.04 -5.63 37.51
C ASN Y 78 22.77 -6.87 36.67
N GLY Y 79 22.57 -6.62 35.37
CA GLY Y 79 22.18 -7.66 34.44
C GLY Y 79 23.17 -8.80 34.31
N THR Y 80 22.80 -9.80 33.50
CA THR Y 80 23.63 -10.98 33.28
C THR Y 80 23.55 -11.32 31.80
N SER Y 81 24.64 -11.10 31.09
CA SER Y 81 24.71 -11.36 29.67
C SER Y 81 26.16 -11.34 29.26
N PRO Y 82 26.51 -11.99 28.15
CA PRO Y 82 27.86 -11.80 27.62
C PRO Y 82 28.12 -10.37 27.24
N ASN Y 83 27.08 -9.63 26.89
CA ASN Y 83 27.20 -8.25 26.44
C ASN Y 83 27.44 -7.36 27.65
N ILE Y 84 28.66 -7.43 28.17
CA ILE Y 84 29.08 -6.62 29.31
C ILE Y 84 30.47 -6.08 29.03
N ASN Y 85 30.73 -4.87 29.51
CA ASN Y 85 32.06 -4.29 29.48
C ASN Y 85 32.20 -3.41 30.70
N GLY Y 86 33.38 -2.80 30.83
CA GLY Y 86 33.67 -1.93 31.96
C GLY Y 86 34.53 -2.66 32.99
N MET Y 87 34.10 -2.62 34.23
CA MET Y 87 34.73 -3.36 35.31
C MET Y 87 33.64 -3.72 36.31
N TRP Y 88 34.04 -4.26 37.45
CA TRP Y 88 33.20 -4.26 38.63
C TRP Y 88 34.10 -4.01 39.83
N VAL Y 89 33.47 -3.85 40.99
CA VAL Y 89 34.21 -3.57 42.21
C VAL Y 89 33.34 -3.91 43.41
N MET Y 90 34.00 -4.29 44.51
CA MET Y 90 33.39 -4.22 45.83
C MET Y 90 34.27 -3.35 46.72
N MET Y 91 33.99 -3.34 48.02
CA MET Y 91 34.65 -2.43 48.93
C MET Y 91 35.25 -3.16 50.12
N ASP Y 92 36.08 -2.43 50.85
CA ASP Y 92 36.66 -2.87 52.12
C ASP Y 92 36.67 -1.64 53.03
N GLY Y 93 35.58 -1.47 53.77
CA GLY Y 93 35.43 -0.28 54.58
C GLY Y 93 34.92 0.87 53.75
N ASP Y 94 35.85 1.75 53.34
CA ASP Y 94 35.54 2.87 52.46
C ASP Y 94 36.32 2.81 51.14
N ASP Y 95 37.10 1.75 50.93
CA ASP Y 95 37.91 1.61 49.74
C ASP Y 95 37.12 0.91 48.65
N GLN Y 96 37.62 1.02 47.43
CA GLN Y 96 36.88 0.61 46.23
C GLN Y 96 37.81 -0.12 45.27
N VAL Y 97 38.50 -1.13 45.78
CA VAL Y 97 39.49 -1.85 44.98
C VAL Y 97 38.80 -2.60 43.86
N GLU Y 98 39.08 -2.19 42.63
CA GLU Y 98 38.31 -2.64 41.48
C GLU Y 98 38.75 -4.04 41.04
N PHE Y 99 38.18 -4.51 39.93
CA PHE Y 99 38.46 -5.85 39.44
C PHE Y 99 37.94 -6.04 38.03
N PRO Y 100 38.62 -6.82 37.15
CA PRO Y 100 38.13 -6.97 35.77
C PRO Y 100 37.04 -8.01 35.60
N ILE Y 101 36.69 -8.28 34.33
CA ILE Y 101 35.46 -8.97 33.97
C ILE Y 101 35.75 -10.23 33.17
N LYS Y 102 36.27 -10.01 31.96
CA LYS Y 102 36.11 -10.91 30.82
C LYS Y 102 36.45 -12.39 31.06
N PRO Y 103 37.61 -12.74 31.60
CA PRO Y 103 37.99 -14.16 31.63
C PRO Y 103 37.12 -15.01 32.51
N LEU Y 104 36.29 -14.40 33.36
CA LEU Y 104 35.26 -15.12 34.07
C LEU Y 104 34.08 -15.47 33.19
N ILE Y 105 34.13 -15.07 31.91
CA ILE Y 105 33.02 -15.24 30.98
C ILE Y 105 33.46 -16.03 29.77
N ASP Y 106 34.66 -15.73 29.26
CA ASP Y 106 35.14 -16.45 28.09
C ASP Y 106 35.59 -17.87 28.40
N HIS Y 107 35.47 -18.32 29.64
CA HIS Y 107 36.03 -19.60 30.06
C HIS Y 107 34.98 -20.43 30.79
N ALA Y 108 33.77 -20.46 30.26
CA ALA Y 108 32.76 -21.43 30.65
C ALA Y 108 31.99 -21.87 29.40
N LYS Y 109 31.64 -23.14 29.36
CA LYS Y 109 31.20 -23.74 28.10
C LYS Y 109 29.75 -23.42 27.83
N PRO Y 110 28.85 -23.62 28.78
CA PRO Y 110 27.54 -22.97 28.69
C PRO Y 110 27.65 -21.57 29.27
N THR Y 111 26.53 -20.88 29.41
CA THR Y 111 26.54 -19.45 29.66
C THR Y 111 26.79 -19.15 31.14
N PHE Y 112 26.60 -17.88 31.48
CA PHE Y 112 26.89 -17.35 32.81
C PHE Y 112 25.75 -17.64 33.78
N ARG Y 113 24.51 -17.55 33.32
CA ARG Y 113 23.39 -17.93 34.16
C ARG Y 113 23.44 -19.40 34.46
N GLN Y 114 23.85 -20.19 33.48
CA GLN Y 114 23.89 -21.63 33.62
C GLN Y 114 24.97 -22.09 34.60
N ILE Y 115 25.83 -21.20 35.06
CA ILE Y 115 26.78 -21.49 36.13
C ILE Y 115 26.35 -20.86 37.44
N MET Y 116 25.81 -19.64 37.39
CA MET Y 116 25.45 -18.98 38.62
C MET Y 116 24.14 -19.47 39.20
N ALA Y 117 23.49 -20.44 38.56
CA ALA Y 117 22.23 -20.96 39.07
C ALA Y 117 22.38 -21.61 40.43
N HIS Y 118 23.60 -22.02 40.80
CA HIS Y 118 23.83 -22.48 42.15
C HIS Y 118 23.45 -21.41 43.15
N PHE Y 119 24.13 -20.28 43.08
CA PHE Y 119 24.17 -19.33 44.19
C PHE Y 119 22.81 -18.66 44.27
N SER Y 120 21.91 -19.35 44.97
CA SER Y 120 20.51 -19.00 45.05
C SER Y 120 20.10 -18.60 46.45
N ASP Y 121 20.30 -19.51 47.39
CA ASP Y 121 19.77 -19.33 48.73
C ASP Y 121 20.65 -18.47 49.60
N VAL Y 122 21.93 -18.36 49.25
CA VAL Y 122 22.84 -17.56 50.05
C VAL Y 122 22.43 -16.09 49.97
N ALA Y 123 22.37 -15.57 48.75
CA ALA Y 123 21.87 -14.22 48.56
C ALA Y 123 20.42 -14.09 48.99
N GLU Y 124 19.68 -15.19 48.98
CA GLU Y 124 18.30 -15.14 49.46
C GLU Y 124 18.28 -14.73 50.92
N ALA Y 125 19.01 -15.47 51.76
CA ALA Y 125 19.07 -15.11 53.17
C ALA Y 125 19.73 -13.76 53.37
N TYR Y 126 20.66 -13.41 52.48
CA TYR Y 126 21.29 -12.09 52.53
C TYR Y 126 20.23 -11.00 52.49
N ILE Y 127 19.40 -11.04 51.46
CA ILE Y 127 18.41 -9.99 51.30
C ILE Y 127 17.36 -10.07 52.37
N GLU Y 128 17.12 -11.27 52.91
CA GLU Y 128 16.19 -11.39 54.02
C GLU Y 128 16.68 -10.59 55.19
N LYS Y 129 17.94 -10.75 55.55
CA LYS Y 129 18.50 -9.99 56.65
C LYS Y 129 18.47 -8.50 56.35
N ARG Y 130 19.23 -8.09 55.33
CA ARG Y 130 19.43 -6.66 55.15
C ARG Y 130 18.19 -5.95 54.66
N ASN Y 131 17.13 -6.69 54.28
CA ASN Y 131 15.82 -6.10 54.12
C ASN Y 131 15.11 -6.01 55.46
N GLN Y 132 15.32 -6.99 56.33
CA GLN Y 132 14.68 -6.93 57.63
C GLN Y 132 15.16 -5.73 58.42
N ASP Y 133 16.40 -5.33 58.20
CA ASP Y 133 16.88 -4.12 58.85
C ASP Y 133 16.22 -2.88 58.26
N ARG Y 134 16.15 -2.80 56.94
CA ARG Y 134 15.89 -1.56 56.23
C ARG Y 134 15.17 -1.85 54.94
N PRO Y 135 14.52 -0.84 54.36
CA PRO Y 135 13.71 -1.11 53.18
C PRO Y 135 14.55 -1.14 51.91
N TYR Y 136 15.33 -2.19 51.77
CA TYR Y 136 16.05 -2.42 50.53
C TYR Y 136 15.12 -3.02 49.50
N MET Y 137 15.31 -2.63 48.25
CA MET Y 137 14.79 -3.33 47.12
C MET Y 137 15.92 -3.32 46.11
N PRO Y 138 16.08 -4.37 45.32
CA PRO Y 138 17.11 -4.32 44.28
C PRO Y 138 16.76 -3.47 43.09
N ARG Y 139 17.63 -3.55 42.09
CA ARG Y 139 17.47 -2.76 40.88
C ARG Y 139 16.39 -3.31 39.99
N TYR Y 140 16.41 -4.62 39.79
CA TYR Y 140 15.76 -5.22 38.63
C TYR Y 140 14.27 -4.99 38.59
N GLY Y 141 13.65 -4.75 39.74
CA GLY Y 141 12.23 -4.43 39.78
C GLY Y 141 11.99 -2.95 39.64
N LEU Y 142 12.92 -2.15 40.15
CA LEU Y 142 12.75 -0.71 40.09
C LEU Y 142 12.77 -0.19 38.67
N GLN Y 143 13.39 -0.93 37.76
CA GLN Y 143 13.23 -0.64 36.36
C GLN Y 143 11.90 -1.16 35.85
N ARG Y 144 11.40 -2.24 36.44
CA ARG Y 144 10.19 -2.90 36.01
C ARG Y 144 9.00 -2.61 36.90
N ASN Y 145 9.17 -1.77 37.91
CA ASN Y 145 8.07 -1.27 38.71
C ASN Y 145 7.34 -2.38 39.45
N LEU Y 146 8.05 -3.03 40.35
CA LEU Y 146 7.37 -3.78 41.39
C LEU Y 146 6.59 -2.84 42.29
N THR Y 147 5.76 -3.43 43.13
CA THR Y 147 4.88 -2.69 44.02
C THR Y 147 5.12 -3.04 45.48
N ASP Y 148 5.21 -4.32 45.78
CA ASP Y 148 5.29 -4.78 47.17
C ASP Y 148 6.72 -4.76 47.65
N MET Y 149 6.96 -4.10 48.78
CA MET Y 149 8.25 -4.18 49.42
C MET Y 149 8.56 -5.59 49.91
N SER Y 150 7.53 -6.40 50.18
CA SER Y 150 7.78 -7.74 50.67
C SER Y 150 8.42 -8.60 49.61
N LEU Y 151 8.06 -8.40 48.35
CA LEU Y 151 8.38 -9.33 47.29
C LEU Y 151 9.73 -9.05 46.66
N ALA Y 152 10.65 -8.46 47.42
CA ALA Y 152 12.04 -8.38 47.01
C ALA Y 152 12.69 -9.74 46.86
N ARG Y 153 12.07 -10.79 47.38
CA ARG Y 153 12.71 -12.09 47.48
C ARG Y 153 13.13 -12.64 46.13
N TYR Y 154 12.44 -12.23 45.07
CA TYR Y 154 12.64 -12.85 43.76
C TYR Y 154 12.65 -11.82 42.67
N ALA Y 155 13.20 -10.65 42.97
CA ALA Y 155 13.45 -9.66 41.93
C ALA Y 155 14.87 -9.81 41.38
N PHE Y 156 15.24 -11.04 41.08
CA PHE Y 156 16.54 -11.35 40.54
C PHE Y 156 16.48 -11.34 39.03
N ASP Y 157 17.67 -11.40 38.44
CA ASP Y 157 17.77 -11.69 37.02
C ASP Y 157 17.69 -13.19 36.77
N PHE Y 158 17.87 -14.00 37.82
CA PHE Y 158 18.05 -15.42 37.63
C PHE Y 158 17.66 -16.17 38.89
N TYR Y 159 17.22 -17.41 38.67
CA TYR Y 159 16.64 -18.25 39.70
C TYR Y 159 16.31 -19.58 39.06
N GLU Y 160 16.17 -20.62 39.89
CA GLU Y 160 15.67 -21.92 39.47
C GLU Y 160 14.46 -22.28 40.32
N MET Y 161 13.32 -22.44 39.67
CA MET Y 161 12.11 -22.83 40.36
C MET Y 161 12.25 -24.24 40.93
N THR Y 162 11.64 -24.45 42.09
CA THR Y 162 11.74 -25.71 42.80
C THR Y 162 10.40 -26.04 43.42
N SER Y 163 10.28 -27.29 43.86
CA SER Y 163 9.05 -27.78 44.48
C SER Y 163 9.09 -27.61 45.99
N ARG Y 164 9.43 -26.41 46.44
CA ARG Y 164 9.31 -26.05 47.84
C ARG Y 164 8.84 -24.62 48.00
N THR Y 165 8.20 -24.07 46.98
CA THR Y 165 8.10 -22.64 46.79
C THR Y 165 6.65 -22.21 46.69
N PRO Y 166 6.35 -20.95 46.92
CA PRO Y 166 4.96 -20.51 47.02
C PRO Y 166 4.30 -20.40 45.65
N ILE Y 167 3.05 -19.98 45.67
CA ILE Y 167 2.23 -19.88 44.49
C ILE Y 167 2.25 -18.48 43.92
N ARG Y 168 2.11 -17.49 44.80
CA ARG Y 168 1.84 -16.14 44.37
C ARG Y 168 3.00 -15.58 43.57
N ALA Y 169 4.20 -15.58 44.16
CA ALA Y 169 5.34 -14.90 43.57
C ALA Y 169 5.72 -15.46 42.21
N ARG Y 170 5.36 -16.71 41.94
CA ARG Y 170 5.64 -17.32 40.66
C ARG Y 170 5.05 -16.48 39.53
N GLU Y 171 3.84 -15.97 39.75
CA GLU Y 171 3.16 -15.19 38.74
C GLU Y 171 3.98 -13.97 38.34
N ALA Y 172 4.40 -13.21 39.33
CA ALA Y 172 5.20 -12.03 39.04
C ALA Y 172 6.52 -12.43 38.40
N HIS Y 173 7.08 -13.55 38.83
CA HIS Y 173 8.37 -13.95 38.30
C HIS Y 173 8.28 -14.20 36.81
N ILE Y 174 7.25 -14.91 36.38
CA ILE Y 174 7.19 -15.33 35.00
C ILE Y 174 6.65 -14.22 34.12
N GLN Y 175 5.62 -13.52 34.59
CA GLN Y 175 5.09 -12.41 33.83
C GLN Y 175 6.15 -11.36 33.62
N MET Y 176 6.79 -10.95 34.72
CA MET Y 176 7.81 -9.93 34.61
C MET Y 176 9.02 -10.46 33.88
N LYS Y 177 9.18 -11.78 33.83
CA LYS Y 177 10.22 -12.34 32.99
C LYS Y 177 9.93 -12.05 31.53
N ALA Y 178 8.85 -12.63 31.02
CA ALA Y 178 8.68 -12.64 29.58
C ALA Y 178 8.37 -11.24 29.07
N ALA Y 179 7.57 -10.50 29.82
CA ALA Y 179 7.20 -9.17 29.36
C ALA Y 179 8.39 -8.24 29.42
N ALA Y 180 9.34 -8.52 30.30
CA ALA Y 180 10.57 -7.75 30.30
C ALA Y 180 11.38 -8.02 29.06
N LEU Y 181 11.11 -9.13 28.36
CA LEU Y 181 11.64 -9.34 27.03
C LEU Y 181 10.68 -8.73 26.02
N ARG Y 182 11.24 -8.28 24.90
CA ARG Y 182 10.46 -7.90 23.74
C ARG Y 182 11.42 -7.57 22.62
N GLY Y 183 10.95 -7.82 21.40
CA GLY Y 183 11.61 -7.29 20.22
C GLY Y 183 12.83 -8.07 19.77
N ALA Y 184 13.74 -8.35 20.71
CA ALA Y 184 14.94 -9.09 20.36
C ALA Y 184 14.56 -10.47 19.87
N ASN Y 185 15.15 -10.88 18.76
CA ASN Y 185 14.76 -12.06 18.02
C ASN Y 185 15.82 -13.13 18.07
N ASN Y 186 15.40 -14.36 17.78
CA ASN Y 186 16.33 -15.45 17.57
C ASN Y 186 17.34 -15.12 16.49
N ASN Y 187 16.84 -14.65 15.34
CA ASN Y 187 17.57 -13.92 14.29
C ASN Y 187 18.98 -14.45 14.06
N LEU Y 188 19.03 -15.72 13.66
CA LEU Y 188 20.22 -16.56 13.75
C LEU Y 188 21.48 -15.90 13.22
N PHE Y 189 21.50 -15.63 11.92
CA PHE Y 189 22.75 -15.42 11.21
C PHE Y 189 23.06 -13.94 11.07
N GLY Y 190 24.35 -13.65 10.93
CA GLY Y 190 24.82 -12.33 10.64
C GLY Y 190 25.00 -12.21 9.16
N LEU Y 191 26.24 -12.24 8.70
CA LEU Y 191 26.55 -12.26 7.28
C LEU Y 191 27.82 -13.02 7.04
N ASP Y 192 28.03 -13.42 5.79
CA ASP Y 192 29.07 -14.35 5.44
C ASP Y 192 30.35 -13.61 5.04
N GLY Y 193 31.45 -14.35 5.04
CA GLY Y 193 32.76 -13.78 4.80
C GLY Y 193 33.13 -13.69 3.35
N ASN Y 194 32.81 -14.71 2.57
CA ASN Y 194 33.20 -14.73 1.18
C ASN Y 194 32.40 -13.68 0.47
N VAL Y 195 33.01 -12.52 0.31
CA VAL Y 195 32.36 -11.35 -0.27
C VAL Y 195 33.27 -10.86 -1.39
N GLY Y 196 33.10 -11.45 -2.57
CA GLY Y 196 33.68 -10.95 -3.78
C GLY Y 196 32.59 -10.41 -4.65
N THR Y 197 32.48 -9.09 -4.71
CA THR Y 197 31.48 -8.46 -5.56
C THR Y 197 31.70 -8.76 -7.03
N THR Y 198 32.87 -9.27 -7.41
CA THR Y 198 33.14 -9.64 -8.79
C THR Y 198 33.92 -10.95 -8.82
N VAL Y 199 34.14 -11.44 -10.03
CA VAL Y 199 34.93 -12.62 -10.30
C VAL Y 199 36.28 -12.19 -10.82
N GLU Y 200 37.30 -12.99 -10.55
CA GLU Y 200 38.61 -12.75 -11.14
C GLU Y 200 38.52 -12.72 -12.65
N ASN Y 201 39.38 -11.91 -13.26
CA ASN Y 201 39.33 -11.71 -14.69
C ASN Y 201 40.08 -12.79 -15.44
N THR Y 202 41.28 -13.12 -15.00
CA THR Y 202 42.07 -14.21 -15.58
C THR Y 202 42.44 -13.91 -17.03
N GLU Y 203 43.13 -12.80 -17.23
CA GLU Y 203 43.46 -12.31 -18.56
C GLU Y 203 44.87 -11.75 -18.52
N ARG Y 204 45.21 -10.95 -19.52
CA ARG Y 204 46.51 -10.29 -19.58
C ARG Y 204 46.35 -8.92 -20.21
N HIS Y 205 47.14 -7.97 -19.72
CA HIS Y 205 47.33 -6.68 -20.36
C HIS Y 205 48.61 -6.71 -21.16
N THR Y 206 48.52 -6.22 -22.38
CA THR Y 206 49.68 -6.02 -23.24
C THR Y 206 49.45 -4.74 -24.02
N THR Y 207 50.54 -4.23 -24.61
CA THR Y 207 50.48 -3.01 -25.39
C THR Y 207 49.72 -3.24 -26.70
N PRO AA 1 -32.85 -71.73 31.50
CA PRO AA 1 -32.83 -70.87 30.30
C PRO AA 1 -31.62 -69.94 30.26
N ARG AA 2 -30.82 -70.08 29.21
CA ARG AA 2 -29.63 -69.25 29.01
C ARG AA 2 -29.35 -69.15 27.53
N LEU AA 3 -28.36 -68.35 27.19
CA LEU AA 3 -28.11 -68.01 25.79
C LEU AA 3 -26.77 -67.27 25.70
N LYS AA 4 -26.49 -66.74 24.51
CA LYS AA 4 -25.23 -66.07 24.20
C LYS AA 4 -25.51 -64.67 23.68
N SER AA 5 -24.46 -63.86 23.61
CA SER AA 5 -24.60 -62.48 23.14
C SER AA 5 -24.84 -62.44 21.64
N LEU AA 6 -23.90 -62.98 20.87
CA LEU AA 6 -23.91 -62.80 19.43
C LEU AA 6 -25.00 -63.63 18.79
N THR AA 7 -25.36 -63.24 17.58
CA THR AA 7 -26.54 -63.77 16.90
C THR AA 7 -26.20 -64.08 15.46
N SER AA 8 -27.22 -64.53 14.72
CA SER AA 8 -27.08 -64.89 13.31
C SER AA 8 -28.10 -64.21 12.41
N LYS AA 9 -29.31 -63.97 12.91
CA LYS AA 9 -30.32 -63.25 12.14
C LYS AA 9 -30.01 -61.77 12.00
N MET AA 10 -28.94 -61.29 12.65
CA MET AA 10 -28.56 -59.89 12.58
C MET AA 10 -28.34 -59.47 11.14
N ARG AA 11 -28.56 -58.18 10.89
CA ARG AA 11 -28.18 -57.58 9.63
C ARG AA 11 -26.68 -57.53 9.52
N VAL AA 12 -26.13 -58.18 8.50
CA VAL AA 12 -24.69 -58.38 8.36
C VAL AA 12 -24.38 -58.33 6.87
N PRO AA 13 -23.17 -57.94 6.45
CA PRO AA 13 -22.85 -58.01 5.03
C PRO AA 13 -22.83 -59.45 4.55
N ARG AA 14 -22.84 -59.61 3.23
CA ARG AA 14 -22.97 -60.91 2.59
C ARG AA 14 -22.29 -60.85 1.23
N TYR AA 15 -21.23 -61.64 1.05
CA TYR AA 15 -20.63 -61.78 -0.27
C TYR AA 15 -21.65 -62.33 -1.25
N GLU AA 16 -22.08 -63.55 -1.02
CA GLU AA 16 -23.33 -64.05 -1.54
C GLU AA 16 -24.21 -64.38 -0.36
N LYS AA 17 -25.39 -64.90 -0.64
CA LYS AA 17 -26.48 -64.84 0.32
C LYS AA 17 -26.22 -65.73 1.53
N ARG AA 18 -25.88 -66.98 1.28
CA ARG AA 18 -25.77 -67.93 2.40
C ARG AA 18 -24.60 -67.57 3.30
N VAL AA 19 -23.61 -66.86 2.77
CA VAL AA 19 -22.39 -66.63 3.52
C VAL AA 19 -22.64 -65.62 4.62
N ALA AA 20 -22.14 -65.94 5.82
CA ALA AA 20 -22.02 -65.00 6.92
C ALA AA 20 -20.55 -64.82 7.23
N LEU AA 21 -20.10 -63.57 7.24
CA LEU AA 21 -18.67 -63.29 7.16
C LEU AA 21 -18.01 -63.15 8.51
N ASN AA 22 -18.58 -62.34 9.40
CA ASN AA 22 -18.04 -62.20 10.74
C ASN AA 22 -18.35 -63.50 11.47
N LEU AA 23 -17.46 -64.47 11.30
CA LEU AA 23 -17.67 -65.80 11.85
C LEU AA 23 -17.78 -65.71 13.37
N ASP AA 24 -18.81 -66.34 13.90
CA ASP AA 24 -19.20 -66.14 15.29
C ASP AA 24 -18.54 -67.16 16.20
N HIS AA 25 -17.21 -67.25 16.06
CA HIS AA 25 -16.35 -67.92 17.01
C HIS AA 25 -15.41 -66.92 17.69
N LEU AA 26 -15.70 -65.63 17.58
CA LEU AA 26 -14.84 -64.58 18.11
C LEU AA 26 -15.20 -64.21 19.53
N ILE AA 27 -15.76 -65.16 20.27
CA ILE AA 27 -16.13 -64.91 21.65
C ILE AA 27 -14.93 -64.52 22.47
N LEU AA 28 -13.76 -65.06 22.12
CA LEU AA 28 -12.56 -64.96 22.95
C LEU AA 28 -11.52 -64.17 22.19
N TYR AA 29 -11.63 -62.85 22.26
CA TYR AA 29 -10.59 -61.99 21.74
C TYR AA 29 -10.76 -60.62 22.40
N THR AA 30 -10.01 -60.39 23.46
CA THR AA 30 -9.99 -59.08 24.14
C THR AA 30 -8.60 -58.85 24.70
N PRO AA 31 -7.64 -58.65 23.85
CA PRO AA 31 -6.31 -58.23 24.34
C PRO AA 31 -6.36 -56.83 24.92
N GLU AA 32 -5.24 -56.38 25.46
CA GLU AA 32 -5.16 -55.03 25.99
C GLU AA 32 -5.43 -54.01 24.91
N GLN AA 33 -6.12 -52.94 25.30
CA GLN AA 33 -6.54 -51.95 24.32
C GLN AA 33 -5.34 -51.19 23.78
N THR AA 34 -4.53 -50.64 24.67
CA THR AA 34 -3.37 -49.87 24.24
C THR AA 34 -2.38 -50.74 23.50
N ASP AA 35 -2.34 -52.03 23.82
CA ASP AA 35 -1.41 -52.92 23.16
C ASP AA 35 -1.68 -53.03 21.66
N LEU AA 36 -2.90 -52.73 21.22
CA LEU AA 36 -3.25 -52.84 19.83
C LEU AA 36 -3.03 -51.56 19.04
N SER AA 37 -2.93 -50.43 19.73
CA SER AA 37 -2.98 -49.12 19.07
C SER AA 37 -1.80 -48.90 18.13
N ASN AA 38 -1.80 -47.74 17.50
CA ASN AA 38 -0.62 -47.23 16.82
C ASN AA 38 0.20 -46.30 17.70
N THR AA 39 -0.41 -45.74 18.74
CA THR AA 39 0.31 -44.80 19.60
C THR AA 39 1.42 -45.47 20.38
N ARG AA 40 1.32 -46.77 20.62
CA ARG AA 40 2.44 -47.56 21.08
C ARG AA 40 3.04 -48.32 19.92
N SER AA 41 4.35 -48.46 19.92
CA SER AA 41 5.04 -49.12 18.85
C SER AA 41 5.06 -50.62 19.10
N THR AA 42 5.81 -51.32 18.26
CA THR AA 42 5.74 -52.76 18.18
C THR AA 42 6.86 -53.42 18.95
N ARG AA 43 6.68 -54.71 19.14
CA ARG AA 43 7.61 -55.51 19.92
C ARG AA 43 8.93 -55.68 19.21
N LYS AA 44 8.88 -55.79 17.88
CA LYS AA 44 10.10 -55.92 17.10
C LYS AA 44 10.99 -54.69 17.27
N GLN AA 45 10.40 -53.51 17.13
CA GLN AA 45 11.15 -52.28 17.31
C GLN AA 45 11.75 -52.23 18.69
N PHE AA 46 10.94 -52.59 19.68
CA PHE AA 46 11.36 -52.61 21.06
C PHE AA 46 12.55 -53.53 21.25
N ASP AA 47 12.62 -54.58 20.44
CA ASP AA 47 13.75 -55.49 20.51
C ASP AA 47 14.98 -54.87 19.87
N THR AA 48 14.80 -54.30 18.68
CA THR AA 48 15.97 -53.87 17.91
C THR AA 48 16.63 -52.67 18.54
N TRP AA 49 15.88 -51.84 19.25
CA TRP AA 49 16.49 -50.79 20.03
C TRP AA 49 17.35 -51.40 21.13
N PHE AA 50 16.75 -52.32 21.88
CA PHE AA 50 17.37 -53.02 22.99
C PHE AA 50 18.60 -53.80 22.57
N GLU AA 51 18.74 -54.11 21.29
CA GLU AA 51 19.88 -54.84 20.75
C GLU AA 51 20.90 -53.91 20.13
N GLY AA 52 20.44 -52.85 19.47
CA GLY AA 52 21.37 -51.90 18.89
C GLY AA 52 22.19 -51.21 19.96
N VAL AA 53 21.57 -50.92 21.10
CA VAL AA 53 22.35 -50.45 22.23
C VAL AA 53 23.32 -51.53 22.68
N MET AA 54 22.89 -52.79 22.63
CA MET AA 54 23.71 -53.89 23.10
C MET AA 54 24.97 -54.00 22.28
N ALA AA 55 24.88 -53.66 21.00
CA ALA AA 55 26.05 -53.60 20.15
C ALA AA 55 26.94 -52.42 20.53
N ASP AA 56 26.34 -51.35 21.04
CA ASP AA 56 27.09 -50.13 21.27
C ASP AA 56 27.94 -50.25 22.53
N TYR AA 57 27.31 -50.50 23.67
CA TYR AA 57 27.95 -50.31 24.95
C TYR AA 57 28.59 -51.58 25.50
N GLU AA 58 28.32 -52.73 24.88
CA GLU AA 58 29.12 -53.94 25.04
C GLU AA 58 29.16 -54.40 26.50
N LEU AA 59 27.99 -54.83 26.96
CA LEU AA 59 27.80 -55.24 28.34
C LEU AA 59 27.83 -56.75 28.52
N THR AA 60 27.19 -57.49 27.63
CA THR AA 60 26.97 -58.93 27.80
C THR AA 60 26.31 -59.20 29.15
N GLU AA 61 25.36 -58.35 29.52
CA GLU AA 61 24.78 -58.40 30.84
C GLU AA 61 23.40 -57.76 30.78
N ASP AA 62 22.56 -58.14 31.75
CA ASP AA 62 21.32 -57.44 32.02
C ASP AA 62 21.52 -56.33 33.04
N LYS AA 63 22.71 -55.74 33.09
CA LYS AA 63 22.89 -54.49 33.80
C LYS AA 63 22.19 -53.36 33.09
N MET AA 64 22.00 -53.51 31.78
CA MET AA 64 21.20 -52.57 31.00
C MET AA 64 19.82 -52.39 31.59
N GLN AA 65 19.31 -53.40 32.31
CA GLN AA 65 18.16 -53.22 33.19
C GLN AA 65 18.33 -51.97 34.03
N ILE AA 66 19.43 -51.94 34.79
CA ILE AA 66 19.69 -50.85 35.71
C ILE AA 66 19.93 -49.58 34.93
N ILE AA 67 20.58 -49.69 33.79
CA ILE AA 67 20.90 -48.51 33.01
C ILE AA 67 19.63 -47.82 32.57
N LEU AA 68 18.79 -48.57 31.86
CA LEU AA 68 17.53 -48.04 31.35
C LEU AA 68 16.67 -47.51 32.50
N ASN AA 69 16.73 -48.19 33.65
CA ASN AA 69 16.10 -47.66 34.84
C ASN AA 69 16.64 -46.28 35.16
N GLY AA 70 17.93 -46.07 34.92
CA GLY AA 70 18.47 -44.72 35.03
C GLY AA 70 17.87 -43.79 33.99
N LEU AA 71 17.76 -44.26 32.74
CA LEU AA 71 17.35 -43.40 31.65
C LEU AA 71 15.94 -42.89 31.85
N MET AA 72 15.13 -43.67 32.57
CA MET AA 72 13.81 -43.21 33.00
C MET AA 72 13.86 -41.80 33.55
N VAL AA 73 14.86 -41.51 34.37
CA VAL AA 73 14.77 -40.34 35.22
C VAL AA 73 15.14 -39.09 34.46
N TRP AA 74 16.30 -39.10 33.82
CA TRP AA 74 16.66 -37.96 32.98
C TRP AA 74 15.67 -37.79 31.85
N CYS AA 75 15.08 -38.89 31.40
CA CYS AA 75 14.00 -38.78 30.45
C CYS AA 75 12.82 -38.03 31.05
N ILE AA 76 12.58 -38.21 32.35
CA ILE AA 76 11.44 -37.58 33.00
C ILE AA 76 11.70 -36.10 33.18
N GLU AA 77 12.71 -35.76 33.96
CA GLU AA 77 12.85 -34.42 34.50
C GLU AA 77 13.04 -33.36 33.42
N ASN AA 78 13.30 -33.76 32.18
CA ASN AA 78 13.55 -32.83 31.10
C ASN AA 78 12.78 -33.25 29.86
N GLY AA 79 12.81 -32.39 28.86
CA GLY AA 79 12.03 -32.56 27.66
C GLY AA 79 12.33 -33.82 26.87
N THR AA 80 11.59 -34.03 25.79
CA THR AA 80 11.74 -35.21 24.94
C THR AA 80 11.61 -34.75 23.50
N SER AA 81 12.72 -34.76 22.78
CA SER AA 81 12.75 -34.33 21.39
C SER AA 81 14.04 -34.80 20.78
N PRO AA 82 14.10 -34.94 19.46
CA PRO AA 82 15.41 -35.18 18.84
C PRO AA 82 16.36 -34.04 19.10
N ASN AA 83 15.84 -32.83 19.28
CA ASN AA 83 16.65 -31.63 19.44
C ASN AA 83 17.21 -31.63 20.86
N ILE AA 84 18.20 -32.49 21.08
CA ILE AA 84 18.89 -32.59 22.37
C ILE AA 84 20.38 -32.70 22.11
N ASN AA 85 21.16 -32.11 23.00
CA ASN AA 85 22.61 -32.27 23.00
C ASN AA 85 23.08 -32.24 24.44
N GLY AA 86 24.38 -32.38 24.62
CA GLY AA 86 24.99 -32.37 25.93
C GLY AA 86 25.32 -33.79 26.39
N MET AA 87 24.87 -34.13 27.58
CA MET AA 87 24.99 -35.48 28.11
C MET AA 87 23.80 -35.71 29.02
N TRP AA 88 23.80 -36.85 29.72
CA TRP AA 88 22.99 -36.99 30.91
C TRP AA 88 23.81 -37.76 31.93
N VAL AA 89 23.27 -37.89 33.14
CA VAL AA 89 23.97 -38.58 34.21
C VAL AA 89 22.96 -38.99 35.27
N MET AA 90 23.27 -40.08 35.98
CA MET AA 90 22.69 -40.37 37.27
C MET AA 90 23.82 -40.51 38.29
N MET AA 91 23.49 -40.97 39.49
CA MET AA 91 24.45 -41.01 40.58
C MET AA 91 24.53 -42.39 41.21
N ASP AA 92 25.57 -42.54 42.03
CA ASP AA 92 25.76 -43.74 42.86
C ASP AA 92 26.30 -43.22 44.19
N GLY AA 93 25.40 -42.93 45.11
CA GLY AA 93 25.79 -42.34 46.37
C GLY AA 93 25.97 -40.85 46.22
N ASP AA 94 27.22 -40.42 46.07
CA ASP AA 94 27.57 -39.02 45.84
C ASP AA 94 28.31 -38.82 44.51
N ASP AA 95 28.48 -39.88 43.73
CA ASP AA 95 29.21 -39.82 42.48
C ASP AA 95 28.25 -39.48 41.35
N GLN AA 96 28.82 -39.07 40.22
CA GLN AA 96 28.06 -38.49 39.12
C GLN AA 96 28.57 -39.04 37.79
N VAL AA 97 28.64 -40.35 37.68
CA VAL AA 97 29.22 -40.98 36.50
C VAL AA 97 28.32 -40.71 35.30
N GLU AA 98 28.84 -39.97 34.33
CA GLU AA 98 28.04 -39.43 33.25
C GLU AA 98 27.77 -40.49 32.19
N PHE AA 99 27.11 -40.07 31.11
CA PHE AA 99 26.75 -41.00 30.04
C PHE AA 99 26.29 -40.24 28.79
N PRO AA 100 26.56 -40.74 27.57
CA PRO AA 100 26.14 -40.00 26.37
C PRO AA 100 24.70 -40.20 25.96
N ILE AA 101 24.36 -39.68 24.78
CA ILE AA 101 22.98 -39.47 24.37
C ILE AA 101 22.67 -40.18 23.06
N LYS AA 102 23.30 -39.70 22.00
CA LYS AA 102 22.80 -39.79 20.63
C LYS AA 102 22.36 -41.17 20.15
N PRO AA 103 23.16 -42.22 20.28
CA PRO AA 103 22.80 -43.49 19.61
C PRO AA 103 21.57 -44.13 20.19
N LEU AA 104 21.09 -43.69 21.35
CA LEU AA 104 19.79 -44.09 21.84
C LEU AA 104 18.66 -43.39 21.12
N ILE AA 105 18.98 -42.53 20.15
CA ILE AA 105 18.00 -41.71 19.44
C ILE AA 105 18.07 -41.96 17.95
N ASP AA 106 19.29 -42.06 17.42
CA ASP AA 106 19.44 -42.28 15.99
C ASP AA 106 19.12 -43.70 15.57
N HIS AA 107 18.72 -44.57 16.50
CA HIS AA 107 18.55 -45.99 16.22
C HIS AA 107 17.17 -46.47 16.69
N ALA AA 108 16.14 -45.69 16.42
CA ALA AA 108 14.76 -46.14 16.52
C ALA AA 108 13.97 -45.55 15.36
N LYS AA 109 13.04 -46.34 14.83
CA LYS AA 109 12.46 -46.00 13.54
C LYS AA 109 11.37 -44.95 13.69
N PRO AA 110 10.42 -45.14 14.60
CA PRO AA 110 9.61 -44.00 15.03
C PRO AA 110 10.35 -43.25 16.13
N THR AA 111 9.69 -42.27 16.74
CA THR AA 111 10.38 -41.31 17.58
C THR AA 111 10.65 -41.87 18.97
N PHE AA 112 11.09 -40.99 19.87
CA PHE AA 112 11.49 -41.33 21.21
C PHE AA 112 10.30 -41.47 22.14
N ARG AA 113 9.30 -40.61 21.99
CA ARG AA 113 8.08 -40.77 22.76
C ARG AA 113 7.39 -42.06 22.39
N GLN AA 114 7.43 -42.39 21.10
CA GLN AA 114 6.75 -43.57 20.60
C GLN AA 114 7.39 -44.86 21.08
N ILE AA 115 8.56 -44.80 21.73
CA ILE AA 115 9.17 -45.95 22.38
C ILE AA 115 9.01 -45.87 23.89
N MET AA 116 9.14 -44.68 24.46
CA MET AA 116 9.06 -44.58 25.90
C MET AA 116 7.64 -44.61 26.44
N ALA AA 117 6.65 -44.75 25.56
CA ALA AA 117 5.26 -44.80 26.00
C ALA AA 117 4.99 -45.98 26.91
N HIS AA 118 5.82 -47.02 26.84
CA HIS AA 118 5.71 -48.11 27.80
C HIS AA 118 5.82 -47.59 29.22
N PHE AA 119 6.97 -46.99 29.52
CA PHE AA 119 7.40 -46.82 30.90
C PHE AA 119 6.53 -45.72 31.50
N SER AA 120 5.37 -46.15 31.97
CA SER AA 120 4.32 -45.26 32.44
C SER AA 120 4.06 -45.42 33.92
N ASP AA 121 3.73 -46.63 34.33
CA ASP AA 121 3.26 -46.87 35.68
C ASP AA 121 4.39 -47.02 36.67
N VAL AA 122 5.58 -47.38 36.19
CA VAL AA 122 6.71 -47.55 37.09
C VAL AA 122 7.08 -46.22 37.71
N ALA AA 123 7.36 -45.23 36.87
CA ALA AA 123 7.61 -43.88 37.38
C ALA AA 123 6.38 -43.31 38.07
N GLU AA 124 5.19 -43.80 37.71
CA GLU AA 124 3.99 -43.34 38.40
C GLU AA 124 4.06 -43.70 39.87
N ALA AA 125 4.27 -44.98 40.17
CA ALA AA 125 4.41 -45.39 41.56
C ALA AA 125 5.63 -44.75 42.20
N TYR AA 126 6.68 -44.51 41.41
CA TYR AA 126 7.86 -43.83 41.91
C TYR AA 126 7.47 -42.50 42.54
N ILE AA 127 6.80 -41.66 41.75
CA ILE AA 127 6.47 -40.34 42.22
C ILE AA 127 5.44 -40.42 43.32
N GLU AA 128 4.61 -41.45 43.31
CA GLU AA 128 3.67 -41.62 44.41
C GLU AA 128 4.40 -41.78 45.72
N LYS AA 129 5.40 -42.66 45.74
CA LYS AA 129 6.18 -42.84 46.96
C LYS AA 129 6.90 -41.56 47.34
N ARG AA 130 7.83 -41.13 46.48
CA ARG AA 130 8.72 -40.06 46.90
C ARG AA 130 8.01 -38.72 46.99
N ASN AA 131 6.77 -38.62 46.51
CA ASN AA 131 5.92 -37.49 46.86
C ASN AA 131 5.25 -37.70 48.20
N GLN AA 132 4.90 -38.95 48.51
CA GLN AA 132 4.28 -39.21 49.80
C GLN AA 132 5.23 -38.89 50.93
N ASP AA 133 6.53 -39.05 50.69
CA ASP AA 133 7.50 -38.65 51.71
C ASP AA 133 7.55 -37.13 51.84
N ARG AA 134 7.62 -36.44 50.72
CA ARG AA 134 8.06 -35.06 50.66
C ARG AA 134 7.38 -34.33 49.52
N PRO AA 135 7.34 -33.02 49.56
CA PRO AA 135 6.58 -32.29 48.54
C PRO AA 135 7.39 -32.11 47.25
N TYR AA 136 7.56 -33.22 46.53
CA TYR AA 136 8.16 -33.15 45.22
C TYR AA 136 7.12 -32.71 44.21
N MET AA 137 7.58 -31.93 43.24
CA MET AA 137 6.85 -31.70 42.02
C MET AA 137 7.91 -31.75 40.93
N PRO AA 138 7.59 -32.25 39.76
CA PRO AA 138 8.57 -32.21 38.69
C PRO AA 138 8.76 -30.85 38.06
N ARG AA 139 9.54 -30.86 36.99
CA ARG AA 139 9.88 -29.63 36.29
C ARG AA 139 8.72 -29.14 35.45
N TYR AA 140 8.12 -30.04 34.70
CA TYR AA 140 7.35 -29.67 33.52
C TYR AA 140 6.16 -28.78 33.86
N GLY AA 141 5.66 -28.85 35.08
CA GLY AA 141 4.59 -27.97 35.50
C GLY AA 141 5.10 -26.67 36.05
N LEU AA 142 6.27 -26.72 36.68
CA LEU AA 142 6.83 -25.53 37.30
C LEU AA 142 7.20 -24.50 36.25
N GLN AA 143 7.43 -24.93 35.02
CA GLN AA 143 7.53 -23.99 33.93
C GLN AA 143 6.16 -23.53 33.48
N ARG AA 144 5.16 -24.39 33.63
CA ARG AA 144 3.81 -24.14 33.17
C ARG AA 144 2.86 -23.77 34.29
N ASN AA 145 3.35 -23.68 35.52
CA ASN AA 145 2.58 -23.16 36.62
C ASN AA 145 1.36 -24.01 36.94
N LEU AA 146 1.59 -25.25 37.32
CA LEU AA 146 0.57 -25.98 38.04
C LEU AA 146 0.29 -25.31 39.38
N THR AA 147 -0.78 -25.77 40.02
CA THR AA 147 -1.25 -25.21 41.28
C THR AA 147 -1.31 -26.26 42.37
N ASP AA 148 -1.88 -27.41 42.07
CA ASP AA 148 -2.13 -28.42 43.09
C ASP AA 148 -0.90 -29.30 43.27
N MET AA 149 -0.47 -29.43 44.51
CA MET AA 149 0.59 -30.37 44.83
C MET AA 149 0.14 -31.81 44.59
N SER AA 150 -1.16 -32.07 44.66
CA SER AA 150 -1.64 -33.43 44.48
C SER AA 150 -1.43 -33.90 43.06
N LEU AA 151 -1.58 -33.00 42.10
CA LEU AA 151 -1.67 -33.37 40.69
C LEU AA 151 -0.32 -33.49 40.03
N ALA AA 152 0.72 -33.82 40.79
CA ALA AA 152 2.01 -34.20 40.23
C ALA AA 152 1.91 -35.46 39.38
N ARG AA 153 0.83 -36.22 39.51
CA ARG AA 153 0.73 -37.54 38.93
C ARG AA 153 0.92 -37.53 37.43
N TYR AA 154 0.60 -36.42 36.77
CA TYR AA 154 0.55 -36.38 35.32
C TYR AA 154 1.15 -35.10 34.79
N ALA AA 155 2.18 -34.60 35.47
CA ALA AA 155 2.96 -33.49 34.93
C ALA AA 155 4.14 -34.00 34.13
N PHE AA 156 3.88 -34.97 33.27
CA PHE AA 156 4.91 -35.55 32.44
C PHE AA 156 4.96 -34.82 31.11
N ASP AA 157 6.00 -35.15 30.36
CA ASP AA 157 6.05 -34.77 28.96
C ASP AA 157 5.26 -35.76 28.11
N PHE AA 158 4.95 -36.93 28.65
CA PHE AA 158 4.42 -38.00 27.84
C PHE AA 158 3.63 -38.97 28.69
N TYR AA 159 2.66 -39.61 28.04
CA TYR AA 159 1.68 -40.45 28.70
C TYR AA 159 0.78 -41.01 27.61
N GLU AA 160 0.10 -42.11 27.92
CA GLU AA 160 -0.94 -42.68 27.07
C GLU AA 160 -2.23 -42.79 27.88
N MET AA 161 -3.25 -42.08 27.44
CA MET AA 161 -4.54 -42.14 28.09
C MET AA 161 -5.15 -43.53 27.96
N THR AA 162 -5.86 -43.95 29.01
CA THR AA 162 -6.44 -45.27 29.07
C THR AA 162 -7.80 -45.20 29.71
N SER AA 163 -8.55 -46.29 29.58
CA SER AA 163 -9.90 -46.37 30.14
C SER AA 163 -9.89 -46.96 31.53
N ARG AA 164 -9.04 -46.41 32.38
CA ARG AA 164 -9.06 -46.73 33.81
C ARG AA 164 -8.78 -45.50 34.64
N THR AA 165 -8.99 -44.32 34.10
CA THR AA 165 -8.38 -43.11 34.57
C THR AA 165 -9.43 -42.06 34.91
N PRO AA 166 -9.08 -41.06 35.71
CA PRO AA 166 -10.08 -40.15 36.23
C PRO AA 166 -10.50 -39.13 35.18
N ILE AA 167 -11.39 -38.24 35.60
CA ILE AA 167 -11.98 -37.23 34.73
C ILE AA 167 -11.24 -35.92 34.83
N ARG AA 168 -10.95 -35.52 36.05
CA ARG AA 168 -10.48 -34.17 36.31
C ARG AA 168 -9.15 -33.91 35.64
N ALA AA 169 -8.15 -34.74 35.95
CA ALA AA 169 -6.78 -34.47 35.53
C ALA AA 169 -6.63 -34.45 34.02
N ARG AA 170 -7.54 -35.11 33.30
CA ARG AA 170 -7.50 -35.11 31.85
C ARG AA 170 -7.53 -33.69 31.32
N GLU AA 171 -8.34 -32.84 31.94
CA GLU AA 171 -8.49 -31.46 31.51
C GLU AA 171 -7.16 -30.74 31.53
N ALA AA 172 -6.48 -30.81 32.67
CA ALA AA 172 -5.20 -30.15 32.78
C ALA AA 172 -4.20 -30.77 31.81
N HIS AA 173 -4.29 -32.08 31.61
CA HIS AA 173 -3.32 -32.73 30.74
C HIS AA 173 -3.42 -32.19 29.33
N ILE AA 174 -4.63 -32.06 28.83
CA ILE AA 174 -4.80 -31.71 27.43
C ILE AA 174 -4.67 -30.22 27.22
N GLN AA 175 -5.25 -29.43 28.12
CA GLN AA 175 -5.13 -27.99 28.02
C GLN AA 175 -3.67 -27.60 28.11
N MET AA 176 -2.99 -28.08 29.15
CA MET AA 176 -1.59 -27.72 29.31
C MET AA 176 -0.75 -28.35 28.23
N LYS AA 177 -1.26 -29.40 27.58
CA LYS AA 177 -0.56 -29.92 26.42
C LYS AA 177 -0.58 -28.89 25.31
N ALA AA 178 -1.76 -28.60 24.79
CA ALA AA 178 -1.82 -27.86 23.54
C ALA AA 178 -1.37 -26.43 23.75
N ALA AA 179 -1.76 -25.84 24.87
CA ALA AA 179 -1.40 -24.45 25.10
C ALA AA 179 0.09 -24.31 25.35
N ALA AA 180 0.71 -25.38 25.85
CA ALA AA 180 2.16 -25.36 25.96
C ALA AA 180 2.82 -25.37 24.59
N LEU AA 181 2.10 -25.77 23.55
CA LEU AA 181 2.54 -25.55 22.19
C LEU AA 181 2.07 -24.19 21.74
N ARG AA 182 2.85 -23.60 20.84
CA ARG AA 182 2.44 -22.40 20.11
C ARG AA 182 3.51 -22.08 19.08
N GLY AA 183 3.06 -21.50 17.98
CA GLY AA 183 3.98 -20.86 17.05
C GLY AA 183 4.68 -21.81 16.11
N ALA AA 184 5.28 -22.86 16.66
CA ALA AA 184 5.99 -23.83 15.82
C ALA AA 184 5.01 -24.47 14.86
N ASN AA 185 5.40 -24.54 13.60
CA ASN AA 185 4.53 -24.90 12.50
C ASN AA 185 4.94 -26.25 11.91
N ASN AA 186 3.98 -26.84 11.19
CA ASN AA 186 4.28 -28.02 10.37
C ASN AA 186 5.39 -27.72 9.38
N ASN AA 187 5.26 -26.60 8.65
CA ASN AA 187 6.32 -25.91 7.91
C ASN AA 187 7.31 -26.86 7.24
N LEU AA 188 6.75 -27.66 6.32
CA LEU AA 188 7.37 -28.89 5.83
C LEU AA 188 8.83 -28.72 5.43
N PHE AA 189 9.07 -27.94 4.39
CA PHE AA 189 10.31 -28.02 3.65
C PHE AA 189 11.32 -26.97 4.10
N GLY AA 190 12.58 -27.29 3.88
CA GLY AA 190 13.66 -26.37 4.11
C GLY AA 190 13.98 -25.68 2.81
N LEU AA 191 15.07 -26.07 2.18
CA LEU AA 191 15.42 -25.56 0.86
C LEU AA 191 16.18 -26.63 0.10
N ASP AA 192 16.25 -26.44 -1.21
CA ASP AA 192 16.72 -27.47 -2.11
C ASP AA 192 18.22 -27.32 -2.36
N GLY AA 193 18.82 -28.39 -2.87
CA GLY AA 193 20.25 -28.45 -3.06
C GLY AA 193 20.72 -27.88 -4.37
N ASN AA 194 19.99 -28.16 -5.44
CA ASN AA 194 20.41 -27.71 -6.76
C ASN AA 194 20.28 -26.21 -6.78
N VAL AA 195 21.40 -25.54 -6.53
CA VAL AA 195 21.43 -24.08 -6.43
C VAL AA 195 22.55 -23.61 -7.37
N GLY AA 196 22.19 -23.44 -8.63
CA GLY AA 196 23.03 -22.78 -9.59
C GLY AA 196 22.39 -21.46 -9.95
N THR AA 197 22.94 -20.39 -9.40
CA THR AA 197 22.44 -19.06 -9.71
C THR AA 197 22.58 -18.71 -11.18
N THR AA 198 23.38 -19.45 -11.95
CA THR AA 198 23.53 -19.24 -13.38
C THR AA 198 23.57 -20.57 -14.10
N VAL AA 199 23.60 -20.48 -15.42
CA VAL AA 199 23.73 -21.62 -16.30
C VAL AA 199 25.16 -21.68 -16.81
N GLU AA 200 25.63 -22.89 -17.10
CA GLU AA 200 26.93 -23.04 -17.74
C GLU AA 200 26.97 -22.28 -19.05
N ASN AA 201 28.16 -21.78 -19.39
CA ASN AA 201 28.30 -20.93 -20.56
C ASN AA 201 28.47 -21.76 -21.83
N THR AA 202 29.33 -22.78 -21.78
CA THR AA 202 29.52 -23.70 -22.90
C THR AA 202 30.09 -22.98 -24.12
N GLU AA 203 31.25 -22.36 -23.94
CA GLU AA 203 31.86 -21.53 -24.96
C GLU AA 203 33.36 -21.77 -24.93
N ARG AA 204 34.12 -20.87 -25.53
CA ARG AA 204 35.57 -20.94 -25.51
C ARG AA 204 36.15 -19.53 -25.47
N HIS AA 205 37.26 -19.40 -24.75
CA HIS AA 205 38.10 -18.22 -24.79
C HIS AA 205 39.25 -18.45 -25.75
N THR AA 206 39.50 -17.47 -26.59
CA THR AA 206 40.66 -17.48 -27.47
C THR AA 206 41.15 -16.04 -27.57
N THR AA 207 42.38 -15.89 -28.06
CA THR AA 207 42.98 -14.57 -28.22
C THR AA 207 42.30 -13.79 -29.34
N PRO CA 1 -66.93 -54.40 6.93
CA PRO CA 1 -66.41 -53.22 6.24
C PRO CA 1 -64.91 -53.05 6.39
N ARG CA 2 -64.21 -53.04 5.26
CA ARG CA 2 -62.76 -52.88 5.25
C ARG CA 2 -62.36 -52.25 3.92
N LEU CA 3 -61.08 -51.93 3.79
CA LEU CA 3 -60.61 -51.15 2.66
C LEU CA 3 -59.08 -51.16 2.66
N LYS CA 4 -58.49 -50.35 1.79
CA LYS CA 4 -57.05 -50.27 1.60
C LYS CA 4 -56.58 -48.83 1.79
N SER CA 5 -55.25 -48.68 1.89
CA SER CA 5 -54.68 -47.35 2.10
C SER CA 5 -54.75 -46.52 0.82
N LEU CA 6 -54.15 -47.01 -0.25
CA LEU CA 6 -53.97 -46.21 -1.44
C LEU CA 6 -55.29 -46.05 -2.18
N THR CA 7 -55.34 -45.02 -3.04
CA THR CA 7 -56.57 -44.57 -3.65
C THR CA 7 -56.33 -44.30 -5.12
N SER CA 8 -57.38 -43.83 -5.80
CA SER CA 8 -57.33 -43.52 -7.22
C SER CA 8 -57.84 -42.12 -7.55
N LYS CA 9 -58.80 -41.61 -6.79
CA LYS CA 9 -59.28 -40.24 -6.99
C LYS CA 9 -58.27 -39.19 -6.53
N MET CA 10 -57.16 -39.61 -5.93
CA MET CA 10 -56.14 -38.71 -5.45
C MET CA 10 -55.64 -37.82 -6.59
N ARG CA 11 -55.19 -36.63 -6.21
CA ARG CA 11 -54.48 -35.76 -7.13
C ARG CA 11 -53.13 -36.38 -7.46
N VAL CA 12 -52.91 -36.65 -8.75
CA VAL CA 12 -51.75 -37.40 -9.21
C VAL CA 12 -51.35 -36.82 -10.56
N PRO CA 13 -50.09 -36.90 -10.96
CA PRO CA 13 -49.74 -36.45 -12.31
C PRO CA 13 -50.40 -37.32 -13.37
N ARG CA 14 -50.39 -36.83 -14.60
CA ARG CA 14 -51.10 -37.46 -15.71
C ARG CA 14 -50.39 -37.11 -17.01
N TYR CA 15 -49.84 -38.11 -17.69
CA TYR CA 15 -49.29 -37.89 -19.02
C TYR CA 15 -50.38 -37.38 -19.95
N GLU CA 16 -51.37 -38.22 -20.20
CA GLU CA 16 -52.67 -37.78 -20.67
C GLU CA 16 -53.67 -38.17 -19.60
N LYS CA 17 -54.93 -37.89 -19.87
CA LYS CA 17 -55.91 -37.77 -18.80
C LYS CA 17 -56.21 -39.13 -18.16
N ARG CA 18 -56.51 -40.13 -18.98
CA ARG CA 18 -56.94 -41.41 -18.42
C ARG CA 18 -55.81 -42.10 -17.67
N VAL CA 19 -54.57 -41.76 -18.00
CA VAL CA 19 -53.45 -42.49 -17.45
C VAL CA 19 -53.24 -42.12 -15.99
N ALA CA 20 -53.05 -43.14 -15.16
CA ALA CA 20 -52.57 -43.00 -13.80
C ALA CA 20 -51.22 -43.68 -13.71
N LEU CA 21 -50.21 -42.95 -13.24
CA LEU CA 21 -48.83 -43.35 -13.43
C LEU CA 21 -48.28 -44.17 -12.28
N ASN CA 22 -48.44 -43.70 -11.06
CA ASN CA 22 -47.99 -44.47 -9.91
C ASN CA 22 -48.95 -45.63 -9.76
N LEU CA 23 -48.64 -46.71 -10.48
CA LEU CA 23 -49.49 -47.87 -10.53
C LEU CA 23 -49.66 -48.45 -9.14
N ASP CA 24 -50.90 -48.70 -8.76
CA ASP CA 24 -51.23 -49.01 -7.37
C ASP CA 24 -51.21 -50.51 -7.12
N HIS CA 25 -50.09 -51.13 -7.52
CA HIS CA 25 -49.73 -52.47 -7.11
C HIS CA 25 -48.48 -52.46 -6.25
N LEU CA 26 -48.10 -51.30 -5.72
CA LEU CA 26 -46.88 -51.13 -4.95
C LEU CA 26 -47.10 -51.34 -3.48
N ILE CA 27 -48.09 -52.15 -3.13
CA ILE CA 27 -48.40 -52.41 -1.74
C ILE CA 27 -47.21 -53.06 -1.06
N LEU CA 28 -46.43 -53.84 -1.80
CA LEU CA 28 -45.40 -54.70 -1.23
C LEU CA 28 -44.06 -54.23 -1.75
N TYR CA 29 -43.52 -53.21 -1.10
CA TYR CA 29 -42.15 -52.80 -1.37
C TYR CA 29 -41.69 -51.99 -0.15
N THR CA 30 -40.97 -52.64 0.76
CA THR CA 30 -40.37 -51.98 1.91
C THR CA 30 -39.09 -52.69 2.27
N PRO CA 31 -38.09 -52.59 1.43
CA PRO CA 31 -36.78 -53.11 1.82
C PRO CA 31 -36.17 -52.31 2.94
N GLU CA 32 -35.01 -52.72 3.41
CA GLU CA 32 -34.32 -51.98 4.47
C GLU CA 32 -33.98 -50.59 3.99
N GLN CA 33 -34.08 -49.64 4.91
CA GLN CA 33 -33.90 -48.24 4.55
C GLN CA 33 -32.45 -47.97 4.20
N THR CA 34 -31.53 -48.34 5.08
CA THR CA 34 -30.13 -48.08 4.84
C THR CA 34 -29.63 -48.87 3.63
N ASP CA 35 -30.24 -50.00 3.34
CA ASP CA 35 -29.83 -50.82 2.21
C ASP CA 35 -30.02 -50.08 0.89
N LEU CA 36 -30.90 -49.09 0.85
CA LEU CA 36 -31.17 -48.37 -0.38
C LEU CA 36 -30.30 -47.14 -0.56
N SER CA 37 -29.70 -46.64 0.52
CA SER CA 37 -29.06 -45.33 0.52
C SER CA 37 -27.87 -45.27 -0.42
N ASN CA 38 -27.25 -44.10 -0.48
CA ASN CA 38 -25.94 -43.94 -1.08
C ASN CA 38 -24.83 -44.02 -0.04
N THR CA 39 -25.16 -43.79 1.24
CA THR CA 39 -24.13 -43.81 2.27
C THR CA 39 -23.55 -45.19 2.49
N ARG CA 40 -24.28 -46.24 2.15
CA ARG CA 40 -23.73 -47.57 2.02
C ARG CA 40 -23.50 -47.88 0.56
N SER CA 41 -22.42 -48.59 0.29
CA SER CA 41 -22.08 -48.92 -1.08
C SER CA 41 -22.80 -50.19 -1.50
N THR CA 42 -22.44 -50.68 -2.67
CA THR CA 42 -23.20 -51.70 -3.36
C THR CA 42 -22.59 -53.07 -3.15
N ARG CA 43 -23.39 -54.06 -3.52
CA ARG CA 43 -23.03 -55.45 -3.32
C ARG CA 43 -21.92 -55.86 -4.26
N LYS CA 44 -21.91 -55.31 -5.46
CA LYS CA 44 -20.87 -55.61 -6.42
C LYS CA 44 -19.51 -55.17 -5.90
N GLN CA 45 -19.44 -53.93 -5.42
CA GLN CA 45 -18.20 -53.43 -4.87
C GLN CA 45 -17.74 -54.31 -3.72
N PHE CA 46 -18.69 -54.66 -2.86
CA PHE CA 46 -18.42 -55.50 -1.72
C PHE CA 46 -17.85 -56.83 -2.15
N ASP CA 47 -18.25 -57.30 -3.34
CA ASP CA 47 -17.71 -58.54 -3.86
C ASP CA 47 -16.31 -58.33 -4.37
N THR CA 48 -16.09 -57.28 -5.15
CA THR CA 48 -14.82 -57.14 -5.84
C THR CA 48 -13.69 -56.83 -4.88
N TRP CA 49 -14.00 -56.17 -3.77
CA TRP CA 49 -13.00 -56.02 -2.72
C TRP CA 49 -12.63 -57.38 -2.17
N PHE CA 50 -13.65 -58.14 -1.79
CA PHE CA 50 -13.52 -59.48 -1.23
C PHE CA 50 -12.80 -60.45 -2.15
N GLU CA 51 -12.76 -60.15 -3.44
CA GLU CA 51 -12.08 -60.98 -4.42
C GLU CA 51 -10.69 -60.46 -4.75
N GLY CA 52 -10.53 -59.15 -4.80
CA GLY CA 52 -9.22 -58.59 -5.06
C GLY CA 52 -8.24 -58.93 -3.96
N VAL CA 53 -8.72 -58.96 -2.72
CA VAL CA 53 -7.89 -59.48 -1.66
C VAL CA 53 -7.61 -60.95 -1.89
N MET CA 54 -8.59 -61.69 -2.40
CA MET CA 54 -8.45 -63.12 -2.60
C MET CA 54 -7.34 -63.40 -3.60
N ALA CA 55 -7.17 -62.50 -4.57
CA ALA CA 55 -6.06 -62.62 -5.50
C ALA CA 55 -4.75 -62.31 -4.80
N ASP CA 56 -4.78 -61.45 -3.79
CA ASP CA 56 -3.55 -60.99 -3.17
C ASP CA 56 -2.94 -62.04 -2.27
N TYR CA 57 -3.70 -62.46 -1.26
CA TYR CA 57 -3.13 -63.22 -0.15
C TYR CA 57 -3.24 -64.72 -0.32
N GLU CA 58 -4.00 -65.18 -1.32
CA GLU CA 58 -3.88 -66.54 -1.83
C GLU CA 58 -4.18 -67.58 -0.76
N LEU CA 59 -5.44 -67.58 -0.33
CA LEU CA 59 -5.91 -68.44 0.74
C LEU CA 59 -6.62 -69.68 0.25
N THR CA 60 -7.48 -69.54 -0.74
CA THR CA 60 -8.39 -70.60 -1.17
C THR CA 60 -9.19 -71.13 0.01
N GLU CA 61 -9.62 -70.20 0.87
CA GLU CA 61 -10.25 -70.59 2.12
C GLU CA 61 -11.13 -69.44 2.58
N ASP CA 62 -12.11 -69.79 3.42
CA ASP CA 62 -12.86 -68.81 4.18
C ASP CA 62 -12.21 -68.53 5.52
N LYS CA 63 -10.90 -68.65 5.61
CA LYS CA 63 -10.18 -68.12 6.75
C LYS CA 63 -10.19 -66.61 6.73
N MET CA 64 -10.34 -66.02 5.54
CA MET CA 64 -10.51 -64.59 5.40
C MET CA 64 -11.68 -64.08 6.23
N GLN CA 65 -12.66 -64.95 6.53
CA GLN CA 65 -13.64 -64.69 7.58
C GLN CA 65 -12.92 -64.20 8.83
N ILE CA 66 -12.02 -65.04 9.33
CA ILE CA 66 -11.32 -64.75 10.57
C ILE CA 66 -10.43 -63.54 10.39
N ILE CA 67 -9.84 -63.40 9.21
CA ILE CA 67 -8.93 -62.29 8.97
C ILE CA 67 -9.67 -60.98 9.10
N LEU CA 68 -10.73 -60.83 8.30
CA LEU CA 68 -11.53 -59.62 8.30
C LEU CA 68 -12.09 -59.36 9.69
N ASN CA 69 -12.44 -60.42 10.41
CA ASN CA 69 -12.83 -60.27 11.80
C ASN CA 69 -11.70 -59.62 12.58
N GLY CA 70 -10.46 -59.95 12.24
CA GLY CA 70 -9.35 -59.23 12.82
C GLY CA 70 -9.33 -57.77 12.41
N LEU CA 71 -9.57 -57.50 11.13
CA LEU CA 71 -9.44 -56.15 10.59
C LEU CA 71 -10.43 -55.21 11.23
N MET CA 72 -11.56 -55.76 11.69
CA MET CA 72 -12.51 -55.00 12.49
C MET CA 72 -11.82 -54.20 13.57
N VAL CA 73 -10.87 -54.81 14.25
CA VAL CA 73 -10.44 -54.29 15.52
C VAL CA 73 -9.45 -53.17 15.33
N TRP CA 74 -8.39 -53.41 14.55
CA TRP CA 74 -7.47 -52.32 14.24
C TRP CA 74 -8.17 -51.22 13.49
N CYS CA 75 -9.19 -51.57 12.71
CA CYS CA 75 -10.02 -50.55 12.11
C CYS CA 75 -10.72 -49.71 13.17
N ILE CA 76 -11.10 -50.34 14.28
CA ILE CA 76 -11.83 -49.63 15.32
C ILE CA 76 -10.90 -48.71 16.09
N GLU CA 77 -9.90 -49.28 16.75
CA GLU CA 77 -9.17 -48.57 17.77
C GLU CA 77 -8.41 -47.37 17.24
N ASN CA 78 -8.29 -47.22 15.92
CA ASN CA 78 -7.55 -46.12 15.33
C ASN CA 78 -8.34 -45.52 14.18
N GLY CA 79 -7.81 -44.42 13.67
CA GLY CA 79 -8.50 -43.64 12.66
C GLY CA 79 -8.80 -44.37 11.37
N THR CA 80 -9.48 -43.69 10.45
CA THR CA 80 -9.85 -44.27 9.16
C THR CA 80 -9.66 -43.20 8.10
N SER CA 81 -8.64 -43.38 7.27
CA SER CA 81 -8.32 -42.42 6.22
C SER CA 81 -7.38 -43.10 5.25
N PRO CA 82 -7.30 -42.63 4.01
CA PRO CA 82 -6.25 -43.13 3.14
C PRO CA 82 -4.88 -42.82 3.69
N ASN CA 83 -4.75 -41.75 4.46
CA ASN CA 83 -3.48 -41.30 4.99
C ASN CA 83 -3.08 -42.20 6.14
N ILE CA 84 -2.66 -43.41 5.80
CA ILE CA 84 -2.20 -44.39 6.77
C ILE CA 84 -0.94 -45.05 6.24
N ASN CA 85 -0.03 -45.37 7.15
CA ASN CA 85 1.15 -46.16 6.83
C ASN CA 85 1.48 -47.02 8.04
N GLY CA 86 2.54 -47.81 7.91
CA GLY CA 86 2.98 -48.68 8.97
C GLY CA 86 2.54 -50.11 8.71
N MET CA 87 1.91 -50.73 9.69
CA MET CA 87 1.32 -52.05 9.56
C MET CA 87 0.10 -52.09 10.47
N TRP CA 88 -0.50 -53.27 10.61
CA TRP CA 88 -1.35 -53.56 11.74
C TRP CA 88 -1.09 -55.00 12.16
N VAL CA 89 -1.70 -55.39 13.27
CA VAL CA 89 -1.51 -56.73 13.80
C VAL CA 89 -2.65 -57.07 14.74
N MET CA 90 -2.95 -58.35 14.83
CA MET CA 90 -3.69 -58.90 15.97
C MET CA 90 -2.86 -60.01 16.60
N MET CA 91 -3.43 -60.76 17.53
CA MET CA 91 -2.69 -61.72 18.31
C MET CA 91 -3.34 -63.09 18.25
N ASP CA 92 -2.58 -64.08 18.73
CA ASP CA 92 -3.03 -65.45 18.92
C ASP CA 92 -2.41 -65.93 20.22
N GLY CA 93 -3.12 -65.71 21.32
CA GLY CA 93 -2.57 -66.02 22.63
C GLY CA 93 -1.68 -64.90 23.10
N ASP CA 94 -0.37 -65.08 22.94
CA ASP CA 94 0.63 -64.07 23.27
C ASP CA 94 1.45 -63.66 22.06
N ASP CA 95 1.15 -64.18 20.88
CA ASP CA 95 1.89 -63.89 19.67
C ASP CA 95 1.30 -62.67 18.98
N GLN CA 96 2.08 -62.10 18.06
CA GLN CA 96 1.77 -60.81 17.47
C GLN CA 96 2.04 -60.85 15.97
N VAL CA 97 1.46 -61.82 15.30
CA VAL CA 97 1.73 -62.03 13.88
C VAL CA 97 1.17 -60.86 13.08
N GLU CA 98 2.05 -60.09 12.47
CA GLU CA 98 1.70 -58.82 11.88
C GLU CA 98 1.01 -59.00 10.53
N PHE CA 99 0.72 -57.89 9.85
CA PHE CA 99 0.02 -57.93 8.58
C PHE CA 99 0.08 -56.57 7.88
N PRO CA 100 0.14 -56.51 6.54
CA PRO CA 100 0.24 -55.21 5.87
C PRO CA 100 -1.09 -54.51 5.66
N ILE CA 101 -1.05 -53.40 4.91
CA ILE CA 101 -2.13 -52.42 4.87
C ILE CA 101 -2.66 -52.22 3.46
N LYS CA 102 -1.80 -51.66 2.61
CA LYS CA 102 -2.18 -50.86 1.45
C LYS CA 102 -3.21 -51.48 0.52
N PRO CA 103 -3.04 -52.71 0.03
CA PRO CA 103 -3.92 -53.20 -1.04
C PRO CA 103 -5.35 -53.39 -0.60
N LEU CA 104 -5.62 -53.36 0.70
CA LEU CA 104 -6.98 -53.29 1.19
C LEU CA 104 -7.58 -51.90 1.04
N ILE CA 105 -6.83 -50.95 0.51
CA ILE CA 105 -7.23 -49.56 0.40
C ILE CA 105 -7.17 -49.09 -1.04
N ASP CA 106 -6.13 -49.49 -1.75
CA ASP CA 106 -6.01 -49.07 -3.15
C ASP CA 106 -6.96 -49.82 -4.08
N HIS CA 107 -7.79 -50.70 -3.56
CA HIS CA 107 -8.61 -51.58 -4.38
C HIS CA 107 -10.08 -51.53 -3.94
N ALA CA 108 -10.58 -50.32 -3.66
CA ALA CA 108 -12.00 -50.08 -3.53
C ALA CA 108 -12.32 -48.73 -4.16
N LYS CA 109 -13.48 -48.65 -4.81
CA LYS CA 109 -13.74 -47.54 -5.71
C LYS CA 109 -14.19 -46.31 -4.94
N PRO CA 110 -15.16 -46.43 -4.05
CA PRO CA 110 -15.33 -45.39 -3.04
C PRO CA 110 -14.41 -45.67 -1.88
N THR CA 111 -14.53 -44.90 -0.80
CA THR CA 111 -13.52 -44.89 0.24
C THR CA 111 -13.66 -46.07 1.19
N PHE CA 112 -12.91 -46.01 2.29
CA PHE CA 112 -12.81 -47.08 3.26
C PHE CA 112 -13.99 -47.07 4.23
N ARG CA 113 -14.42 -45.89 4.64
CA ARG CA 113 -15.61 -45.80 5.46
C ARG CA 113 -16.82 -46.28 4.70
N GLN CA 114 -16.86 -45.95 3.41
CA GLN CA 114 -17.99 -46.30 2.58
C GLN CA 114 -18.10 -47.80 2.32
N ILE CA 115 -17.10 -48.59 2.74
CA ILE CA 115 -17.18 -50.04 2.72
C ILE CA 115 -17.38 -50.61 4.11
N MET CA 116 -16.73 -50.03 5.10
CA MET CA 116 -16.83 -50.58 6.44
C MET CA 116 -18.13 -50.19 7.13
N ALA CA 117 -19.00 -49.44 6.47
CA ALA CA 117 -20.26 -49.03 7.08
C ALA CA 117 -21.13 -50.22 7.42
N HIS CA 118 -20.91 -51.36 6.77
CA HIS CA 118 -21.60 -52.58 7.17
C HIS CA 118 -21.35 -52.89 8.63
N PHE CA 119 -20.08 -53.12 8.96
CA PHE CA 119 -19.71 -53.81 10.18
C PHE CA 119 -19.97 -52.85 11.34
N SER CA 120 -21.23 -52.86 11.77
CA SER CA 120 -21.74 -51.92 12.74
C SER CA 120 -22.14 -52.61 14.04
N ASP CA 121 -23.05 -53.55 13.94
CA ASP CA 121 -23.67 -54.14 15.10
C ASP CA 121 -22.82 -55.23 15.73
N VAL CA 122 -21.93 -55.83 14.94
CA VAL CA 122 -21.09 -56.89 15.46
C VAL CA 122 -20.16 -56.34 16.54
N ALA CA 123 -19.37 -55.33 16.17
CA ALA CA 123 -18.54 -54.66 17.15
C ALA CA 123 -19.39 -53.98 18.22
N GLU CA 124 -20.63 -53.63 17.90
CA GLU CA 124 -21.49 -53.05 18.91
C GLU CA 124 -21.71 -54.03 20.05
N ALA CA 125 -22.16 -55.24 19.72
CA ALA CA 125 -22.34 -56.24 20.75
C ALA CA 125 -21.02 -56.62 21.39
N TYR CA 126 -19.93 -56.56 20.61
CA TYR CA 126 -18.60 -56.81 21.14
C TYR CA 126 -18.33 -55.92 22.34
N ILE CA 127 -18.45 -54.61 22.10
CA ILE CA 127 -18.12 -53.68 23.16
C ILE CA 127 -19.14 -53.76 24.28
N GLU CA 128 -20.36 -54.17 23.96
CA GLU CA 128 -21.34 -54.36 25.02
C GLU CA 128 -20.86 -55.42 26.00
N LYS CA 129 -20.42 -56.56 25.47
CA LYS CA 129 -19.91 -57.62 26.33
C LYS CA 129 -18.69 -57.15 27.09
N ARG CA 130 -17.61 -56.86 26.36
CA ARG CA 130 -16.34 -56.65 27.03
C ARG CA 130 -16.31 -55.35 27.81
N ASN CA 131 -17.32 -54.48 27.65
CA ASN CA 131 -17.52 -53.39 28.59
C ASN CA 131 -18.30 -53.87 29.80
N GLN CA 132 -19.24 -54.79 29.60
CA GLN CA 132 -19.99 -55.29 30.74
C GLN CA 132 -19.08 -56.00 31.72
N ASP CA 133 -18.02 -56.62 31.21
CA ASP CA 133 -17.05 -57.23 32.12
C ASP CA 133 -16.27 -56.17 32.87
N ARG CA 134 -15.79 -55.15 32.16
CA ARG CA 134 -14.73 -54.29 32.64
C ARG CA 134 -14.91 -52.89 32.06
N PRO CA 135 -14.29 -51.89 32.67
CA PRO CA 135 -14.52 -50.52 32.20
C PRO CA 135 -13.65 -50.17 31.00
N TYR CA 136 -13.99 -50.76 29.87
CA TYR CA 136 -13.35 -50.38 28.63
C TYR CA 136 -13.96 -49.10 28.11
N MET CA 137 -13.12 -48.27 27.50
CA MET CA 137 -13.57 -47.20 26.64
C MET CA 137 -12.59 -47.23 25.48
N PRO CA 138 -13.04 -46.92 24.28
CA PRO CA 138 -12.09 -46.86 23.17
C PRO CA 138 -11.21 -45.63 23.18
N ARG CA 139 -10.46 -45.50 22.08
CA ARG CA 139 -9.52 -44.40 21.94
C ARG CA 139 -10.23 -43.10 21.61
N TYR CA 140 -11.15 -43.17 20.66
CA TYR CA 140 -11.56 -41.99 19.91
C TYR CA 140 -12.19 -40.92 20.78
N GLY CA 141 -12.74 -41.30 21.93
CA GLY CA 141 -13.27 -40.33 22.87
C GLY CA 141 -12.23 -39.84 23.84
N LEU CA 142 -11.27 -40.71 24.17
CA LEU CA 142 -10.25 -40.34 25.12
C LEU CA 142 -9.36 -39.25 24.58
N GLN CA 143 -9.27 -39.12 23.26
CA GLN CA 143 -8.65 -37.95 22.68
C GLN CA 143 -9.59 -36.76 22.73
N ARG CA 144 -10.90 -37.02 22.66
CA ARG CA 144 -11.91 -35.99 22.59
C ARG CA 144 -12.64 -35.78 23.91
N ASN CA 145 -12.25 -36.52 24.95
CA ASN CA 145 -12.74 -36.26 26.30
C ASN CA 145 -14.24 -36.50 26.42
N LEU CA 146 -14.67 -37.72 26.18
CA LEU CA 146 -15.97 -38.13 26.68
C LEU CA 146 -15.98 -38.11 28.20
N THR CA 147 -17.17 -38.25 28.76
CA THR CA 147 -17.40 -38.20 30.19
C THR CA 147 -18.03 -39.47 30.72
N ASP CA 148 -19.07 -39.95 30.05
CA ASP CA 148 -19.85 -41.07 30.55
C ASP CA 148 -19.22 -42.38 30.13
N MET CA 149 -18.99 -43.25 31.10
CA MET CA 149 -18.56 -44.59 30.78
C MET CA 149 -19.63 -45.38 30.04
N SER CA 150 -20.90 -45.01 30.21
CA SER CA 150 -21.97 -45.74 29.55
C SER CA 150 -21.92 -45.53 28.05
N LEU CA 151 -21.53 -44.34 27.61
CA LEU CA 151 -21.70 -43.93 26.23
C LEU CA 151 -20.53 -44.33 25.35
N ALA CA 152 -19.84 -45.42 25.71
CA ALA CA 152 -18.88 -46.04 24.81
C ALA CA 152 -19.52 -46.57 23.54
N ARG CA 153 -20.84 -46.70 23.52
CA ARG CA 153 -21.53 -47.39 22.44
C ARG CA 153 -21.26 -46.78 21.09
N TYR CA 154 -20.95 -45.48 21.04
CA TYR CA 154 -20.88 -44.76 19.78
C TYR CA 154 -19.70 -43.83 19.77
N ALA CA 155 -18.60 -44.23 20.39
CA ALA CA 155 -17.35 -43.49 20.26
C ALA CA 155 -16.51 -44.08 19.14
N PHE CA 156 -17.15 -44.30 18.00
CA PHE CA 156 -16.48 -44.82 16.83
C PHE CA 156 -15.99 -43.68 15.96
N ASP CA 157 -15.19 -44.06 14.98
CA ASP CA 157 -14.88 -43.15 13.89
C ASP CA 157 -15.98 -43.15 12.85
N PHE CA 158 -16.87 -44.14 12.88
CA PHE CA 158 -17.79 -44.34 11.79
C PHE CA 158 -19.01 -45.11 12.27
N TYR CA 159 -20.12 -44.84 11.58
CA TYR CA 159 -21.43 -45.33 11.97
C TYR CA 159 -22.41 -44.84 10.92
N GLU CA 160 -23.57 -45.51 10.84
CA GLU CA 160 -24.69 -45.06 10.02
C GLU CA 160 -25.92 -44.93 10.91
N MET CA 161 -26.44 -43.71 11.00
CA MET CA 161 -27.63 -43.47 11.77
C MET CA 161 -28.82 -44.18 11.17
N THR CA 162 -29.71 -44.64 12.03
CA THR CA 162 -30.88 -45.42 11.62
C THR CA 162 -32.07 -45.02 12.46
N SER CA 163 -33.24 -45.44 12.01
CA SER CA 163 -34.49 -45.14 12.68
C SER CA 163 -34.88 -46.23 13.67
N ARG CA 164 -33.91 -46.61 14.52
CA ARG CA 164 -34.19 -47.48 15.65
C ARG CA 164 -33.39 -47.07 16.87
N THR CA 165 -32.98 -45.82 16.93
CA THR CA 165 -31.88 -45.40 17.77
C THR CA 165 -32.30 -44.28 18.69
N PRO CA 166 -31.57 -44.06 19.78
CA PRO CA 166 -32.02 -43.13 20.80
C PRO CA 166 -31.82 -41.68 20.38
N ILE CA 167 -32.19 -40.79 21.29
CA ILE CA 167 -32.16 -39.35 21.06
C ILE CA 167 -30.87 -38.75 21.58
N ARG CA 168 -30.51 -39.14 22.79
CA ARG CA 168 -29.46 -38.45 23.52
C ARG CA 168 -28.13 -38.56 22.81
N ALA CA 169 -27.69 -39.79 22.56
CA ALA CA 169 -26.34 -40.03 22.06
C ALA CA 169 -26.10 -39.39 20.71
N ARG CA 170 -27.16 -39.14 19.95
CA ARG CA 170 -27.03 -38.49 18.66
C ARG CA 170 -26.32 -37.15 18.80
N GLU CA 171 -26.65 -36.42 19.86
CA GLU CA 171 -26.08 -35.10 20.09
C GLU CA 171 -24.58 -35.18 20.20
N ALA CA 172 -24.09 -36.07 21.05
CA ALA CA 172 -22.65 -36.21 21.21
C ALA CA 172 -22.03 -36.70 19.93
N HIS CA 173 -22.74 -37.56 19.19
CA HIS CA 173 -22.15 -38.10 17.97
C HIS CA 173 -21.87 -37.00 16.98
N ILE CA 174 -22.83 -36.11 16.79
CA ILE CA 174 -22.71 -35.12 15.73
C ILE CA 174 -21.86 -33.95 16.19
N GLN CA 175 -22.05 -33.50 17.42
CA GLN CA 175 -21.22 -32.42 17.92
C GLN CA 175 -19.77 -32.83 17.93
N MET CA 176 -19.48 -33.98 18.51
CA MET CA 176 -18.11 -34.44 18.58
C MET CA 176 -17.62 -34.81 17.19
N LYS CA 177 -18.51 -35.07 16.26
CA LYS CA 177 -18.09 -35.26 14.89
C LYS CA 177 -17.52 -33.96 14.36
N ALA CA 178 -18.38 -32.95 14.21
CA ALA CA 178 -17.98 -31.80 13.43
C ALA CA 178 -16.91 -31.01 14.16
N ALA CA 179 -17.03 -30.89 15.48
CA ALA CA 179 -16.06 -30.12 16.22
C ALA CA 179 -14.72 -30.81 16.25
N ALA CA 180 -14.72 -32.14 16.11
CA ALA CA 180 -13.46 -32.84 15.98
C ALA CA 180 -12.80 -32.52 14.64
N LEU CA 181 -13.55 -32.02 13.68
CA LEU CA 181 -12.97 -31.43 12.49
C LEU CA 181 -12.68 -29.97 12.74
N ARG CA 182 -11.65 -29.46 12.08
CA ARG CA 182 -11.38 -28.04 12.03
C ARG CA 182 -10.22 -27.81 11.07
N GLY CA 183 -10.24 -26.65 10.41
CA GLY CA 183 -9.08 -26.16 9.72
C GLY CA 183 -8.86 -26.79 8.35
N ALA CA 184 -8.89 -28.11 8.27
CA ALA CA 184 -8.69 -28.78 7.00
C ALA CA 184 -9.79 -28.39 6.03
N ASN CA 185 -9.40 -28.04 4.82
CA ASN CA 185 -10.26 -27.40 3.84
C ASN CA 185 -10.52 -28.33 2.67
N ASN CA 186 -11.59 -28.02 1.94
CA ASN CA 186 -11.86 -28.66 0.66
C ASN CA 186 -10.68 -28.49 -0.28
N ASN CA 187 -10.20 -27.25 -0.42
CA ASN CA 187 -8.88 -26.87 -0.97
C ASN CA 187 -8.44 -27.75 -2.13
N LEU CA 188 -9.25 -27.67 -3.20
CA LEU CA 188 -9.28 -28.67 -4.26
C LEU CA 188 -7.91 -29.02 -4.80
N PHE CA 189 -7.24 -28.06 -5.42
CA PHE CA 189 -6.16 -28.35 -6.33
C PHE CA 189 -4.81 -28.24 -5.66
N GLY CA 190 -3.85 -28.96 -6.21
CA GLY CA 190 -2.47 -28.87 -5.79
C GLY CA 190 -1.77 -27.89 -6.70
N LEU CA 191 -0.96 -28.40 -7.63
CA LEU CA 191 -0.32 -27.57 -8.63
C LEU CA 191 -0.13 -28.37 -9.90
N ASP CA 192 0.11 -27.66 -10.98
CA ASP CA 192 0.09 -28.26 -12.31
C ASP CA 192 1.47 -28.72 -12.73
N GLY CA 193 1.52 -29.57 -13.74
CA GLY CA 193 2.74 -30.18 -14.19
C GLY CA 193 3.52 -29.37 -15.18
N ASN CA 194 2.82 -28.75 -16.13
CA ASN CA 194 3.49 -28.00 -17.17
C ASN CA 194 4.12 -26.78 -16.52
N VAL CA 195 5.39 -26.91 -16.20
CA VAL CA 195 6.13 -25.87 -15.50
C VAL CA 195 7.40 -25.60 -16.31
N GLY CA 196 7.25 -24.72 -17.29
CA GLY CA 196 8.37 -24.16 -18.01
C GLY CA 196 8.48 -22.70 -17.64
N THR CA 197 9.44 -22.39 -16.79
CA THR CA 197 9.68 -21.01 -16.41
C THR CA 197 10.08 -20.13 -17.57
N THR CA 198 10.46 -20.72 -18.71
CA THR CA 198 10.78 -19.96 -19.91
C THR CA 198 10.22 -20.66 -21.13
N VAL CA 199 10.38 -20.00 -22.27
CA VAL CA 199 10.00 -20.52 -23.57
C VAL CA 199 11.25 -20.98 -24.29
N GLU CA 200 11.09 -21.98 -25.14
CA GLU CA 200 12.18 -22.41 -26.00
C GLU CA 200 12.69 -21.25 -26.84
N ASN CA 201 13.98 -21.26 -27.14
CA ASN CA 201 14.59 -20.14 -27.84
C ASN CA 201 14.42 -20.28 -29.34
N THR CA 202 14.68 -21.46 -29.89
CA THR CA 202 14.47 -21.73 -31.31
C THR CA 202 15.40 -20.88 -32.17
N GLU CA 203 16.70 -21.03 -31.94
CA GLU CA 203 17.71 -20.22 -32.60
C GLU CA 203 18.88 -21.12 -32.94
N ARG CA 204 20.03 -20.49 -33.20
CA ARG CA 204 21.25 -21.23 -33.48
C ARG CA 204 22.44 -20.45 -32.92
N HIS CA 205 23.42 -21.20 -32.43
CA HIS CA 205 24.73 -20.66 -32.10
C HIS CA 205 25.68 -20.94 -33.25
N THR CA 206 26.44 -19.91 -33.62
CA THR CA 206 27.50 -20.05 -34.59
C THR CA 206 28.64 -19.14 -34.15
N THR CA 207 29.82 -19.36 -34.73
CA THR CA 207 31.00 -18.58 -34.40
C THR CA 207 30.86 -17.15 -34.94
N PRO EA 1 -86.47 -14.23 -1.44
CA PRO EA 1 -85.38 -13.26 -1.63
C PRO EA 1 -84.01 -13.89 -1.69
N ARG EA 2 -83.31 -13.70 -2.81
CA ARG EA 2 -81.98 -14.23 -3.00
C ARG EA 2 -81.23 -13.32 -3.98
N LEU EA 3 -79.96 -13.62 -4.17
CA LEU EA 3 -79.08 -12.71 -4.92
C LEU EA 3 -77.76 -13.44 -5.19
N LYS EA 4 -76.78 -12.70 -5.71
CA LYS EA 4 -75.48 -13.21 -6.09
C LYS EA 4 -74.39 -12.42 -5.39
N SER EA 5 -73.17 -12.96 -5.46
CA SER EA 5 -72.03 -12.32 -4.81
C SER EA 5 -71.60 -11.06 -5.56
N LEU EA 6 -71.26 -11.21 -6.82
CA LEU EA 6 -70.62 -10.14 -7.56
C LEU EA 6 -71.64 -9.07 -7.92
N THR EA 7 -71.12 -7.88 -8.22
CA THR EA 7 -71.93 -6.69 -8.36
C THR EA 7 -71.49 -5.92 -9.60
N SER EA 8 -72.13 -4.77 -9.81
CA SER EA 8 -71.84 -3.90 -10.94
C SER EA 8 -71.57 -2.46 -10.54
N LYS EA 9 -72.22 -1.96 -9.47
CA LYS EA 9 -71.94 -0.62 -8.98
C LYS EA 9 -70.59 -0.51 -8.30
N MET EA 10 -69.88 -1.61 -8.14
CA MET EA 10 -68.57 -1.61 -7.51
C MET EA 10 -67.63 -0.65 -8.21
N ARG EA 11 -66.68 -0.13 -7.44
CA ARG EA 11 -65.59 0.63 -8.01
C ARG EA 11 -64.69 -0.31 -8.80
N VAL EA 12 -64.53 -0.02 -10.09
CA VAL EA 12 -63.86 -0.92 -11.02
C VAL EA 12 -63.14 -0.04 -12.03
N PRO EA 13 -62.04 -0.50 -12.65
CA PRO EA 13 -61.43 0.31 -13.71
C PRO EA 13 -62.36 0.43 -14.91
N ARG EA 14 -62.04 1.37 -15.78
CA ARG EA 14 -62.88 1.73 -16.92
C ARG EA 14 -62.01 2.27 -18.04
N TYR EA 15 -61.97 1.56 -19.17
CA TYR EA 15 -61.30 2.09 -20.35
C TYR EA 15 -61.94 3.41 -20.76
N GLU EA 16 -63.19 3.34 -21.17
CA GLU EA 16 -64.07 4.48 -21.18
C GLU EA 16 -65.20 4.17 -20.21
N LYS EA 17 -66.15 5.09 -20.12
CA LYS EA 17 -67.01 5.13 -18.96
C LYS EA 17 -67.97 3.95 -18.92
N ARG EA 18 -68.67 3.70 -20.03
CA ARG EA 18 -69.71 2.68 -20.01
C ARG EA 18 -69.12 1.29 -19.85
N VAL EA 19 -67.84 1.12 -20.20
CA VAL EA 19 -67.26 -0.20 -20.22
C VAL EA 19 -67.01 -0.69 -18.80
N ALA EA 20 -67.38 -1.94 -18.55
CA ALA EA 20 -66.99 -2.67 -17.36
C ALA EA 20 -66.16 -3.86 -17.81
N LEU EA 21 -64.96 -3.98 -17.25
CA LEU EA 21 -63.95 -4.84 -17.84
C LEU EA 21 -63.94 -6.24 -17.27
N ASN EA 22 -63.93 -6.38 -15.96
CA ASN EA 22 -63.99 -7.70 -15.34
C ASN EA 22 -65.41 -8.20 -15.55
N LEU EA 23 -65.61 -8.83 -16.70
CA LEU EA 23 -66.92 -9.30 -17.11
C LEU EA 23 -67.44 -10.30 -16.10
N ASP EA 24 -68.67 -10.09 -15.65
CA ASP EA 24 -69.19 -10.81 -14.50
C ASP EA 24 -69.94 -12.07 -14.93
N HIS EA 25 -69.23 -12.87 -15.74
CA HIS EA 25 -69.60 -14.25 -16.02
C HIS EA 25 -68.57 -15.21 -15.47
N LEU EA 26 -67.70 -14.75 -14.57
CA LEU EA 26 -66.61 -15.54 -14.03
C LEU EA 26 -67.00 -16.28 -12.78
N ILE EA 27 -68.29 -16.58 -12.64
CA ILE EA 27 -68.78 -17.29 -11.47
C ILE EA 27 -68.11 -18.64 -11.35
N LEU EA 28 -67.77 -19.25 -12.48
CA LEU EA 28 -67.33 -20.64 -12.52
C LEU EA 28 -65.89 -20.67 -13.02
N TYR EA 29 -64.97 -20.45 -12.09
CA TYR EA 29 -63.56 -20.64 -12.39
C TYR EA 29 -62.84 -20.79 -11.05
N THR EA 30 -62.61 -22.03 -10.64
CA THR EA 30 -61.83 -22.34 -9.44
C THR EA 30 -61.09 -23.65 -9.66
N PRO EA 31 -60.11 -23.65 -10.53
CA PRO EA 31 -59.26 -24.82 -10.64
C PRO EA 31 -58.40 -25.01 -9.39
N GLU EA 32 -57.63 -26.08 -9.36
CA GLU EA 32 -56.74 -26.32 -8.23
C GLU EA 32 -55.73 -25.19 -8.10
N GLN EA 33 -55.42 -24.84 -6.86
CA GLN EA 33 -54.55 -23.71 -6.61
C GLN EA 33 -53.14 -24.01 -7.07
N THR EA 34 -52.58 -25.12 -6.60
CA THR EA 34 -51.21 -25.47 -6.95
C THR EA 34 -51.08 -25.73 -8.44
N ASP EA 35 -52.16 -26.18 -9.07
CA ASP EA 35 -52.12 -26.46 -10.50
C ASP EA 35 -51.83 -25.21 -11.32
N LEU EA 36 -52.11 -24.03 -10.78
CA LEU EA 36 -51.91 -22.79 -11.50
C LEU EA 36 -50.54 -22.19 -11.28
N SER EA 37 -49.85 -22.57 -10.22
CA SER EA 37 -48.65 -21.88 -9.78
C SER EA 37 -47.52 -21.95 -10.78
N ASN EA 38 -46.40 -21.31 -10.44
CA ASN EA 38 -45.15 -21.53 -11.12
C ASN EA 38 -44.30 -22.59 -10.42
N THR EA 39 -44.55 -22.84 -9.14
CA THR EA 39 -43.73 -23.81 -8.41
C THR EA 39 -43.92 -25.22 -8.91
N ARG EA 40 -45.04 -25.53 -9.54
CA ARG EA 40 -45.20 -26.73 -10.32
C ARG EA 40 -45.06 -26.40 -11.79
N SER EA 41 -44.45 -27.31 -12.52
CA SER EA 41 -44.22 -27.10 -13.93
C SER EA 41 -45.44 -27.52 -14.73
N THR EA 42 -45.28 -27.52 -16.04
CA THR EA 42 -46.39 -27.64 -16.96
C THR EA 42 -46.55 -29.05 -17.48
N ARG EA 43 -47.71 -29.27 -18.08
CA ARG EA 43 -48.08 -30.57 -18.57
C ARG EA 43 -47.25 -30.97 -19.77
N LYS EA 44 -46.90 -30.00 -20.60
CA LYS EA 44 -46.07 -30.26 -21.77
C LYS EA 44 -44.71 -30.79 -21.35
N GLN EA 45 -44.08 -30.11 -20.40
CA GLN EA 45 -42.79 -30.56 -19.90
C GLN EA 45 -42.90 -31.96 -19.35
N PHE EA 46 -43.95 -32.19 -18.58
CA PHE EA 46 -44.21 -33.48 -17.97
C PHE EA 46 -44.34 -34.55 -19.03
N ASP EA 47 -44.83 -34.17 -20.21
CA ASP EA 47 -44.94 -35.12 -21.30
C ASP EA 47 -43.57 -35.38 -21.91
N THR EA 48 -42.82 -34.32 -22.18
CA THR EA 48 -41.59 -34.48 -22.96
C THR EA 48 -40.53 -35.20 -22.17
N TRP EA 49 -40.55 -35.09 -20.86
CA TRP EA 49 -39.67 -35.91 -20.03
C TRP EA 49 -40.05 -37.38 -20.19
N PHE EA 50 -41.34 -37.65 -20.01
CA PHE EA 50 -41.92 -38.98 -20.10
C PHE EA 50 -41.71 -39.62 -21.46
N GLU EA 51 -41.43 -38.83 -22.49
CA GLU EA 51 -41.18 -39.32 -23.83
C GLU EA 51 -39.70 -39.41 -24.14
N GLY EA 52 -38.92 -38.47 -23.65
CA GLY EA 52 -37.48 -38.53 -23.86
C GLY EA 52 -36.88 -39.75 -23.21
N VAL EA 53 -37.39 -40.12 -22.04
CA VAL EA 53 -36.99 -41.38 -21.46
C VAL EA 53 -37.45 -42.53 -22.35
N MET EA 54 -38.63 -42.39 -22.94
CA MET EA 54 -39.19 -43.45 -23.77
C MET EA 54 -38.30 -43.72 -24.96
N ALA EA 55 -37.64 -42.67 -25.47
CA ALA EA 55 -36.67 -42.85 -26.53
C ALA EA 55 -35.42 -43.53 -26.01
N ASP EA 56 -35.10 -43.33 -24.74
CA ASP EA 56 -33.84 -43.83 -24.20
C ASP EA 56 -33.89 -45.33 -23.96
N TYR EA 57 -34.82 -45.76 -23.12
CA TYR EA 57 -34.77 -47.11 -22.56
C TYR EA 57 -35.59 -48.11 -23.34
N GLU EA 58 -36.41 -47.66 -24.30
CA GLU EA 58 -36.94 -48.51 -25.36
C GLU EA 58 -37.78 -49.65 -24.80
N LEU EA 59 -38.90 -49.27 -24.20
CA LEU EA 59 -39.80 -50.20 -23.54
C LEU EA 59 -41.00 -50.58 -24.39
N THR EA 60 -41.61 -49.61 -25.06
CA THR EA 60 -42.89 -49.82 -25.74
C THR EA 60 -43.92 -50.40 -24.78
N GLU EA 61 -43.90 -49.89 -23.56
CA GLU EA 61 -44.72 -50.46 -22.50
C GLU EA 61 -44.96 -49.39 -21.44
N ASP EA 62 -46.04 -49.60 -20.68
CA ASP EA 62 -46.27 -48.86 -19.46
C ASP EA 62 -45.66 -49.56 -18.25
N LYS EA 63 -44.58 -50.29 -18.46
CA LYS EA 63 -43.77 -50.75 -17.35
C LYS EA 63 -43.03 -49.59 -16.71
N MET EA 64 -42.80 -48.53 -17.49
CA MET EA 64 -42.25 -47.30 -16.97
C MET EA 64 -43.07 -46.76 -15.80
N GLN EA 65 -44.36 -47.09 -15.75
CA GLN EA 65 -45.15 -46.93 -14.54
C GLN EA 65 -44.39 -47.47 -13.34
N ILE EA 66 -44.03 -48.75 -13.41
CA ILE EA 66 -43.38 -49.42 -12.31
C ILE EA 66 -42.01 -48.83 -12.10
N ILE EA 67 -41.34 -48.46 -13.19
CA ILE EA 67 -39.99 -47.93 -13.08
C ILE EA 67 -40.01 -46.65 -12.27
N LEU EA 68 -40.79 -45.68 -12.74
CA LEU EA 68 -40.90 -44.39 -12.07
C LEU EA 68 -41.36 -44.56 -10.63
N ASN EA 69 -42.23 -45.54 -10.40
CA ASN EA 69 -42.58 -45.89 -9.03
C ASN EA 69 -41.34 -46.29 -8.25
N GLY EA 70 -40.40 -46.94 -8.91
CA GLY EA 70 -39.11 -47.18 -8.28
C GLY EA 70 -38.37 -45.89 -8.02
N LEU EA 71 -38.36 -44.99 -9.00
CA LEU EA 71 -37.55 -43.78 -8.91
C LEU EA 71 -37.99 -42.90 -7.77
N MET EA 72 -39.26 -43.00 -7.41
CA MET EA 72 -39.79 -42.36 -6.20
C MET EA 72 -38.86 -42.57 -5.02
N VAL EA 73 -38.38 -43.78 -4.85
CA VAL EA 73 -37.83 -44.17 -3.56
C VAL EA 73 -36.40 -43.69 -3.42
N TRP EA 74 -35.56 -44.00 -4.40
CA TRP EA 74 -34.21 -43.46 -4.37
C TRP EA 74 -34.23 -41.96 -4.44
N CYS EA 75 -35.24 -41.40 -5.10
CA CYS EA 75 -35.41 -39.95 -5.05
C CYS EA 75 -35.68 -39.49 -3.63
N ILE EA 76 -36.40 -40.30 -2.86
CA ILE EA 76 -36.76 -39.91 -1.50
C ILE EA 76 -35.55 -39.99 -0.59
N GLU EA 77 -35.01 -41.19 -0.42
CA GLU EA 77 -34.09 -41.46 0.67
C GLU EA 77 -32.81 -40.65 0.59
N ASN EA 78 -32.54 -39.98 -0.53
CA ASN EA 78 -31.32 -39.23 -0.72
C ASN EA 78 -31.65 -37.87 -1.34
N GLY EA 79 -30.62 -37.04 -1.41
CA GLY EA 79 -30.76 -35.67 -1.85
C GLY EA 79 -31.28 -35.50 -3.25
N THR EA 80 -31.49 -34.25 -3.65
CA THR EA 80 -32.01 -33.91 -4.98
C THR EA 80 -31.23 -32.70 -5.48
N SER EA 81 -30.39 -32.92 -6.48
CA SER EA 81 -29.57 -31.87 -7.05
C SER EA 81 -29.02 -32.38 -8.36
N PRO EA 82 -28.64 -31.48 -9.27
CA PRO EA 82 -27.90 -31.95 -10.45
C PRO EA 82 -26.60 -32.59 -10.06
N ASN EA 83 -26.02 -32.20 -8.94
CA ASN EA 83 -24.72 -32.68 -8.49
C ASN EA 83 -24.90 -34.09 -7.93
N ILE EA 84 -25.09 -35.04 -8.84
CA ILE EA 84 -25.24 -36.44 -8.47
C ILE EA 84 -24.43 -37.28 -9.44
N ASN EA 85 -23.86 -38.37 -8.93
CA ASN EA 85 -23.19 -39.35 -9.76
C ASN EA 85 -23.40 -40.72 -9.12
N GLY EA 86 -22.86 -41.74 -9.76
CA GLY EA 86 -22.98 -43.10 -9.27
C GLY EA 86 -24.05 -43.86 -10.05
N MET EA 87 -24.96 -44.48 -9.33
CA MET EA 87 -26.11 -45.15 -9.92
C MET EA 87 -27.25 -45.04 -8.93
N TRP EA 88 -28.35 -45.73 -9.20
CA TRP EA 88 -29.32 -46.07 -8.18
C TRP EA 88 -29.81 -47.48 -8.47
N VAL EA 89 -30.62 -48.00 -7.56
CA VAL EA 89 -31.14 -49.36 -7.70
C VAL EA 89 -32.36 -49.51 -6.81
N MET EA 90 -33.27 -50.40 -7.22
CA MET EA 90 -34.25 -50.99 -6.34
C MET EA 90 -34.10 -52.50 -6.40
N MET EA 91 -35.04 -53.23 -5.79
CA MET EA 91 -34.92 -54.66 -5.65
C MET EA 91 -36.15 -55.38 -6.18
N ASP EA 92 -35.99 -56.70 -6.32
CA ASP EA 92 -37.07 -57.62 -6.66
C ASP EA 92 -36.85 -58.87 -5.81
N GLY EA 93 -37.44 -58.88 -4.63
CA GLY EA 93 -37.20 -59.97 -3.70
C GLY EA 93 -35.91 -59.74 -2.95
N ASP EA 94 -34.85 -60.42 -3.40
CA ASP EA 94 -33.51 -60.26 -2.84
C ASP EA 94 -32.51 -59.77 -3.89
N ASP EA 95 -32.95 -59.49 -5.10
CA ASP EA 95 -32.08 -59.06 -6.17
C ASP EA 95 -31.95 -57.54 -6.15
N GLN EA 96 -30.93 -57.04 -6.85
CA GLN EA 96 -30.53 -55.65 -6.77
C GLN EA 96 -30.21 -55.11 -8.16
N VAL EA 97 -31.15 -55.28 -9.08
CA VAL EA 97 -30.91 -54.90 -10.47
C VAL EA 97 -30.78 -53.40 -10.57
N GLU EA 98 -29.60 -52.93 -10.94
CA GLU EA 98 -29.24 -51.52 -10.85
C GLU EA 98 -29.83 -50.73 -12.01
N PHE EA 99 -29.50 -49.44 -12.07
CA PHE EA 99 -30.05 -48.57 -13.09
C PHE EA 99 -29.29 -47.24 -13.14
N PRO EA 100 -29.10 -46.61 -14.32
CA PRO EA 100 -28.35 -45.36 -14.36
C PRO EA 100 -29.14 -44.11 -14.02
N ILE EA 101 -28.51 -42.95 -14.21
CA ILE EA 101 -28.97 -41.69 -13.63
C ILE EA 101 -29.24 -40.64 -14.70
N LYS EA 102 -28.17 -40.23 -15.35
CA LYS EA 102 -28.03 -38.91 -15.98
C LYS EA 102 -29.16 -38.47 -16.90
N PRO EA 103 -29.58 -39.26 -17.89
CA PRO EA 103 -30.51 -38.73 -18.89
C PRO EA 103 -31.87 -38.42 -18.33
N LEU EA 104 -32.18 -38.87 -17.13
CA LEU EA 104 -33.37 -38.41 -16.43
C LEU EA 104 -33.20 -37.01 -15.86
N ILE EA 105 -32.04 -36.40 -16.05
CA ILE EA 105 -31.71 -35.11 -15.48
C ILE EA 105 -31.34 -34.12 -16.55
N ASP EA 106 -30.57 -34.57 -17.55
CA ASP EA 106 -30.17 -33.67 -18.61
C ASP EA 106 -31.29 -33.36 -19.59
N HIS EA 107 -32.50 -33.89 -19.37
CA HIS EA 107 -33.58 -33.80 -20.33
C HIS EA 107 -34.86 -33.29 -19.68
N ALA EA 108 -34.73 -32.28 -18.82
CA ALA EA 108 -35.85 -31.49 -18.36
C ALA EA 108 -35.43 -30.03 -18.28
N LYS EA 109 -36.35 -29.14 -18.62
CA LYS EA 109 -35.96 -27.77 -18.89
C LYS EA 109 -35.82 -26.98 -17.59
N PRO EA 110 -36.79 -27.03 -16.69
CA PRO EA 110 -36.50 -26.62 -15.31
C PRO EA 110 -35.91 -27.80 -14.56
N THR EA 111 -35.72 -27.65 -13.27
CA THR EA 111 -34.90 -28.58 -12.50
C THR EA 111 -35.66 -29.86 -12.15
N PHE EA 112 -35.04 -30.66 -11.29
CA PHE EA 112 -35.55 -31.97 -10.90
C PHE EA 112 -36.63 -31.87 -9.84
N ARG EA 113 -36.46 -30.95 -8.89
CA ARG EA 113 -37.51 -30.71 -7.91
C ARG EA 113 -38.74 -30.17 -8.59
N GLN EA 114 -38.53 -29.32 -9.59
CA GLN EA 114 -39.63 -28.68 -10.27
C GLN EA 114 -40.45 -29.65 -11.13
N ILE EA 115 -39.99 -30.90 -11.28
CA ILE EA 115 -40.76 -31.95 -11.91
C ILE EA 115 -41.31 -32.93 -10.88
N MET EA 116 -40.52 -33.25 -9.88
CA MET EA 116 -40.97 -34.23 -8.90
C MET EA 116 -41.95 -33.66 -7.90
N ALA EA 117 -42.29 -32.38 -8.01
CA ALA EA 117 -43.24 -31.77 -7.08
C ALA EA 117 -44.61 -32.43 -7.14
N HIS EA 118 -44.93 -33.10 -8.24
CA HIS EA 118 -46.15 -33.88 -8.30
C HIS EA 118 -46.17 -34.91 -7.18
N PHE EA 119 -45.20 -35.82 -7.21
CA PHE EA 119 -45.31 -37.07 -6.48
C PHE EA 119 -45.14 -36.76 -5.01
N SER EA 120 -46.27 -36.38 -4.41
CA SER EA 120 -46.32 -35.88 -3.05
C SER EA 120 -47.09 -36.81 -2.13
N ASP EA 121 -48.35 -37.06 -2.47
CA ASP EA 121 -49.25 -37.76 -1.58
C ASP EA 121 -49.09 -39.27 -1.65
N VAL EA 122 -48.55 -39.77 -2.76
CA VAL EA 122 -48.36 -41.20 -2.90
C VAL EA 122 -47.37 -41.70 -1.88
N ALA EA 123 -46.16 -41.13 -1.91
CA ALA EA 123 -45.18 -41.46 -0.89
C ALA EA 123 -45.65 -41.05 0.50
N GLU EA 124 -46.54 -40.06 0.58
CA GLU EA 124 -47.08 -39.69 1.87
C GLU EA 124 -47.82 -40.86 2.49
N ALA EA 125 -48.78 -41.41 1.76
CA ALA EA 125 -49.50 -42.57 2.27
C ALA EA 125 -48.57 -43.76 2.44
N TYR EA 126 -47.55 -43.85 1.60
CA TYR EA 126 -46.55 -44.91 1.72
C TYR EA 126 -45.95 -44.90 3.12
N ILE EA 127 -45.41 -43.75 3.51
CA ILE EA 127 -44.74 -43.67 4.80
C ILE EA 127 -45.74 -43.79 5.92
N GLU EA 128 -46.99 -43.37 5.68
CA GLU EA 128 -48.00 -43.56 6.70
C GLU EA 128 -48.17 -45.04 7.02
N LYS EA 129 -48.31 -45.85 5.98
CA LYS EA 129 -48.44 -47.28 6.20
C LYS EA 129 -47.19 -47.85 6.86
N ARG EA 130 -46.07 -47.78 6.16
CA ARG EA 130 -44.91 -48.52 6.62
C ARG EA 130 -44.30 -47.91 7.87
N ASN EA 131 -44.74 -46.71 8.27
CA ASN EA 131 -44.45 -46.22 9.61
C ASN EA 131 -45.44 -46.79 10.61
N GLN EA 132 -46.70 -46.96 10.20
CA GLN EA 132 -47.67 -47.52 11.13
C GLN EA 132 -47.29 -48.93 11.52
N ASP EA 133 -46.64 -49.66 10.63
CA ASP EA 133 -46.15 -50.98 11.00
C ASP EA 133 -45.00 -50.89 11.99
N ARG EA 134 -44.05 -50.01 11.71
CA ARG EA 134 -42.74 -50.06 12.33
C ARG EA 134 -42.17 -48.66 12.45
N PRO EA 135 -41.18 -48.46 13.31
CA PRO EA 135 -40.69 -47.10 13.53
C PRO EA 135 -39.68 -46.69 12.47
N TYR EA 136 -40.18 -46.45 11.27
CA TYR EA 136 -39.35 -45.90 10.22
C TYR EA 136 -39.22 -44.40 10.42
N MET EA 137 -38.05 -43.88 10.10
CA MET EA 137 -37.86 -42.47 9.88
C MET EA 137 -36.94 -42.40 8.66
N PRO EA 138 -37.10 -41.42 7.82
CA PRO EA 138 -36.16 -41.29 6.70
C PRO EA 138 -34.80 -40.76 7.08
N ARG EA 139 -34.01 -40.51 6.04
CA ARG EA 139 -32.64 -40.04 6.22
C ARG EA 139 -32.61 -38.58 6.61
N TYR EA 140 -33.37 -37.76 5.90
CA TYR EA 140 -33.11 -36.34 5.82
C TYR EA 140 -33.18 -35.64 7.16
N GLY EA 141 -33.92 -36.21 8.11
CA GLY EA 141 -33.99 -35.66 9.45
C GLY EA 141 -32.90 -36.21 10.34
N LEU EA 142 -32.52 -37.46 10.09
CA LEU EA 142 -31.52 -38.09 10.92
C LEU EA 142 -30.16 -37.42 10.76
N GLN EA 143 -29.94 -36.77 9.62
CA GLN EA 143 -28.78 -35.90 9.51
C GLN EA 143 -29.03 -34.57 10.23
N ARG EA 144 -30.29 -34.14 10.28
CA ARG EA 144 -30.67 -32.86 10.84
C ARG EA 144 -31.29 -32.98 12.22
N ASN EA 145 -31.37 -34.19 12.77
CA ASN EA 145 -31.77 -34.39 14.14
C ASN EA 145 -33.19 -33.93 14.42
N LEU EA 146 -34.16 -34.55 13.74
CA LEU EA 146 -35.52 -34.49 14.24
C LEU EA 146 -35.62 -35.17 15.59
N THR EA 147 -36.77 -34.99 16.23
CA THR EA 147 -37.03 -35.50 17.56
C THR EA 147 -38.23 -36.42 17.59
N ASP EA 148 -39.33 -35.99 16.97
CA ASP EA 148 -40.59 -36.71 17.08
C ASP EA 148 -40.66 -37.80 16.02
N MET EA 149 -40.94 -39.02 16.47
CA MET EA 149 -41.20 -40.09 15.53
C MET EA 149 -42.47 -39.84 14.73
N SER EA 150 -43.41 -39.06 15.25
CA SER EA 150 -44.64 -38.81 14.54
C SER EA 150 -44.40 -37.98 13.29
N LEU EA 151 -43.45 -37.06 13.35
CA LEU EA 151 -43.30 -36.04 12.33
C LEU EA 151 -42.43 -36.48 11.18
N ALA EA 152 -42.38 -37.79 10.92
CA ALA EA 152 -41.79 -38.29 9.68
C ALA EA 152 -42.51 -37.81 8.44
N ARG EA 153 -43.73 -37.28 8.59
CA ARG EA 153 -44.59 -37.01 7.45
C ARG EA 153 -43.96 -36.04 6.47
N TYR EA 154 -43.06 -35.18 6.94
CA TYR EA 154 -42.56 -34.09 6.12
C TYR EA 154 -41.08 -33.92 6.31
N ALA EA 155 -40.36 -35.01 6.50
CA ALA EA 155 -38.90 -34.98 6.48
C ALA EA 155 -38.38 -35.28 5.10
N PHE EA 156 -38.97 -34.63 4.10
CA PHE EA 156 -38.56 -34.80 2.72
C PHE EA 156 -37.52 -33.77 2.36
N ASP EA 157 -36.94 -33.97 1.18
CA ASP EA 157 -36.14 -32.93 0.56
C ASP EA 157 -37.03 -31.94 -0.16
N PHE EA 158 -38.29 -32.30 -0.42
CA PHE EA 158 -39.13 -31.51 -1.31
C PHE EA 158 -40.59 -31.75 -1.00
N TYR EA 159 -41.38 -30.72 -1.30
CA TYR EA 159 -42.79 -30.67 -0.95
C TYR EA 159 -43.34 -29.35 -1.50
N GLU EA 160 -44.65 -29.29 -1.65
CA GLU EA 160 -45.36 -28.07 -1.99
C GLU EA 160 -46.42 -27.81 -0.93
N MET EA 161 -46.29 -26.69 -0.24
CA MET EA 161 -47.26 -26.30 0.77
C MET EA 161 -48.60 -26.01 0.12
N THR EA 162 -49.66 -26.35 0.84
CA THR EA 162 -51.02 -26.21 0.34
C THR EA 162 -51.92 -25.75 1.47
N SER EA 163 -53.12 -25.32 1.09
CA SER EA 163 -54.10 -24.82 2.03
C SER EA 163 -55.04 -25.93 2.50
N ARG EA 164 -54.45 -27.04 2.92
CA ARG EA 164 -55.19 -28.11 3.59
C ARG EA 164 -54.38 -28.72 4.71
N THR EA 165 -53.41 -27.99 5.23
CA THR EA 165 -52.30 -28.57 5.96
C THR EA 165 -52.19 -27.95 7.35
N PRO EA 166 -51.52 -28.61 8.27
CA PRO EA 166 -51.53 -28.16 9.66
C PRO EA 166 -50.62 -26.97 9.88
N ILE EA 167 -50.57 -26.54 11.13
CA ILE EA 167 -49.82 -25.37 11.53
C ILE EA 167 -48.45 -25.74 12.04
N ARG EA 168 -48.40 -26.76 12.88
CA ARG EA 168 -47.20 -27.05 13.64
C ARG EA 168 -46.04 -27.43 12.73
N ALA EA 169 -46.25 -28.45 11.90
CA ALA EA 169 -45.15 -29.02 11.13
C ALA EA 169 -44.53 -28.03 10.16
N ARG EA 170 -45.29 -27.00 9.78
CA ARG EA 170 -44.76 -25.97 8.89
C ARG EA 170 -43.51 -25.35 9.48
N GLU EA 171 -43.51 -25.13 10.79
CA GLU EA 171 -42.39 -24.50 11.46
C GLU EA 171 -41.13 -25.30 11.26
N ALA EA 172 -41.20 -26.60 11.55
CA ALA EA 172 -40.03 -27.44 11.38
C ALA EA 172 -39.63 -27.51 9.92
N HIS EA 173 -40.61 -27.49 9.02
CA HIS EA 173 -40.29 -27.61 7.61
C HIS EA 173 -39.44 -26.45 7.16
N ILE EA 174 -39.83 -25.24 7.55
CA ILE EA 174 -39.18 -24.06 7.01
C ILE EA 174 -37.89 -23.78 7.77
N GLN EA 175 -37.92 -23.92 9.09
CA GLN EA 175 -36.70 -23.71 9.86
C GLN EA 175 -35.64 -24.69 9.43
N MET EA 176 -36.00 -25.97 9.40
CA MET EA 176 -35.03 -26.97 9.03
C MET EA 176 -34.68 -26.86 7.56
N LYS EA 177 -35.53 -26.21 6.77
CA LYS EA 177 -35.15 -25.91 5.41
C LYS EA 177 -33.99 -24.94 5.39
N ALA EA 178 -34.23 -23.72 5.85
CA ALA EA 178 -33.27 -22.67 5.59
C ALA EA 178 -32.01 -22.90 6.40
N ALA EA 179 -32.15 -23.36 7.63
CA ALA EA 179 -30.97 -23.56 8.45
C ALA EA 179 -30.15 -24.72 7.94
N ALA EA 180 -30.78 -25.67 7.25
CA ALA EA 180 -30.03 -26.72 6.61
C ALA EA 180 -29.21 -26.17 5.45
N LEU EA 181 -29.55 -24.99 4.95
CA LEU EA 181 -28.67 -24.27 4.05
C LEU EA 181 -27.73 -23.42 4.85
N ARG EA 182 -26.55 -23.19 4.31
CA ARG EA 182 -25.60 -22.22 4.82
C ARG EA 182 -24.42 -22.14 3.87
N GLY EA 183 -23.83 -20.95 3.80
CA GLY EA 183 -22.52 -20.79 3.19
C GLY EA 183 -22.55 -20.73 1.67
N ALA EA 184 -23.22 -21.69 1.04
CA ALA EA 184 -23.29 -21.71 -0.41
C ALA EA 184 -23.99 -20.45 -0.90
N ASN EA 185 -23.39 -19.82 -1.90
CA ASN EA 185 -23.76 -18.49 -2.34
C ASN EA 185 -24.37 -18.53 -3.74
N ASN EA 186 -25.09 -17.45 -4.06
CA ASN EA 186 -25.55 -17.24 -5.42
C ASN EA 186 -24.38 -17.22 -6.39
N ASN EA 187 -23.35 -16.45 -6.06
CA ASN EA 187 -21.98 -16.51 -6.61
C ASN EA 187 -21.94 -16.83 -8.10
N LEU EA 188 -22.54 -15.91 -8.86
CA LEU EA 188 -22.98 -16.16 -10.23
C LEU EA 188 -21.93 -16.82 -11.11
N PHE EA 189 -20.84 -16.11 -11.35
CA PHE EA 189 -19.96 -16.42 -12.48
C PHE EA 189 -18.78 -17.27 -12.06
N GLY EA 190 -18.26 -18.01 -13.02
CA GLY EA 190 -17.05 -18.77 -12.85
C GLY EA 190 -15.89 -17.93 -13.36
N LEU EA 191 -15.38 -18.26 -14.54
CA LEU EA 191 -14.35 -17.46 -15.17
C LEU EA 191 -14.49 -17.58 -16.68
N ASP EA 192 -13.87 -16.65 -17.38
CA ASP EA 192 -14.08 -16.47 -18.80
C ASP EA 192 -13.07 -17.28 -19.60
N GLY EA 193 -13.38 -17.47 -20.88
CA GLY EA 193 -12.58 -18.30 -21.75
C GLY EA 193 -11.44 -17.58 -22.41
N ASN EA 194 -11.70 -16.36 -22.86
CA ASN EA 194 -10.66 -15.61 -23.59
C ASN EA 194 -9.57 -15.28 -22.59
N VAL EA 195 -8.55 -16.11 -22.58
CA VAL EA 195 -7.45 -16.00 -21.64
C VAL EA 195 -6.16 -15.99 -22.46
N GLY EA 196 -5.79 -14.81 -22.93
CA GLY EA 196 -4.49 -14.56 -23.51
C GLY EA 196 -3.72 -13.68 -22.58
N THR EA 197 -2.77 -14.30 -21.86
CA THR EA 197 -1.92 -13.53 -20.96
C THR EA 197 -1.06 -12.50 -21.69
N THR EA 198 -0.95 -12.60 -23.01
CA THR EA 198 -0.21 -11.63 -23.80
C THR EA 198 -0.96 -11.34 -25.10
N VAL EA 199 -0.42 -10.39 -25.83
CA VAL EA 199 -0.92 -10.00 -27.15
C VAL EA 199 -0.01 -10.60 -28.20
N GLU EA 200 -0.57 -10.90 -29.36
CA GLU EA 200 0.22 -11.33 -30.49
C GLU EA 200 1.28 -10.28 -30.82
N ASN EA 201 2.42 -10.77 -31.31
CA ASN EA 201 3.55 -9.88 -31.56
C ASN EA 201 3.44 -9.20 -32.92
N THR EA 202 3.12 -9.98 -33.96
CA THR EA 202 2.90 -9.43 -35.30
C THR EA 202 4.19 -8.82 -35.86
N GLU EA 203 5.22 -9.63 -35.94
CA GLU EA 203 6.55 -9.18 -36.35
C GLU EA 203 7.16 -10.25 -37.24
N ARG EA 204 8.47 -10.19 -37.41
CA ARG EA 204 9.20 -11.18 -38.17
C ARG EA 204 10.58 -11.40 -37.55
N HIS EA 205 11.03 -12.64 -37.61
CA HIS EA 205 12.41 -12.99 -37.32
C HIS EA 205 13.18 -13.11 -38.62
N THR EA 206 14.36 -12.51 -38.63
CA THR EA 206 15.29 -12.66 -39.74
C THR EA 206 16.69 -12.70 -39.15
N THR EA 207 17.65 -13.14 -39.96
CA THR EA 207 19.04 -13.24 -39.54
C THR EA 207 19.65 -11.85 -39.37
N PRO GA 1 -83.28 29.11 11.85
CA PRO GA 1 -81.86 29.43 11.93
C PRO GA 1 -80.96 28.34 11.36
N ARG GA 2 -80.18 28.68 10.34
CA ARG GA 2 -79.27 27.75 9.70
C ARG GA 2 -78.11 28.54 9.10
N LEU GA 3 -77.12 27.83 8.58
CA LEU GA 3 -75.88 28.45 8.16
C LEU GA 3 -75.07 27.42 7.37
N LYS GA 4 -73.82 27.77 7.07
CA LYS GA 4 -72.91 26.96 6.28
C LYS GA 4 -71.62 26.72 7.05
N SER GA 5 -70.81 25.78 6.55
CA SER GA 5 -69.56 25.45 7.20
C SER GA 5 -68.53 26.54 7.01
N LEU GA 6 -68.21 26.85 5.76
CA LEU GA 6 -67.08 27.71 5.46
C LEU GA 6 -67.42 29.16 5.78
N THR GA 7 -66.37 29.96 5.94
CA THR GA 7 -66.48 31.31 6.48
C THR GA 7 -65.64 32.26 5.63
N SER GA 8 -65.61 33.52 6.05
CA SER GA 8 -64.87 34.57 5.38
C SER GA 8 -63.95 35.35 6.32
N LYS GA 9 -64.35 35.53 7.57
CA LYS GA 9 -63.49 36.20 8.55
C LYS GA 9 -62.30 35.35 8.96
N MET GA 10 -62.22 34.11 8.50
CA MET GA 10 -61.14 33.21 8.84
C MET GA 10 -59.80 33.83 8.46
N ARG GA 11 -58.78 33.43 9.21
CA ARG GA 11 -57.42 33.77 8.84
C ARG GA 11 -57.03 33.00 7.58
N VAL GA 12 -56.68 33.74 6.53
CA VAL GA 12 -56.46 33.18 5.20
C VAL GA 12 -55.34 33.98 4.56
N PRO GA 13 -54.57 33.41 3.64
CA PRO GA 13 -53.58 34.22 2.94
C PRO GA 13 -54.23 35.30 2.09
N ARG GA 14 -53.43 36.26 1.67
CA ARG GA 14 -53.92 37.44 0.95
C ARG GA 14 -52.82 37.97 0.05
N TYR GA 15 -53.05 37.94 -1.26
CA TYR GA 15 -52.13 38.57 -2.20
C TYR GA 15 -52.01 40.05 -1.88
N GLU GA 16 -53.11 40.77 -2.06
CA GLU GA 16 -53.32 42.04 -1.41
C GLU GA 16 -54.53 41.88 -0.51
N LYS GA 17 -54.90 42.98 0.14
CA LYS GA 17 -55.71 42.87 1.34
C LYS GA 17 -57.13 42.41 1.02
N ARG GA 18 -57.78 43.05 0.06
CA ARG GA 18 -59.18 42.74 -0.19
C ARG GA 18 -59.35 41.34 -0.74
N VAL GA 19 -58.31 40.79 -1.35
CA VAL GA 19 -58.45 39.52 -2.04
C VAL GA 19 -58.56 38.39 -1.04
N ALA GA 20 -59.52 37.49 -1.29
CA ALA GA 20 -59.61 36.21 -0.62
C ALA GA 20 -59.44 35.14 -1.68
N LEU GA 21 -58.50 34.23 -1.44
CA LEU GA 21 -57.98 33.37 -2.50
C LEU GA 21 -58.70 32.06 -2.61
N ASN GA 22 -58.86 31.34 -1.50
CA ASN GA 22 -59.59 30.08 -1.52
C ASN GA 22 -61.06 30.45 -1.68
N LEU GA 23 -61.46 30.60 -2.93
CA LEU GA 23 -62.80 31.03 -3.25
C LEU GA 23 -63.81 30.05 -2.71
N ASP GA 24 -64.81 30.57 -2.01
CA ASP GA 24 -65.69 29.73 -1.21
C ASP GA 24 -66.93 29.32 -2.02
N HIS GA 25 -66.65 28.76 -3.19
CA HIS GA 25 -67.62 28.02 -3.97
C HIS GA 25 -67.23 26.55 -4.08
N LEU GA 26 -66.31 26.09 -3.23
CA LEU GA 26 -65.79 24.74 -3.29
C LEU GA 26 -66.58 23.79 -2.43
N ILE GA 27 -67.86 24.08 -2.22
CA ILE GA 27 -68.71 23.24 -1.40
C ILE GA 27 -68.79 21.85 -2.00
N LEU GA 28 -68.71 21.74 -3.32
CA LEU GA 28 -69.01 20.51 -4.03
C LEU GA 28 -67.74 20.05 -4.73
N TYR GA 29 -66.89 19.37 -3.97
CA TYR GA 29 -65.73 18.70 -4.57
C TYR GA 29 -65.28 17.65 -3.57
N THR GA 30 -65.71 16.41 -3.78
CA THR GA 30 -65.27 15.26 -2.99
C THR GA 30 -65.24 14.03 -3.87
N PRO GA 31 -64.33 13.98 -4.81
CA PRO GA 31 -64.15 12.74 -5.56
C PRO GA 31 -63.59 11.65 -4.69
N GLU GA 32 -63.43 10.45 -5.26
CA GLU GA 32 -62.86 9.35 -4.51
C GLU GA 32 -61.44 9.67 -4.09
N GLN GA 33 -61.09 9.22 -2.89
CA GLN GA 33 -59.79 9.56 -2.33
C GLN GA 33 -58.67 8.89 -3.11
N THR GA 34 -58.76 7.57 -3.27
CA THR GA 34 -57.72 6.84 -3.97
C THR GA 34 -57.63 7.26 -5.42
N ASP GA 35 -58.74 7.72 -5.99
CA ASP GA 35 -58.75 8.14 -7.38
C ASP GA 35 -57.83 9.33 -7.62
N LEU GA 36 -57.54 10.11 -6.59
CA LEU GA 36 -56.71 11.29 -6.73
C LEU GA 36 -55.24 11.02 -6.50
N SER GA 37 -54.90 9.92 -5.85
CA SER GA 37 -53.54 9.69 -5.36
C SER GA 37 -52.53 9.57 -6.48
N ASN GA 38 -51.27 9.38 -6.09
CA ASN GA 38 -50.24 8.95 -7.01
C ASN GA 38 -50.06 7.44 -7.00
N THR GA 39 -50.49 6.76 -5.93
CA THR GA 39 -50.30 5.32 -5.84
C THR GA 39 -51.12 4.57 -6.87
N ARG GA 40 -52.20 5.15 -7.36
CA ARG GA 40 -52.88 4.66 -8.55
C ARG GA 40 -52.49 5.53 -9.72
N SER GA 41 -52.37 4.88 -10.87
CA SER GA 41 -51.95 5.59 -12.07
C SER GA 41 -53.17 6.20 -12.75
N THR GA 42 -52.95 6.73 -13.94
CA THR GA 42 -53.91 7.58 -14.60
C THR GA 42 -54.70 6.82 -15.64
N ARG GA 43 -55.77 7.48 -16.07
CA ARG GA 43 -56.70 6.87 -17.00
C ARG GA 43 -56.09 6.75 -18.38
N LYS GA 44 -55.25 7.71 -18.75
CA LYS GA 44 -54.59 7.65 -20.05
C LYS GA 44 -53.69 6.42 -20.14
N GLN GA 45 -52.87 6.22 -19.12
CA GLN GA 45 -52.00 5.05 -19.09
C GLN GA 45 -52.82 3.78 -19.19
N PHE GA 46 -53.89 3.74 -18.41
CA PHE GA 46 -54.78 2.60 -18.40
C PHE GA 46 -55.35 2.34 -19.77
N ASP GA 47 -55.52 3.39 -20.57
CA ASP GA 47 -55.99 3.22 -21.93
C ASP GA 47 -54.89 2.68 -22.82
N THR GA 48 -53.70 3.26 -22.73
CA THR GA 48 -52.67 2.93 -23.70
C THR GA 48 -52.14 1.52 -23.49
N TRP GA 49 -52.20 1.03 -22.27
CA TRP GA 49 -51.90 -0.39 -22.05
C TRP GA 49 -52.92 -1.25 -22.77
N PHE GA 50 -54.19 -0.94 -22.49
CA PHE GA 50 -55.34 -1.64 -23.05
C PHE GA 50 -55.37 -1.60 -24.57
N GLU GA 51 -54.68 -0.65 -25.18
CA GLU GA 51 -54.62 -0.52 -26.63
C GLU GA 51 -53.35 -1.14 -27.20
N GLY GA 52 -52.23 -1.01 -26.48
CA GLY GA 52 -51.01 -1.62 -26.95
C GLY GA 52 -51.12 -3.12 -27.00
N VAL GA 53 -51.82 -3.70 -26.03
CA VAL GA 53 -52.14 -5.12 -26.14
C VAL GA 53 -53.02 -5.37 -27.35
N MET GA 54 -53.95 -4.44 -27.61
CA MET GA 54 -54.90 -4.61 -28.70
C MET GA 54 -54.17 -4.67 -30.03
N ALA GA 55 -53.06 -3.94 -30.14
CA ALA GA 55 -52.22 -4.04 -31.32
C ALA GA 55 -51.51 -5.38 -31.38
N ASP GA 56 -51.22 -5.96 -30.22
CA ASP GA 56 -50.40 -7.16 -30.18
C ASP GA 56 -51.19 -8.38 -30.60
N TYR GA 57 -52.27 -8.68 -29.89
CA TYR GA 57 -52.92 -9.98 -29.98
C TYR GA 57 -54.07 -10.00 -30.97
N GLU GA 58 -54.50 -8.84 -31.46
CA GLU GA 58 -55.30 -8.74 -32.68
C GLU GA 58 -56.63 -9.49 -32.54
N LEU GA 59 -57.46 -8.95 -31.65
CA LEU GA 59 -58.75 -9.55 -31.30
C LEU GA 59 -59.91 -8.90 -32.01
N THR GA 60 -59.93 -7.58 -32.09
CA THR GA 60 -61.09 -6.82 -32.56
C THR GA 60 -62.33 -7.22 -31.78
N GLU GA 61 -62.15 -7.41 -30.47
CA GLU GA 61 -63.22 -7.95 -29.64
C GLU GA 61 -62.98 -7.52 -28.21
N ASP GA 62 -64.06 -7.53 -27.43
CA ASP GA 62 -63.98 -7.43 -25.99
C ASP GA 62 -63.88 -8.79 -25.33
N LYS GA 63 -63.28 -9.75 -26.02
CA LYS GA 63 -62.88 -10.99 -25.38
C LYS GA 63 -61.71 -10.73 -24.43
N MET GA 64 -60.95 -9.68 -24.70
CA MET GA 64 -59.90 -9.24 -23.80
C MET GA 64 -60.43 -8.99 -22.40
N GLN GA 65 -61.72 -8.68 -22.29
CA GLN GA 65 -62.41 -8.74 -21.00
C GLN GA 65 -62.09 -10.05 -20.30
N ILE GA 66 -62.41 -11.15 -20.98
CA ILE GA 66 -62.23 -12.48 -20.41
C ILE GA 66 -60.77 -12.75 -20.21
N ILE GA 67 -59.94 -12.28 -21.12
CA ILE GA 67 -58.51 -12.55 -21.03
C ILE GA 67 -57.95 -11.94 -19.76
N LEU GA 68 -58.12 -10.63 -19.62
CA LEU GA 68 -57.63 -9.91 -18.45
C LEU GA 68 -58.22 -10.49 -17.18
N ASN GA 69 -59.47 -10.94 -17.24
CA ASN GA 69 -60.05 -11.68 -16.12
C ASN GA 69 -59.21 -12.90 -15.82
N GLY GA 70 -58.66 -13.54 -16.84
CA GLY GA 70 -57.70 -14.59 -16.60
C GLY GA 70 -56.44 -14.08 -15.95
N LEU GA 71 -55.93 -12.95 -16.43
CA LEU GA 71 -54.63 -12.45 -15.97
C LEU GA 71 -54.67 -12.10 -14.50
N MET GA 72 -55.86 -11.75 -14.01
CA MET GA 72 -56.07 -11.58 -12.57
C MET GA 72 -55.45 -12.71 -11.77
N VAL GA 73 -55.65 -13.94 -12.24
CA VAL GA 73 -55.44 -15.07 -11.35
C VAL GA 73 -53.97 -15.43 -11.27
N TRP GA 74 -53.32 -15.60 -12.42
CA TRP GA 74 -51.88 -15.84 -12.40
C TRP GA 74 -51.16 -14.65 -11.79
N CYS GA 75 -51.72 -13.46 -11.97
CA CYS GA 75 -51.18 -12.31 -11.27
C CYS GA 75 -51.28 -12.49 -9.77
N ILE GA 76 -52.35 -13.12 -9.30
CA ILE GA 76 -52.56 -13.29 -7.88
C ILE GA 76 -51.61 -14.32 -7.31
N GLU GA 77 -51.74 -15.55 -7.78
CA GLU GA 77 -51.15 -16.69 -7.08
C GLU GA 77 -49.62 -16.63 -7.04
N ASN GA 78 -49.00 -15.74 -7.78
CA ASN GA 78 -47.55 -15.63 -7.83
C ASN GA 78 -47.13 -14.18 -7.74
N GLY GA 79 -45.83 -13.99 -7.62
CA GLY GA 79 -45.25 -12.68 -7.39
C GLY GA 79 -45.53 -11.65 -8.47
N THR GA 80 -45.06 -10.43 -8.25
CA THR GA 80 -45.26 -9.33 -9.19
C THR GA 80 -43.97 -8.54 -9.25
N SER GA 81 -43.28 -8.64 -10.38
CA SER GA 81 -42.01 -7.95 -10.57
C SER GA 81 -41.69 -7.98 -12.04
N PRO GA 82 -40.86 -7.06 -12.52
CA PRO GA 82 -40.36 -7.22 -13.89
C PRO GA 82 -39.57 -8.49 -14.06
N ASN GA 83 -38.95 -8.97 -12.99
CA ASN GA 83 -38.09 -10.15 -13.03
C ASN GA 83 -38.96 -11.38 -13.11
N ILE GA 84 -39.54 -11.61 -14.29
CA ILE GA 84 -40.38 -12.77 -14.55
C ILE GA 84 -40.01 -13.33 -15.91
N ASN GA 85 -40.07 -14.64 -16.03
CA ASN GA 85 -39.93 -15.33 -17.30
C ASN GA 85 -40.82 -16.56 -17.29
N GLY GA 86 -40.81 -17.28 -18.39
CA GLY GA 86 -41.60 -18.49 -18.52
C GLY GA 86 -42.85 -18.22 -19.36
N MET GA 87 -44.00 -18.59 -18.82
CA MET GA 87 -45.28 -18.31 -19.44
C MET GA 87 -46.29 -18.15 -18.31
N TRP GA 88 -47.57 -18.03 -18.67
CA TRP GA 88 -48.65 -18.32 -17.74
C TRP GA 88 -49.75 -19.03 -18.52
N VAL GA 89 -50.77 -19.47 -17.79
CA VAL GA 89 -51.87 -20.19 -18.41
C VAL GA 89 -53.07 -20.16 -17.48
N MET GA 90 -54.26 -20.22 -18.08
CA MET GA 90 -55.46 -20.62 -17.37
C MET GA 90 -56.06 -21.81 -18.11
N MET GA 91 -57.28 -22.20 -17.73
CA MET GA 91 -57.88 -23.42 -18.24
C MET GA 91 -59.27 -23.15 -18.80
N ASP GA 92 -59.76 -24.16 -19.52
CA ASP GA 92 -61.13 -24.20 -20.03
C ASP GA 92 -61.61 -25.64 -19.86
N GLY GA 93 -62.21 -25.93 -18.72
CA GLY GA 93 -62.59 -27.28 -18.40
C GLY GA 93 -61.41 -28.06 -17.87
N ASP GA 94 -60.79 -28.86 -18.74
CA ASP GA 94 -59.59 -29.61 -18.42
C ASP GA 94 -58.40 -29.22 -19.30
N ASP GA 95 -58.57 -28.24 -20.17
CA ASP GA 95 -57.52 -27.83 -21.08
C ASP GA 95 -56.68 -26.74 -20.45
N GLN GA 96 -55.50 -26.51 -21.02
CA GLN GA 96 -54.47 -25.67 -20.42
C GLN GA 96 -53.84 -24.78 -21.47
N VAL GA 97 -54.67 -24.04 -22.20
CA VAL GA 97 -54.18 -23.24 -23.30
C VAL GA 97 -53.33 -22.10 -22.76
N GLU GA 98 -52.05 -22.13 -23.10
CA GLU GA 98 -51.06 -21.26 -22.47
C GLU GA 98 -51.12 -19.85 -23.05
N PHE GA 99 -50.19 -19.00 -22.60
CA PHE GA 99 -50.16 -17.62 -23.04
C PHE GA 99 -48.85 -16.94 -22.65
N PRO GA 100 -48.31 -16.00 -23.44
CA PRO GA 100 -47.03 -15.38 -23.08
C PRO GA 100 -47.15 -14.22 -22.09
N ILE GA 101 -46.02 -13.55 -21.87
CA ILE GA 101 -45.84 -12.65 -20.73
C ILE GA 101 -45.48 -11.24 -21.19
N LYS GA 102 -44.30 -11.12 -21.77
CA LYS GA 102 -43.49 -9.90 -21.78
C LYS GA 102 -44.21 -8.62 -22.21
N PRO GA 103 -44.90 -8.57 -23.35
CA PRO GA 103 -45.37 -7.28 -23.85
C PRO GA 103 -46.44 -6.67 -22.99
N LEU GA 104 -47.02 -7.42 -22.06
CA LEU GA 104 -47.87 -6.84 -21.03
C LEU GA 104 -47.09 -6.14 -19.95
N ILE GA 105 -45.76 -6.11 -20.06
CA ILE GA 105 -44.88 -5.55 -19.06
C ILE GA 105 -44.00 -4.47 -19.65
N ASP GA 106 -43.49 -4.71 -20.85
CA ASP GA 106 -42.62 -3.73 -21.47
C ASP GA 106 -43.38 -2.52 -22.02
N HIS GA 107 -44.70 -2.47 -21.85
CA HIS GA 107 -45.54 -1.46 -22.47
C HIS GA 107 -46.44 -0.78 -21.44
N ALA GA 108 -45.89 -0.47 -20.28
CA ALA GA 108 -46.52 0.43 -19.32
C ALA GA 108 -45.45 1.31 -18.70
N LYS GA 109 -45.79 2.57 -18.46
CA LYS GA 109 -44.77 3.56 -18.17
C LYS GA 109 -44.34 3.49 -16.71
N PRO GA 110 -45.27 3.48 -15.76
CA PRO GA 110 -44.91 3.03 -14.42
C PRO GA 110 -45.02 1.52 -14.36
N THR GA 111 -44.88 0.94 -13.19
CA THR GA 111 -44.67 -0.49 -13.06
C THR GA 111 -45.98 -1.27 -13.16
N PHE GA 112 -45.89 -2.56 -12.85
CA PHE GA 112 -46.99 -3.50 -12.98
C PHE GA 112 -47.97 -3.41 -11.81
N ARG GA 113 -47.43 -3.23 -10.61
CA ARG GA 113 -48.29 -3.01 -9.46
C ARG GA 113 -49.05 -1.72 -9.61
N GLN GA 114 -48.39 -0.71 -10.16
CA GLN GA 114 -48.99 0.60 -10.30
C GLN GA 114 -50.11 0.63 -11.33
N ILE GA 115 -50.31 -0.46 -12.09
CA ILE GA 115 -51.45 -0.61 -12.97
C ILE GA 115 -52.47 -1.58 -12.39
N MET GA 116 -52.01 -2.64 -11.76
CA MET GA 116 -52.96 -3.63 -11.25
C MET GA 116 -53.59 -3.20 -9.94
N ALA GA 117 -53.27 -2.02 -9.43
CA ALA GA 117 -53.85 -1.56 -8.18
C ALA GA 117 -55.35 -1.39 -8.28
N HIS GA 118 -55.90 -1.24 -9.49
CA HIS GA 118 -57.33 -1.25 -9.66
C HIS GA 118 -57.93 -2.53 -9.12
N PHE GA 119 -57.52 -3.65 -9.70
CA PHE GA 119 -58.28 -4.89 -9.58
C PHE GA 119 -58.09 -5.42 -8.17
N SER GA 120 -58.92 -4.89 -7.28
CA SER GA 120 -58.81 -5.10 -5.85
C SER GA 120 -60.00 -5.87 -5.31
N ASP GA 121 -61.19 -5.33 -5.51
CA ASP GA 121 -62.38 -5.86 -4.86
C ASP GA 121 -62.96 -7.04 -5.61
N VAL GA 122 -62.66 -7.16 -6.89
CA VAL GA 122 -63.20 -8.26 -7.67
C VAL GA 122 -62.65 -9.58 -7.15
N ALA GA 123 -61.32 -9.69 -7.14
CA ALA GA 123 -60.68 -10.86 -6.55
C ALA GA 123 -60.99 -10.96 -5.06
N GLU GA 124 -61.29 -9.85 -4.40
CA GLU GA 124 -61.67 -9.90 -3.00
C GLU GA 124 -62.92 -10.74 -2.83
N ALA GA 125 -63.98 -10.37 -3.54
CA ALA GA 125 -65.21 -11.16 -3.48
C ALA GA 125 -64.99 -12.57 -4.00
N TYR GA 126 -64.08 -12.72 -4.96
CA TYR GA 126 -63.75 -14.04 -5.48
C TYR GA 126 -63.32 -14.95 -4.35
N ILE GA 127 -62.31 -14.51 -3.61
CA ILE GA 127 -61.77 -15.35 -2.55
C ILE GA 127 -62.78 -15.49 -1.43
N GLU GA 128 -63.65 -14.50 -1.25
CA GLU GA 128 -64.69 -14.64 -0.25
C GLU GA 128 -65.58 -15.82 -0.58
N LYS GA 129 -66.03 -15.91 -1.82
CA LYS GA 129 -66.85 -17.04 -2.22
C LYS GA 129 -66.09 -18.34 -2.10
N ARG GA 130 -65.03 -18.49 -2.89
CA ARG GA 130 -64.42 -19.80 -2.99
C ARG GA 130 -63.66 -20.18 -1.73
N ASN GA 131 -63.50 -19.26 -0.78
CA ASN GA 131 -63.09 -19.64 0.56
C ASN GA 131 -64.29 -20.06 1.38
N GLN GA 132 -65.44 -19.43 1.16
CA GLN GA 132 -66.63 -19.83 1.90
C GLN GA 132 -67.01 -21.25 1.59
N ASP GA 133 -66.74 -21.71 0.36
CA ASP GA 133 -66.99 -23.09 0.04
C ASP GA 133 -66.01 -24.02 0.75
N ARG GA 134 -64.73 -23.66 0.72
CA ARG GA 134 -63.65 -24.59 1.02
C ARG GA 134 -62.48 -23.84 1.63
N PRO GA 135 -61.60 -24.54 2.31
CA PRO GA 135 -60.51 -23.84 3.01
C PRO GA 135 -59.36 -23.51 2.06
N TYR GA 136 -59.60 -22.54 1.19
CA TYR GA 136 -58.53 -22.02 0.37
C TYR GA 136 -57.71 -21.03 1.16
N MET GA 137 -56.41 -21.03 0.90
CA MET GA 137 -55.54 -19.96 1.28
C MET GA 137 -54.63 -19.77 0.08
N PRO GA 138 -54.22 -18.56 -0.22
CA PRO GA 138 -53.27 -18.37 -1.31
C PRO GA 138 -51.85 -18.78 -0.99
N ARG GA 139 -50.98 -18.47 -1.93
CA ARG GA 139 -49.57 -18.84 -1.81
C ARG GA 139 -48.85 -17.92 -0.84
N TYR GA 140 -49.07 -16.63 -0.99
CA TYR GA 140 -48.15 -15.63 -0.49
C TYR GA 140 -47.96 -15.69 1.02
N GLY GA 141 -48.94 -16.20 1.74
CA GLY GA 141 -48.82 -16.38 3.17
C GLY GA 141 -48.20 -17.71 3.52
N LEU GA 142 -48.46 -18.71 2.71
CA LEU GA 142 -47.96 -20.04 2.99
C LEU GA 142 -46.45 -20.08 2.90
N GLN GA 143 -45.85 -19.16 2.15
CA GLN GA 143 -44.41 -18.99 2.23
C GLN GA 143 -44.03 -18.20 3.47
N ARG GA 144 -44.91 -17.32 3.92
CA ARG GA 144 -44.66 -16.43 5.04
C ARG GA 144 -45.35 -16.86 6.32
N ASN GA 145 -46.05 -17.99 6.29
CA ASN GA 145 -46.59 -18.59 7.49
C ASN GA 145 -47.62 -17.72 8.17
N LEU GA 146 -48.72 -17.44 7.48
CA LEU GA 146 -49.90 -16.98 8.18
C LEU GA 146 -50.42 -18.08 9.10
N THR GA 147 -51.37 -17.71 9.94
CA THR GA 147 -51.94 -18.59 10.95
C THR GA 147 -53.44 -18.74 10.79
N ASP GA 148 -54.14 -17.63 10.61
CA ASP GA 148 -55.60 -17.64 10.61
C ASP GA 148 -56.11 -17.94 9.22
N MET GA 149 -56.99 -18.94 9.14
CA MET GA 149 -57.68 -19.20 7.89
C MET GA 149 -58.60 -18.06 7.49
N SER GA 150 -59.06 -17.28 8.47
CA SER GA 150 -59.97 -16.19 8.16
C SER GA 150 -59.27 -15.10 7.36
N LEU GA 151 -58.00 -14.87 7.66
CA LEU GA 151 -57.31 -13.69 7.17
C LEU GA 151 -56.68 -13.90 5.81
N ALA GA 152 -57.26 -14.78 4.99
CA ALA GA 152 -56.90 -14.89 3.59
C ALA GA 152 -57.22 -13.61 2.82
N ARG GA 153 -58.03 -12.72 3.38
CA ARG GA 153 -58.57 -11.59 2.66
C ARG GA 153 -57.47 -10.69 2.09
N TYR GA 154 -56.30 -10.68 2.73
CA TYR GA 154 -55.29 -9.70 2.39
C TYR GA 154 -53.92 -10.34 2.37
N ALA GA 155 -53.85 -11.59 1.94
CA ALA GA 155 -52.56 -12.23 1.69
C ALA GA 155 -52.17 -12.06 0.23
N PHE GA 156 -52.28 -10.84 -0.26
CA PHE GA 156 -51.93 -10.52 -1.63
C PHE GA 156 -50.49 -10.05 -1.68
N ASP GA 157 -50.00 -9.93 -2.90
CA ASP GA 157 -48.76 -9.21 -3.15
C ASP GA 157 -49.00 -7.72 -3.21
N PHE GA 158 -50.26 -7.30 -3.36
CA PHE GA 158 -50.55 -5.91 -3.68
C PHE GA 158 -51.95 -5.56 -3.25
N TYR GA 159 -52.12 -4.27 -2.94
CA TYR GA 159 -53.34 -3.75 -2.36
C TYR GA 159 -53.14 -2.24 -2.18
N GLU GA 160 -54.24 -1.52 -2.06
CA GLU GA 160 -54.23 -0.11 -1.71
C GLU GA 160 -55.09 0.10 -0.48
N MET GA 161 -54.48 0.56 0.59
CA MET GA 161 -55.21 0.84 1.82
C MET GA 161 -56.19 1.98 1.60
N THR GA 162 -57.33 1.87 2.28
CA THR GA 162 -58.41 2.84 2.13
C THR GA 162 -59.04 3.09 3.49
N SER GA 163 -59.85 4.15 3.54
CA SER GA 163 -60.53 4.54 4.76
C SER GA 163 -61.92 3.92 4.86
N ARG GA 164 -61.97 2.61 4.65
CA ARG GA 164 -63.19 1.83 4.91
C ARG GA 164 -62.85 0.49 5.50
N THR GA 165 -61.69 0.35 6.11
CA THR GA 165 -61.05 -0.93 6.32
C THR GA 165 -60.75 -1.16 7.79
N PRO GA 166 -60.55 -2.40 8.21
CA PRO GA 166 -60.44 -2.70 9.63
C PRO GA 166 -59.08 -2.30 10.18
N ILE GA 167 -58.90 -2.59 11.46
CA ILE GA 167 -57.71 -2.22 12.20
C ILE GA 167 -56.73 -3.38 12.24
N ARG GA 168 -57.25 -4.56 12.54
CA ARG GA 168 -56.41 -5.68 12.88
C ARG GA 168 -55.51 -6.08 11.71
N ALA GA 169 -56.13 -6.38 10.58
CA ALA GA 169 -55.41 -6.96 9.46
C ALA GA 169 -54.32 -6.05 8.92
N ARG GA 170 -54.45 -4.75 9.15
CA ARG GA 170 -53.42 -3.80 8.72
C ARG GA 170 -52.07 -4.18 9.29
N GLU GA 171 -52.07 -4.61 10.56
CA GLU GA 171 -50.82 -4.96 11.22
C GLU GA 171 -50.10 -6.06 10.48
N ALA GA 172 -50.81 -7.14 10.20
CA ALA GA 172 -50.19 -8.25 9.47
C ALA GA 172 -49.79 -7.80 8.09
N HIS GA 173 -50.57 -6.93 7.46
CA HIS GA 173 -50.25 -6.52 6.10
C HIS GA 173 -48.91 -5.82 6.07
N ILE GA 174 -48.69 -4.90 6.99
CA ILE GA 174 -47.51 -4.07 6.92
C ILE GA 174 -46.30 -4.79 7.48
N GLN GA 175 -46.49 -5.49 8.59
CA GLN GA 175 -45.38 -6.24 9.16
C GLN GA 175 -44.90 -7.29 8.17
N MET GA 176 -45.84 -8.08 7.66
CA MET GA 176 -45.45 -9.11 6.72
C MET GA 176 -44.99 -8.51 5.42
N LYS GA 177 -45.38 -7.26 5.14
CA LYS GA 177 -44.81 -6.58 3.99
C LYS GA 177 -43.31 -6.38 4.21
N ALA GA 178 -42.97 -5.55 5.18
CA ALA GA 178 -41.60 -5.08 5.25
C ALA GA 178 -40.66 -6.20 5.63
N ALA GA 179 -41.10 -7.06 6.54
CA ALA GA 179 -40.22 -8.13 6.98
C ALA GA 179 -40.04 -9.16 5.88
N ALA GA 180 -41.00 -9.26 4.98
CA ALA GA 180 -40.81 -10.12 3.83
C ALA GA 180 -39.76 -9.55 2.90
N LEU GA 181 -39.44 -8.26 3.02
CA LEU GA 181 -38.27 -7.70 2.38
C LEU GA 181 -37.09 -7.86 3.31
N ARG GA 182 -35.91 -7.99 2.71
CA ARG GA 182 -34.64 -7.92 3.42
C ARG GA 182 -33.51 -7.97 2.41
N GLY GA 183 -32.42 -7.31 2.75
CA GLY GA 183 -31.17 -7.51 2.06
C GLY GA 183 -31.06 -6.76 0.75
N ALA GA 184 -32.07 -6.88 -0.11
CA ALA GA 184 -32.03 -6.20 -1.39
C ALA GA 184 -31.99 -4.69 -1.17
N ASN GA 185 -31.09 -4.03 -1.87
CA ASN GA 185 -30.73 -2.64 -1.63
C ASN GA 185 -31.19 -1.76 -2.78
N ASN GA 186 -31.28 -0.46 -2.48
CA ASN GA 186 -31.48 0.55 -3.51
C ASN GA 186 -30.39 0.46 -4.56
N ASN GA 187 -29.12 0.42 -4.11
CA ASN GA 187 -27.94 -0.01 -4.86
C ASN GA 187 -27.96 0.42 -6.33
N LEU GA 188 -27.98 1.75 -6.50
CA LEU GA 188 -28.39 2.38 -7.75
C LEU GA 188 -27.73 1.80 -8.99
N PHE GA 189 -26.42 1.95 -9.09
CA PHE GA 189 -25.74 1.83 -10.37
C PHE GA 189 -25.15 0.45 -10.57
N GLY GA 190 -24.99 0.09 -11.83
CA GLY GA 190 -24.32 -1.12 -12.22
C GLY GA 190 -22.88 -0.79 -12.50
N LEU GA 191 -22.51 -0.74 -13.78
CA LEU GA 191 -21.18 -0.31 -14.18
C LEU GA 191 -21.27 0.36 -15.54
N ASP GA 192 -20.21 1.10 -15.87
CA ASP GA 192 -20.22 1.99 -17.01
C ASP GA 192 -19.67 1.28 -18.24
N GLY GA 193 -19.96 1.86 -19.40
CA GLY GA 193 -19.61 1.26 -20.67
C GLY GA 193 -18.22 1.59 -21.15
N ASN GA 194 -17.81 2.84 -20.97
CA ASN GA 194 -16.50 3.26 -21.46
C ASN GA 194 -15.46 2.55 -20.64
N VAL GA 195 -14.97 1.44 -21.16
CA VAL GA 195 -14.02 0.59 -20.46
C VAL GA 195 -12.84 0.38 -21.41
N GLY GA 196 -11.91 1.31 -21.37
CA GLY GA 196 -10.62 1.17 -22.01
C GLY GA 196 -9.57 1.05 -20.94
N THR GA 197 -9.11 -0.17 -20.73
CA THR GA 197 -8.05 -0.40 -19.76
C THR GA 197 -6.76 0.32 -20.10
N THR GA 198 -6.61 0.79 -21.34
CA THR GA 198 -5.44 1.55 -21.75
C THR GA 198 -5.87 2.72 -22.64
N VAL GA 199 -4.88 3.53 -22.98
CA VAL GA 199 -5.04 4.65 -23.88
C VAL GA 199 -4.47 4.26 -25.23
N GLU GA 200 -5.03 4.84 -26.29
CA GLU GA 200 -4.47 4.66 -27.62
C GLU GA 200 -3.02 5.11 -27.64
N ASN GA 201 -2.22 4.45 -28.49
CA ASN GA 201 -0.79 4.71 -28.51
C ASN GA 201 -0.46 5.90 -29.41
N THR GA 202 -1.05 5.94 -30.60
CA THR GA 202 -0.88 7.07 -31.52
C THR GA 202 0.57 7.21 -31.97
N GLU GA 203 1.08 6.15 -32.58
CA GLU GA 203 2.48 6.07 -32.97
C GLU GA 203 2.55 5.38 -34.33
N ARG GA 204 3.74 4.90 -34.67
CA ARG GA 204 3.94 4.16 -35.91
C ARG GA 204 4.99 3.08 -35.69
N HIS GA 205 4.78 1.95 -36.35
CA HIS GA 205 5.80 0.92 -36.49
C HIS GA 205 6.49 1.07 -37.82
N THR GA 206 7.81 0.99 -37.78
CA THR GA 206 8.62 0.95 -38.98
C THR GA 206 9.78 0.01 -38.72
N THR GA 207 10.45 -0.40 -39.79
CA THR GA 207 11.58 -1.31 -39.70
C THR GA 207 12.78 -0.62 -39.07
N PRO IA 1 -60.25 54.40 41.79
CA PRO IA 1 -58.85 53.95 41.74
C PRO IA 1 -58.57 52.97 40.62
N ARG IA 2 -57.66 53.35 39.71
CA ARG IA 2 -57.27 52.51 38.59
C ARG IA 2 -55.84 52.85 38.21
N LEU IA 3 -55.31 52.09 37.26
CA LEU IA 3 -53.88 52.18 36.93
C LEU IA 3 -53.63 51.38 35.66
N LYS IA 4 -52.35 51.21 35.33
CA LYS IA 4 -51.90 50.54 34.13
C LYS IA 4 -50.94 49.41 34.48
N SER IA 5 -50.67 48.56 33.49
CA SER IA 5 -49.78 47.42 33.70
C SER IA 5 -48.33 47.87 33.83
N LEU IA 6 -47.83 48.53 32.80
CA LEU IA 6 -46.41 48.80 32.71
C LEU IA 6 -46.01 49.91 33.68
N THR IA 7 -44.72 49.96 33.99
CA THR IA 7 -44.19 50.78 35.06
C THR IA 7 -42.94 51.50 34.58
N SER IA 8 -42.34 52.26 35.49
CA SER IA 8 -41.13 53.02 35.21
C SER IA 8 -40.01 52.76 36.23
N LYS IA 9 -40.35 52.50 37.49
CA LYS IA 9 -39.35 52.17 38.48
C LYS IA 9 -38.75 50.78 38.29
N MET IA 10 -39.27 50.02 37.32
CA MET IA 10 -38.78 48.68 37.05
C MET IA 10 -37.28 48.70 36.75
N ARG IA 11 -36.64 47.59 37.05
CA ARG IA 11 -35.26 47.37 36.64
C ARG IA 11 -35.22 47.20 35.14
N VAL IA 12 -34.48 48.08 34.47
CA VAL IA 12 -34.47 48.16 33.01
C VAL IA 12 -33.07 48.55 32.59
N PRO IA 13 -32.61 48.18 31.38
CA PRO IA 13 -31.29 48.66 30.95
C PRO IA 13 -31.30 50.17 30.78
N ARG IA 14 -30.10 50.74 30.68
CA ARG IA 14 -29.89 52.19 30.65
C ARG IA 14 -28.62 52.49 29.88
N TYR IA 15 -28.75 53.17 28.74
CA TYR IA 15 -27.58 53.66 28.03
C TYR IA 15 -26.77 54.58 28.93
N GLU IA 16 -27.36 55.71 29.27
CA GLU IA 16 -26.96 56.48 30.43
C GLU IA 16 -28.15 56.50 31.37
N LYS IA 17 -27.99 57.21 32.48
CA LYS IA 17 -28.83 56.95 33.65
C LYS IA 17 -30.27 57.39 33.41
N ARG IA 18 -30.45 58.62 32.94
CA ARG IA 18 -31.81 59.15 32.83
C ARG IA 18 -32.61 58.42 31.76
N VAL IA 19 -31.92 57.80 30.81
CA VAL IA 19 -32.63 57.23 29.67
C VAL IA 19 -33.34 55.96 30.09
N ALA IA 20 -34.59 55.83 29.66
CA ALA IA 20 -35.34 54.60 29.71
C ALA IA 20 -35.65 54.18 28.27
N LEU IA 21 -35.28 52.96 27.93
CA LEU IA 21 -35.18 52.57 26.53
C LEU IA 21 -36.45 51.94 25.99
N ASN IA 22 -37.00 50.96 26.69
CA ASN IA 22 -38.26 50.36 26.27
C ASN IA 22 -39.34 51.38 26.54
N LEU IA 23 -39.53 52.26 25.56
CA LEU IA 23 -40.47 53.36 25.68
C LEU IA 23 -41.87 52.83 25.92
N ASP IA 24 -42.53 53.36 26.93
CA ASP IA 24 -43.76 52.77 27.44
C ASP IA 24 -44.98 53.38 26.76
N HIS IA 25 -44.93 53.38 25.43
CA HIS IA 25 -46.09 53.62 24.58
C HIS IA 25 -46.45 52.38 23.80
N LEU IA 26 -45.94 51.22 24.18
CA LEU IA 26 -46.13 49.98 23.46
C LEU IA 26 -47.34 49.22 23.95
N ILE IA 27 -48.33 49.93 24.48
CA ILE IA 27 -49.53 49.31 24.99
C ILE IA 27 -50.26 48.57 23.88
N LEU IA 28 -50.14 49.06 22.65
CA LEU IA 28 -50.95 48.59 21.54
C LEU IA 28 -50.03 47.98 20.50
N TYR IA 29 -49.67 46.72 20.73
CA TYR IA 29 -48.96 45.97 19.72
C TYR IA 29 -49.13 44.49 20.06
N THR IA 30 -50.11 43.84 19.41
CA THR IA 30 -50.33 42.41 19.55
C THR IA 30 -50.85 41.87 18.23
N PRO IA 31 -50.02 41.84 17.22
CA PRO IA 31 -50.42 41.16 15.98
C PRO IA 31 -50.52 39.67 16.19
N GLU IA 32 -50.93 38.95 15.14
CA GLU IA 32 -51.02 37.51 15.23
C GLU IA 32 -49.65 36.91 15.50
N GLN IA 33 -49.65 35.85 16.30
CA GLN IA 33 -48.39 35.26 16.72
C GLN IA 33 -47.69 34.59 15.55
N THR IA 34 -48.41 33.71 14.85
CA THR IA 34 -47.81 32.99 13.74
C THR IA 34 -47.43 33.94 12.62
N ASP IA 35 -48.13 35.06 12.51
CA ASP IA 35 -47.83 36.02 11.45
C ASP IA 35 -46.45 36.61 11.60
N LEU IA 36 -45.88 36.58 12.80
CA LEU IA 36 -44.58 37.16 13.04
C LEU IA 36 -43.44 36.17 12.87
N SER IA 37 -43.73 34.88 12.92
CA SER IA 37 -42.70 33.86 13.00
C SER IA 37 -41.79 33.82 11.79
N ASN IA 38 -40.81 32.92 11.83
CA ASN IA 38 -40.06 32.53 10.66
C ASN IA 38 -40.65 31.30 9.99
N THR IA 39 -41.42 30.50 10.72
CA THR IA 39 -41.97 29.28 10.14
C THR IA 39 -42.98 29.55 9.04
N ARG IA 40 -43.61 30.71 9.05
CA ARG IA 40 -44.35 31.20 7.91
C ARG IA 40 -43.51 32.23 7.17
N SER IA 41 -43.63 32.21 5.85
CA SER IA 41 -42.85 33.11 5.03
C SER IA 41 -43.57 34.44 4.91
N THR IA 42 -43.03 35.28 4.04
CA THR IA 42 -43.41 36.68 3.98
C THR IA 42 -44.39 36.95 2.87
N ARG IA 43 -44.99 38.13 2.96
CA ARG IA 43 -46.03 38.54 2.04
C ARG IA 43 -45.46 38.79 0.65
N LYS IA 44 -44.23 39.30 0.59
CA LYS IA 44 -43.59 39.54 -0.70
C LYS IA 44 -43.41 38.25 -1.45
N GLN IA 45 -42.86 37.24 -0.78
CA GLN IA 45 -42.68 35.95 -1.42
C GLN IA 45 -44.00 35.40 -1.91
N PHE IA 46 -45.02 35.52 -1.05
CA PHE IA 46 -46.35 35.05 -1.37
C PHE IA 46 -46.88 35.76 -2.61
N ASP IA 47 -46.45 36.98 -2.82
CA ASP IA 47 -46.86 37.71 -4.02
C ASP IA 47 -46.10 37.19 -5.24
N THR IA 48 -44.79 37.05 -5.11
CA THR IA 48 -43.98 36.76 -6.28
C THR IA 48 -44.23 35.37 -6.81
N TRP IA 49 -44.61 34.44 -5.93
CA TRP IA 49 -45.04 33.13 -6.40
C TRP IA 49 -46.32 33.29 -7.22
N PHE IA 50 -47.28 33.97 -6.63
CA PHE IA 50 -48.59 34.23 -7.23
C PHE IA 50 -48.49 34.97 -8.55
N GLU IA 51 -47.38 35.66 -8.80
CA GLU IA 51 -47.17 36.39 -10.04
C GLU IA 51 -46.32 35.60 -11.03
N GLY IA 52 -45.34 34.85 -10.54
CA GLY IA 52 -44.54 34.05 -11.43
C GLY IA 52 -45.37 32.98 -12.11
N VAL IA 53 -46.33 32.40 -11.37
CA VAL IA 53 -47.28 31.54 -12.02
C VAL IA 53 -48.10 32.31 -13.04
N MET IA 54 -48.44 33.56 -12.71
CA MET IA 54 -49.27 34.37 -13.58
C MET IA 54 -48.57 34.60 -14.92
N ALA IA 55 -47.25 34.70 -14.88
CA ALA IA 55 -46.48 34.78 -16.12
C ALA IA 55 -46.51 33.46 -16.88
N ASP IA 56 -46.63 32.35 -16.15
CA ASP IA 56 -46.50 31.04 -16.78
C ASP IA 56 -47.76 30.68 -17.54
N TYR IA 57 -48.89 30.62 -16.84
CA TYR IA 57 -50.07 29.98 -17.37
C TYR IA 57 -51.04 30.95 -18.06
N GLU IA 58 -50.80 32.25 -17.93
CA GLU IA 58 -51.37 33.26 -18.83
C GLU IA 58 -52.90 33.23 -18.79
N LEU IA 59 -53.41 33.62 -17.63
CA LEU IA 59 -54.85 33.60 -17.35
C LEU IA 59 -55.50 34.96 -17.50
N THR IA 60 -54.87 36.01 -17.00
CA THR IA 60 -55.47 37.33 -16.88
C THR IA 60 -56.80 37.23 -16.15
N GLU IA 61 -56.83 36.41 -15.10
CA GLU IA 61 -58.08 36.11 -14.42
C GLU IA 61 -57.76 35.67 -13.01
N ASP IA 62 -58.75 35.81 -12.14
CA ASP IA 62 -58.74 35.19 -10.82
C ASP IA 62 -59.35 33.80 -10.85
N LYS IA 63 -59.26 33.11 -11.98
CA LYS IA 63 -59.55 31.69 -12.01
C LYS IA 63 -58.49 30.91 -11.27
N MET IA 64 -57.28 31.48 -11.19
CA MET IA 64 -56.21 30.92 -10.38
C MET IA 64 -56.64 30.71 -8.94
N GLN IA 65 -57.62 31.48 -8.48
CA GLN IA 65 -58.34 31.17 -7.25
C GLN IA 65 -58.75 29.70 -7.25
N ILE IA 66 -59.52 29.32 -8.28
CA ILE IA 66 -60.05 27.98 -8.37
C ILE IA 66 -58.93 27.00 -8.57
N ILE IA 67 -57.90 27.39 -9.31
CA ILE IA 67 -56.80 26.49 -9.60
C ILE IA 67 -56.11 26.11 -8.31
N LEU IA 68 -55.63 27.12 -7.59
CA LEU IA 68 -54.93 26.90 -6.33
C LEU IA 68 -55.81 26.14 -5.35
N ASN IA 69 -57.12 26.41 -5.38
CA ASN IA 69 -58.05 25.61 -4.61
C ASN IA 69 -57.93 24.15 -5.01
N GLY IA 70 -57.70 23.89 -6.29
CA GLY IA 70 -57.41 22.53 -6.71
C GLY IA 70 -56.10 22.03 -6.12
N LEU IA 71 -55.07 22.88 -6.15
CA LEU IA 71 -53.73 22.45 -5.75
C LEU IA 71 -53.69 22.06 -4.29
N MET IA 72 -54.58 22.64 -3.49
CA MET IA 72 -54.79 22.20 -2.12
C MET IA 72 -54.85 20.70 -2.01
N VAL IA 73 -55.59 20.07 -2.90
CA VAL IA 73 -56.02 18.71 -2.65
C VAL IA 73 -54.93 17.72 -2.99
N TRP IA 74 -54.37 17.81 -4.20
CA TRP IA 74 -53.24 16.96 -4.51
C TRP IA 74 -52.07 17.26 -3.61
N CYS IA 75 -51.96 18.50 -3.14
CA CYS IA 75 -50.96 18.80 -2.12
C CYS IA 75 -51.25 18.02 -0.85
N ILE IA 76 -52.52 17.82 -0.53
CA ILE IA 76 -52.89 17.14 0.70
C ILE IA 76 -52.60 15.65 0.59
N GLU IA 77 -53.28 14.99 -0.33
CA GLU IA 77 -53.37 13.54 -0.31
C GLU IA 77 -52.02 12.86 -0.50
N ASN IA 78 -50.98 13.60 -0.89
CA ASN IA 78 -49.67 13.02 -1.14
C ASN IA 78 -48.60 13.89 -0.50
N GLY IA 79 -47.38 13.38 -0.54
CA GLY IA 79 -46.26 13.99 0.12
C GLY IA 79 -45.94 15.40 -0.34
N THR IA 80 -44.94 16.02 0.30
CA THR IA 80 -44.51 17.38 -0.02
C THR IA 80 -42.99 17.41 0.04
N SER IA 81 -42.36 17.53 -1.11
CA SER IA 81 -40.92 17.55 -1.20
C SER IA 81 -40.55 18.05 -2.59
N PRO IA 82 -39.35 18.59 -2.75
CA PRO IA 82 -38.89 18.88 -4.12
C PRO IA 82 -38.82 17.62 -4.96
N ASN IA 83 -38.58 16.48 -4.33
CA ASN IA 83 -38.40 15.22 -5.02
C ASN IA 83 -39.77 14.71 -5.47
N ILE IA 84 -40.29 15.35 -6.50
CA ILE IA 84 -41.57 14.97 -7.09
C ILE IA 84 -41.44 15.01 -8.61
N ASN IA 85 -42.14 14.09 -9.26
CA ASN IA 85 -42.25 14.10 -10.71
C ASN IA 85 -43.63 13.56 -11.08
N GLY IA 86 -43.90 13.51 -12.37
CA GLY IA 86 -45.17 13.04 -12.87
C GLY IA 86 -46.06 14.19 -13.28
N MET IA 87 -47.29 14.20 -12.76
CA MET IA 87 -48.23 15.29 -12.96
C MET IA 87 -49.10 15.35 -11.72
N TRP IA 88 -50.13 16.19 -11.76
CA TRP IA 88 -51.27 16.05 -10.88
C TRP IA 88 -52.51 16.38 -11.69
N VAL IA 89 -53.67 16.17 -11.06
CA VAL IA 89 -54.94 16.42 -11.73
C VAL IA 89 -56.03 16.57 -10.68
N MET IA 90 -57.05 17.36 -11.03
CA MET IA 90 -58.34 17.28 -10.37
C MET IA 90 -59.40 16.99 -11.43
N MET IA 91 -60.67 17.07 -11.05
CA MET IA 91 -61.76 16.68 -11.92
C MET IA 91 -62.80 17.78 -12.07
N ASP IA 92 -63.67 17.56 -13.05
CA ASP IA 92 -64.85 18.41 -13.29
C ASP IA 92 -65.98 17.45 -13.68
N GLY IA 93 -66.71 16.99 -12.68
CA GLY IA 93 -67.73 15.99 -12.92
C GLY IA 93 -67.12 14.61 -12.99
N ASP IA 94 -66.90 14.12 -14.22
CA ASP IA 94 -66.25 12.84 -14.46
C ASP IA 94 -64.97 13.00 -15.27
N ASP IA 95 -64.58 14.22 -15.60
CA ASP IA 95 -63.40 14.48 -16.41
C ASP IA 95 -62.18 14.61 -15.52
N GLN IA 96 -61.01 14.51 -16.13
CA GLN IA 96 -59.75 14.39 -15.42
C GLN IA 96 -58.68 15.27 -16.07
N VAL IA 97 -59.00 16.54 -16.25
CA VAL IA 97 -58.11 17.44 -16.96
C VAL IA 97 -56.85 17.65 -16.15
N GLU IA 98 -55.72 17.19 -16.67
CA GLU IA 98 -54.48 17.11 -15.93
C GLU IA 98 -53.80 18.47 -15.81
N PHE IA 99 -52.61 18.47 -15.21
CA PHE IA 99 -51.88 19.72 -15.01
C PHE IA 99 -50.44 19.44 -14.60
N PRO IA 100 -49.46 20.27 -14.99
CA PRO IA 100 -48.06 19.98 -14.62
C PRO IA 100 -47.66 20.46 -13.23
N ILE IA 101 -46.37 20.35 -12.93
CA ILE IA 101 -45.85 20.43 -11.57
C ILE IA 101 -44.83 21.54 -11.42
N LYS IA 102 -43.69 21.36 -12.10
CA LYS IA 102 -42.40 21.92 -11.72
C LYS IA 102 -42.36 23.41 -11.42
N PRO IA 103 -42.86 24.30 -12.30
CA PRO IA 103 -42.62 25.72 -12.09
C PRO IA 103 -43.31 26.28 -10.88
N LEU IA 104 -44.24 25.55 -10.29
CA LEU IA 104 -44.76 25.91 -8.98
C LEU IA 104 -43.81 25.59 -7.86
N ILE IA 105 -42.64 25.05 -8.17
CA ILE IA 105 -41.67 24.59 -7.19
C ILE IA 105 -40.33 25.29 -7.40
N ASP IA 106 -39.92 25.42 -8.66
CA ASP IA 106 -38.64 26.06 -8.93
C ASP IA 106 -38.69 27.57 -8.77
N HIS IA 107 -39.82 28.14 -8.36
CA HIS IA 107 -40.01 29.58 -8.33
C HIS IA 107 -40.53 30.03 -6.97
N ALA IA 108 -39.98 29.48 -5.90
CA ALA IA 108 -40.15 30.02 -4.57
C ALA IA 108 -38.84 29.90 -3.82
N LYS IA 109 -38.54 30.90 -3.00
CA LYS IA 109 -37.18 31.05 -2.49
C LYS IA 109 -36.94 30.13 -1.31
N PRO IA 110 -37.81 30.11 -0.32
CA PRO IA 110 -37.82 28.99 0.63
C PRO IA 110 -38.66 27.87 0.03
N THR IA 111 -38.89 26.82 0.81
CA THR IA 111 -39.42 25.57 0.26
C THR IA 111 -40.93 25.64 0.06
N PHE IA 112 -41.51 24.48 -0.23
CA PHE IA 112 -42.92 24.34 -0.56
C PHE IA 112 -43.79 24.31 0.68
N ARG IA 113 -43.32 23.66 1.73
CA ARG IA 113 -44.05 23.69 3.00
C ARG IA 113 -44.07 25.09 3.55
N GLN IA 114 -42.96 25.80 3.39
CA GLN IA 114 -42.83 27.14 3.92
C GLN IA 114 -43.72 28.15 3.21
N ILE IA 115 -44.37 27.76 2.12
CA ILE IA 115 -45.38 28.58 1.46
C ILE IA 115 -46.79 28.06 1.74
N MET IA 116 -46.95 26.74 1.76
CA MET IA 116 -48.28 26.19 1.95
C MET IA 116 -48.72 26.22 3.39
N ALA IA 117 -47.89 26.73 4.31
CA ALA IA 117 -48.26 26.77 5.71
C ALA IA 117 -49.48 27.63 5.96
N HIS IA 118 -49.79 28.54 5.04
CA HIS IA 118 -51.04 29.29 5.14
C HIS IA 118 -52.22 28.34 5.16
N PHE IA 119 -52.38 27.58 4.11
CA PHE IA 119 -53.65 26.92 3.80
C PHE IA 119 -53.82 25.80 4.80
N SER IA 120 -54.35 26.16 5.95
CA SER IA 120 -54.46 25.30 7.11
C SER IA 120 -55.92 25.01 7.46
N ASP IA 121 -56.67 26.06 7.72
CA ASP IA 121 -58.00 25.92 8.27
C ASP IA 121 -59.04 25.63 7.20
N VAL IA 122 -58.75 25.99 5.97
CA VAL IA 122 -59.70 25.75 4.89
C VAL IA 122 -59.89 24.27 4.70
N ALA IA 123 -58.79 23.56 4.42
CA ALA IA 123 -58.86 22.12 4.34
C ALA IA 123 -59.27 21.49 5.66
N GLU IA 124 -59.04 22.18 6.76
CA GLU IA 124 -59.49 21.66 8.05
C GLU IA 124 -60.99 21.53 8.06
N ALA IA 125 -61.69 22.63 7.76
CA ALA IA 125 -63.14 22.56 7.70
C ALA IA 125 -63.61 21.63 6.60
N TYR IA 126 -62.83 21.55 5.51
CA TYR IA 126 -63.14 20.63 4.43
C TYR IA 126 -63.29 19.21 4.97
N ILE IA 127 -62.25 18.75 5.64
CA ILE IA 127 -62.27 17.37 6.12
C ILE IA 127 -63.29 17.22 7.23
N GLU IA 128 -63.57 18.28 7.96
CA GLU IA 128 -64.61 18.20 8.97
C GLU IA 128 -65.94 17.86 8.33
N LYS IA 129 -66.29 18.57 7.26
CA LYS IA 129 -67.53 18.28 6.57
C LYS IA 129 -67.52 16.89 5.98
N ARG IA 130 -66.61 16.65 5.03
CA ARG IA 130 -66.71 15.43 4.26
C ARG IA 130 -66.33 14.19 5.09
N ASN IA 131 -65.79 14.38 6.30
CA ASN IA 131 -65.73 13.29 7.26
C ASN IA 131 -67.03 13.15 8.00
N GLN IA 132 -67.70 14.26 8.28
CA GLN IA 132 -68.98 14.17 8.97
C GLN IA 132 -69.99 13.42 8.14
N ASP IA 133 -69.88 13.50 6.82
CA ASP IA 133 -70.77 12.71 5.97
C ASP IA 133 -70.41 11.24 6.04
N ARG IA 134 -69.13 10.93 5.95
CA ARG IA 134 -68.66 9.59 5.62
C ARG IA 134 -67.31 9.33 6.28
N PRO IA 135 -66.93 8.08 6.43
CA PRO IA 135 -65.70 7.80 7.16
C PRO IA 135 -64.46 7.94 6.27
N TYR IA 136 -64.14 9.19 5.95
CA TYR IA 136 -62.90 9.47 5.26
C TYR IA 136 -61.76 9.48 6.25
N MET IA 137 -60.61 8.99 5.80
CA MET IA 137 -59.35 9.24 6.45
C MET IA 137 -58.39 9.52 5.30
N PRO IA 138 -57.41 10.39 5.49
CA PRO IA 138 -56.43 10.58 4.44
C PRO IA 138 -55.41 9.48 4.31
N ARG IA 139 -54.44 9.73 3.45
CA ARG IA 139 -53.40 8.76 3.16
C ARG IA 139 -52.39 8.67 4.29
N TYR IA 140 -51.94 9.83 4.75
CA TYR IA 140 -50.68 9.93 5.47
C TYR IA 140 -50.66 9.10 6.74
N GLY IA 141 -51.81 8.83 7.33
CA GLY IA 141 -51.88 7.98 8.50
C GLY IA 141 -52.02 6.52 8.13
N LEU IA 142 -52.68 6.26 7.02
CA LEU IA 142 -52.91 4.89 6.61
C LEU IA 142 -51.61 4.20 6.25
N GLN IA 143 -50.60 4.97 5.88
CA GLN IA 143 -49.27 4.40 5.78
C GLN IA 143 -48.63 4.25 7.14
N ARG IA 144 -48.99 5.12 8.08
CA ARG IA 144 -48.41 5.17 9.41
C ARG IA 144 -49.32 4.57 10.47
N ASN IA 145 -50.48 4.05 10.08
CA ASN IA 145 -51.33 3.29 10.98
C ASN IA 145 -51.83 4.11 12.14
N LEU IA 146 -52.60 5.15 11.84
CA LEU IA 146 -53.46 5.72 12.85
C LEU IA 146 -54.51 4.71 13.28
N THR IA 147 -55.21 5.04 14.36
CA THR IA 147 -56.20 4.18 14.97
C THR IA 147 -57.57 4.82 15.03
N ASP IA 148 -57.63 6.07 15.47
CA ASP IA 148 -58.90 6.73 15.72
C ASP IA 148 -59.40 7.38 14.44
N MET IA 149 -60.65 7.06 14.09
CA MET IA 149 -61.29 7.75 12.99
C MET IA 149 -61.51 9.23 13.30
N SER IA 150 -61.60 9.59 14.58
CA SER IA 150 -61.83 10.99 14.93
C SER IA 150 -60.65 11.85 14.57
N LEU IA 151 -59.44 11.30 14.71
CA LEU IA 151 -58.23 12.09 14.67
C LEU IA 151 -57.69 12.28 13.26
N ALA IA 152 -58.57 12.24 12.27
CA ALA IA 152 -58.22 12.65 10.91
C ALA IA 152 -57.81 14.12 10.84
N ARG IA 153 -58.13 14.90 11.87
CA ARG IA 153 -57.99 16.35 11.80
C ARG IA 153 -56.57 16.78 11.50
N TYR IA 154 -55.58 15.97 11.86
CA TYR IA 154 -54.19 16.39 11.81
C TYR IA 154 -53.32 15.28 11.28
N ALA IA 155 -53.85 14.50 10.35
CA ALA IA 155 -53.01 13.53 9.62
C ALA IA 155 -52.49 14.15 8.34
N PHE IA 156 -51.97 15.35 8.45
CA PHE IA 156 -51.40 16.07 7.31
C PHE IA 156 -49.92 15.79 7.22
N ASP IA 157 -49.35 16.21 6.10
CA ASP IA 157 -47.92 16.29 5.99
C ASP IA 157 -47.39 17.56 6.62
N PHE IA 158 -48.26 18.54 6.88
CA PHE IA 158 -47.81 19.86 7.25
C PHE IA 158 -48.88 20.59 8.02
N TYR IA 159 -48.44 21.49 8.88
CA TYR IA 159 -49.26 22.19 9.84
C TYR IA 159 -48.38 23.15 10.61
N GLU IA 160 -48.99 24.16 11.21
CA GLU IA 160 -48.32 25.07 12.13
C GLU IA 160 -49.05 25.06 13.46
N MET IA 161 -48.36 24.64 14.51
CA MET IA 161 -48.94 24.62 15.83
C MET IA 161 -49.23 26.02 16.31
N THR IA 162 -50.32 26.17 17.06
CA THR IA 162 -50.78 27.46 17.53
C THR IA 162 -51.29 27.33 18.95
N SER IA 163 -51.48 28.47 19.59
CA SER IA 163 -51.97 28.52 20.97
C SER IA 163 -53.49 28.63 21.02
N ARG IA 164 -54.16 27.77 20.28
CA ARG IA 164 -55.61 27.63 20.38
C ARG IA 164 -56.02 26.18 20.27
N THR IA 165 -55.12 25.25 20.54
CA THR IA 165 -55.21 23.90 20.07
C THR IA 165 -55.15 22.91 21.21
N PRO IA 166 -55.61 21.69 21.02
CA PRO IA 166 -55.75 20.76 22.12
C PRO IA 166 -54.41 20.16 22.55
N ILE IA 167 -54.49 19.29 23.54
CA ILE IA 167 -53.32 18.68 24.14
C ILE IA 167 -53.03 17.33 23.52
N ARG IA 168 -54.08 16.53 23.36
CA ARG IA 168 -53.92 15.13 23.02
C ARG IA 168 -53.26 14.96 21.67
N ALA IA 169 -53.86 15.54 20.63
CA ALA IA 169 -53.44 15.27 19.26
C ALA IA 169 -52.01 15.71 19.00
N ARG IA 170 -51.50 16.65 19.79
CA ARG IA 170 -50.13 17.10 19.64
C ARG IA 170 -49.18 15.92 19.75
N GLU IA 171 -49.46 15.01 20.67
CA GLU IA 171 -48.59 13.86 20.90
C GLU IA 171 -48.46 13.04 19.64
N ALA IA 172 -49.58 12.68 19.05
CA ALA IA 172 -49.54 11.89 17.83
C ALA IA 172 -48.87 12.67 16.71
N HIS IA 173 -49.09 13.99 16.68
CA HIS IA 173 -48.51 14.77 15.61
C HIS IA 173 -47.01 14.70 15.63
N ILE IA 174 -46.43 14.87 16.81
CA ILE IA 174 -44.99 14.99 16.90
C ILE IA 174 -44.34 13.63 16.88
N GLN IA 175 -44.91 12.66 17.59
CA GLN IA 175 -44.34 11.33 17.58
C GLN IA 175 -44.38 10.77 16.16
N MET IA 176 -45.54 10.84 15.54
CA MET IA 176 -45.66 10.31 14.19
C MET IA 176 -44.87 11.15 13.21
N LYS IA 177 -44.57 12.40 13.58
CA LYS IA 177 -43.66 13.18 12.76
C LYS IA 177 -42.29 12.56 12.78
N ALA IA 178 -41.64 12.57 13.93
CA ALA IA 178 -40.23 12.26 13.95
C ALA IA 178 -39.99 10.80 13.65
N ALA IA 179 -40.85 9.93 14.17
CA ALA IA 179 -40.64 8.51 13.94
C ALA IA 179 -40.91 8.15 12.50
N ALA IA 180 -41.73 8.94 11.82
CA ALA IA 180 -41.90 8.74 10.39
C ALA IA 180 -40.64 9.11 9.63
N LEU IA 181 -39.76 9.88 10.24
CA LEU IA 181 -38.42 10.06 9.71
C LEU IA 181 -37.52 8.96 10.26
N ARG IA 182 -36.52 8.60 9.47
CA ARG IA 182 -35.44 7.75 9.92
C ARG IA 182 -34.41 7.64 8.81
N GLY IA 183 -33.16 7.48 9.20
CA GLY IA 183 -32.12 7.08 8.28
C GLY IA 183 -31.57 8.20 7.42
N ALA IA 184 -32.44 8.97 6.79
CA ALA IA 184 -31.99 10.05 5.95
C ALA IA 184 -31.25 11.07 6.79
N ASN IA 185 -30.09 11.49 6.29
CA ASN IA 185 -29.12 12.26 7.05
C ASN IA 185 -29.00 13.68 6.49
N ASN IA 186 -28.48 14.56 7.33
CA ASN IA 186 -28.08 15.89 6.88
C ASN IA 186 -27.10 15.80 5.73
N ASN IA 187 -26.05 14.98 5.90
CA ASN IA 187 -25.18 14.46 4.84
C ASN IA 187 -24.89 15.46 3.73
N LEU IA 188 -24.25 16.56 4.14
CA LEU IA 188 -24.21 17.81 3.39
C LEU IA 188 -23.84 17.63 1.92
N PHE IA 189 -22.62 17.19 1.67
CA PHE IA 189 -22.00 17.36 0.38
C PHE IA 189 -22.14 16.14 -0.50
N GLY IA 190 -22.09 16.38 -1.80
CA GLY IA 190 -22.07 15.32 -2.78
C GLY IA 190 -20.64 15.04 -3.14
N LEU IA 191 -20.21 15.51 -4.31
CA LEU IA 191 -18.82 15.39 -4.71
C LEU IA 191 -18.46 16.56 -5.61
N ASP IA 192 -17.17 16.79 -5.77
CA ASP IA 192 -16.66 17.99 -6.39
C ASP IA 192 -16.46 17.77 -7.89
N GLY IA 193 -16.34 18.88 -8.61
CA GLY IA 193 -16.24 18.85 -10.06
C GLY IA 193 -14.83 18.67 -10.57
N ASN IA 194 -13.88 19.35 -9.95
CA ASN IA 194 -12.52 19.29 -10.43
C ASN IA 194 -11.99 17.89 -10.18
N VAL IA 195 -12.09 17.07 -11.21
CA VAL IA 195 -11.72 15.65 -11.13
C VAL IA 195 -10.73 15.39 -12.26
N GLY IA 196 -9.47 15.66 -11.99
CA GLY IA 196 -8.37 15.25 -12.84
C GLY IA 196 -7.60 14.18 -12.12
N THR IA 197 -7.80 12.94 -12.55
CA THR IA 197 -7.06 11.83 -11.97
C THR IA 197 -5.56 11.94 -12.19
N THR IA 198 -5.11 12.81 -13.10
CA THR IA 198 -3.69 13.03 -13.34
C THR IA 198 -3.44 14.51 -13.54
N VAL IA 199 -2.16 14.84 -13.67
CA VAL IA 199 -1.69 16.17 -13.95
C VAL IA 199 -1.30 16.24 -15.42
N GLU IA 200 -1.43 17.41 -16.01
CA GLU IA 200 -0.94 17.64 -17.36
C GLU IA 200 0.55 17.32 -17.44
N ASN IA 201 0.97 16.83 -18.61
CA ASN IA 201 2.35 16.40 -18.76
C ASN IA 201 3.27 17.55 -19.11
N THR IA 202 2.86 18.40 -20.04
CA THR IA 202 3.62 19.60 -20.40
C THR IA 202 4.98 19.24 -20.99
N GLU IA 203 4.96 18.49 -22.07
CA GLU IA 203 6.16 17.95 -22.69
C GLU IA 203 5.98 18.03 -24.21
N ARG IA 204 6.79 17.27 -24.93
CA ARG IA 204 6.70 17.19 -26.37
C ARG IA 204 7.07 15.78 -26.83
N HIS IA 205 6.39 15.33 -27.86
CA HIS IA 205 6.76 14.14 -28.60
C HIS IA 205 7.54 14.55 -29.84
N THR IA 206 8.64 13.86 -30.07
CA THR IA 206 9.41 14.00 -31.29
C THR IA 206 9.94 12.63 -31.67
N THR IA 207 10.40 12.52 -32.92
CA THR IA 207 10.93 11.26 -33.42
C THR IA 207 12.27 10.94 -32.77
N PRO KA 1 -29.89 49.19 75.21
CA PRO KA 1 -28.89 48.22 74.74
C PRO KA 1 -29.06 47.87 73.26
N ARG KA 2 -28.01 48.14 72.47
CA ARG KA 2 -28.01 47.83 71.05
C ARG KA 2 -26.56 47.62 70.61
N LEU KA 3 -26.41 47.23 69.35
CA LEU KA 3 -25.11 46.79 68.85
C LEU KA 3 -25.19 46.65 67.34
N LYS KA 4 -24.13 46.09 66.75
CA LYS KA 4 -23.99 45.93 65.31
C LYS KA 4 -23.73 44.47 64.98
N SER KA 5 -23.84 44.15 63.68
CA SER KA 5 -23.65 42.78 63.23
C SER KA 5 -22.18 42.38 63.28
N LEU KA 6 -21.34 43.13 62.57
CA LEU KA 6 -19.97 42.72 62.36
C LEU KA 6 -19.15 42.94 63.63
N THR KA 7 -18.02 42.24 63.69
CA THR KA 7 -17.23 42.13 64.91
C THR KA 7 -15.76 42.31 64.58
N SER KA 8 -14.92 42.19 65.61
CA SER KA 8 -13.48 42.33 65.48
C SER KA 8 -12.70 41.17 66.07
N LYS KA 9 -13.22 40.54 67.14
CA LYS KA 9 -12.58 39.36 67.70
C LYS KA 9 -12.72 38.13 66.81
N MET KA 10 -13.47 38.23 65.73
CA MET KA 10 -13.68 37.11 64.82
C MET KA 10 -12.35 36.58 64.32
N ARG KA 11 -12.35 35.29 63.99
CA ARG KA 11 -11.23 34.69 63.30
C ARG KA 11 -11.18 35.23 61.88
N VAL KA 12 -10.05 35.86 61.54
CA VAL KA 12 -9.92 36.60 60.29
C VAL KA 12 -8.48 36.44 59.83
N PRO KA 13 -8.17 36.50 58.53
CA PRO KA 13 -6.77 36.47 58.12
C PRO KA 13 -6.02 37.69 58.62
N ARG KA 14 -4.69 37.60 58.57
CA ARG KA 14 -3.81 38.62 59.13
C ARG KA 14 -2.50 38.61 58.37
N TYR KA 15 -2.20 39.72 57.68
CA TYR KA 15 -0.89 39.87 57.05
C TYR KA 15 0.20 39.79 58.11
N GLU KA 16 0.21 40.76 59.00
CA GLU KA 16 0.85 40.63 60.29
C GLU KA 16 -0.23 40.76 61.33
N LYS KA 17 0.17 40.71 62.59
CA LYS KA 17 -0.76 40.37 63.66
C LYS KA 17 -1.78 41.47 63.89
N ARG KA 18 -1.31 42.71 64.04
CA ARG KA 18 -2.22 43.79 64.40
C ARG KA 18 -3.20 44.08 63.28
N VAL KA 19 -2.85 43.74 62.05
CA VAL KA 19 -3.66 44.16 60.92
C VAL KA 19 -4.92 43.33 60.86
N ALA KA 20 -6.04 44.01 60.64
CA ALA KA 20 -7.31 43.40 60.29
C ALA KA 20 -7.67 43.88 58.89
N LEU KA 21 -7.93 42.95 57.99
CA LEU KA 21 -7.94 43.23 56.56
C LEU KA 21 -9.31 43.60 56.04
N ASN KA 22 -10.32 42.79 56.33
CA ASN KA 22 -11.68 43.11 55.91
C ASN KA 22 -12.14 44.27 56.78
N LEU KA 23 -11.81 45.47 56.32
CA LEU KA 23 -12.10 46.67 57.08
C LEU KA 23 -13.59 46.80 57.29
N ASP KA 24 -13.97 47.05 58.54
CA ASP KA 24 -15.37 46.94 58.95
C ASP KA 24 -16.08 48.28 58.82
N HIS KA 25 -15.95 48.87 57.63
CA HIS KA 25 -16.78 49.97 57.19
C HIS KA 25 -17.65 49.57 56.01
N LEU KA 26 -17.80 48.26 55.77
CA LEU KA 26 -18.53 47.75 54.63
C LEU KA 26 -19.99 47.50 54.95
N ILE KA 27 -20.53 48.26 55.90
CA ILE KA 27 -21.91 48.11 56.28
C ILE KA 27 -22.82 48.39 55.11
N LEU KA 28 -22.41 49.27 54.21
CA LEU KA 28 -23.26 49.81 53.16
C LEU KA 28 -22.69 49.39 51.82
N TYR KA 29 -23.00 48.17 51.42
CA TYR KA 29 -22.69 47.72 50.07
C TYR KA 29 -23.59 46.53 49.77
N THR KA 30 -24.70 46.78 49.08
CA THR KA 30 -25.61 45.74 48.62
C THR KA 30 -26.24 46.18 47.31
N PRO KA 31 -25.45 46.24 46.27
CA PRO KA 31 -26.05 46.48 44.95
C PRO KA 31 -26.88 45.30 44.50
N GLU KA 32 -27.52 45.42 43.35
CA GLU KA 32 -28.31 44.33 42.81
C GLU KA 32 -27.44 43.12 42.54
N GLN KA 33 -28.00 41.95 42.81
CA GLN KA 33 -27.23 40.72 42.70
C GLN KA 33 -26.86 40.43 41.26
N THR KA 34 -27.87 40.40 40.38
CA THR KA 34 -27.62 40.10 38.98
C THR KA 34 -26.75 41.16 38.34
N ASP KA 35 -26.81 42.39 38.83
CA ASP KA 35 -26.01 43.47 38.27
C ASP KA 35 -24.52 43.21 38.41
N LEU KA 36 -24.12 42.37 39.37
CA LEU KA 36 -22.72 42.10 39.61
C LEU KA 36 -22.21 40.91 38.82
N SER KA 37 -23.08 40.04 38.36
CA SER KA 37 -22.70 38.74 37.82
C SER KA 37 -21.84 38.85 36.57
N ASN KA 38 -21.44 37.69 36.05
CA ASN KA 38 -20.90 37.60 34.72
C ASN KA 38 -21.96 37.24 33.70
N THR KA 39 -23.08 36.65 34.13
CA THR KA 39 -24.11 36.24 33.18
C THR KA 39 -24.77 37.42 32.51
N ARG KA 40 -24.75 38.60 33.13
CA ARG KA 40 -25.09 39.83 32.46
C ARG KA 40 -23.81 40.56 32.10
N SER KA 41 -23.83 41.21 30.94
CA SER KA 41 -22.66 41.91 30.46
C SER KA 41 -22.63 43.31 31.05
N THR KA 42 -21.69 44.10 30.56
CA THR KA 42 -21.33 45.35 31.18
C THR KA 42 -21.98 46.54 30.48
N ARG KA 43 -21.92 47.66 31.17
CA ARG KA 43 -22.57 48.87 30.71
C ARG KA 43 -21.86 49.44 29.49
N LYS KA 44 -20.53 49.29 29.45
CA LYS KA 44 -19.78 49.77 28.31
C LYS KA 44 -20.19 49.06 27.04
N GLN KA 45 -20.26 47.73 27.11
CA GLN KA 45 -20.68 46.95 25.95
C GLN KA 45 -22.06 47.38 25.52
N PHE KA 46 -22.95 47.53 26.50
CA PHE KA 46 -24.32 47.95 26.24
C PHE KA 46 -24.35 49.29 25.54
N ASP KA 47 -23.37 50.13 25.81
CA ASP KA 47 -23.29 51.41 25.13
C ASP KA 47 -22.79 51.24 23.70
N THR KA 48 -21.73 50.46 23.52
CA THR KA 48 -21.09 50.41 22.21
C THR KA 48 -21.95 49.70 21.20
N TRP KA 49 -22.79 48.77 21.63
CA TRP KA 49 -23.78 48.20 20.74
C TRP KA 49 -24.76 49.28 20.30
N PHE KA 50 -25.30 49.98 21.28
CA PHE KA 50 -26.27 51.05 21.08
C PHE KA 50 -25.74 52.18 20.22
N GLU KA 51 -24.42 52.30 20.11
CA GLU KA 51 -23.79 53.32 19.29
C GLU KA 51 -23.37 52.79 17.93
N GLY KA 52 -22.92 51.55 17.87
CA GLY KA 52 -22.56 50.97 16.59
C GLY KA 52 -23.75 50.85 15.68
N VAL KA 53 -24.91 50.53 16.24
CA VAL KA 53 -26.12 50.60 15.46
C VAL KA 53 -26.39 52.05 15.03
N MET KA 54 -26.10 52.99 15.92
CA MET KA 54 -26.35 54.40 15.64
C MET KA 54 -25.56 54.85 14.44
N ALA KA 55 -24.36 54.30 14.27
CA ALA KA 55 -23.58 54.59 13.08
C ALA KA 55 -24.19 53.94 11.85
N ASP KA 56 -24.88 52.82 12.03
CA ASP KA 56 -25.36 52.06 10.90
C ASP KA 56 -26.59 52.72 10.28
N TYR KA 57 -27.64 52.87 11.07
CA TYR KA 57 -28.95 53.18 10.54
C TYR KA 57 -29.26 54.67 10.51
N GLU KA 58 -28.44 55.49 11.14
CA GLU KA 58 -28.38 56.93 10.88
C GLU KA 58 -29.72 57.60 11.17
N LEU KA 59 -30.07 57.60 12.46
CA LEU KA 59 -31.34 58.11 12.93
C LEU KA 59 -31.23 59.52 13.51
N THR KA 60 -30.20 59.78 14.29
CA THR KA 60 -30.09 61.01 15.07
C THR KA 60 -31.35 61.22 15.91
N GLU KA 61 -31.84 60.13 16.49
CA GLU KA 61 -33.12 60.17 17.17
C GLU KA 61 -33.15 59.03 18.18
N ASP KA 62 -34.01 59.20 19.19
CA ASP KA 62 -34.39 58.11 20.07
C ASP KA 62 -35.59 57.35 19.56
N LYS KA 63 -35.78 57.31 18.24
CA LYS KA 63 -36.73 56.38 17.66
C LYS KA 63 -36.23 54.96 17.79
N MET KA 64 -34.91 54.80 17.89
CA MET KA 64 -34.30 53.51 18.18
C MET KA 64 -34.89 52.89 19.45
N GLN KA 65 -35.39 53.71 20.36
CA GLN KA 65 -36.25 53.23 21.44
C GLN KA 65 -37.32 52.32 20.87
N ILE KA 66 -38.10 52.86 19.94
CA ILE KA 66 -39.21 52.12 19.36
C ILE KA 66 -38.70 50.95 18.57
N ILE KA 67 -37.57 51.13 17.90
CA ILE KA 67 -37.04 50.06 17.08
C ILE KA 67 -36.71 48.85 17.94
N LEU KA 68 -35.85 49.07 18.92
CA LEU KA 68 -35.43 48.00 19.82
C LEU KA 68 -36.63 47.38 20.51
N ASN KA 69 -37.63 48.20 20.82
CA ASN KA 69 -38.89 47.67 21.32
C ASN KA 69 -39.48 46.69 20.32
N GLY KA 70 -39.31 46.97 19.03
CA GLY KA 70 -39.69 46.00 18.03
C GLY KA 70 -38.83 44.75 18.11
N LEU KA 71 -37.52 44.93 18.27
CA LEU KA 71 -36.60 43.81 18.21
C LEU KA 71 -36.85 42.82 19.32
N MET KA 72 -37.40 43.30 20.44
CA MET KA 72 -37.88 42.44 21.51
C MET KA 72 -38.68 41.27 20.95
N VAL KA 73 -39.57 41.55 20.02
CA VAL KA 73 -40.63 40.61 19.73
C VAL KA 73 -40.13 39.50 18.82
N TRP KA 74 -39.53 39.87 17.69
CA TRP KA 74 -38.93 38.85 16.85
C TRP KA 74 -37.83 38.11 17.57
N CYS KA 75 -37.16 38.80 18.50
CA CYS KA 75 -36.22 38.09 19.36
C CYS KA 75 -36.94 37.05 20.21
N ILE KA 76 -38.16 37.34 20.62
CA ILE KA 76 -38.90 36.42 21.48
C ILE KA 76 -39.36 35.21 20.69
N GLU KA 77 -40.21 35.45 19.71
CA GLU KA 77 -41.00 34.37 19.11
C GLU KA 77 -40.15 33.32 18.41
N ASN KA 78 -38.86 33.58 18.21
CA ASN KA 78 -37.98 32.66 17.52
C ASN KA 78 -36.68 32.53 18.27
N GLY KA 79 -35.85 31.60 17.80
CA GLY KA 79 -34.62 31.24 18.46
C GLY KA 79 -33.62 32.37 18.60
N THR KA 80 -32.50 32.08 19.26
CA THR KA 80 -31.44 33.07 19.50
C THR KA 80 -30.12 32.36 19.30
N SER KA 81 -29.43 32.69 18.22
CA SER KA 81 -28.15 32.09 17.90
C SER KA 81 -27.50 32.93 16.83
N PRO KA 82 -26.17 32.86 16.70
CA PRO KA 82 -25.55 33.50 15.54
C PRO KA 82 -26.03 32.90 14.24
N ASN KA 83 -26.43 31.63 14.27
CA ASN KA 83 -26.84 30.91 13.08
C ASN KA 83 -28.25 31.36 12.70
N ILE KA 84 -28.32 32.57 12.15
CA ILE KA 84 -29.58 33.15 11.68
C ILE KA 84 -29.35 33.80 10.33
N ASN KA 85 -30.35 33.73 9.48
CA ASN KA 85 -30.35 34.46 8.22
C ASN KA 85 -31.78 34.86 7.91
N GLY KA 86 -31.95 35.53 6.79
CA GLY KA 86 -33.26 35.98 6.36
C GLY KA 86 -33.44 37.47 6.65
N MET KA 87 -34.55 37.80 7.32
CA MET KA 87 -34.81 39.15 7.78
C MET KA 87 -35.63 39.02 9.05
N TRP KA 88 -36.11 40.16 9.56
CA TRP KA 88 -37.23 40.18 10.47
C TRP KA 88 -38.10 41.37 10.12
N VAL KA 89 -39.25 41.46 10.79
CA VAL KA 89 -40.18 42.54 10.52
C VAL KA 89 -41.13 42.67 11.70
N MET KA 90 -41.61 43.89 11.91
CA MET KA 90 -42.83 44.14 12.68
C MET KA 90 -43.81 44.89 11.80
N MET KA 91 -44.90 45.37 12.40
CA MET KA 91 -45.99 45.97 11.64
C MET KA 91 -46.34 47.36 12.17
N ASP KA 92 -47.14 48.05 11.36
CA ASP KA 92 -47.73 49.33 11.71
C ASP KA 92 -49.15 49.32 11.15
N GLY KA 93 -50.09 48.84 11.96
CA GLY KA 93 -51.45 48.67 11.49
C GLY KA 93 -51.58 47.37 10.73
N ASP KA 94 -51.54 47.47 9.40
CA ASP KA 94 -51.58 46.30 8.52
C ASP KA 94 -50.34 46.20 7.64
N ASP KA 95 -49.39 47.10 7.82
CA ASP KA 95 -48.18 47.12 7.00
C ASP KA 95 -47.11 46.25 7.65
N GLN KA 96 -46.10 45.92 6.85
CA GLN KA 96 -45.11 44.91 7.21
C GLN KA 96 -43.71 45.38 6.83
N VAL KA 97 -43.36 46.58 7.26
CA VAL KA 97 -42.10 47.18 6.87
C VAL KA 97 -40.95 46.38 7.47
N GLU KA 98 -40.15 45.76 6.61
CA GLU KA 98 -39.17 44.78 7.02
C GLU KA 98 -37.92 45.45 7.59
N PHE KA 99 -36.92 44.64 7.92
CA PHE KA 99 -35.69 45.15 8.50
C PHE KA 99 -34.60 44.07 8.50
N PRO KA 100 -33.32 44.43 8.34
CA PRO KA 100 -32.27 43.40 8.30
C PRO KA 100 -31.78 42.93 9.67
N ILE KA 101 -30.73 42.12 9.66
CA ILE KA 101 -30.33 41.32 10.81
C ILE KA 101 -28.90 41.62 11.25
N LYS KA 102 -27.97 41.26 10.38
CA LYS KA 102 -26.60 40.92 10.74
C LYS KA 102 -25.85 41.90 11.63
N PRO KA 103 -25.80 43.19 11.32
CA PRO KA 103 -24.90 44.07 12.08
C PRO KA 103 -25.30 44.26 13.52
N LEU KA 104 -26.52 43.86 13.89
CA LEU KA 104 -26.89 43.78 15.29
C LEU KA 104 -26.29 42.58 15.98
N ILE KA 105 -25.51 41.77 15.27
CA ILE KA 105 -24.95 40.53 15.77
C ILE KA 105 -23.44 40.53 15.64
N ASP KA 106 -22.94 41.02 14.52
CA ASP KA 106 -21.49 41.05 14.34
C ASP KA 106 -20.80 42.13 15.14
N HIS KA 107 -21.54 42.90 15.93
CA HIS KA 107 -21.00 44.07 16.62
C HIS KA 107 -21.33 44.03 18.11
N ALA KA 108 -21.19 42.87 18.72
CA ALA KA 108 -21.17 42.73 20.17
C ALA KA 108 -20.13 41.69 20.56
N LYS KA 109 -19.44 41.93 21.66
CA LYS KA 109 -18.21 41.19 21.93
C LYS KA 109 -18.54 39.84 22.55
N PRO KA 110 -19.37 39.78 23.57
CA PRO KA 110 -19.99 38.50 23.91
C PRO KA 110 -21.23 38.30 23.06
N THR KA 111 -21.99 37.26 23.33
CA THR KA 111 -23.02 36.81 22.41
C THR KA 111 -24.30 37.64 22.51
N PHE KA 112 -25.34 37.16 21.85
CA PHE KA 112 -26.61 37.87 21.74
C PHE KA 112 -27.48 37.67 22.99
N ARG KA 113 -27.46 36.47 23.55
CA ARG KA 113 -28.16 36.25 24.81
C ARG KA 113 -27.53 37.07 25.90
N GLN KA 114 -26.21 37.18 25.87
CA GLN KA 114 -25.48 37.88 26.90
C GLN KA 114 -25.71 39.39 26.87
N ILE KA 115 -26.39 39.89 25.85
CA ILE KA 115 -26.83 41.28 25.80
C ILE KA 115 -28.32 41.41 26.05
N MET KA 116 -29.11 40.47 25.52
CA MET KA 116 -30.55 40.59 25.69
C MET KA 116 -31.02 40.13 27.06
N ALA KA 117 -30.11 39.72 27.94
CA ALA KA 117 -30.50 39.28 29.27
C ALA KA 117 -31.16 40.40 30.07
N HIS KA 118 -30.93 41.65 29.71
CA HIS KA 118 -31.65 42.74 30.32
C HIS KA 118 -33.14 42.55 30.16
N PHE KA 119 -33.59 42.53 28.90
CA PHE KA 119 -34.99 42.77 28.58
C PHE KA 119 -35.76 41.54 29.00
N SER KA 120 -36.11 41.52 30.28
CA SER KA 120 -36.72 40.39 30.94
C SER KA 120 -38.14 40.68 31.38
N ASP KA 121 -38.30 41.71 32.20
CA ASP KA 121 -39.57 41.95 32.86
C ASP KA 121 -40.54 42.70 31.97
N VAL KA 122 -40.03 43.42 30.98
CA VAL KA 122 -40.90 44.17 30.09
C VAL KA 122 -41.77 43.23 29.30
N ALA KA 123 -41.15 42.31 28.57
CA ALA KA 123 -41.90 41.28 27.88
C ALA KA 123 -42.66 40.39 28.84
N GLU KA 124 -42.19 40.29 30.09
CA GLU KA 124 -42.92 39.52 31.08
C GLU KA 124 -44.30 40.11 31.29
N ALA KA 125 -44.36 41.39 31.62
CA ALA KA 125 -45.64 42.05 31.80
C ALA KA 125 -46.43 42.07 30.49
N TYR KA 126 -45.72 42.14 29.36
CA TYR KA 126 -46.37 42.08 28.06
C TYR KA 126 -47.22 40.83 27.95
N ILE KA 127 -46.60 39.69 28.16
CA ILE KA 127 -47.31 38.44 28.00
C ILE KA 127 -48.35 38.27 29.09
N GLU KA 128 -48.12 38.87 30.25
CA GLU KA 128 -49.14 38.83 31.28
C GLU KA 128 -50.42 39.48 30.80
N LYS KA 129 -50.29 40.68 30.23
CA LYS KA 129 -51.47 41.36 29.70
C LYS KA 129 -52.10 40.56 28.58
N ARG KA 130 -51.36 40.39 27.48
CA ARG KA 130 -52.00 39.85 26.28
C ARG KA 130 -52.33 38.38 26.42
N ASN KA 131 -51.85 37.72 27.48
CA ASN KA 131 -52.38 36.41 27.85
C ASN KA 131 -53.64 36.57 28.67
N GLN KA 132 -53.70 37.59 29.51
CA GLN KA 132 -54.90 37.79 30.30
C GLN KA 132 -56.10 38.07 29.41
N ASP KA 133 -55.88 38.69 28.27
CA ASP KA 133 -56.97 38.89 27.33
C ASP KA 133 -57.38 37.57 26.69
N ARG KA 134 -56.41 36.79 26.25
CA ARG KA 134 -56.63 35.71 25.31
C ARG KA 134 -55.64 34.59 25.54
N PRO KA 135 -55.92 33.40 25.07
CA PRO KA 135 -55.03 32.27 25.39
C PRO KA 135 -53.83 32.22 24.45
N TYR KA 136 -52.92 33.16 24.64
CA TYR KA 136 -51.66 33.13 23.94
C TYR KA 136 -50.73 32.14 24.62
N MET KA 137 -49.93 31.46 23.82
CA MET KA 137 -48.76 30.77 24.27
C MET KA 137 -47.71 31.06 23.22
N PRO KA 138 -46.46 31.18 23.58
CA PRO KA 138 -45.43 31.37 22.57
C PRO KA 138 -45.07 30.12 21.80
N ARG KA 139 -44.05 30.26 20.98
CA ARG KA 139 -43.60 29.17 20.12
C ARG KA 139 -42.84 28.12 20.91
N TYR KA 140 -41.92 28.57 21.74
CA TYR KA 140 -40.82 27.74 22.20
C TYR KA 140 -41.29 26.52 22.97
N GLY KA 141 -42.46 26.57 23.57
CA GLY KA 141 -43.02 25.42 24.26
C GLY KA 141 -43.83 24.55 23.33
N LEU KA 142 -44.45 25.17 22.34
CA LEU KA 142 -45.30 24.42 21.43
C LEU KA 142 -44.48 23.47 20.59
N GLN KA 143 -43.19 23.74 20.42
CA GLN KA 143 -42.31 22.75 19.85
C GLN KA 143 -41.92 21.72 20.89
N ARG KA 144 -41.88 22.12 22.15
CA ARG KA 144 -41.44 21.27 23.25
C ARG KA 144 -42.59 20.74 24.09
N ASN KA 145 -43.82 21.07 23.72
CA ASN KA 145 -45.00 20.46 24.33
C ASN KA 145 -45.11 20.79 25.81
N LEU KA 146 -45.26 22.06 26.11
CA LEU KA 146 -45.80 22.43 27.41
C LEU KA 146 -47.23 21.95 27.53
N THR KA 147 -47.75 22.02 28.75
CA THR KA 147 -49.08 21.55 29.09
C THR KA 147 -49.95 22.65 29.66
N ASP KA 148 -49.42 23.42 30.60
CA ASP KA 148 -50.23 24.39 31.33
C ASP KA 148 -50.26 25.71 30.56
N MET KA 149 -51.48 26.20 30.33
CA MET KA 149 -51.62 27.52 29.76
C MET KA 149 -51.12 28.60 30.71
N SER KA 150 -51.10 28.33 32.02
CA SER KA 150 -50.65 29.33 32.97
C SER KA 150 -49.17 29.60 32.82
N LEU KA 151 -48.39 28.57 32.49
CA LEU KA 151 -46.95 28.64 32.59
C LEU KA 151 -46.30 29.17 31.33
N ALA KA 152 -47.02 30.02 30.59
CA ALA KA 152 -46.41 30.78 29.51
C ALA KA 152 -45.34 31.75 30.00
N ARG KA 153 -45.30 32.01 31.31
CA ARG KA 153 -44.47 33.07 31.84
C ARG KA 153 -43.01 32.88 31.52
N TYR KA 154 -42.57 31.64 31.32
CA TYR KA 154 -41.14 31.36 31.22
C TYR KA 154 -40.89 30.34 30.12
N ALA KA 155 -41.67 30.42 29.05
CA ALA KA 155 -41.37 29.65 27.84
C ALA KA 155 -40.53 30.46 26.88
N PHE KA 156 -39.48 31.08 27.41
CA PHE KA 156 -38.57 31.88 26.63
C PHE KA 156 -37.41 31.02 26.16
N ASP KA 157 -36.64 31.60 25.26
CA ASP KA 157 -35.34 31.06 24.93
C ASP KA 157 -34.30 31.49 25.96
N PHE KA 158 -34.60 32.51 26.75
CA PHE KA 158 -33.59 33.13 27.58
C PHE KA 158 -34.22 33.83 28.76
N TYR KA 159 -33.45 33.90 29.83
CA TYR KA 159 -33.90 34.38 31.12
C TYR KA 159 -32.70 34.35 32.06
N GLU KA 160 -32.79 35.12 33.14
CA GLU KA 160 -31.83 35.07 34.23
C GLU KA 160 -32.57 34.79 35.53
N MET KA 161 -32.24 33.67 36.15
CA MET KA 161 -32.84 33.31 37.42
C MET KA 161 -32.44 34.30 38.50
N THR KA 162 -33.36 34.56 39.42
CA THR KA 162 -33.17 35.54 40.47
C THR KA 162 -33.77 35.02 41.75
N SER KA 163 -33.42 35.68 42.85
CA SER KA 163 -33.91 35.31 44.18
C SER KA 163 -35.17 36.07 44.53
N ARG KA 164 -36.13 36.07 43.62
CA ARG KA 164 -37.47 36.57 43.90
C ARG KA 164 -38.53 35.72 43.24
N THR KA 165 -38.22 34.48 42.93
CA THR KA 165 -38.92 33.71 41.94
C THR KA 165 -39.44 32.40 42.52
N PRO KA 166 -40.42 31.78 41.90
CA PRO KA 166 -41.07 30.63 42.51
C PRO KA 166 -40.22 29.37 42.39
N ILE KA 167 -40.78 28.28 42.90
CA ILE KA 167 -40.12 27.00 42.97
C ILE KA 167 -40.47 26.13 41.78
N ARG KA 168 -41.76 26.09 41.48
CA ARG KA 168 -42.29 25.10 40.55
C ARG KA 168 -41.70 25.29 39.16
N ALA KA 169 -41.88 26.49 38.61
CA ALA KA 169 -41.54 26.73 37.21
C ALA KA 169 -40.08 26.51 36.91
N ARG KA 170 -39.22 26.63 37.94
CA ARG KA 170 -37.80 26.40 37.76
C ARG KA 170 -37.55 25.02 37.18
N GLU KA 171 -38.31 24.03 37.65
CA GLU KA 171 -38.13 22.66 37.21
C GLU KA 171 -38.33 22.55 35.71
N ALA KA 172 -39.45 23.08 35.23
CA ALA KA 172 -39.70 23.01 33.79
C ALA KA 172 -38.67 23.81 33.04
N HIS KA 173 -38.21 24.92 33.61
CA HIS KA 173 -37.26 25.76 32.90
C HIS KA 173 -35.97 24.99 32.63
N ILE KA 174 -35.48 24.31 33.64
CA ILE KA 174 -34.17 23.70 33.53
C ILE KA 174 -34.26 22.37 32.80
N GLN KA 175 -35.28 21.57 33.12
CA GLN KA 175 -35.45 20.31 32.43
C GLN KA 175 -35.65 20.55 30.95
N MET KA 176 -36.59 21.43 30.62
CA MET KA 176 -36.86 21.69 29.22
C MET KA 176 -35.69 22.42 28.58
N LYS KA 177 -34.84 23.06 29.39
CA LYS KA 177 -33.62 23.61 28.85
C LYS KA 177 -32.72 22.49 28.36
N ALA KA 178 -32.24 21.68 29.28
CA ALA KA 178 -31.15 20.78 28.91
C ALA KA 178 -31.64 19.70 27.98
N ALA KA 179 -32.85 19.21 28.21
CA ALA KA 179 -33.34 18.13 27.36
C ALA KA 179 -33.65 18.64 25.97
N ALA KA 180 -33.94 19.94 25.86
CA ALA KA 180 -34.10 20.52 24.54
C ALA KA 180 -32.77 20.57 23.81
N LEU KA 181 -31.66 20.46 24.52
CA LEU KA 181 -30.37 20.23 23.90
C LEU KA 181 -30.17 18.74 23.76
N ARG KA 182 -29.42 18.36 22.72
CA ARG KA 182 -28.92 17.00 22.56
C ARG KA 182 -28.00 16.96 21.36
N GLY KA 183 -27.02 16.08 21.43
CA GLY KA 183 -26.25 15.72 20.25
C GLY KA 183 -25.16 16.71 19.88
N ALA KA 184 -25.51 17.98 19.81
CA ALA KA 184 -24.53 19.00 19.45
C ALA KA 184 -23.44 19.03 20.51
N ASN KA 185 -22.20 19.04 20.04
CA ASN KA 185 -21.03 18.83 20.88
C ASN KA 185 -20.20 20.11 20.97
N ASN KA 186 -19.36 20.14 22.01
CA ASN KA 186 -18.34 21.18 22.12
C ASN KA 186 -17.45 21.20 20.89
N ASN KA 187 -16.95 20.02 20.50
CA ASN KA 187 -16.37 19.69 19.18
C ASN KA 187 -15.56 20.83 18.58
N LEU KA 188 -14.49 21.18 19.32
CA LEU KA 188 -13.79 22.46 19.18
C LEU KA 188 -13.47 22.82 17.75
N PHE KA 189 -12.61 22.04 17.12
CA PHE KA 189 -11.88 22.49 15.94
C PHE KA 189 -12.55 22.02 14.66
N GLY KA 190 -12.30 22.79 13.60
CA GLY KA 190 -12.73 22.42 12.27
C GLY KA 190 -11.60 21.72 11.59
N LEU KA 191 -10.92 22.41 10.68
CA LEU KA 191 -9.74 21.86 10.03
C LEU KA 191 -8.80 23.00 9.69
N ASP KA 192 -7.55 22.65 9.42
CA ASP KA 192 -6.48 23.62 9.30
C ASP KA 192 -6.30 24.04 7.84
N GLY KA 193 -5.61 25.15 7.66
CA GLY KA 193 -5.45 25.75 6.35
C GLY KA 193 -4.27 25.21 5.58
N ASN KA 194 -3.16 25.00 6.25
CA ASN KA 194 -1.95 24.54 5.56
C ASN KA 194 -2.21 23.13 5.09
N VAL KA 195 -2.62 23.01 3.83
CA VAL KA 195 -3.00 21.74 3.24
C VAL KA 195 -2.18 21.60 1.95
N GLY KA 196 -0.98 21.10 2.09
CA GLY KA 196 -0.17 20.67 0.97
C GLY KA 196 -0.06 19.18 1.00
N THR KA 197 -0.82 18.52 0.13
CA THR KA 197 -0.76 17.07 0.05
C THR KA 197 0.62 16.57 -0.37
N THR KA 198 1.49 17.43 -0.88
CA THR KA 198 2.85 17.05 -1.24
C THR KA 198 3.81 18.16 -0.83
N VAL KA 199 5.09 17.87 -1.03
CA VAL KA 199 6.18 18.80 -0.78
C VAL KA 199 6.65 19.34 -2.12
N GLU KA 200 7.15 20.57 -2.11
CA GLU KA 200 7.77 21.13 -3.29
C GLU KA 200 8.92 20.23 -3.76
N ASN KA 201 9.13 20.21 -5.07
CA ASN KA 201 10.12 19.32 -5.65
C ASN KA 201 11.51 19.92 -5.60
N THR KA 202 11.64 21.19 -6.00
CA THR KA 202 12.91 21.91 -5.92
C THR KA 202 13.96 21.29 -6.84
N GLU KA 203 13.63 21.22 -8.11
CA GLU KA 203 14.47 20.55 -9.11
C GLU KA 203 14.44 21.38 -10.38
N ARG KA 204 14.84 20.77 -11.49
CA ARG KA 204 14.81 21.42 -12.78
C ARG KA 204 14.48 20.39 -13.85
N HIS KA 205 13.73 20.83 -14.85
CA HIS KA 205 13.53 20.09 -16.09
C HIS KA 205 14.48 20.62 -17.14
N THR KA 206 15.12 19.69 -17.84
CA THR KA 206 15.94 20.01 -18.98
C THR KA 206 15.77 18.89 -20.00
N THR KA 207 16.18 19.17 -21.23
CA THR KA 207 16.08 18.20 -22.32
C THR KA 207 17.05 17.04 -22.10
#